data_9QFJ
#
_entry.id   9QFJ
#
_cell.length_a   1.00
_cell.length_b   1.00
_cell.length_c   1.00
_cell.angle_alpha   90.00
_cell.angle_beta   90.00
_cell.angle_gamma   90.00
#
_symmetry.space_group_name_H-M   'P 1'
#
loop_
_entity.id
_entity.type
_entity.pdbx_description
1 polymer Cofilin-1
2 polymer 'Actin, cytoplasmic 1, N-terminally processed'
3 non-polymer "ADENOSINE-5'-DIPHOSPHATE"
4 non-polymer 'MAGNESIUM ION'
5 water water
#
loop_
_entity_poly.entity_id
_entity_poly.type
_entity_poly.pdbx_seq_one_letter_code
_entity_poly.pdbx_strand_id
1 'polypeptide(L)'
;MASGVAVSDGVIKVFNDMKVRKSSTPEEVKKRKKAVLFCLSEDKKNIILEEGKEILVGDVGQTVDDPYATFVKMLPDKDC
RYALYDATYETKESKKEDLVFIFWAPESAPLKSKMIYASSKDAIKKKLTGIKHELQANCYEEVKDRCTLAEKLGGSAVIS
LEGKPL
;
G,F,H,I,J
2 'polypeptide(L)'
;DDDIAALVVDNGSGMCKAGFAGDDAPRAVFPSIVGRPRHQGVMVGMGQKDSYVGDEAQSKRGILTLKYPIE(HIC)GIVT
NWDDMEKIWHHTFYNELRVAPEEHPVLLTEAPLNPKANREKMTQIMFETFNTPAMYVAIQAVLSLYASGRTTGIVMDSGD
GVTHTVPIYEGYALPHAILRLDLAGRDLTDYLMKILTERGYSFTTTAEREIVRDIKEKLCYVALDFEQEMATAASSSSLE
KSYELPDGQVITIGNERFRCPEALFQPSFLGMESAGIHETTFNSIMKCDVDIRKDLYANTVLSGGTTMYPGIADRMQKEI
TALAPSTMKIKIIAPPERKYSVWIGGSILASLSTFQQMWISKQEYDESGPSIVHRKCF
;
A,B,C,D,E
#
loop_
_chem_comp.id
_chem_comp.type
_chem_comp.name
_chem_comp.formula
ADP non-polymer ADENOSINE-5'-DIPHOSPHATE 'C10 H15 N5 O10 P2'
MG non-polymer 'MAGNESIUM ION' 'Mg 2'
#
# COMPACT_ATOMS: atom_id res chain seq x y z
N ALA A 2 -37.98 14.45 -26.47
CA ALA A 2 -37.84 13.53 -27.60
C ALA A 2 -38.91 13.80 -28.64
N SER A 3 -38.52 14.47 -29.72
CA SER A 3 -39.43 14.81 -30.80
C SER A 3 -39.40 13.84 -31.96
N GLY A 4 -38.47 12.88 -31.95
CA GLY A 4 -38.34 11.94 -33.03
C GLY A 4 -37.66 12.47 -34.28
N VAL A 5 -37.07 13.67 -34.22
CA VAL A 5 -36.39 14.21 -35.39
C VAL A 5 -35.09 13.48 -35.61
N ALA A 6 -34.87 13.01 -36.83
CA ALA A 6 -33.71 12.21 -37.16
C ALA A 6 -32.58 13.07 -37.69
N VAL A 7 -31.37 12.50 -37.69
CA VAL A 7 -30.19 13.15 -38.24
C VAL A 7 -29.95 12.60 -39.63
N SER A 8 -29.85 13.48 -40.62
CA SER A 8 -29.63 13.04 -41.98
C SER A 8 -28.23 12.45 -42.15
N ASP A 9 -28.06 11.67 -43.22
CA ASP A 9 -26.77 11.08 -43.49
C ASP A 9 -25.76 12.12 -43.97
N GLY A 10 -26.23 13.24 -44.50
CA GLY A 10 -25.33 14.32 -44.86
C GLY A 10 -24.68 14.97 -43.66
N VAL A 11 -25.38 15.00 -42.52
CA VAL A 11 -24.81 15.54 -41.30
C VAL A 11 -23.85 14.54 -40.67
N ILE A 12 -24.18 13.25 -40.71
CA ILE A 12 -23.30 12.23 -40.14
C ILE A 12 -21.99 12.16 -40.92
N LYS A 13 -22.07 12.29 -42.24
CA LYS A 13 -20.86 12.27 -43.06
C LYS A 13 -19.98 13.48 -42.79
N VAL A 14 -20.58 14.66 -42.64
CA VAL A 14 -19.81 15.86 -42.35
C VAL A 14 -19.15 15.76 -40.97
N PHE A 15 -19.88 15.22 -39.99
CA PHE A 15 -19.30 15.08 -38.66
C PHE A 15 -18.15 14.09 -38.64
N ASN A 16 -18.30 12.95 -39.33
CA ASN A 16 -17.22 11.97 -39.37
C ASN A 16 -15.99 12.51 -40.06
N ASP A 17 -16.16 13.37 -41.07
CA ASP A 17 -15.03 13.99 -41.74
C ASP A 17 -14.38 15.06 -40.89
N MET A 18 -15.14 15.74 -40.03
CA MET A 18 -14.56 16.74 -39.14
C MET A 18 -13.85 16.14 -37.94
N LYS A 19 -14.33 15.01 -37.42
CA LYS A 19 -13.76 14.45 -36.21
C LYS A 19 -12.37 13.88 -36.47
N VAL A 20 -12.29 12.83 -37.27
CA VAL A 20 -11.02 12.15 -37.55
C VAL A 20 -10.37 12.80 -38.76
N ARG A 21 -9.12 13.24 -38.59
CA ARG A 21 -8.34 13.83 -39.67
C ARG A 21 -7.55 12.74 -40.38
N LYS A 22 -7.71 12.65 -41.69
CA LYS A 22 -7.00 11.69 -42.51
C LYS A 22 -5.79 12.35 -43.16
N SER A 23 -4.74 11.55 -43.38
CA SER A 23 -3.56 12.04 -44.07
C SER A 23 -3.92 12.47 -45.48
N SER A 24 -3.74 13.75 -45.76
CA SER A 24 -4.19 14.32 -47.03
C SER A 24 -3.20 15.38 -47.50
N THR A 25 -3.27 15.67 -48.80
CA THR A 25 -2.46 16.73 -49.37
C THR A 25 -2.86 18.08 -48.77
N PRO A 26 -1.94 19.05 -48.72
CA PRO A 26 -2.31 20.37 -48.21
C PRO A 26 -3.50 21.01 -48.91
N GLU A 27 -3.86 20.54 -50.11
CA GLU A 27 -5.04 21.06 -50.78
C GLU A 27 -6.32 20.56 -50.11
N GLU A 28 -6.34 19.28 -49.73
CA GLU A 28 -7.51 18.74 -49.04
C GLU A 28 -7.57 19.21 -47.60
N VAL A 29 -6.42 19.60 -47.03
CA VAL A 29 -6.43 20.15 -45.68
C VAL A 29 -7.11 21.50 -45.66
N LYS A 30 -6.98 22.27 -46.74
CA LYS A 30 -7.65 23.56 -46.83
C LYS A 30 -9.16 23.41 -47.01
N LYS A 31 -9.63 22.24 -47.42
CA LYS A 31 -11.06 21.99 -47.58
C LYS A 31 -11.71 21.43 -46.33
N ARG A 32 -10.95 21.21 -45.27
CA ARG A 32 -11.54 20.79 -44.00
C ARG A 32 -12.42 21.89 -43.44
N LYS A 33 -13.48 21.48 -42.74
CA LYS A 33 -14.44 22.42 -42.21
C LYS A 33 -14.00 22.90 -40.82
N LYS A 34 -13.96 24.21 -40.64
CA LYS A 34 -13.66 24.79 -39.35
C LYS A 34 -14.92 24.93 -38.50
N ALA A 35 -16.03 25.32 -39.13
CA ALA A 35 -17.32 25.42 -38.46
C ALA A 35 -18.41 25.11 -39.47
N VAL A 36 -19.55 24.63 -38.97
CA VAL A 36 -20.66 24.24 -39.84
C VAL A 36 -21.94 24.32 -39.04
N LEU A 37 -23.00 24.78 -39.68
CA LEU A 37 -24.31 24.94 -39.05
C LEU A 37 -25.26 23.85 -39.52
N PHE A 38 -26.14 23.41 -38.61
CA PHE A 38 -27.18 22.45 -38.92
C PHE A 38 -28.54 23.07 -38.63
N CYS A 39 -29.52 22.76 -39.47
CA CYS A 39 -30.87 23.27 -39.30
C CYS A 39 -31.87 22.17 -39.57
N LEU A 40 -33.14 22.48 -39.35
CA LEU A 40 -34.22 21.57 -39.68
C LEU A 40 -34.54 21.64 -41.17
N SER A 41 -35.01 20.52 -41.70
CA SER A 41 -35.47 20.50 -43.09
C SER A 41 -36.81 21.22 -43.19
N GLU A 42 -37.29 21.38 -44.42
CA GLU A 42 -38.55 22.08 -44.64
C GLU A 42 -39.71 21.36 -43.98
N ASP A 43 -39.74 20.03 -44.07
CA ASP A 43 -40.78 19.24 -43.41
C ASP A 43 -40.47 18.99 -41.93
N LYS A 44 -39.36 19.51 -41.42
CA LYS A 44 -38.98 19.39 -40.01
C LYS A 44 -38.85 17.94 -39.57
N LYS A 45 -38.45 17.06 -40.49
CA LYS A 45 -38.27 15.65 -40.15
C LYS A 45 -36.82 15.26 -39.94
N ASN A 46 -35.87 16.06 -40.43
CA ASN A 46 -34.46 15.73 -40.33
C ASN A 46 -33.65 16.96 -39.95
N ILE A 47 -32.51 16.72 -39.33
CA ILE A 47 -31.49 17.74 -39.17
C ILE A 47 -30.57 17.68 -40.38
N ILE A 48 -30.49 18.78 -41.12
CA ILE A 48 -29.72 18.83 -42.36
C ILE A 48 -28.64 19.89 -42.24
N LEU A 49 -27.78 19.94 -43.25
CA LEU A 49 -26.74 20.96 -43.35
C LEU A 49 -27.33 22.24 -43.91
N GLU A 50 -27.14 23.35 -43.19
CA GLU A 50 -27.53 24.65 -43.71
C GLU A 50 -26.55 25.05 -44.80
N GLU A 51 -27.02 25.12 -46.04
CA GLU A 51 -26.14 25.31 -47.19
C GLU A 51 -25.51 26.70 -47.16
N GLY A 52 -24.20 26.74 -47.41
CA GLY A 52 -23.46 27.98 -47.47
C GLY A 52 -22.97 28.50 -46.15
N LYS A 53 -23.45 27.96 -45.04
CA LYS A 53 -23.07 28.44 -43.71
C LYS A 53 -22.01 27.51 -43.14
N GLU A 54 -20.76 27.77 -43.54
CA GLU A 54 -19.64 26.97 -43.07
C GLU A 54 -18.36 27.78 -43.23
N ILE A 55 -17.37 27.44 -42.41
CA ILE A 55 -16.04 28.02 -42.47
C ILE A 55 -15.06 26.91 -42.78
N LEU A 56 -14.22 27.12 -43.79
CA LEU A 56 -13.21 26.15 -44.15
C LEU A 56 -11.88 26.51 -43.49
N VAL A 57 -11.06 25.48 -43.25
CA VAL A 57 -9.75 25.71 -42.65
C VAL A 57 -8.88 26.55 -43.56
N GLY A 58 -9.03 26.37 -44.88
CA GLY A 58 -8.25 27.16 -45.81
C GLY A 58 -8.62 28.63 -45.79
N ASP A 59 -9.82 28.95 -45.32
CA ASP A 59 -10.23 30.35 -45.23
C ASP A 59 -9.59 31.04 -44.04
N VAL A 60 -9.25 30.27 -43.01
CA VAL A 60 -8.66 30.86 -41.81
C VAL A 60 -7.25 31.33 -42.11
N GLY A 61 -6.97 32.59 -41.78
CA GLY A 61 -5.70 33.20 -42.09
C GLY A 61 -5.67 33.98 -43.38
N GLN A 62 -6.76 33.97 -44.15
CA GLN A 62 -6.84 34.70 -45.40
C GLN A 62 -8.07 35.60 -45.42
N THR A 63 -9.19 35.07 -45.91
CA THR A 63 -10.43 35.84 -45.90
C THR A 63 -10.98 35.97 -44.48
N VAL A 64 -10.64 35.03 -43.60
CA VAL A 64 -11.14 35.00 -42.24
C VAL A 64 -9.97 35.28 -41.29
N ASP A 65 -10.10 36.34 -40.49
CA ASP A 65 -9.05 36.67 -39.52
C ASP A 65 -9.27 35.94 -38.20
N ASP A 66 -10.44 36.09 -37.60
CA ASP A 66 -10.80 35.35 -36.40
C ASP A 66 -11.93 34.41 -36.71
N PRO A 67 -11.70 33.08 -36.71
CA PRO A 67 -12.76 32.16 -37.13
C PRO A 67 -13.95 32.11 -36.21
N TYR A 68 -13.79 32.45 -34.93
CA TYR A 68 -14.93 32.39 -34.01
C TYR A 68 -15.81 33.62 -34.14
N ALA A 69 -15.25 34.76 -34.53
CA ALA A 69 -16.06 35.96 -34.70
C ALA A 69 -16.94 35.85 -35.94
N THR A 70 -16.38 35.33 -37.03
CA THR A 70 -17.17 35.18 -38.26
C THR A 70 -18.16 34.02 -38.13
N PHE A 71 -17.87 33.06 -37.26
CA PHE A 71 -18.81 31.98 -37.02
C PHE A 71 -20.04 32.49 -36.28
N VAL A 72 -19.83 33.36 -35.29
CA VAL A 72 -20.95 33.93 -34.54
C VAL A 72 -21.82 34.78 -35.45
N LYS A 73 -21.23 35.42 -36.46
CA LYS A 73 -22.02 36.20 -37.41
C LYS A 73 -22.94 35.34 -38.26
N MET A 74 -22.60 34.06 -38.47
CA MET A 74 -23.44 33.19 -39.26
C MET A 74 -24.70 32.76 -38.52
N LEU A 75 -24.75 32.92 -37.21
CA LEU A 75 -25.91 32.50 -36.44
C LEU A 75 -27.08 33.46 -36.70
N PRO A 76 -28.27 32.95 -37.01
CA PRO A 76 -29.40 33.84 -37.25
C PRO A 76 -29.88 34.49 -35.96
N ASP A 77 -30.44 35.69 -36.09
CA ASP A 77 -30.83 36.46 -34.92
C ASP A 77 -32.12 35.93 -34.31
N LYS A 78 -33.05 35.45 -35.14
CA LYS A 78 -34.36 35.02 -34.69
C LYS A 78 -34.67 33.61 -35.17
N ASP A 79 -33.71 32.71 -35.03
CA ASP A 79 -33.93 31.31 -35.40
C ASP A 79 -32.92 30.44 -34.68
N CYS A 80 -33.33 29.22 -34.36
CA CYS A 80 -32.46 28.29 -33.65
C CYS A 80 -31.59 27.52 -34.63
N ARG A 81 -30.46 27.01 -34.13
CA ARG A 81 -29.49 26.36 -34.98
C ARG A 81 -28.62 25.43 -34.14
N TYR A 82 -28.16 24.36 -34.77
CA TYR A 82 -27.08 23.53 -34.23
C TYR A 82 -25.79 23.90 -34.95
N ALA A 83 -24.69 23.86 -34.21
CA ALA A 83 -23.41 24.25 -34.78
C ALA A 83 -22.33 23.29 -34.33
N LEU A 84 -21.33 23.12 -35.20
CA LEU A 84 -20.16 22.31 -34.91
C LEU A 84 -18.94 23.19 -35.15
N TYR A 85 -18.22 23.52 -34.08
CA TYR A 85 -17.06 24.39 -34.16
C TYR A 85 -15.83 23.61 -33.73
N ASP A 86 -14.79 23.65 -34.57
CA ASP A 86 -13.52 22.98 -34.29
C ASP A 86 -12.60 23.98 -33.62
N ALA A 87 -12.50 23.93 -32.30
CA ALA A 87 -11.77 24.92 -31.53
C ALA A 87 -10.30 24.54 -31.42
N THR A 88 -9.43 25.48 -31.80
CA THR A 88 -7.99 25.35 -31.62
C THR A 88 -7.58 26.28 -30.50
N TYR A 89 -7.26 25.72 -29.34
CA TYR A 89 -6.92 26.50 -28.16
C TYR A 89 -5.70 25.89 -27.49
N GLU A 90 -5.17 26.62 -26.51
CA GLU A 90 -3.95 26.23 -25.83
C GLU A 90 -4.12 26.47 -24.34
N THR A 91 -3.85 25.45 -23.54
CA THR A 91 -3.85 25.58 -22.10
C THR A 91 -2.44 25.83 -21.62
N LYS A 92 -2.21 25.67 -20.32
CA LYS A 92 -0.90 25.97 -19.76
C LYS A 92 0.11 24.87 -20.07
N GLU A 93 -0.35 23.68 -20.46
CA GLU A 93 0.55 22.54 -20.63
C GLU A 93 0.19 21.69 -21.85
N SER A 94 -0.62 22.21 -22.77
CA SER A 94 -0.95 21.45 -23.97
C SER A 94 -1.63 22.36 -24.98
N LYS A 95 -1.40 22.08 -26.26
CA LYS A 95 -2.14 22.72 -27.35
C LYS A 95 -3.21 21.76 -27.83
N LYS A 96 -4.47 22.17 -27.75
CA LYS A 96 -5.60 21.28 -27.95
C LYS A 96 -6.37 21.67 -29.21
N GLU A 97 -7.09 20.67 -29.75
CA GLU A 97 -7.96 20.85 -30.90
C GLU A 97 -9.19 19.98 -30.67
N ASP A 98 -10.29 20.58 -30.24
CA ASP A 98 -11.48 19.85 -29.84
C ASP A 98 -12.70 20.38 -30.57
N LEU A 99 -13.63 19.48 -30.86
CA LEU A 99 -14.91 19.85 -31.45
C LEU A 99 -15.86 20.33 -30.36
N VAL A 100 -16.58 21.42 -30.65
CA VAL A 100 -17.55 21.99 -29.73
C VAL A 100 -18.91 21.94 -30.40
N PHE A 101 -19.86 21.29 -29.74
CA PHE A 101 -21.25 21.34 -30.17
C PHE A 101 -21.91 22.57 -29.57
N ILE A 102 -22.55 23.37 -30.42
CA ILE A 102 -23.14 24.63 -30.00
C ILE A 102 -24.63 24.58 -30.30
N PHE A 103 -25.44 24.73 -29.26
CA PHE A 103 -26.89 24.86 -29.40
C PHE A 103 -27.22 26.34 -29.35
N TRP A 104 -27.62 26.89 -30.48
CA TRP A 104 -27.98 28.31 -30.60
C TRP A 104 -29.50 28.41 -30.58
N ALA A 105 -30.05 28.95 -29.50
CA ALA A 105 -31.49 29.10 -29.33
C ALA A 105 -31.78 30.48 -28.76
N PRO A 106 -31.76 31.52 -29.59
CA PRO A 106 -31.97 32.87 -29.08
C PRO A 106 -33.38 33.08 -28.56
N GLU A 107 -33.50 33.99 -27.60
CA GLU A 107 -34.81 34.31 -27.03
C GLU A 107 -35.74 34.90 -28.08
N SER A 108 -35.18 35.57 -29.09
CA SER A 108 -35.99 36.17 -30.15
C SER A 108 -36.55 35.14 -31.12
N ALA A 109 -36.06 33.90 -31.09
CA ALA A 109 -36.56 32.88 -31.99
C ALA A 109 -38.01 32.54 -31.65
N PRO A 110 -38.79 32.11 -32.63
CA PRO A 110 -40.18 31.72 -32.35
C PRO A 110 -40.25 30.53 -31.42
N LEU A 111 -41.38 30.44 -30.71
CA LEU A 111 -41.55 29.39 -29.71
C LEU A 111 -41.53 28.00 -30.34
N LYS A 112 -41.99 27.89 -31.58
CA LYS A 112 -42.03 26.57 -32.23
C LYS A 112 -40.63 26.08 -32.56
N SER A 113 -39.74 26.99 -32.95
CA SER A 113 -38.36 26.60 -33.25
C SER A 113 -37.62 26.19 -31.99
N LYS A 114 -37.76 26.98 -30.92
CA LYS A 114 -37.07 26.66 -29.68
C LYS A 114 -37.51 25.32 -29.11
N MET A 115 -38.79 24.98 -29.26
CA MET A 115 -39.29 23.73 -28.71
C MET A 115 -38.77 22.53 -29.49
N ILE A 116 -38.73 22.63 -30.82
CA ILE A 116 -38.32 21.48 -31.64
C ILE A 116 -36.82 21.26 -31.54
N TYR A 117 -36.03 22.34 -31.51
CA TYR A 117 -34.59 22.20 -31.41
C TYR A 117 -34.16 21.70 -30.04
N ALA A 118 -34.84 22.12 -28.98
CA ALA A 118 -34.48 21.68 -27.64
C ALA A 118 -34.89 20.24 -27.39
N SER A 119 -36.07 19.84 -27.86
CA SER A 119 -36.56 18.48 -27.65
C SER A 119 -35.89 17.46 -28.54
N SER A 120 -35.15 17.89 -29.57
CA SER A 120 -34.41 16.97 -30.43
C SER A 120 -32.91 17.11 -30.29
N LYS A 121 -32.44 17.92 -29.33
CA LYS A 121 -31.01 18.13 -29.18
C LYS A 121 -30.30 16.91 -28.63
N ASP A 122 -30.89 16.26 -27.62
CA ASP A 122 -30.23 15.12 -26.98
C ASP A 122 -30.19 13.90 -27.89
N ALA A 123 -30.95 13.88 -28.97
CA ALA A 123 -30.90 12.78 -29.92
C ALA A 123 -29.83 12.98 -31.00
N ILE A 124 -29.62 14.21 -31.45
CA ILE A 124 -28.56 14.44 -32.42
C ILE A 124 -27.21 14.37 -31.75
N LYS A 125 -27.11 14.81 -30.49
CA LYS A 125 -25.82 14.76 -29.79
C LYS A 125 -25.41 13.33 -29.45
N LYS A 126 -26.36 12.41 -29.38
CA LYS A 126 -26.01 11.00 -29.18
C LYS A 126 -25.48 10.37 -30.47
N LYS A 127 -25.88 10.88 -31.63
CA LYS A 127 -25.35 10.37 -32.89
C LYS A 127 -23.96 10.90 -33.17
N LEU A 128 -23.62 12.08 -32.64
CA LEU A 128 -22.30 12.68 -32.84
C LEU A 128 -21.40 12.28 -31.67
N THR A 129 -20.99 11.02 -31.69
CA THR A 129 -20.20 10.46 -30.60
C THR A 129 -18.79 11.04 -30.60
N GLY A 130 -18.27 11.32 -29.41
CA GLY A 130 -16.92 11.80 -29.25
C GLY A 130 -16.81 13.28 -28.94
N ILE A 131 -17.90 14.03 -29.01
CA ILE A 131 -17.87 15.44 -28.68
C ILE A 131 -17.91 15.59 -27.15
N LYS A 132 -16.96 16.33 -26.61
CA LYS A 132 -16.84 16.49 -25.16
C LYS A 132 -17.14 17.90 -24.69
N HIS A 133 -17.45 18.82 -25.60
CA HIS A 133 -17.75 20.20 -25.24
C HIS A 133 -19.09 20.59 -25.82
N GLU A 134 -19.91 21.24 -25.00
CA GLU A 134 -21.25 21.65 -25.39
C GLU A 134 -21.50 23.07 -24.89
N LEU A 135 -21.95 23.94 -25.79
CA LEU A 135 -22.22 25.34 -25.47
C LEU A 135 -23.68 25.63 -25.80
N GLN A 136 -24.49 25.86 -24.75
CA GLN A 136 -25.89 26.23 -24.90
C GLN A 136 -25.98 27.75 -24.78
N ALA A 137 -26.28 28.42 -25.89
CA ALA A 137 -26.36 29.86 -25.95
C ALA A 137 -27.79 30.27 -26.24
N ASN A 138 -28.37 31.07 -25.34
CA ASN A 138 -29.74 31.54 -25.48
C ASN A 138 -29.85 33.03 -25.75
N CYS A 139 -28.72 33.71 -25.94
CA CYS A 139 -28.73 35.11 -26.36
C CYS A 139 -27.39 35.40 -27.01
N TYR A 140 -27.34 36.51 -27.74
CA TYR A 140 -26.13 36.88 -28.47
C TYR A 140 -24.97 37.20 -27.55
N GLU A 141 -25.24 37.57 -26.29
CA GLU A 141 -24.18 37.88 -25.35
C GLU A 141 -23.50 36.64 -24.77
N GLU A 142 -24.15 35.48 -24.86
CA GLU A 142 -23.62 34.24 -24.32
C GLU A 142 -22.78 33.47 -25.34
N VAL A 143 -22.63 34.00 -26.55
CA VAL A 143 -21.96 33.24 -27.60
C VAL A 143 -20.91 34.09 -28.30
N LYS A 144 -21.06 35.42 -28.24
CA LYS A 144 -20.18 36.29 -29.01
C LYS A 144 -18.81 36.46 -28.39
N ASP A 145 -18.67 36.23 -27.09
CA ASP A 145 -17.44 36.52 -26.38
C ASP A 145 -16.49 35.32 -26.44
N ARG A 146 -15.24 35.58 -26.79
CA ARG A 146 -14.24 34.52 -26.86
C ARG A 146 -13.99 33.89 -25.49
N CYS A 147 -14.11 34.67 -24.41
CA CYS A 147 -13.87 34.12 -23.08
C CYS A 147 -15.01 33.22 -22.62
N THR A 148 -16.18 33.31 -23.24
CA THR A 148 -17.26 32.38 -22.92
C THR A 148 -16.95 30.99 -23.46
N LEU A 149 -16.39 30.91 -24.67
CA LEU A 149 -15.98 29.63 -25.22
C LEU A 149 -14.79 29.07 -24.46
N ALA A 150 -13.83 29.92 -24.11
CA ALA A 150 -12.64 29.45 -23.40
C ALA A 150 -12.98 28.91 -22.03
N GLU A 151 -14.00 29.48 -21.37
CA GLU A 151 -14.44 28.96 -20.08
C GLU A 151 -15.04 27.57 -20.22
N LYS A 152 -15.77 27.32 -21.31
CA LYS A 152 -16.36 26.01 -21.52
C LYS A 152 -15.32 24.97 -21.92
N LEU A 153 -14.24 25.40 -22.59
CA LEU A 153 -13.23 24.46 -23.05
C LEU A 153 -12.40 23.93 -21.88
N GLY A 154 -11.86 24.82 -21.06
CA GLY A 154 -11.03 24.40 -19.96
C GLY A 154 -10.99 25.36 -18.78
N GLY A 155 -11.95 26.27 -18.72
CA GLY A 155 -12.00 27.20 -17.61
C GLY A 155 -10.90 28.23 -17.69
N SER A 156 -10.21 28.44 -16.56
CA SER A 156 -9.14 29.41 -16.50
C SER A 156 -7.81 28.87 -17.00
N ALA A 157 -7.72 27.56 -17.24
CA ALA A 157 -6.48 26.99 -17.77
C ALA A 157 -6.23 27.43 -19.20
N VAL A 158 -7.28 27.80 -19.93
CA VAL A 158 -7.12 28.22 -21.32
C VAL A 158 -6.44 29.58 -21.35
N ILE A 159 -5.26 29.63 -21.98
CA ILE A 159 -4.50 30.86 -22.09
C ILE A 159 -4.54 31.45 -23.49
N SER A 160 -4.92 30.67 -24.50
CA SER A 160 -4.98 31.15 -25.87
C SER A 160 -6.14 30.47 -26.58
N LEU A 161 -6.69 31.16 -27.57
CA LEU A 161 -7.80 30.64 -28.36
C LEU A 161 -7.60 31.07 -29.81
N GLU A 162 -7.52 30.08 -30.70
CA GLU A 162 -7.31 30.33 -32.13
C GLU A 162 -6.02 31.09 -32.38
N GLY A 163 -4.99 30.77 -31.60
CA GLY A 163 -3.69 31.39 -31.78
C GLY A 163 -3.58 32.81 -31.28
N LYS A 164 -4.53 33.27 -30.47
CA LYS A 164 -4.51 34.62 -29.94
C LYS A 164 -4.79 34.59 -28.45
N PRO A 165 -4.00 35.32 -27.65
CA PRO A 165 -4.23 35.32 -26.21
C PRO A 165 -5.56 35.96 -25.85
N LEU A 166 -6.14 35.49 -24.75
CA LEU A 166 -7.43 35.98 -24.30
C LEU A 166 -7.34 37.40 -23.76
N ALA B 2 -50.60 41.11 30.71
CA ALA B 2 -49.52 41.73 31.47
C ALA B 2 -50.09 42.67 32.53
N SER B 3 -50.10 42.20 33.78
CA SER B 3 -50.63 42.98 34.88
C SER B 3 -49.55 43.72 35.66
N GLY B 4 -48.28 43.47 35.37
CA GLY B 4 -47.19 44.11 36.09
C GLY B 4 -46.89 43.52 37.46
N VAL B 5 -47.49 42.38 37.80
CA VAL B 5 -47.23 41.77 39.09
C VAL B 5 -45.84 41.15 39.08
N ALA B 6 -45.04 41.48 40.09
CA ALA B 6 -43.66 41.03 40.17
C ALA B 6 -43.55 39.74 40.96
N VAL B 7 -42.41 39.08 40.80
CA VAL B 7 -42.09 37.87 41.56
C VAL B 7 -41.16 38.26 42.70
N SER B 8 -41.53 37.89 43.92
CA SER B 8 -40.72 38.24 45.07
C SER B 8 -39.41 37.46 45.06
N ASP B 9 -38.44 37.96 45.82
CA ASP B 9 -37.15 37.27 45.91
C ASP B 9 -37.26 35.99 46.72
N GLY B 10 -38.27 35.87 47.58
CA GLY B 10 -38.49 34.63 48.29
C GLY B 10 -38.90 33.50 47.37
N VAL B 11 -39.63 33.83 46.29
CA VAL B 11 -40.03 32.81 45.32
C VAL B 11 -38.86 32.44 44.43
N ILE B 12 -38.04 33.42 44.03
CA ILE B 12 -36.89 33.15 43.18
C ILE B 12 -35.87 32.28 43.92
N LYS B 13 -35.68 32.54 45.22
CA LYS B 13 -34.75 31.73 46.01
C LYS B 13 -35.24 30.30 46.15
N VAL B 14 -36.55 30.12 46.39
CA VAL B 14 -37.10 28.78 46.52
C VAL B 14 -37.00 28.02 45.20
N PHE B 15 -37.24 28.71 44.08
CA PHE B 15 -37.15 28.05 42.78
C PHE B 15 -35.72 27.65 42.46
N ASN B 16 -34.75 28.52 42.75
CA ASN B 16 -33.35 28.18 42.49
C ASN B 16 -32.88 27.02 43.35
N ASP B 17 -33.39 26.91 44.57
CA ASP B 17 -33.05 25.78 45.43
C ASP B 17 -33.72 24.49 44.99
N MET B 18 -34.90 24.56 44.38
CA MET B 18 -35.56 23.37 43.87
C MET B 18 -34.99 22.88 42.56
N LYS B 19 -34.52 23.79 41.69
CA LYS B 19 -34.07 23.37 40.38
C LYS B 19 -32.76 22.61 40.46
N VAL B 20 -31.68 23.27 40.88
CA VAL B 20 -30.37 22.67 40.94
C VAL B 20 -30.18 22.03 42.31
N ARG B 21 -29.82 20.74 42.32
CA ARG B 21 -29.56 20.00 43.54
C ARG B 21 -28.08 20.10 43.88
N LYS B 22 -27.77 20.54 45.09
CA LYS B 22 -26.41 20.65 45.56
C LYS B 22 -26.05 19.44 46.40
N SER B 23 -24.76 19.07 46.38
CA SER B 23 -24.29 17.98 47.21
C SER B 23 -24.46 18.33 48.67
N SER B 24 -25.28 17.54 49.37
CA SER B 24 -25.66 17.85 50.74
C SER B 24 -25.79 16.57 51.55
N THR B 25 -25.72 16.72 52.87
CA THR B 25 -25.92 15.61 53.77
C THR B 25 -27.35 15.08 53.64
N PRO B 26 -27.58 13.80 53.93
CA PRO B 26 -28.95 13.27 53.87
C PRO B 26 -29.96 14.03 54.70
N GLU B 27 -29.50 14.83 55.68
CA GLU B 27 -30.43 15.64 56.46
C GLU B 27 -30.94 16.82 55.64
N GLU B 28 -30.06 17.45 54.87
CA GLU B 28 -30.49 18.56 54.02
C GLU B 28 -31.26 18.07 52.80
N VAL B 29 -31.05 16.81 52.41
CA VAL B 29 -31.80 16.23 51.31
C VAL B 29 -33.27 16.05 51.71
N LYS B 30 -33.51 15.74 52.99
CA LYS B 30 -34.87 15.61 53.49
C LYS B 30 -35.58 16.94 53.58
N LYS B 31 -34.85 18.05 53.57
CA LYS B 31 -35.44 19.39 53.63
C LYS B 31 -35.70 19.96 52.25
N ARG B 32 -35.37 19.25 51.18
CA ARG B 32 -35.69 19.70 49.84
C ARG B 32 -37.21 19.71 49.65
N LYS B 33 -37.69 20.65 48.84
CA LYS B 33 -39.11 20.81 48.61
C LYS B 33 -39.57 19.91 47.48
N LYS B 34 -40.61 19.13 47.74
CA LYS B 34 -41.22 18.30 46.70
C LYS B 34 -42.27 19.10 45.93
N ALA B 35 -43.05 19.91 46.62
CA ALA B 35 -44.05 20.76 46.00
C ALA B 35 -44.18 22.02 46.84
N VAL B 36 -44.60 23.11 46.19
CA VAL B 36 -44.72 24.40 46.85
C VAL B 36 -45.74 25.24 46.09
N LEU B 37 -46.54 25.99 46.84
CA LEU B 37 -47.58 26.84 46.27
C LEU B 37 -47.17 28.30 46.34
N PHE B 38 -47.57 29.07 45.32
CA PHE B 38 -47.35 30.50 45.28
C PHE B 38 -48.70 31.21 45.18
N CYS B 39 -48.81 32.35 45.86
CA CYS B 39 -50.04 33.13 45.84
C CYS B 39 -49.69 34.61 45.72
N LEU B 40 -50.73 35.42 45.58
CA LEU B 40 -50.57 36.87 45.58
C LEU B 40 -50.43 37.39 47.00
N SER B 41 -49.69 38.49 47.14
CA SER B 41 -49.59 39.15 48.43
C SER B 41 -50.91 39.88 48.74
N GLU B 42 -50.99 40.44 49.94
CA GLU B 42 -52.20 41.13 50.36
C GLU B 42 -52.50 42.33 49.47
N ASP B 43 -51.46 43.10 49.12
CA ASP B 43 -51.61 44.22 48.23
C ASP B 43 -51.62 43.82 46.76
N LYS B 44 -51.50 42.53 46.46
CA LYS B 44 -51.56 42.00 45.10
C LYS B 44 -50.47 42.58 44.21
N LYS B 45 -49.32 42.92 44.79
CA LYS B 45 -48.22 43.48 44.02
C LYS B 45 -47.13 42.47 43.73
N ASN B 46 -47.07 41.36 44.46
CA ASN B 46 -46.01 40.37 44.29
C ASN B 46 -46.60 38.97 44.34
N ILE B 47 -45.91 38.04 43.69
CA ILE B 47 -46.15 36.61 43.90
C ILE B 47 -45.26 36.15 45.05
N ILE B 48 -45.87 35.63 46.11
CA ILE B 48 -45.15 35.24 47.30
C ILE B 48 -45.38 33.76 47.56
N LEU B 49 -44.67 33.24 48.55
CA LEU B 49 -44.82 31.86 48.99
C LEU B 49 -46.01 31.75 49.93
N GLU B 50 -46.94 30.86 49.62
CA GLU B 50 -48.04 30.56 50.52
C GLU B 50 -47.50 29.77 51.70
N GLU B 51 -47.52 30.38 52.89
CA GLU B 51 -46.87 29.79 54.04
C GLU B 51 -47.57 28.51 54.49
N GLY B 52 -46.78 27.47 54.76
CA GLY B 52 -47.29 26.21 55.24
C GLY B 52 -47.75 25.25 54.16
N LYS B 53 -47.90 25.71 52.92
CA LYS B 53 -48.38 24.88 51.83
C LYS B 53 -47.19 24.40 51.01
N GLU B 54 -46.57 23.33 51.50
CA GLU B 54 -45.42 22.75 50.82
C GLU B 54 -45.27 21.30 51.25
N ILE B 55 -44.64 20.51 50.38
CA ILE B 55 -44.30 19.12 50.66
C ILE B 55 -42.79 18.99 50.62
N LEU B 56 -42.21 18.40 51.65
CA LEU B 56 -40.78 18.18 51.70
C LEU B 56 -40.45 16.77 51.22
N VAL B 57 -39.24 16.61 50.67
CA VAL B 57 -38.82 15.29 50.19
C VAL B 57 -38.72 14.31 51.35
N GLY B 58 -38.34 14.80 52.53
CA GLY B 58 -38.27 13.92 53.68
C GLY B 58 -39.62 13.42 54.14
N ASP B 59 -40.69 14.14 53.78
CA ASP B 59 -42.03 13.70 54.13
C ASP B 59 -42.49 12.55 53.24
N VAL B 60 -41.96 12.48 52.02
CA VAL B 60 -42.38 11.44 51.09
C VAL B 60 -41.85 10.09 51.56
N GLY B 61 -42.74 9.11 51.65
CA GLY B 61 -42.41 7.81 52.18
C GLY B 61 -42.66 7.62 53.66
N GLN B 62 -43.09 8.68 54.35
CA GLN B 62 -43.38 8.59 55.78
C GLN B 62 -44.79 9.11 56.06
N THR B 63 -44.90 10.41 56.33
CA THR B 63 -46.22 11.00 56.54
C THR B 63 -47.00 11.08 55.24
N VAL B 64 -46.30 11.15 54.12
CA VAL B 64 -46.91 11.29 52.80
C VAL B 64 -46.69 9.99 52.02
N ASP B 65 -47.79 9.36 51.60
CA ASP B 65 -47.68 8.14 50.82
C ASP B 65 -47.58 8.44 49.33
N ASP B 66 -48.53 9.19 48.78
CA ASP B 66 -48.48 9.63 47.40
C ASP B 66 -48.32 11.14 47.37
N PRO B 67 -47.17 11.67 46.94
CA PRO B 67 -46.95 13.12 47.02
C PRO B 67 -47.85 13.92 46.10
N TYR B 68 -48.34 13.35 45.01
CA TYR B 68 -49.19 14.12 44.10
C TYR B 68 -50.61 14.21 44.61
N ALA B 69 -51.08 13.20 45.35
CA ALA B 69 -52.43 13.25 45.90
C ALA B 69 -52.54 14.27 47.01
N THR B 70 -51.53 14.33 47.89
CA THR B 70 -51.57 15.29 48.98
C THR B 70 -51.27 16.70 48.47
N PHE B 71 -50.58 16.82 47.34
CA PHE B 71 -50.35 18.12 46.74
C PHE B 71 -51.65 18.69 46.18
N VAL B 72 -52.46 17.85 45.53
CA VAL B 72 -53.74 18.30 44.99
C VAL B 72 -54.67 18.73 46.11
N LYS B 73 -54.56 18.10 47.28
CA LYS B 73 -55.38 18.52 48.41
C LYS B 73 -55.03 19.90 48.93
N MET B 74 -53.80 20.36 48.71
CA MET B 74 -53.40 21.69 49.16
C MET B 74 -54.00 22.80 48.30
N LEU B 75 -54.48 22.48 47.11
CA LEU B 75 -55.02 23.50 46.23
C LEU B 75 -56.37 23.98 46.76
N PRO B 76 -56.59 25.29 46.87
CA PRO B 76 -57.89 25.78 47.37
C PRO B 76 -58.99 25.55 46.34
N ASP B 77 -60.21 25.38 46.86
CA ASP B 77 -61.33 25.04 45.99
C ASP B 77 -61.83 26.27 45.22
N LYS B 78 -61.77 27.44 45.83
CA LYS B 78 -62.32 28.65 45.23
C LYS B 78 -61.29 29.77 45.22
N ASP B 79 -60.07 29.45 44.81
CA ASP B 79 -59.02 30.46 44.71
C ASP B 79 -57.95 29.97 43.75
N CYS B 80 -57.32 30.90 43.04
CA CYS B 80 -56.27 30.55 42.09
C CYS B 80 -54.93 30.45 42.79
N ARG B 81 -54.01 29.73 42.17
CA ARG B 81 -52.72 29.47 42.78
C ARG B 81 -51.72 29.08 41.71
N TYR B 82 -50.45 29.42 41.96
CA TYR B 82 -49.33 28.88 41.20
C TYR B 82 -48.68 27.77 42.02
N ALA B 83 -48.19 26.75 41.34
CA ALA B 83 -47.61 25.60 42.02
C ALA B 83 -46.35 25.16 41.31
N LEU B 84 -45.42 24.62 42.09
CA LEU B 84 -44.19 24.05 41.58
C LEU B 84 -44.10 22.63 42.11
N TYR B 85 -44.23 21.65 41.22
CA TYR B 85 -44.19 20.24 41.60
C TYR B 85 -42.99 19.57 40.97
N ASP B 86 -42.20 18.87 41.79
CA ASP B 86 -41.01 18.15 41.33
C ASP B 86 -41.43 16.72 41.05
N ALA B 87 -41.67 16.41 39.77
CA ALA B 87 -42.21 15.11 39.38
C ALA B 87 -41.09 14.10 39.20
N THR B 88 -41.21 12.96 39.87
CA THR B 88 -40.31 11.82 39.68
C THR B 88 -41.09 10.75 38.93
N TYR B 89 -40.77 10.56 37.66
CA TYR B 89 -41.47 9.62 36.81
C TYR B 89 -40.46 8.82 36.00
N GLU B 90 -40.96 7.79 35.33
CA GLU B 90 -40.13 6.87 34.58
C GLU B 90 -40.79 6.58 33.24
N THR B 91 -40.05 6.76 32.16
CA THR B 91 -40.52 6.39 30.83
C THR B 91 -40.01 5.00 30.49
N LYS B 92 -40.10 4.64 29.21
CA LYS B 92 -39.70 3.30 28.81
C LYS B 92 -38.19 3.13 28.76
N GLU B 93 -37.44 4.24 28.73
CA GLU B 93 -35.99 4.16 28.54
C GLU B 93 -35.23 5.16 29.42
N SER B 94 -35.86 5.72 30.44
CA SER B 94 -35.17 6.65 31.32
C SER B 94 -36.01 6.91 32.56
N LYS B 95 -35.34 7.14 33.68
CA LYS B 95 -35.98 7.62 34.90
C LYS B 95 -35.73 9.11 35.02
N LYS B 96 -36.81 9.89 35.05
CA LYS B 96 -36.73 11.33 34.93
C LYS B 96 -37.15 12.02 36.24
N GLU B 97 -36.66 13.24 36.41
CA GLU B 97 -37.01 14.09 37.55
C GLU B 97 -37.10 15.53 37.01
N ASP B 98 -38.32 15.99 36.78
CA ASP B 98 -38.54 17.29 36.15
C ASP B 98 -39.48 18.14 36.99
N LEU B 99 -39.25 19.45 36.96
CA LEU B 99 -40.14 20.40 37.60
C LEU B 99 -41.33 20.70 36.72
N VAL B 100 -42.50 20.75 37.33
CA VAL B 100 -43.76 21.04 36.63
C VAL B 100 -44.34 22.31 37.21
N PHE B 101 -44.55 23.32 36.36
CA PHE B 101 -45.28 24.50 36.75
C PHE B 101 -46.77 24.25 36.59
N ILE B 102 -47.54 24.49 37.63
CA ILE B 102 -48.97 24.21 37.63
C ILE B 102 -49.72 25.52 37.88
N PHE B 103 -50.57 25.88 36.93
CA PHE B 103 -51.47 27.02 37.07
C PHE B 103 -52.83 26.47 37.50
N TRP B 104 -53.20 26.73 38.74
CA TRP B 104 -54.47 26.28 39.30
C TRP B 104 -55.43 27.46 39.29
N ALA B 105 -56.44 27.39 38.44
CA ALA B 105 -57.44 28.45 38.30
C ALA B 105 -58.83 27.81 38.20
N PRO B 106 -59.40 27.41 39.32
CA PRO B 106 -60.70 26.74 39.28
C PRO B 106 -61.81 27.67 38.83
N GLU B 107 -62.83 27.08 38.20
CA GLU B 107 -63.98 27.85 37.75
C GLU B 107 -64.72 28.50 38.91
N SER B 108 -64.65 27.88 40.10
CA SER B 108 -65.31 28.43 41.28
C SER B 108 -64.60 29.64 41.85
N ALA B 109 -63.36 29.91 41.43
CA ALA B 109 -62.64 31.06 41.94
C ALA B 109 -63.30 32.36 41.48
N PRO B 110 -63.17 33.43 42.25
CA PRO B 110 -63.74 34.71 41.84
C PRO B 110 -63.09 35.23 40.57
N LEU B 111 -63.86 36.05 39.85
CA LEU B 111 -63.41 36.57 38.56
C LEU B 111 -62.17 37.43 38.70
N LYS B 112 -62.02 38.11 39.82
CA LYS B 112 -60.87 38.99 40.01
C LYS B 112 -59.59 38.19 40.20
N SER B 113 -59.67 37.04 40.88
CA SER B 113 -58.49 36.20 41.05
C SER B 113 -58.07 35.55 39.75
N LYS B 114 -59.03 35.03 38.98
CA LYS B 114 -58.70 34.39 37.72
C LYS B 114 -58.07 35.36 36.74
N MET B 115 -58.50 36.62 36.75
CA MET B 115 -57.97 37.59 35.82
C MET B 115 -56.54 37.98 36.17
N ILE B 116 -56.25 38.17 37.47
CA ILE B 116 -54.92 38.62 37.87
C ILE B 116 -53.90 37.49 37.74
N TYR B 117 -54.29 36.27 38.08
CA TYR B 117 -53.37 35.14 37.96
C TYR B 117 -53.08 34.79 36.51
N ALA B 118 -54.08 34.90 35.63
CA ALA B 118 -53.87 34.57 34.22
C ALA B 118 -53.05 35.64 33.51
N SER B 119 -53.31 36.91 33.81
CA SER B 119 -52.60 38.00 33.15
C SER B 119 -51.18 38.19 33.68
N SER B 120 -50.83 37.57 34.81
CA SER B 120 -49.48 37.64 35.34
C SER B 120 -48.75 36.32 35.28
N LYS B 121 -49.34 35.30 34.64
CA LYS B 121 -48.71 33.98 34.59
C LYS B 121 -47.49 33.96 33.68
N ASP B 122 -47.60 34.59 32.51
CA ASP B 122 -46.49 34.55 31.55
C ASP B 122 -45.29 35.36 32.01
N ALA B 123 -45.45 36.21 33.03
CA ALA B 123 -44.31 36.96 33.56
C ALA B 123 -43.58 36.20 34.65
N ILE B 124 -44.30 35.45 35.49
CA ILE B 124 -43.62 34.66 36.51
C ILE B 124 -42.94 33.45 35.87
N LYS B 125 -43.54 32.87 34.83
CA LYS B 125 -42.94 31.72 34.18
C LYS B 125 -41.69 32.09 33.39
N LYS B 126 -41.54 33.36 33.01
CA LYS B 126 -40.30 33.80 32.38
C LYS B 126 -39.17 33.97 33.39
N LYS B 127 -39.51 34.25 34.65
CA LYS B 127 -38.48 34.35 35.68
C LYS B 127 -38.01 32.99 36.16
N LEU B 128 -38.85 31.96 36.04
CA LEU B 128 -38.50 30.60 36.45
C LEU B 128 -37.97 29.84 35.23
N THR B 129 -36.75 30.21 34.84
CA THR B 129 -36.14 29.64 33.64
C THR B 129 -35.78 28.18 33.86
N GLY B 130 -35.98 27.37 32.84
CA GLY B 130 -35.62 25.97 32.87
C GLY B 130 -36.78 25.01 33.06
N ILE B 131 -37.98 25.51 33.35
CA ILE B 131 -39.15 24.65 33.49
C ILE B 131 -39.66 24.30 32.10
N LYS B 132 -39.82 23.00 31.85
CA LYS B 132 -40.24 22.53 30.53
C LYS B 132 -41.63 21.91 30.54
N HIS B 133 -42.30 21.84 31.69
CA HIS B 133 -43.63 21.26 31.80
C HIS B 133 -44.56 22.26 32.44
N GLU B 134 -45.75 22.41 31.87
CA GLU B 134 -46.74 23.36 32.34
C GLU B 134 -48.11 22.69 32.33
N LEU B 135 -48.82 22.77 33.45
CA LEU B 135 -50.13 22.16 33.60
C LEU B 135 -51.13 23.26 33.97
N GLN B 136 -52.03 23.58 33.04
CA GLN B 136 -53.10 24.55 33.28
C GLN B 136 -54.36 23.77 33.66
N ALA B 137 -54.76 23.87 34.92
CA ALA B 137 -55.91 23.17 35.45
C ALA B 137 -56.99 24.17 35.82
N ASN B 138 -58.17 24.03 35.22
CA ASN B 138 -59.29 24.92 35.48
C ASN B 138 -60.44 24.24 36.21
N CYS B 139 -60.27 23.00 36.64
CA CYS B 139 -61.23 22.33 37.49
C CYS B 139 -60.53 21.21 38.23
N TYR B 140 -61.18 20.71 39.28
CA TYR B 140 -60.58 19.68 40.11
C TYR B 140 -60.38 18.37 39.36
N GLU B 141 -61.13 18.14 38.29
CA GLU B 141 -61.00 16.91 37.52
C GLU B 141 -59.81 16.92 36.59
N GLU B 142 -59.26 18.10 36.27
CA GLU B 142 -58.13 18.23 35.38
C GLU B 142 -56.79 18.17 36.11
N VAL B 143 -56.79 18.00 37.43
CA VAL B 143 -55.55 18.08 38.19
C VAL B 143 -55.42 16.90 39.14
N LYS B 144 -56.55 16.30 39.52
CA LYS B 144 -56.53 15.27 40.54
C LYS B 144 -56.01 13.92 40.04
N ASP B 145 -56.08 13.67 38.74
CA ASP B 145 -55.78 12.37 38.19
C ASP B 145 -54.29 12.27 37.86
N ARG B 146 -53.67 11.17 38.31
CA ARG B 146 -52.25 10.96 38.04
C ARG B 146 -51.97 10.81 36.55
N CYS B 147 -52.91 10.27 35.78
CA CYS B 147 -52.69 10.10 34.35
C CYS B 147 -52.77 11.42 33.60
N THR B 148 -53.37 12.45 34.19
CA THR B 148 -53.35 13.77 33.56
C THR B 148 -51.96 14.38 33.63
N LEU B 149 -51.28 14.22 34.77
CA LEU B 149 -49.90 14.70 34.87
C LEU B 149 -48.96 13.88 33.99
N ALA B 150 -49.15 12.55 33.95
CA ALA B 150 -48.28 11.69 33.15
C ALA B 150 -48.42 12.00 31.67
N GLU B 151 -49.61 12.39 31.23
CA GLU B 151 -49.80 12.76 29.83
C GLU B 151 -49.03 14.03 29.50
N LYS B 152 -48.98 14.98 30.43
CA LYS B 152 -48.25 16.22 30.20
C LYS B 152 -46.75 16.02 30.25
N LEU B 153 -46.28 15.04 31.04
CA LEU B 153 -44.85 14.82 31.19
C LEU B 153 -44.26 14.20 29.92
N GLY B 154 -44.85 13.11 29.46
CA GLY B 154 -44.32 12.43 28.29
C GLY B 154 -45.34 11.65 27.49
N GLY B 155 -46.61 11.92 27.71
CA GLY B 155 -47.65 11.23 26.96
C GLY B 155 -47.79 9.79 27.39
N SER B 156 -47.83 8.89 26.41
CA SER B 156 -47.98 7.46 26.70
C SER B 156 -46.65 6.78 27.01
N ALA B 157 -45.53 7.47 26.82
CA ALA B 157 -44.24 6.88 27.15
C ALA B 157 -44.06 6.73 28.65
N VAL B 158 -44.78 7.52 29.44
CA VAL B 158 -44.66 7.45 30.89
C VAL B 158 -45.31 6.17 31.38
N ILE B 159 -44.50 5.31 32.01
CA ILE B 159 -44.99 4.04 32.53
C ILE B 159 -45.10 4.04 34.04
N SER B 160 -44.46 4.97 34.74
CA SER B 160 -44.52 5.04 36.19
C SER B 160 -44.49 6.50 36.62
N LEU B 161 -45.10 6.77 37.77
CA LEU B 161 -45.13 8.12 38.32
C LEU B 161 -44.97 8.02 39.84
N GLU B 162 -43.95 8.67 40.36
CA GLU B 162 -43.65 8.66 41.80
C GLU B 162 -43.42 7.24 42.30
N GLY B 163 -42.79 6.42 41.48
CA GLY B 163 -42.47 5.06 41.87
C GLY B 163 -43.62 4.10 41.87
N LYS B 164 -44.74 4.46 41.24
CA LYS B 164 -45.91 3.60 41.18
C LYS B 164 -46.42 3.53 39.75
N PRO B 165 -46.73 2.35 39.25
CA PRO B 165 -47.23 2.23 37.87
C PRO B 165 -48.59 2.89 37.72
N LEU B 166 -48.84 3.40 36.52
CA LEU B 166 -50.08 4.09 36.24
C LEU B 166 -51.27 3.13 36.18
N ALA C 2 -9.98 0.57 29.83
CA ALA C 2 -9.16 0.60 31.04
C ALA C 2 -10.03 0.94 32.25
N SER C 3 -10.37 -0.08 33.03
CA SER C 3 -11.20 0.09 34.21
C SER C 3 -10.40 0.22 35.50
N GLY C 4 -9.09 0.01 35.44
CA GLY C 4 -8.26 0.07 36.63
C GLY C 4 -8.32 -1.14 37.53
N VAL C 5 -8.96 -2.23 37.08
CA VAL C 5 -9.03 -3.44 37.89
C VAL C 5 -7.67 -4.12 37.93
N ALA C 6 -7.19 -4.42 39.12
CA ALA C 6 -5.87 -4.99 39.29
C ALA C 6 -5.93 -6.51 39.33
N VAL C 7 -4.77 -7.14 39.14
CA VAL C 7 -4.62 -8.58 39.23
C VAL C 7 -4.06 -8.92 40.59
N SER C 8 -4.74 -9.80 41.31
CA SER C 8 -4.28 -10.17 42.64
C SER C 8 -2.99 -10.98 42.56
N ASP C 9 -2.28 -11.05 43.69
CA ASP C 9 -1.04 -11.82 43.74
C ASP C 9 -1.32 -13.31 43.72
N GLY C 10 -2.52 -13.73 44.11
CA GLY C 10 -2.87 -15.14 44.00
C GLY C 10 -2.99 -15.60 42.56
N VAL C 11 -3.41 -14.70 41.67
CA VAL C 11 -3.49 -15.04 40.25
C VAL C 11 -2.11 -15.04 39.62
N ILE C 12 -1.26 -14.09 40.00
CA ILE C 12 0.09 -14.03 39.45
C ILE C 12 0.90 -15.25 39.87
N LYS C 13 0.71 -15.70 41.11
CA LYS C 13 1.42 -16.89 41.58
C LYS C 13 0.96 -18.14 40.84
N VAL C 14 -0.35 -18.26 40.62
CA VAL C 14 -0.87 -19.43 39.91
C VAL C 14 -0.39 -19.43 38.46
N PHE C 15 -0.34 -18.25 37.83
CA PHE C 15 0.12 -18.18 36.45
C PHE C 15 1.60 -18.53 36.34
N ASN C 16 2.42 -18.02 37.26
CA ASN C 16 3.85 -18.33 37.22
C ASN C 16 4.11 -19.82 37.45
N ASP C 17 3.29 -20.47 38.28
CA ASP C 17 3.43 -21.90 38.50
C ASP C 17 2.95 -22.71 37.30
N MET C 18 1.98 -22.21 36.55
CA MET C 18 1.51 -22.92 35.35
C MET C 18 2.43 -22.75 34.17
N LYS C 19 3.09 -21.59 34.03
CA LYS C 19 3.90 -21.33 32.85
C LYS C 19 5.16 -22.19 32.85
N VAL C 20 6.05 -21.93 33.81
CA VAL C 20 7.33 -22.64 33.88
C VAL C 20 7.15 -23.89 34.73
N ARG C 21 7.54 -25.03 34.16
CA ARG C 21 7.48 -26.31 34.86
C ARG C 21 8.81 -26.56 35.55
N LYS C 22 8.77 -26.82 36.85
CA LYS C 22 9.95 -27.12 37.64
C LYS C 22 10.10 -28.62 37.80
N SER C 23 11.36 -29.06 37.92
CA SER C 23 11.63 -30.47 38.16
C SER C 23 11.05 -30.88 39.50
N SER C 24 10.10 -31.81 39.46
CA SER C 24 9.36 -32.20 40.65
C SER C 24 9.06 -33.69 40.63
N THR C 25 8.77 -34.21 41.81
CA THR C 25 8.36 -35.61 41.93
C THR C 25 7.04 -35.83 41.19
N PRO C 26 6.77 -37.05 40.72
CA PRO C 26 5.49 -37.32 40.06
C PRO C 26 4.27 -36.98 40.89
N GLU C 27 4.42 -36.82 42.22
CA GLU C 27 3.30 -36.42 43.04
C GLU C 27 2.98 -34.94 42.84
N GLU C 28 4.02 -34.10 42.75
CA GLU C 28 3.80 -32.69 42.51
C GLU C 28 3.40 -32.42 41.07
N VAL C 29 3.76 -33.33 40.15
CA VAL C 29 3.34 -33.18 38.76
C VAL C 29 1.84 -33.38 38.64
N LYS C 30 1.27 -34.26 39.48
CA LYS C 30 -0.17 -34.47 39.47
C LYS C 30 -0.93 -33.28 40.05
N LYS C 31 -0.27 -32.41 40.80
CA LYS C 31 -0.89 -31.23 41.36
C LYS C 31 -0.79 -30.01 40.46
N ARG C 32 -0.15 -30.13 39.30
CA ARG C 32 -0.12 -29.04 38.35
C ARG C 32 -1.52 -28.77 37.82
N LYS C 33 -1.79 -27.51 37.51
CA LYS C 33 -3.10 -27.09 37.06
C LYS C 33 -3.21 -27.24 35.54
N LYS C 34 -4.26 -27.94 35.10
CA LYS C 34 -4.53 -28.05 33.68
C LYS C 34 -5.36 -26.87 33.17
N ALA C 35 -6.32 -26.43 33.98
CA ALA C 35 -7.15 -25.28 33.65
C ALA C 35 -7.54 -24.59 34.95
N VAL C 36 -7.80 -23.29 34.86
CA VAL C 36 -8.15 -22.51 36.05
C VAL C 36 -8.94 -21.29 35.59
N LEU C 37 -9.94 -20.92 36.39
CA LEU C 37 -10.82 -19.80 36.09
C LEU C 37 -10.48 -18.62 37.00
N PHE C 38 -10.63 -17.42 36.46
CA PHE C 38 -10.45 -16.18 37.21
C PHE C 38 -11.74 -15.38 37.15
N CYS C 39 -12.07 -14.72 38.25
CA CYS C 39 -13.28 -13.91 38.33
C CYS C 39 -12.96 -12.62 39.09
N LEU C 40 -13.94 -11.73 39.12
CA LEU C 40 -13.84 -10.51 39.90
C LEU C 40 -14.11 -10.78 41.38
N SER C 41 -13.47 -10.00 42.23
CA SER C 41 -13.76 -10.08 43.66
C SER C 41 -15.13 -9.47 43.95
N GLU C 42 -15.55 -9.57 45.21
CA GLU C 42 -16.86 -9.05 45.59
C GLU C 42 -16.94 -7.54 45.42
N ASP C 43 -15.88 -6.84 45.77
CA ASP C 43 -15.82 -5.39 45.57
C ASP C 43 -15.41 -5.00 44.16
N LYS C 44 -15.18 -5.99 43.28
CA LYS C 44 -14.84 -5.75 41.87
C LYS C 44 -13.57 -4.92 41.72
N LYS C 45 -12.63 -5.05 42.65
CA LYS C 45 -11.39 -4.32 42.58
C LYS C 45 -10.22 -5.16 42.09
N ASN C 46 -10.32 -6.48 42.16
CA ASN C 46 -9.23 -7.36 41.77
C ASN C 46 -9.75 -8.53 40.95
N ILE C 47 -8.89 -9.08 40.11
CA ILE C 47 -9.13 -10.38 39.50
C ILE C 47 -8.57 -11.45 40.43
N ILE C 48 -9.42 -12.35 40.88
CA ILE C 48 -9.05 -13.37 41.84
C ILE C 48 -9.28 -14.75 41.24
N LEU C 49 -8.85 -15.77 41.96
CA LEU C 49 -9.07 -17.16 41.58
C LEU C 49 -10.47 -17.58 42.00
N GLU C 50 -11.24 -18.09 41.05
CA GLU C 50 -12.54 -18.68 41.37
C GLU C 50 -12.31 -20.01 42.07
N GLU C 51 -12.67 -20.08 43.35
CA GLU C 51 -12.34 -21.24 44.18
C GLU C 51 -13.09 -22.48 43.70
N GLY C 52 -12.38 -23.59 43.60
CA GLY C 52 -12.95 -24.86 43.21
C GLY C 52 -13.08 -25.09 41.73
N LYS C 53 -12.89 -24.06 40.91
CA LYS C 53 -13.04 -24.18 39.45
C LYS C 53 -11.64 -24.31 38.84
N GLU C 54 -11.14 -25.55 38.85
CA GLU C 54 -9.84 -25.83 38.28
C GLU C 54 -9.75 -27.31 37.93
N ILE C 55 -8.89 -27.62 36.98
CA ILE C 55 -8.60 -28.99 36.58
C ILE C 55 -7.12 -29.24 36.85
N LEU C 56 -6.82 -30.33 37.55
CA LEU C 56 -5.45 -30.71 37.83
C LEU C 56 -4.97 -31.72 36.79
N VAL C 57 -3.65 -31.72 36.57
CA VAL C 57 -3.07 -32.65 35.61
C VAL C 57 -3.26 -34.09 36.08
N GLY C 58 -3.23 -34.30 37.39
CA GLY C 58 -3.43 -35.64 37.92
C GLY C 58 -4.84 -36.15 37.70
N ASP C 59 -5.80 -35.23 37.50
CA ASP C 59 -7.17 -35.64 37.23
C ASP C 59 -7.34 -36.12 35.80
N VAL C 60 -6.49 -35.64 34.89
CA VAL C 60 -6.61 -36.02 33.49
C VAL C 60 -6.17 -37.47 33.32
N GLY C 61 -7.04 -38.26 32.67
CA GLY C 61 -6.80 -39.68 32.52
C GLY C 61 -7.45 -40.54 33.58
N GLN C 62 -8.09 -39.94 34.59
CA GLN C 62 -8.74 -40.69 35.64
C GLN C 62 -10.19 -40.23 35.78
N THR C 63 -10.42 -39.24 36.64
CA THR C 63 -11.77 -38.69 36.79
C THR C 63 -12.17 -37.88 35.56
N VAL C 64 -11.18 -37.35 34.84
CA VAL C 64 -11.42 -36.50 33.69
C VAL C 64 -10.95 -37.24 32.44
N ASP C 65 -11.88 -37.46 31.50
CA ASP C 65 -11.52 -38.13 30.25
C ASP C 65 -11.03 -37.14 29.20
N ASP C 66 -11.83 -36.12 28.90
CA ASP C 66 -11.41 -35.05 28.00
C ASP C 66 -11.30 -33.75 28.79
N PRO C 67 -10.09 -33.21 29.00
CA PRO C 67 -9.95 -32.03 29.85
C PRO C 67 -10.60 -30.78 29.29
N TYR C 68 -10.75 -30.68 27.97
CA TYR C 68 -11.34 -29.46 27.41
C TYR C 68 -12.86 -29.49 27.51
N ALA C 69 -13.47 -30.67 27.49
CA ALA C 69 -14.93 -30.75 27.62
C ALA C 69 -15.37 -30.41 29.04
N THR C 70 -14.64 -30.93 30.04
CA THR C 70 -15.00 -30.63 31.43
C THR C 70 -14.63 -29.20 31.80
N PHE C 71 -13.65 -28.61 31.10
CA PHE C 71 -13.32 -27.21 31.33
C PHE C 71 -14.44 -26.30 30.84
N VAL C 72 -15.01 -26.61 29.67
CA VAL C 72 -16.11 -25.82 29.14
C VAL C 72 -17.32 -25.90 30.04
N LYS C 73 -17.52 -27.04 30.72
CA LYS C 73 -18.63 -27.16 31.66
C LYS C 73 -18.47 -26.26 32.87
N MET C 74 -17.24 -25.90 33.24
CA MET C 74 -17.03 -25.03 34.38
C MET C 74 -17.41 -23.58 34.09
N LEU C 75 -17.54 -23.21 32.83
CA LEU C 75 -17.86 -21.83 32.49
C LEU C 75 -19.32 -21.52 32.84
N PRO C 76 -19.59 -20.44 33.55
CA PRO C 76 -20.99 -20.11 33.87
C PRO C 76 -21.77 -19.69 32.64
N ASP C 77 -23.08 -19.95 32.66
CA ASP C 77 -23.91 -19.68 31.50
C ASP C 77 -24.22 -18.19 31.37
N LYS C 78 -24.37 -17.49 32.48
CA LYS C 78 -24.77 -16.09 32.48
C LYS C 78 -23.81 -15.23 33.30
N ASP C 79 -22.51 -15.44 33.11
CA ASP C 79 -21.51 -14.64 33.80
C ASP C 79 -20.21 -14.71 33.03
N CYS C 80 -19.45 -13.62 33.07
CA CYS C 80 -18.18 -13.56 32.38
C CYS C 80 -17.07 -14.14 33.24
N ARG C 81 -15.98 -14.55 32.58
CA ARG C 81 -14.90 -15.23 33.28
C ARG C 81 -13.63 -15.14 32.45
N TYR C 82 -12.50 -15.11 33.15
CA TYR C 82 -11.19 -15.32 32.53
C TYR C 82 -10.75 -16.75 32.79
N ALA C 83 -10.07 -17.35 31.83
CA ALA C 83 -9.66 -18.74 31.96
C ALA C 83 -8.24 -18.90 31.46
N LEU C 84 -7.53 -19.86 32.05
CA LEU C 84 -6.18 -20.24 31.66
C LEU C 84 -6.21 -21.73 31.38
N TYR C 85 -6.04 -22.11 30.13
CA TYR C 85 -6.07 -23.51 29.72
C TYR C 85 -4.71 -23.91 29.17
N ASP C 86 -4.16 -25.00 29.68
CA ASP C 86 -2.87 -25.52 29.23
C ASP C 86 -3.14 -26.57 28.16
N ALA C 87 -3.01 -26.18 26.89
CA ALA C 87 -3.38 -27.04 25.78
C ALA C 87 -2.22 -27.94 25.39
N THR C 88 -2.48 -29.24 25.32
CA THR C 88 -1.54 -30.22 24.82
C THR C 88 -2.04 -30.67 23.46
N TYR C 89 -1.37 -30.24 22.39
CA TYR C 89 -1.79 -30.55 21.04
C TYR C 89 -0.58 -30.95 20.22
N GLU C 90 -0.84 -31.44 19.01
CA GLU C 90 0.20 -31.94 18.13
C GLU C 90 -0.07 -31.45 16.72
N THR C 91 0.94 -30.84 16.10
CA THR C 91 0.84 -30.44 14.72
C THR C 91 1.48 -31.52 13.85
N LYS C 92 1.76 -31.18 12.59
CA LYS C 92 2.30 -32.17 11.67
C LYS C 92 3.77 -32.46 11.93
N GLU C 93 4.46 -31.58 12.65
CA GLU C 93 5.90 -31.71 12.82
C GLU C 93 6.37 -31.38 14.24
N SER C 94 5.46 -31.33 15.22
CA SER C 94 5.86 -31.06 16.59
C SER C 94 4.70 -31.36 17.53
N LYS C 95 5.04 -31.79 18.74
CA LYS C 95 4.07 -31.92 19.81
C LYS C 95 4.23 -30.72 20.74
N LYS C 96 3.15 -29.95 20.90
CA LYS C 96 3.22 -28.66 21.56
C LYS C 96 2.45 -28.68 22.87
N GLU C 97 2.82 -27.77 23.77
CA GLU C 97 2.15 -27.57 25.05
C GLU C 97 2.16 -26.06 25.32
N ASP C 98 1.03 -25.40 25.06
CA ASP C 98 0.94 -23.95 25.15
C ASP C 98 -0.22 -23.54 26.04
N LEU C 99 -0.03 -22.42 26.73
CA LEU C 99 -1.08 -21.82 27.53
C LEU C 99 -2.00 -21.00 26.66
N VAL C 100 -3.31 -21.13 26.89
CA VAL C 100 -4.33 -20.39 26.15
C VAL C 100 -5.09 -19.53 27.14
N PHE C 101 -5.09 -18.22 26.90
CA PHE C 101 -5.94 -17.31 27.65
C PHE C 101 -7.32 -17.27 27.00
N ILE C 102 -8.36 -17.50 27.80
CA ILE C 102 -9.71 -17.58 27.30
C ILE C 102 -10.55 -16.51 27.97
N PHE C 103 -11.13 -15.62 27.17
CA PHE C 103 -12.07 -14.62 27.64
C PHE C 103 -13.47 -15.15 27.37
N TRP C 104 -14.17 -15.51 28.44
CA TRP C 104 -15.52 -16.03 28.35
C TRP C 104 -16.50 -14.91 28.70
N ALA C 105 -17.24 -14.43 27.71
CA ALA C 105 -18.20 -13.34 27.89
C ALA C 105 -19.48 -13.68 27.14
N PRO C 106 -20.33 -14.53 27.71
CA PRO C 106 -21.53 -14.94 27.00
C PRO C 106 -22.51 -13.79 26.84
N GLU C 107 -23.30 -13.88 25.77
CA GLU C 107 -24.31 -12.85 25.50
C GLU C 107 -25.35 -12.81 26.61
N SER C 108 -25.60 -13.93 27.28
CA SER C 108 -26.57 -13.98 28.37
C SER C 108 -26.08 -13.28 29.63
N ALA C 109 -24.79 -12.99 29.74
CA ALA C 109 -24.26 -12.34 30.92
C ALA C 109 -24.82 -10.92 31.04
N PRO C 110 -24.94 -10.40 32.26
CA PRO C 110 -25.42 -9.03 32.43
C PRO C 110 -24.47 -8.02 31.81
N LEU C 111 -25.05 -6.87 31.44
CA LEU C 111 -24.27 -5.84 30.75
C LEU C 111 -23.15 -5.30 31.62
N LYS C 112 -23.33 -5.29 32.94
CA LYS C 112 -22.31 -4.75 33.83
C LYS C 112 -21.10 -5.68 33.89
N SER C 113 -21.32 -6.99 33.84
CA SER C 113 -20.21 -7.94 33.86
C SER C 113 -19.42 -7.88 32.56
N LYS C 114 -20.13 -7.86 31.42
CA LYS C 114 -19.45 -7.81 30.13
C LYS C 114 -18.61 -6.56 29.98
N MET C 115 -19.07 -5.44 30.52
CA MET C 115 -18.34 -4.18 30.39
C MET C 115 -17.07 -4.19 31.24
N ILE C 116 -17.15 -4.71 32.46
CA ILE C 116 -15.99 -4.67 33.35
C ILE C 116 -14.94 -5.68 32.92
N TYR C 117 -15.37 -6.86 32.48
CA TYR C 117 -14.40 -7.87 32.05
C TYR C 117 -13.72 -7.48 30.74
N ALA C 118 -14.45 -6.84 29.84
CA ALA C 118 -13.85 -6.45 28.57
C ALA C 118 -12.92 -5.25 28.73
N SER C 119 -13.29 -4.28 29.56
CA SER C 119 -12.46 -3.10 29.75
C SER C 119 -11.25 -3.36 30.64
N SER C 120 -11.19 -4.49 31.33
CA SER C 120 -10.04 -4.85 32.14
C SER C 120 -9.27 -6.03 31.59
N LYS C 121 -9.63 -6.52 30.40
CA LYS C 121 -8.98 -7.71 29.85
C LYS C 121 -7.56 -7.40 29.40
N ASP C 122 -7.36 -6.27 28.73
CA ASP C 122 -6.04 -5.95 28.20
C ASP C 122 -5.04 -5.61 29.29
N ALA C 123 -5.48 -5.37 30.52
CA ALA C 123 -4.56 -5.12 31.63
C ALA C 123 -4.13 -6.40 32.33
N ILE C 124 -5.03 -7.38 32.45
CA ILE C 124 -4.61 -8.65 33.04
C ILE C 124 -3.75 -9.44 32.07
N LYS C 125 -4.03 -9.35 30.78
CA LYS C 125 -3.23 -10.08 29.80
C LYS C 125 -1.83 -9.51 29.66
N LYS C 126 -1.62 -8.25 30.03
CA LYS C 126 -0.27 -7.69 30.05
C LYS C 126 0.53 -8.17 31.24
N LYS C 127 -0.14 -8.52 32.33
CA LYS C 127 0.55 -9.07 33.50
C LYS C 127 0.93 -10.53 33.30
N LEU C 128 0.18 -11.26 32.47
CA LEU C 128 0.46 -12.66 32.21
C LEU C 128 1.32 -12.77 30.95
N THR C 129 2.59 -12.39 31.12
CA THR C 129 3.51 -12.35 29.99
C THR C 129 3.86 -13.76 29.52
N GLY C 130 3.96 -13.93 28.21
CA GLY C 130 4.35 -15.18 27.62
C GLY C 130 3.22 -15.97 27.00
N ILE C 131 1.97 -15.55 27.19
CA ILE C 131 0.84 -16.23 26.57
C ILE C 131 0.73 -15.79 25.12
N LYS C 132 0.69 -16.75 24.20
CA LYS C 132 0.66 -16.46 22.78
C LYS C 132 -0.66 -16.84 22.13
N HIS C 133 -1.61 -17.40 22.87
CA HIS C 133 -2.90 -17.80 22.33
C HIS C 133 -4.00 -17.16 23.13
N GLU C 134 -4.99 -16.61 22.45
CA GLU C 134 -6.11 -15.92 23.07
C GLU C 134 -7.40 -16.34 22.38
N LEU C 135 -8.39 -16.76 23.15
CA LEU C 135 -9.67 -17.20 22.63
C LEU C 135 -10.77 -16.34 23.25
N GLN C 136 -11.40 -15.50 22.44
CA GLN C 136 -12.52 -14.67 22.86
C GLN C 136 -13.81 -15.38 22.46
N ALA C 137 -14.54 -15.88 23.45
CA ALA C 137 -15.77 -16.62 23.22
C ALA C 137 -16.94 -15.83 23.78
N ASN C 138 -17.91 -15.52 22.92
CA ASN C 138 -19.09 -14.75 23.31
C ASN C 138 -20.36 -15.58 23.28
N CYS C 139 -20.28 -16.88 23.03
CA CYS C 139 -21.42 -17.77 23.15
C CYS C 139 -20.90 -19.18 23.36
N TYR C 140 -21.80 -20.06 23.81
CA TYR C 140 -21.40 -21.43 24.12
C TYR C 140 -20.97 -22.20 22.88
N GLU C 141 -21.40 -21.78 21.69
CA GLU C 141 -21.02 -22.47 20.46
C GLU C 141 -19.62 -22.13 20.01
N GLU C 142 -19.05 -21.02 20.49
CA GLU C 142 -17.72 -20.59 20.10
C GLU C 142 -16.63 -21.15 21.00
N VAL C 143 -16.98 -21.96 22.00
CA VAL C 143 -16.00 -22.41 22.98
C VAL C 143 -16.09 -23.91 23.18
N LYS C 144 -17.26 -24.49 22.91
CA LYS C 144 -17.49 -25.89 23.23
C LYS C 144 -16.81 -26.85 22.26
N ASP C 145 -16.51 -26.40 21.05
CA ASP C 145 -16.02 -27.29 20.00
C ASP C 145 -14.50 -27.37 20.06
N ARG C 146 -13.99 -28.61 20.02
CA ARG C 146 -12.55 -28.82 20.03
C ARG C 146 -11.86 -28.22 18.82
N CYS C 147 -12.54 -28.20 17.67
CA CYS C 147 -11.94 -27.66 16.46
C CYS C 147 -11.85 -26.14 16.49
N THR C 148 -12.62 -25.47 17.36
CA THR C 148 -12.48 -24.04 17.52
C THR C 148 -11.17 -23.70 18.24
N LEU C 149 -10.82 -24.48 19.26
CA LEU C 149 -9.55 -24.27 19.93
C LEU C 149 -8.38 -24.64 19.02
N ALA C 150 -8.52 -25.74 18.27
CA ALA C 150 -7.43 -26.18 17.40
C ALA C 150 -7.16 -25.16 16.29
N GLU C 151 -8.21 -24.47 15.83
CA GLU C 151 -8.01 -23.43 14.82
C GLU C 151 -7.22 -22.26 15.39
N LYS C 152 -7.47 -21.92 16.65
CA LYS C 152 -6.75 -20.81 17.28
C LYS C 152 -5.31 -21.18 17.60
N LEU C 153 -5.04 -22.46 17.86
CA LEU C 153 -3.69 -22.89 18.23
C LEU C 153 -2.77 -22.86 17.02
N GLY C 154 -3.17 -23.50 15.93
CA GLY C 154 -2.30 -23.55 14.76
C GLY C 154 -3.05 -23.71 13.44
N GLY C 155 -4.35 -23.45 13.45
CA GLY C 155 -5.12 -23.55 12.22
C GLY C 155 -5.31 -24.99 11.80
N SER C 156 -5.05 -25.27 10.53
CA SER C 156 -5.23 -26.62 9.99
C SER C 156 -4.02 -27.51 10.23
N ALA C 157 -2.92 -26.94 10.71
CA ALA C 157 -1.74 -27.77 11.01
C ALA C 157 -1.97 -28.66 12.21
N VAL C 158 -2.90 -28.30 13.09
CA VAL C 158 -3.19 -29.09 14.27
C VAL C 158 -3.90 -30.37 13.86
N ILE C 159 -3.26 -31.51 14.13
CA ILE C 159 -3.83 -32.81 13.79
C ILE C 159 -4.35 -33.55 15.01
N SER C 160 -3.95 -33.17 16.22
CA SER C 160 -4.41 -33.83 17.43
C SER C 160 -4.54 -32.79 18.53
N LEU C 161 -5.45 -33.07 19.47
CA LEU C 161 -5.68 -32.18 20.61
C LEU C 161 -5.94 -33.04 21.84
N GLU C 162 -5.11 -32.86 22.86
CA GLU C 162 -5.21 -33.62 24.11
C GLU C 162 -5.08 -35.11 23.86
N GLY C 163 -4.21 -35.48 22.92
CA GLY C 163 -3.97 -36.88 22.64
C GLY C 163 -5.06 -37.58 21.84
N LYS C 164 -5.97 -36.83 21.23
CA LYS C 164 -7.04 -37.41 20.45
C LYS C 164 -7.15 -36.68 19.11
N PRO C 165 -7.26 -37.43 18.01
CA PRO C 165 -7.38 -36.78 16.70
C PRO C 165 -8.66 -35.99 16.58
N LEU C 166 -8.60 -34.92 15.79
CA LEU C 166 -9.74 -34.05 15.59
C LEU C 166 -10.82 -34.71 14.76
N ALA D 2 18.59 4.80 -27.73
CA ALA D 2 19.06 4.55 -29.09
C ALA D 2 18.30 5.42 -30.09
N SER D 3 18.96 6.50 -30.53
CA SER D 3 18.36 7.44 -31.47
C SER D 3 18.75 7.16 -32.92
N GLY D 4 19.67 6.24 -33.16
CA GLY D 4 20.12 5.96 -34.51
C GLY D 4 21.08 6.96 -35.09
N VAL D 5 21.60 7.89 -34.29
CA VAL D 5 22.56 8.87 -34.79
C VAL D 5 23.90 8.20 -35.02
N ALA D 6 24.45 8.38 -36.21
CA ALA D 6 25.69 7.73 -36.60
C ALA D 6 26.89 8.62 -36.30
N VAL D 7 28.06 8.00 -36.29
CA VAL D 7 29.33 8.70 -36.12
C VAL D 7 29.97 8.89 -37.48
N SER D 8 30.30 10.13 -37.82
CA SER D 8 30.89 10.41 -39.11
C SER D 8 32.30 9.81 -39.20
N ASP D 9 32.79 9.67 -40.43
CA ASP D 9 34.13 9.16 -40.63
C ASP D 9 35.19 10.17 -40.24
N GLY D 10 34.83 11.46 -40.22
CA GLY D 10 35.77 12.46 -39.74
C GLY D 10 36.05 12.34 -38.25
N VAL D 11 35.06 11.88 -37.49
CA VAL D 11 35.26 11.67 -36.05
C VAL D 11 36.05 10.39 -35.81
N ILE D 12 35.78 9.34 -36.58
CA ILE D 12 36.51 8.09 -36.41
C ILE D 12 37.97 8.27 -36.77
N LYS D 13 38.26 9.06 -37.81
CA LYS D 13 39.64 9.30 -38.19
C LYS D 13 40.38 10.10 -37.12
N VAL D 14 39.72 11.11 -36.55
CA VAL D 14 40.34 11.92 -35.50
C VAL D 14 40.60 11.07 -34.26
N PHE D 15 39.66 10.20 -33.92
CA PHE D 15 39.85 9.35 -32.74
C PHE D 15 40.98 8.36 -32.94
N ASN D 16 41.07 7.75 -34.13
CA ASN D 16 42.15 6.80 -34.39
C ASN D 16 43.51 7.49 -34.37
N ASP D 17 43.58 8.73 -34.81
CA ASP D 17 44.83 9.48 -34.76
C ASP D 17 45.19 9.90 -33.34
N MET D 18 44.21 10.14 -32.48
CA MET D 18 44.47 10.50 -31.09
C MET D 18 44.86 9.30 -30.24
N LYS D 19 44.29 8.12 -30.51
CA LYS D 19 44.53 6.97 -29.66
C LYS D 19 45.96 6.46 -29.81
N VAL D 20 46.29 5.95 -30.98
CA VAL D 20 47.61 5.36 -31.23
C VAL D 20 48.54 6.45 -31.73
N ARG D 21 49.68 6.60 -31.07
CA ARG D 21 50.70 7.56 -31.46
C ARG D 21 51.69 6.89 -32.40
N LYS D 22 51.90 7.49 -33.56
CA LYS D 22 52.85 6.99 -34.54
C LYS D 22 54.16 7.75 -34.43
N SER D 23 55.25 7.05 -34.77
CA SER D 23 56.56 7.69 -34.78
C SER D 23 56.59 8.80 -35.82
N SER D 24 56.80 10.03 -35.35
CA SER D 24 56.69 11.20 -36.21
C SER D 24 57.73 12.23 -35.81
N THR D 25 58.01 13.13 -36.74
CA THR D 25 58.91 14.24 -36.47
C THR D 25 58.31 15.15 -35.39
N PRO D 26 59.15 15.86 -34.63
CA PRO D 26 58.61 16.78 -33.62
C PRO D 26 57.64 17.81 -34.17
N GLU D 27 57.63 18.04 -35.49
CA GLU D 27 56.65 18.96 -36.07
C GLU D 27 55.27 18.34 -36.10
N GLU D 28 55.19 17.05 -36.43
CA GLU D 28 53.89 16.36 -36.45
C GLU D 28 53.43 16.05 -35.03
N VAL D 29 54.35 15.98 -34.08
CA VAL D 29 53.97 15.78 -32.68
C VAL D 29 53.26 17.00 -32.15
N LYS D 30 53.65 18.19 -32.62
CA LYS D 30 52.99 19.42 -32.20
C LYS D 30 51.59 19.55 -32.80
N LYS D 31 51.29 18.80 -33.86
CA LYS D 31 49.98 18.83 -34.48
C LYS D 31 49.02 17.80 -33.90
N ARG D 32 49.48 16.99 -32.94
CA ARG D 32 48.58 16.07 -32.27
C ARG D 32 47.53 16.83 -31.46
N LYS D 33 46.35 16.24 -31.36
CA LYS D 33 45.23 16.90 -30.68
C LYS D 33 45.27 16.56 -29.20
N LYS D 34 45.21 17.60 -28.37
CA LYS D 34 45.13 17.41 -26.93
C LYS D 34 43.68 17.25 -26.48
N ALA D 35 42.77 18.01 -27.08
CA ALA D 35 41.35 17.92 -26.81
C ALA D 35 40.59 18.28 -28.07
N VAL D 36 39.37 17.74 -28.19
CA VAL D 36 38.55 17.96 -29.37
C VAL D 36 37.09 17.77 -29.00
N LEU D 37 36.23 18.61 -29.57
CA LEU D 37 34.80 18.58 -29.29
C LEU D 37 34.05 17.96 -30.47
N PHE D 38 32.98 17.24 -30.17
CA PHE D 38 32.09 16.68 -31.18
C PHE D 38 30.69 17.23 -30.95
N CYS D 39 29.98 17.49 -32.05
CA CYS D 39 28.63 18.00 -32.00
C CYS D 39 27.77 17.30 -33.03
N LEU D 40 26.47 17.59 -33.00
CA LEU D 40 25.55 17.10 -34.02
C LEU D 40 25.66 17.93 -35.28
N SER D 41 25.40 17.29 -36.42
CA SER D 41 25.33 18.01 -37.68
C SER D 41 24.04 18.84 -37.73
N GLU D 42 23.91 19.63 -38.80
CA GLU D 42 22.73 20.49 -38.93
C GLU D 42 21.45 19.67 -39.05
N ASP D 43 21.50 18.57 -39.81
CA ASP D 43 20.36 17.68 -39.92
C ASP D 43 20.26 16.70 -38.76
N LYS D 44 21.17 16.76 -37.80
CA LYS D 44 21.14 15.92 -36.60
C LYS D 44 21.21 14.43 -36.94
N LYS D 45 21.87 14.09 -38.04
CA LYS D 45 22.00 12.70 -38.45
C LYS D 45 23.35 12.10 -38.10
N ASN D 46 24.37 12.91 -37.86
CA ASN D 46 25.71 12.42 -37.59
C ASN D 46 26.34 13.20 -36.45
N ILE D 47 27.28 12.55 -35.77
CA ILE D 47 28.18 13.25 -34.87
C ILE D 47 29.40 13.69 -35.66
N ILE D 48 29.65 15.00 -35.69
CA ILE D 48 30.71 15.57 -36.49
C ILE D 48 31.68 16.32 -35.57
N LEU D 49 32.78 16.77 -36.16
CA LEU D 49 33.77 17.57 -35.46
C LEU D 49 33.31 19.02 -35.42
N GLU D 50 33.26 19.59 -34.22
CA GLU D 50 32.99 21.01 -34.08
C GLU D 50 34.22 21.79 -34.53
N GLU D 51 34.10 22.52 -35.63
CA GLU D 51 35.25 23.16 -36.25
C GLU D 51 35.80 24.26 -35.37
N GLY D 52 37.13 24.28 -35.22
CA GLY D 52 37.82 25.30 -34.45
C GLY D 52 37.92 25.03 -32.97
N LYS D 53 37.16 24.06 -32.46
CA LYS D 53 37.14 23.77 -31.02
C LYS D 53 38.05 22.57 -30.76
N GLU D 54 39.35 22.85 -30.64
CA GLU D 54 40.33 21.81 -30.39
C GLU D 54 41.57 22.43 -29.78
N ILE D 55 42.30 21.63 -29.03
CA ILE D 55 43.59 22.02 -28.45
C ILE D 55 44.65 21.10 -29.03
N LEU D 56 45.72 21.69 -29.54
CA LEU D 56 46.84 20.92 -30.08
C LEU D 56 47.92 20.76 -29.02
N VAL D 57 48.68 19.67 -29.14
CA VAL D 57 49.76 19.41 -28.19
C VAL D 57 50.82 20.49 -28.30
N GLY D 58 51.04 21.02 -29.51
CA GLY D 58 52.01 22.08 -29.67
C GLY D 58 51.61 23.38 -29.00
N ASP D 59 50.31 23.55 -28.76
CA ASP D 59 49.84 24.75 -28.07
C ASP D 59 50.10 24.66 -26.58
N VAL D 60 50.18 23.45 -26.03
CA VAL D 60 50.40 23.29 -24.60
C VAL D 60 51.83 23.70 -24.25
N GLY D 61 51.96 24.58 -23.26
CA GLY D 61 53.24 25.12 -22.89
C GLY D 61 53.60 26.43 -23.55
N GLN D 62 52.76 26.93 -24.46
CA GLN D 62 53.00 28.19 -25.14
C GLN D 62 51.79 29.11 -25.00
N THR D 63 50.87 29.03 -25.95
CA THR D 63 49.64 29.81 -25.87
C THR D 63 48.73 29.29 -24.77
N VAL D 64 48.84 28.00 -24.45
CA VAL D 64 48.00 27.35 -23.46
C VAL D 64 48.85 26.99 -22.25
N ASP D 65 48.47 27.50 -21.08
CA ASP D 65 49.20 27.20 -19.85
C ASP D 65 48.66 25.92 -19.20
N ASP D 66 47.36 25.89 -18.91
CA ASP D 66 46.71 24.70 -18.39
C ASP D 66 45.74 24.16 -19.43
N PRO D 67 46.01 23.00 -20.04
CA PRO D 67 45.14 22.53 -21.13
C PRO D 67 43.73 22.17 -20.68
N TYR D 68 43.54 21.79 -19.42
CA TYR D 68 42.20 21.41 -18.98
C TYR D 68 41.33 22.64 -18.69
N ALA D 69 41.94 23.75 -18.28
CA ALA D 69 41.17 24.95 -18.01
C ALA D 69 40.67 25.57 -19.31
N THR D 70 41.52 25.62 -20.33
CA THR D 70 41.10 26.18 -21.61
C THR D 70 40.16 25.23 -22.35
N PHE D 71 40.24 23.94 -22.05
CA PHE D 71 39.29 22.99 -22.64
C PHE D 71 37.90 23.20 -22.08
N VAL D 72 37.79 23.43 -20.77
CA VAL D 72 36.50 23.68 -20.15
C VAL D 72 35.87 24.96 -20.68
N LYS D 73 36.70 25.94 -21.03
CA LYS D 73 36.18 27.18 -21.61
C LYS D 73 35.55 26.96 -22.98
N MET D 74 35.98 25.94 -23.72
CA MET D 74 35.41 25.66 -25.03
C MET D 74 34.02 25.08 -24.96
N LEU D 75 33.60 24.56 -23.81
CA LEU D 75 32.29 23.95 -23.69
C LEU D 75 31.21 25.03 -23.71
N PRO D 76 30.17 24.88 -24.52
CA PRO D 76 29.11 25.89 -24.55
C PRO D 76 28.28 25.86 -23.27
N ASP D 77 27.73 27.02 -22.91
CA ASP D 77 27.01 27.14 -21.65
C ASP D 77 25.62 26.52 -21.74
N LYS D 78 24.98 26.62 -22.91
CA LYS D 78 23.60 26.17 -23.08
C LYS D 78 23.49 25.23 -24.28
N ASP D 79 24.40 24.27 -24.38
CA ASP D 79 24.35 23.30 -25.46
C ASP D 79 25.14 22.07 -25.04
N CYS D 80 24.71 20.91 -25.51
CA CYS D 80 25.38 19.67 -25.19
C CYS D 80 26.51 19.40 -26.17
N ARG D 81 27.46 18.57 -25.74
CA ARG D 81 28.66 18.33 -26.53
C ARG D 81 29.30 17.02 -26.08
N TYR D 82 29.96 16.36 -27.04
CA TYR D 82 30.87 15.27 -26.75
C TYR D 82 32.30 15.79 -26.82
N ALA D 83 33.16 15.27 -25.96
CA ALA D 83 34.53 15.76 -25.89
C ALA D 83 35.48 14.57 -25.75
N LEU D 84 36.67 14.75 -26.31
CA LEU D 84 37.76 13.78 -26.19
C LEU D 84 38.96 14.53 -25.62
N TYR D 85 39.34 14.20 -24.40
CA TYR D 85 40.46 14.86 -23.72
C TYR D 85 41.56 13.83 -23.46
N ASP D 86 42.78 14.17 -23.87
CA ASP D 86 43.94 13.31 -23.65
C ASP D 86 44.61 13.74 -22.37
N ALA D 87 44.35 13.02 -21.28
CA ALA D 87 44.81 13.41 -19.96
C ALA D 87 46.21 12.87 -19.69
N THR D 88 47.12 13.76 -19.31
CA THR D 88 48.45 13.40 -18.87
C THR D 88 48.50 13.59 -17.36
N TYR D 89 48.51 12.50 -16.61
CA TYR D 89 48.50 12.55 -15.17
C TYR D 89 49.51 11.56 -14.61
N GLU D 90 49.73 11.64 -13.31
CA GLU D 90 50.73 10.82 -12.64
C GLU D 90 50.15 10.30 -11.33
N THR D 91 50.22 8.99 -11.14
CA THR D 91 49.83 8.39 -9.88
C THR D 91 51.06 8.21 -9.00
N LYS D 92 50.92 7.40 -7.95
CA LYS D 92 52.02 7.22 -7.01
C LYS D 92 53.11 6.32 -7.58
N GLU D 93 52.81 5.54 -8.61
CA GLU D 93 53.75 4.56 -9.12
C GLU D 93 53.78 4.48 -10.64
N SER D 94 53.24 5.47 -11.34
CA SER D 94 53.26 5.46 -12.79
C SER D 94 52.86 6.82 -13.33
N LYS D 95 53.43 7.19 -14.47
CA LYS D 95 53.00 8.36 -15.22
C LYS D 95 52.14 7.89 -16.38
N LYS D 96 50.88 8.35 -16.41
CA LYS D 96 49.88 7.82 -17.32
C LYS D 96 49.48 8.85 -18.36
N GLU D 97 48.98 8.35 -19.49
CA GLU D 97 48.43 9.18 -20.56
C GLU D 97 47.23 8.44 -21.13
N ASP D 98 46.04 8.87 -20.73
CA ASP D 98 44.80 8.18 -21.09
C ASP D 98 43.81 9.14 -21.72
N LEU D 99 43.02 8.61 -22.66
CA LEU D 99 41.94 9.37 -23.27
C LEU D 99 40.71 9.34 -22.36
N VAL D 100 40.07 10.49 -22.24
CA VAL D 100 38.86 10.64 -21.43
C VAL D 100 37.73 11.08 -22.34
N PHE D 101 36.67 10.29 -22.37
CA PHE D 101 35.45 10.71 -23.05
C PHE D 101 34.60 11.54 -22.11
N ILE D 102 34.20 12.72 -22.55
CA ILE D 102 33.47 13.65 -21.71
C ILE D 102 32.12 13.94 -22.36
N PHE D 103 31.05 13.63 -21.63
CA PHE D 103 29.69 13.97 -22.04
C PHE D 103 29.31 15.26 -21.32
N TRP D 104 29.21 16.35 -22.08
CA TRP D 104 28.86 17.65 -21.54
C TRP D 104 27.38 17.90 -21.86
N ALA D 105 26.54 17.89 -20.84
CA ALA D 105 25.10 18.10 -20.98
C ALA D 105 24.62 19.03 -19.88
N PRO D 106 24.83 20.33 -20.03
CA PRO D 106 24.45 21.26 -18.97
C PRO D 106 22.94 21.34 -18.79
N GLU D 107 22.53 21.64 -17.56
CA GLU D 107 21.11 21.79 -17.27
C GLU D 107 20.48 22.92 -18.05
N SER D 108 21.26 23.95 -18.41
CA SER D 108 20.76 25.07 -19.17
C SER D 108 20.52 24.74 -20.63
N ALA D 109 21.03 23.61 -21.12
CA ALA D 109 20.82 23.23 -22.51
C ALA D 109 19.35 22.93 -22.77
N PRO D 110 18.88 23.14 -23.99
CA PRO D 110 17.48 22.82 -24.31
C PRO D 110 17.20 21.34 -24.17
N LEU D 111 15.93 21.03 -23.91
CA LEU D 111 15.52 19.65 -23.67
C LEU D 111 15.76 18.77 -24.89
N LYS D 112 15.67 19.34 -26.09
CA LYS D 112 15.85 18.53 -27.30
C LYS D 112 17.30 18.12 -27.48
N SER D 113 18.23 19.00 -27.10
CA SER D 113 19.65 18.66 -27.21
C SER D 113 20.04 17.60 -26.19
N LYS D 114 19.58 17.75 -24.95
CA LYS D 114 19.92 16.79 -23.91
C LYS D 114 19.39 15.41 -24.24
N MET D 115 18.21 15.33 -24.87
CA MET D 115 17.62 14.04 -25.17
C MET D 115 18.38 13.34 -26.29
N ILE D 116 18.77 14.07 -27.33
CA ILE D 116 19.43 13.45 -28.48
C ILE D 116 20.86 13.05 -28.13
N TYR D 117 21.57 13.88 -27.37
CA TYR D 117 22.94 13.55 -26.99
C TYR D 117 22.99 12.39 -26.01
N ALA D 118 22.02 12.30 -25.09
CA ALA D 118 22.03 11.20 -24.12
C ALA D 118 21.61 9.88 -24.76
N SER D 119 20.62 9.91 -25.65
CA SER D 119 20.14 8.70 -26.28
C SER D 119 21.06 8.19 -27.38
N SER D 120 22.03 8.98 -27.82
CA SER D 120 23.01 8.55 -28.80
C SER D 120 24.41 8.43 -28.24
N LYS D 121 24.57 8.59 -26.91
CA LYS D 121 25.91 8.54 -26.33
C LYS D 121 26.47 7.13 -26.32
N ASP D 122 25.66 6.13 -25.96
CA ASP D 122 26.15 4.77 -25.86
C ASP D 122 26.48 4.16 -27.22
N ALA D 123 26.05 4.78 -28.32
CA ALA D 123 26.40 4.30 -29.65
C ALA D 123 27.70 4.89 -30.16
N ILE D 124 27.99 6.15 -29.85
CA ILE D 124 29.26 6.72 -30.27
C ILE D 124 30.40 6.16 -29.40
N LYS D 125 30.13 5.91 -28.12
CA LYS D 125 31.17 5.37 -27.25
C LYS D 125 31.53 3.93 -27.59
N LYS D 126 30.63 3.20 -28.25
CA LYS D 126 30.95 1.86 -28.72
C LYS D 126 31.83 1.89 -29.96
N LYS D 127 31.75 2.96 -30.76
CA LYS D 127 32.62 3.09 -31.92
C LYS D 127 34.02 3.54 -31.52
N LEU D 128 34.16 4.25 -30.41
CA LEU D 128 35.47 4.70 -29.94
C LEU D 128 36.03 3.69 -28.95
N THR D 129 36.46 2.56 -29.50
CA THR D 129 36.94 1.46 -28.69
C THR D 129 38.29 1.80 -28.04
N GLY D 130 38.45 1.38 -26.79
CA GLY D 130 39.69 1.57 -26.08
C GLY D 130 39.66 2.68 -25.04
N ILE D 131 38.60 3.47 -24.99
CA ILE D 131 38.49 4.52 -23.98
C ILE D 131 38.03 3.88 -22.67
N LYS D 132 38.77 4.14 -21.61
CA LYS D 132 38.48 3.55 -20.30
C LYS D 132 38.02 4.56 -19.28
N HIS D 133 37.94 5.84 -19.62
CA HIS D 133 37.51 6.88 -18.70
C HIS D 133 36.36 7.66 -19.31
N GLU D 134 35.33 7.89 -18.52
CA GLU D 134 34.13 8.59 -18.96
C GLU D 134 33.71 9.59 -17.89
N LEU D 135 33.49 10.83 -18.30
CA LEU D 135 33.09 11.90 -17.39
C LEU D 135 31.77 12.48 -17.87
N GLN D 136 30.70 12.25 -17.11
CA GLN D 136 29.38 12.79 -17.39
C GLN D 136 29.20 14.04 -16.54
N ALA D 137 29.21 15.21 -17.19
CA ALA D 137 29.09 16.49 -16.52
C ALA D 137 27.77 17.15 -16.90
N ASN D 138 26.94 17.45 -15.90
CA ASN D 138 25.65 18.07 -16.14
C ASN D 138 25.57 19.49 -15.62
N CYS D 139 26.68 20.05 -15.14
CA CYS D 139 26.74 21.46 -14.77
C CYS D 139 28.20 21.89 -14.82
N TYR D 140 28.41 23.21 -14.84
CA TYR D 140 29.75 23.75 -14.95
C TYR D 140 30.61 23.43 -13.73
N GLU D 141 29.99 23.15 -12.59
CA GLU D 141 30.75 22.84 -11.38
C GLU D 141 31.28 21.41 -11.38
N GLU D 142 30.72 20.52 -12.20
CA GLU D 142 31.13 19.14 -12.26
C GLU D 142 32.24 18.90 -13.28
N VAL D 143 32.71 19.92 -13.97
CA VAL D 143 33.66 19.73 -15.04
C VAL D 143 34.84 20.70 -14.92
N LYS D 144 34.62 21.82 -14.23
CA LYS D 144 35.64 22.86 -14.20
C LYS D 144 36.79 22.54 -13.26
N ASP D 145 36.58 21.67 -12.27
CA ASP D 145 37.56 21.44 -11.23
C ASP D 145 38.53 20.33 -11.66
N ARG D 146 39.82 20.59 -11.50
CA ARG D 146 40.82 19.59 -11.84
C ARG D 146 40.72 18.34 -10.98
N CYS D 147 40.28 18.49 -9.72
CA CYS D 147 40.17 17.33 -8.84
C CYS D 147 38.98 16.45 -9.21
N THR D 148 38.01 16.97 -9.96
CA THR D 148 36.93 16.13 -10.46
C THR D 148 37.42 15.17 -11.53
N LEU D 149 38.29 15.64 -12.42
CA LEU D 149 38.87 14.77 -13.42
C LEU D 149 39.84 13.77 -12.79
N ALA D 150 40.63 14.22 -11.82
CA ALA D 150 41.60 13.34 -11.18
C ALA D 150 40.91 12.23 -10.42
N GLU D 151 39.74 12.51 -9.85
CA GLU D 151 38.98 11.47 -9.16
C GLU D 151 38.49 10.40 -10.13
N LYS D 152 38.10 10.81 -11.34
CA LYS D 152 37.63 9.86 -12.33
C LYS D 152 38.77 9.05 -12.92
N LEU D 153 39.97 9.63 -12.99
CA LEU D 153 41.11 8.94 -13.59
C LEU D 153 41.60 7.81 -12.69
N GLY D 154 41.87 8.11 -11.42
CA GLY D 154 42.39 7.11 -10.52
C GLY D 154 42.06 7.33 -9.06
N GLY D 155 41.10 8.20 -8.78
CA GLY D 155 40.71 8.44 -7.40
C GLY D 155 41.76 9.24 -6.67
N SER D 156 42.11 8.78 -5.47
CA SER D 156 43.09 9.48 -4.64
C SER D 156 44.52 9.10 -5.00
N ALA D 157 44.71 8.09 -5.85
CA ALA D 157 46.07 7.73 -6.26
C ALA D 157 46.69 8.79 -7.16
N VAL D 158 45.87 9.59 -7.82
CA VAL D 158 46.37 10.63 -8.71
C VAL D 158 47.00 11.75 -7.87
N ILE D 159 48.29 11.96 -8.06
CA ILE D 159 49.01 12.99 -7.33
C ILE D 159 49.34 14.20 -8.20
N SER D 160 49.29 14.08 -9.53
CA SER D 160 49.59 15.18 -10.41
C SER D 160 48.69 15.08 -11.64
N LEU D 161 48.40 16.23 -12.24
CA LEU D 161 47.57 16.31 -13.43
C LEU D 161 48.14 17.36 -14.36
N GLU D 162 48.49 16.96 -15.57
CA GLU D 162 49.07 17.87 -16.57
C GLU D 162 50.37 18.49 -16.07
N GLY D 163 51.15 17.72 -15.32
CA GLY D 163 52.42 18.20 -14.82
C GLY D 163 52.35 19.16 -13.67
N LYS D 164 51.19 19.25 -13.01
CA LYS D 164 51.02 20.15 -11.88
C LYS D 164 50.35 19.40 -10.73
N PRO D 165 50.87 19.54 -9.51
CA PRO D 165 50.26 18.85 -8.37
C PRO D 165 48.86 19.37 -8.09
N LEU D 166 48.01 18.48 -7.57
CA LEU D 166 46.63 18.82 -7.28
C LEU D 166 46.52 19.76 -6.08
N ALA E 2 30.59 -38.34 18.54
CA ALA E 2 31.04 -39.01 19.76
C ALA E 2 29.88 -39.23 20.72
N SER E 3 29.38 -40.47 20.75
CA SER E 3 28.26 -40.82 21.60
C SER E 3 28.67 -41.44 22.93
N GLY E 4 29.96 -41.72 23.11
CA GLY E 4 30.42 -42.36 24.32
C GLY E 4 30.16 -43.84 24.42
N VAL E 5 29.72 -44.48 23.35
CA VAL E 5 29.48 -45.92 23.38
C VAL E 5 30.80 -46.66 23.39
N ALA E 6 30.96 -47.57 24.34
CA ALA E 6 32.20 -48.29 24.53
C ALA E 6 32.19 -49.62 23.76
N VAL E 7 33.37 -50.18 23.58
CA VAL E 7 33.55 -51.48 22.95
C VAL E 7 33.74 -52.52 24.04
N SER E 8 32.92 -53.56 24.02
CA SER E 8 33.02 -54.59 25.03
C SER E 8 34.31 -55.38 24.88
N ASP E 9 34.69 -56.07 25.95
CA ASP E 9 35.90 -56.90 25.91
C ASP E 9 35.70 -58.14 25.06
N GLY E 10 34.44 -58.57 24.87
CA GLY E 10 34.18 -59.68 23.97
C GLY E 10 34.47 -59.35 22.53
N VAL E 11 34.28 -58.09 22.14
CA VAL E 11 34.60 -57.66 20.78
C VAL E 11 36.10 -57.49 20.61
N ILE E 12 36.78 -56.95 21.62
CA ILE E 12 38.23 -56.78 21.53
C ILE E 12 38.94 -58.13 21.46
N LYS E 13 38.44 -59.12 22.21
CA LYS E 13 39.04 -60.45 22.16
C LYS E 13 38.84 -61.10 20.80
N VAL E 14 37.65 -60.96 20.22
CA VAL E 14 37.38 -61.54 18.91
C VAL E 14 38.23 -60.87 17.85
N PHE E 15 38.41 -59.55 17.94
CA PHE E 15 39.22 -58.85 16.95
C PHE E 15 40.68 -59.25 17.05
N ASN E 16 41.21 -59.37 18.27
CA ASN E 16 42.60 -59.77 18.44
C ASN E 16 42.84 -61.18 17.94
N ASP E 17 41.86 -62.06 18.08
CA ASP E 17 41.98 -63.42 17.57
C ASP E 17 41.88 -63.47 16.05
N MET E 18 41.13 -62.57 15.44
CA MET E 18 41.02 -62.51 13.98
C MET E 18 42.23 -61.87 13.33
N LYS E 19 42.85 -60.88 13.96
CA LYS E 19 43.94 -60.16 13.32
C LYS E 19 45.19 -61.03 13.21
N VAL E 20 45.78 -61.39 14.34
CA VAL E 20 47.01 -62.16 14.38
C VAL E 20 46.66 -63.65 14.38
N ARG E 21 47.22 -64.39 13.44
CA ARG E 21 47.03 -65.83 13.34
C ARG E 21 48.14 -66.54 14.12
N LYS E 22 47.74 -67.39 15.04
CA LYS E 22 48.69 -68.18 15.83
C LYS E 22 48.85 -69.56 15.24
N SER E 23 50.03 -70.14 15.42
CA SER E 23 50.29 -71.49 14.97
C SER E 23 49.38 -72.46 15.72
N SER E 24 48.51 -73.14 14.98
CA SER E 24 47.49 -73.98 15.58
C SER E 24 47.27 -75.22 14.72
N THR E 25 46.68 -76.24 15.35
CA THR E 25 46.31 -77.45 14.64
C THR E 25 45.24 -77.13 13.58
N PRO E 26 45.17 -77.91 12.50
CA PRO E 26 44.12 -77.68 11.50
C PRO E 26 42.71 -77.66 12.07
N GLU E 27 42.49 -78.21 13.25
CA GLU E 27 41.17 -78.16 13.87
C GLU E 27 40.86 -76.75 14.38
N GLU E 28 41.86 -76.09 14.98
CA GLU E 28 41.65 -74.73 15.46
C GLU E 28 41.66 -73.74 14.30
N VAL E 29 42.27 -74.10 13.18
CA VAL E 29 42.25 -73.24 12.00
C VAL E 29 40.84 -73.19 11.43
N LYS E 30 40.10 -74.30 11.52
CA LYS E 30 38.72 -74.33 11.06
C LYS E 30 37.79 -73.51 11.95
N LYS E 31 38.20 -73.21 13.17
CA LYS E 31 37.40 -72.41 14.09
C LYS E 31 37.70 -70.93 14.00
N ARG E 32 38.63 -70.52 13.15
CA ARG E 32 38.87 -69.10 12.93
C ARG E 32 37.66 -68.46 12.27
N LYS E 33 37.43 -67.19 12.59
CA LYS E 33 36.28 -66.47 12.11
C LYS E 33 36.59 -65.82 10.76
N LYS E 34 35.73 -66.09 9.77
CA LYS E 34 35.86 -65.44 8.47
C LYS E 34 35.15 -64.09 8.46
N ALA E 35 33.99 -64.01 9.09
CA ALA E 35 33.24 -62.77 9.21
C ALA E 35 32.48 -62.78 10.52
N VAL E 36 32.21 -61.59 11.06
CA VAL E 36 31.54 -61.48 12.35
C VAL E 36 30.84 -60.12 12.39
N LEU E 37 29.65 -60.10 12.98
CA LEU E 37 28.85 -58.89 13.10
C LEU E 37 28.88 -58.36 14.53
N PHE E 38 28.85 -57.04 14.66
CA PHE E 38 28.76 -56.38 15.95
C PHE E 38 27.51 -55.52 15.99
N CYS E 39 26.86 -55.47 17.16
CA CYS E 39 25.66 -54.68 17.34
C CYS E 39 25.71 -53.99 18.69
N LEU E 40 24.72 -53.14 18.93
CA LEU E 40 24.57 -52.49 20.21
C LEU E 40 23.93 -53.43 21.22
N SER E 41 24.28 -53.24 22.49
CA SER E 41 23.62 -53.99 23.54
C SER E 41 22.20 -53.47 23.75
N GLU E 42 21.46 -54.16 24.63
CA GLU E 42 20.07 -53.77 24.89
C GLU E 42 19.99 -52.37 25.48
N ASP E 43 20.90 -52.05 26.41
CA ASP E 43 20.95 -50.71 27.00
C ASP E 43 21.71 -49.71 26.13
N LYS E 44 22.21 -50.15 24.97
CA LYS E 44 22.90 -49.28 24.01
C LYS E 44 24.14 -48.62 24.63
N LYS E 45 24.78 -49.30 25.57
CA LYS E 45 25.98 -48.78 26.20
C LYS E 45 27.27 -49.37 25.65
N ASN E 46 27.19 -50.53 25.00
CA ASN E 46 28.39 -51.21 24.51
C ASN E 46 28.14 -51.74 23.11
N ILE E 47 29.23 -51.90 22.36
CA ILE E 47 29.21 -52.67 21.13
C ILE E 47 29.54 -54.11 21.49
N ILE E 48 28.62 -55.03 21.18
CA ILE E 48 28.76 -56.43 21.55
C ILE E 48 28.75 -57.29 20.28
N LEU E 49 29.01 -58.58 20.48
CA LEU E 49 28.95 -59.55 19.40
C LEU E 49 27.51 -59.98 19.17
N GLU E 50 27.04 -59.85 17.95
CA GLU E 50 25.72 -60.38 17.58
C GLU E 50 25.80 -61.90 17.54
N GLU E 51 25.11 -62.56 18.47
CA GLU E 51 25.26 -64.00 18.63
C GLU E 51 24.70 -64.75 17.42
N GLY E 52 25.47 -65.73 16.95
CA GLY E 52 25.06 -66.57 15.84
C GLY E 52 25.35 -66.02 14.47
N LYS E 53 25.71 -64.74 14.37
CA LYS E 53 25.97 -64.10 13.08
C LYS E 53 27.47 -64.06 12.85
N GLU E 54 28.00 -65.17 12.35
CA GLU E 54 29.42 -65.27 12.07
C GLU E 54 29.66 -66.38 11.06
N ILE E 55 30.76 -66.26 10.32
CA ILE E 55 31.19 -67.27 9.36
C ILE E 55 32.55 -67.78 9.83
N LEU E 56 32.69 -69.09 9.92
CA LEU E 56 33.95 -69.71 10.31
C LEU E 56 34.73 -70.10 9.06
N VAL E 57 36.06 -70.13 9.20
CA VAL E 57 36.91 -70.52 8.09
C VAL E 57 36.66 -71.97 7.69
N GLY E 58 36.33 -72.81 8.67
CA GLY E 58 36.04 -74.20 8.37
C GLY E 58 34.76 -74.38 7.58
N ASP E 59 33.87 -73.39 7.64
CA ASP E 59 32.64 -73.47 6.87
C ASP E 59 32.88 -73.14 5.40
N VAL E 60 33.92 -72.36 5.11
CA VAL E 60 34.20 -71.98 3.73
C VAL E 60 34.72 -73.18 2.97
N GLY E 61 34.10 -73.44 1.82
CA GLY E 61 34.41 -74.61 1.02
C GLY E 61 33.54 -75.82 1.29
N GLN E 62 32.63 -75.73 2.27
CA GLN E 62 31.73 -76.84 2.59
C GLN E 62 30.29 -76.36 2.57
N THR E 63 29.80 -75.91 3.73
CA THR E 63 28.45 -75.37 3.79
C THR E 63 28.36 -74.01 3.10
N VAL E 64 29.48 -73.30 3.02
CA VAL E 64 29.53 -71.97 2.45
C VAL E 64 30.34 -72.03 1.15
N ASP E 65 29.72 -71.65 0.04
CA ASP E 65 30.42 -71.64 -1.23
C ASP E 65 31.14 -70.32 -1.47
N ASP E 66 30.42 -69.20 -1.40
CA ASP E 66 31.02 -67.88 -1.49
C ASP E 66 30.87 -67.17 -0.15
N PRO E 67 31.95 -66.94 0.60
CA PRO E 67 31.81 -66.37 1.94
C PRO E 67 31.30 -64.95 1.95
N TYR E 68 31.51 -64.18 0.88
CA TYR E 68 31.04 -62.79 0.89
C TYR E 68 29.56 -62.70 0.58
N ALA E 69 29.02 -63.65 -0.19
CA ALA E 69 27.59 -63.62 -0.49
C ALA E 69 26.76 -64.00 0.75
N THR E 70 27.21 -65.01 1.49
CA THR E 70 26.49 -65.41 2.69
C THR E 70 26.69 -64.40 3.82
N PHE E 71 27.79 -63.66 3.78
CA PHE E 71 28.00 -62.60 4.77
C PHE E 71 27.02 -61.47 4.55
N VAL E 72 26.80 -61.08 3.29
CA VAL E 72 25.86 -60.01 2.98
C VAL E 72 24.45 -60.40 3.38
N LYS E 73 24.12 -61.69 3.31
CA LYS E 73 22.80 -62.15 3.73
C LYS E 73 22.59 -62.00 5.23
N MET E 74 23.66 -62.01 6.03
CA MET E 74 23.53 -61.85 7.47
C MET E 74 23.19 -60.43 7.87
N LEU E 75 23.38 -59.46 7.00
CA LEU E 75 23.12 -58.07 7.34
C LEU E 75 21.61 -57.83 7.41
N PRO E 76 21.12 -57.22 8.48
CA PRO E 76 19.67 -56.95 8.57
C PRO E 76 19.24 -55.89 7.58
N ASP E 77 17.98 -55.98 7.14
CA ASP E 77 17.48 -55.08 6.11
C ASP E 77 17.17 -53.70 6.68
N LYS E 78 16.70 -53.64 7.91
CA LYS E 78 16.26 -52.40 8.52
C LYS E 78 16.93 -52.17 9.87
N ASP E 79 18.23 -52.39 9.94
CA ASP E 79 18.98 -52.16 11.17
C ASP E 79 20.45 -51.97 10.83
N CYS E 80 21.13 -51.14 11.61
CA CYS E 80 22.53 -50.88 11.39
C CYS E 80 23.40 -51.93 12.08
N ARG E 81 24.63 -52.07 11.59
CA ARG E 81 25.50 -53.12 12.09
C ARG E 81 26.95 -52.76 11.78
N TYR E 82 27.86 -53.21 12.64
CA TYR E 82 29.29 -53.22 12.35
C TYR E 82 29.69 -54.63 11.96
N ALA E 83 30.63 -54.73 11.04
CA ALA E 83 31.04 -56.03 10.53
C ALA E 83 32.55 -56.08 10.39
N LEU E 84 33.10 -57.27 10.57
CA LEU E 84 34.52 -57.54 10.38
C LEU E 84 34.63 -58.68 9.39
N TYR E 85 35.14 -58.40 8.20
CA TYR E 85 35.27 -59.40 7.15
C TYR E 85 36.74 -59.61 6.82
N ASP E 86 37.17 -60.87 6.83
CA ASP E 86 38.56 -61.22 6.52
C ASP E 86 38.62 -61.57 5.04
N ALA E 87 39.07 -60.61 4.23
CA ALA E 87 39.05 -60.74 2.78
C ALA E 87 40.30 -61.44 2.29
N THR E 88 40.12 -62.50 1.51
CA THR E 88 41.20 -63.19 0.82
C THR E 88 41.10 -62.84 -0.65
N TYR E 89 42.01 -62.02 -1.14
CA TYR E 89 41.99 -61.57 -2.51
C TYR E 89 43.40 -61.62 -3.09
N GLU E 90 43.48 -61.41 -4.40
CA GLU E 90 44.74 -61.52 -5.12
C GLU E 90 44.84 -60.36 -6.10
N THR E 91 45.95 -59.63 -6.03
CA THR E 91 46.23 -58.59 -7.00
C THR E 91 47.11 -59.15 -8.11
N LYS E 92 47.72 -58.26 -8.90
CA LYS E 92 48.50 -58.71 -10.03
C LYS E 92 49.86 -59.24 -9.60
N GLU E 93 50.30 -58.92 -8.38
CA GLU E 93 51.64 -59.27 -7.94
C GLU E 93 51.70 -59.74 -6.49
N SER E 94 50.57 -60.10 -5.89
CA SER E 94 50.57 -60.59 -4.52
C SER E 94 49.22 -61.20 -4.19
N LYS E 95 49.23 -62.20 -3.34
CA LYS E 95 48.01 -62.76 -2.75
C LYS E 95 47.87 -62.21 -1.34
N LYS E 96 46.77 -61.51 -1.08
CA LYS E 96 46.60 -60.74 0.13
C LYS E 96 45.50 -61.33 1.01
N GLU E 97 45.59 -61.04 2.31
CA GLU E 97 44.59 -61.42 3.29
C GLU E 97 44.47 -60.27 4.29
N ASP E 98 43.43 -59.45 4.13
CA ASP E 98 43.27 -58.24 4.92
C ASP E 98 41.90 -58.21 5.57
N LEU E 99 41.85 -57.61 6.77
CA LEU E 99 40.60 -57.39 7.46
C LEU E 99 39.92 -56.14 6.93
N VAL E 100 38.61 -56.23 6.73
CA VAL E 100 37.80 -55.12 6.24
C VAL E 100 36.77 -54.78 7.30
N PHE E 101 36.78 -53.54 7.77
CA PHE E 101 35.72 -53.05 8.64
C PHE E 101 34.58 -52.54 7.78
N ILE E 102 33.37 -53.02 8.06
CA ILE E 102 32.20 -52.70 7.27
C ILE E 102 31.17 -52.03 8.17
N PHE E 103 30.80 -50.80 7.81
CA PHE E 103 29.74 -50.07 8.47
C PHE E 103 28.47 -50.25 7.64
N TRP E 104 27.53 -51.02 8.15
CA TRP E 104 26.26 -51.27 7.47
C TRP E 104 25.20 -50.38 8.10
N ALA E 105 24.73 -49.39 7.34
CA ALA E 105 23.72 -48.44 7.80
C ALA E 105 22.71 -48.23 6.68
N PRO E 106 21.77 -49.15 6.51
CA PRO E 106 20.80 -49.02 5.41
C PRO E 106 19.87 -47.84 5.62
N GLU E 107 19.40 -47.29 4.50
CA GLU E 107 18.46 -46.17 4.55
C GLU E 107 17.16 -46.57 5.23
N SER E 108 16.78 -47.85 5.15
CA SER E 108 15.56 -48.32 5.77
C SER E 108 15.66 -48.43 7.29
N ALA E 109 16.87 -48.36 7.85
CA ALA E 109 17.03 -48.45 9.28
C ALA E 109 16.41 -47.23 9.97
N PRO E 110 15.95 -47.38 11.21
CA PRO E 110 15.38 -46.24 11.92
C PRO E 110 16.42 -45.16 12.17
N LEU E 111 15.93 -43.93 12.30
CA LEU E 111 16.82 -42.78 12.46
C LEU E 111 17.66 -42.88 13.73
N LYS E 112 17.11 -43.50 14.78
CA LYS E 112 17.85 -43.60 16.04
C LYS E 112 19.03 -44.55 15.91
N SER E 113 18.87 -45.63 15.16
CA SER E 113 19.97 -46.57 14.96
C SER E 113 21.08 -45.96 14.11
N LYS E 114 20.71 -45.28 13.02
CA LYS E 114 21.70 -44.68 12.15
C LYS E 114 22.51 -43.62 12.88
N MET E 115 21.87 -42.88 13.78
CA MET E 115 22.57 -41.81 14.49
C MET E 115 23.57 -42.37 15.50
N ILE E 116 23.19 -43.43 16.23
CA ILE E 116 24.05 -43.96 17.28
C ILE E 116 25.22 -44.74 16.66
N TYR E 117 24.96 -45.48 15.59
CA TYR E 117 26.05 -46.24 14.96
C TYR E 117 27.03 -45.32 14.25
N ALA E 118 26.56 -44.23 13.65
CA ALA E 118 27.47 -43.32 12.96
C ALA E 118 28.28 -42.48 13.94
N SER E 119 27.66 -42.02 15.02
CA SER E 119 28.37 -41.19 15.98
C SER E 119 29.30 -41.99 16.89
N SER E 120 29.21 -43.31 16.90
CA SER E 120 30.12 -44.15 17.67
C SER E 120 31.04 -44.98 16.81
N LYS E 121 31.03 -44.76 15.48
CA LYS E 121 31.86 -45.57 14.60
C LYS E 121 33.33 -45.23 14.73
N ASP E 122 33.67 -43.94 14.80
CA ASP E 122 35.06 -43.55 14.86
C ASP E 122 35.73 -43.91 16.19
N ALA E 123 34.96 -44.27 17.21
CA ALA E 123 35.52 -44.71 18.48
C ALA E 123 35.80 -46.20 18.51
N ILE E 124 34.95 -47.01 17.89
CA ILE E 124 35.23 -48.45 17.84
C ILE E 124 36.35 -48.73 16.84
N LYS E 125 36.42 -47.97 15.75
CA LYS E 125 37.48 -48.20 14.78
C LYS E 125 38.84 -47.80 15.30
N LYS E 126 38.90 -46.91 16.30
CA LYS E 126 40.18 -46.58 16.94
C LYS E 126 40.64 -47.69 17.88
N LYS E 127 39.71 -48.46 18.43
CA LYS E 127 40.09 -49.59 19.29
C LYS E 127 40.56 -50.78 18.47
N LEU E 128 40.09 -50.92 17.24
CA LEU E 128 40.48 -52.02 16.36
C LEU E 128 41.66 -51.57 15.49
N THR E 129 42.82 -51.48 16.14
CA THR E 129 44.01 -50.97 15.46
C THR E 129 44.52 -51.98 14.45
N GLY E 130 44.98 -51.47 13.31
CA GLY E 130 45.56 -52.30 12.27
C GLY E 130 44.67 -52.55 11.08
N ILE E 131 43.40 -52.16 11.14
CA ILE E 131 42.50 -52.31 10.00
C ILE E 131 42.77 -51.19 9.01
N LYS E 132 43.01 -51.55 7.75
CA LYS E 132 43.36 -50.58 6.72
C LYS E 132 42.28 -50.45 5.66
N HIS E 133 41.19 -51.20 5.75
CA HIS E 133 40.11 -51.13 4.77
C HIS E 133 38.80 -50.87 5.49
N GLU E 134 38.01 -49.94 4.95
CA GLU E 134 36.74 -49.55 5.54
C GLU E 134 35.71 -49.42 4.43
N LEU E 135 34.57 -50.06 4.61
CA LEU E 135 33.48 -50.04 3.63
C LEU E 135 32.23 -49.50 4.31
N GLN E 136 31.82 -48.30 3.91
CA GLN E 136 30.59 -47.67 4.40
C GLN E 136 29.48 -47.95 3.39
N ALA E 137 28.53 -48.80 3.77
CA ALA E 137 27.44 -49.19 2.89
C ALA E 137 26.12 -48.65 3.46
N ASN E 138 25.41 -47.86 2.66
CA ASN E 138 24.16 -47.27 3.09
C ASN E 138 22.95 -47.83 2.32
N CYS E 139 23.16 -48.83 1.48
CA CYS E 139 22.07 -49.53 0.84
C CYS E 139 22.55 -50.91 0.42
N TYR E 140 21.61 -51.79 0.11
CA TYR E 140 21.96 -53.16 -0.24
C TYR E 140 22.74 -53.25 -1.54
N GLU E 141 22.62 -52.25 -2.41
CA GLU E 141 23.34 -52.27 -3.67
C GLU E 141 24.81 -51.89 -3.52
N GLU E 142 25.19 -51.24 -2.43
CA GLU E 142 26.56 -50.83 -2.19
C GLU E 142 27.38 -51.88 -1.46
N VAL E 143 26.80 -53.02 -1.14
CA VAL E 143 27.50 -54.01 -0.31
C VAL E 143 27.40 -55.40 -0.94
N LYS E 144 26.38 -55.63 -1.75
CA LYS E 144 26.13 -56.97 -2.26
C LYS E 144 27.08 -57.38 -3.38
N ASP E 145 27.67 -56.42 -4.08
CA ASP E 145 28.46 -56.71 -5.26
C ASP E 145 29.91 -56.97 -4.88
N ARG E 146 30.46 -58.07 -5.42
CA ARG E 146 31.85 -58.42 -5.14
C ARG E 146 32.81 -57.37 -5.68
N CYS E 147 32.47 -56.70 -6.78
CA CYS E 147 33.36 -55.70 -7.35
C CYS E 147 33.37 -54.42 -6.53
N THR E 148 32.38 -54.20 -5.67
CA THR E 148 32.42 -53.07 -4.76
C THR E 148 33.46 -53.27 -3.67
N LEU E 149 33.56 -54.49 -3.14
CA LEU E 149 34.60 -54.79 -2.16
C LEU E 149 35.98 -54.78 -2.81
N ALA E 150 36.09 -55.32 -4.02
CA ALA E 150 37.39 -55.38 -4.69
C ALA E 150 37.90 -53.98 -5.02
N GLU E 151 37.00 -53.05 -5.31
CA GLU E 151 37.42 -51.67 -5.55
C GLU E 151 37.98 -51.04 -4.30
N LYS E 152 37.39 -51.35 -3.13
CA LYS E 152 37.87 -50.78 -1.89
C LYS E 152 39.19 -51.42 -1.45
N LEU E 153 39.42 -52.68 -1.82
CA LEU E 153 40.63 -53.37 -1.39
C LEU E 153 41.85 -52.84 -2.14
N GLY E 154 41.78 -52.80 -3.46
CA GLY E 154 42.93 -52.35 -4.24
C GLY E 154 42.58 -51.76 -5.58
N GLY E 155 41.31 -51.39 -5.77
CA GLY E 155 40.92 -50.78 -7.04
C GLY E 155 40.89 -51.78 -8.16
N SER E 156 41.49 -51.42 -9.29
CA SER E 156 41.51 -52.28 -10.46
C SER E 156 42.65 -53.30 -10.42
N ALA E 157 43.56 -53.18 -9.46
CA ALA E 157 44.64 -54.15 -9.33
C ALA E 157 44.13 -55.51 -8.86
N VAL E 158 42.98 -55.53 -8.19
CA VAL E 158 42.41 -56.77 -7.68
C VAL E 158 41.90 -57.59 -8.86
N ILE E 159 42.47 -58.77 -9.05
CA ILE E 159 42.06 -59.66 -10.14
C ILE E 159 41.26 -60.85 -9.65
N SER E 160 41.31 -61.17 -8.36
CA SER E 160 40.56 -62.29 -7.82
C SER E 160 40.10 -61.95 -6.41
N LEU E 161 38.99 -62.55 -6.00
CA LEU E 161 38.42 -62.33 -4.68
C LEU E 161 37.88 -63.66 -4.17
N GLU E 162 38.39 -64.10 -3.02
CA GLU E 162 37.99 -65.37 -2.40
C GLU E 162 38.23 -66.55 -3.35
N GLY E 163 39.34 -66.48 -4.09
CA GLY E 163 39.70 -67.57 -4.98
C GLY E 163 38.89 -67.65 -6.25
N LYS E 164 38.15 -66.60 -6.61
CA LYS E 164 37.35 -66.60 -7.82
C LYS E 164 37.58 -65.30 -8.57
N PRO E 165 37.79 -65.37 -9.89
CA PRO E 165 38.02 -64.15 -10.66
C PRO E 165 36.78 -63.26 -10.68
N LEU E 166 37.02 -61.96 -10.78
CA LEU E 166 35.94 -60.99 -10.77
C LEU E 166 35.14 -61.03 -12.07
N ALA F 5 -55.02 14.54 -35.68
CA ALA F 5 -55.39 15.63 -34.79
C ALA F 5 -55.38 15.18 -33.34
N ALA F 6 -54.26 15.42 -32.65
CA ALA F 6 -54.09 14.98 -31.28
C ALA F 6 -54.64 16.01 -30.30
N LEU F 7 -54.98 15.55 -29.11
CA LEU F 7 -55.45 16.39 -28.03
C LEU F 7 -54.34 16.56 -27.00
N VAL F 8 -54.23 17.76 -26.45
CA VAL F 8 -53.25 18.08 -25.42
C VAL F 8 -54.01 18.55 -24.20
N VAL F 9 -53.86 17.82 -23.09
CA VAL F 9 -54.55 18.13 -21.85
C VAL F 9 -53.50 18.38 -20.77
N ASP F 10 -53.48 19.60 -20.24
CA ASP F 10 -52.60 19.97 -19.13
C ASP F 10 -53.44 20.00 -17.87
N ASN F 11 -53.31 18.96 -17.05
CA ASN F 11 -54.10 18.83 -15.83
C ASN F 11 -53.43 19.61 -14.71
N GLY F 12 -53.89 20.82 -14.48
CA GLY F 12 -53.33 21.64 -13.43
C GLY F 12 -54.00 21.41 -12.09
N SER F 13 -53.32 21.84 -11.04
CA SER F 13 -53.85 21.68 -9.69
C SER F 13 -55.15 22.45 -9.48
N GLY F 14 -55.38 23.49 -10.26
CA GLY F 14 -56.59 24.27 -10.11
C GLY F 14 -57.28 24.59 -11.41
N MET F 15 -56.56 24.49 -12.53
CA MET F 15 -57.08 24.86 -13.83
C MET F 15 -56.70 23.80 -14.84
N CYS F 16 -57.67 23.37 -15.65
CA CYS F 16 -57.44 22.39 -16.69
C CYS F 16 -57.31 23.10 -18.02
N LYS F 17 -56.17 22.91 -18.69
CA LYS F 17 -55.90 23.47 -20.00
C LYS F 17 -55.98 22.36 -21.03
N ALA F 18 -56.84 22.53 -22.02
CA ALA F 18 -57.06 21.50 -23.03
C ALA F 18 -57.22 22.15 -24.40
N GLY F 19 -56.77 21.44 -25.42
CA GLY F 19 -56.87 21.95 -26.77
C GLY F 19 -56.37 20.94 -27.77
N PHE F 20 -56.10 21.41 -28.98
CA PHE F 20 -55.69 20.56 -30.08
C PHE F 20 -54.24 20.83 -30.43
N ALA F 21 -53.50 19.76 -30.70
CA ALA F 21 -52.10 19.88 -31.09
C ALA F 21 -51.99 20.67 -32.39
N GLY F 22 -51.09 21.65 -32.40
CA GLY F 22 -50.92 22.54 -33.52
C GLY F 22 -51.48 23.92 -33.33
N ASP F 23 -52.35 24.11 -32.34
CA ASP F 23 -52.89 25.43 -32.03
C ASP F 23 -51.94 26.19 -31.12
N ASP F 24 -52.07 27.52 -31.15
CA ASP F 24 -51.18 28.37 -30.38
C ASP F 24 -51.62 28.48 -28.92
N ALA F 25 -52.90 28.29 -28.64
CA ALA F 25 -53.44 28.44 -27.30
C ALA F 25 -54.41 27.30 -27.03
N PRO F 26 -54.61 26.94 -25.77
CA PRO F 26 -55.61 25.91 -25.45
C PRO F 26 -57.01 26.43 -25.73
N ARG F 27 -57.88 25.52 -26.19
CA ARG F 27 -59.25 25.90 -26.49
C ARG F 27 -60.07 26.10 -25.22
N ALA F 28 -59.86 25.27 -24.21
CA ALA F 28 -60.65 25.28 -22.99
C ALA F 28 -59.75 25.45 -21.79
N VAL F 29 -60.08 26.40 -20.93
CA VAL F 29 -59.41 26.61 -19.66
C VAL F 29 -60.49 26.78 -18.60
N PHE F 30 -60.70 25.76 -17.78
CA PHE F 30 -61.78 25.73 -16.81
C PHE F 30 -61.25 25.22 -15.48
N PRO F 31 -61.95 25.52 -14.38
CA PRO F 31 -61.50 25.04 -13.07
C PRO F 31 -61.65 23.53 -12.96
N SER F 32 -60.62 22.88 -12.40
CA SER F 32 -60.64 21.43 -12.20
C SER F 32 -61.27 21.12 -10.84
N ILE F 33 -62.58 21.32 -10.78
CA ILE F 33 -63.35 21.11 -9.56
C ILE F 33 -64.55 20.24 -9.88
N VAL F 34 -64.96 19.46 -8.89
CA VAL F 34 -66.20 18.68 -8.95
C VAL F 34 -67.06 19.13 -7.78
N GLY F 35 -68.28 19.56 -8.07
CA GLY F 35 -69.20 20.05 -7.05
C GLY F 35 -70.35 19.09 -6.83
N ARG F 36 -70.66 18.87 -5.55
CA ARG F 36 -71.77 18.04 -5.12
C ARG F 36 -72.59 18.79 -4.10
N PRO F 37 -73.90 18.54 -4.05
CA PRO F 37 -74.78 19.34 -3.17
C PRO F 37 -74.39 19.19 -1.71
N ARG F 38 -74.54 20.28 -0.97
CA ARG F 38 -74.16 20.33 0.44
C ARG F 38 -74.95 19.35 1.29
N ASP F 50 -76.45 16.35 -9.37
CA ASP F 50 -75.80 15.74 -8.21
C ASP F 50 -74.28 15.84 -8.30
N SER F 51 -73.78 16.19 -9.49
CA SER F 51 -72.35 16.28 -9.74
C SER F 51 -72.11 17.30 -10.83
N TYR F 52 -71.40 18.38 -10.50
CA TYR F 52 -71.11 19.46 -11.43
C TYR F 52 -69.60 19.60 -11.58
N VAL F 53 -69.16 19.81 -12.81
CA VAL F 53 -67.73 19.87 -13.14
C VAL F 53 -67.43 21.21 -13.79
N GLY F 54 -66.33 21.83 -13.36
CA GLY F 54 -65.80 22.99 -14.06
C GLY F 54 -66.56 24.25 -13.73
N ASP F 55 -66.93 25.00 -14.76
CA ASP F 55 -67.67 26.24 -14.56
C ASP F 55 -69.10 25.97 -14.12
N GLU F 56 -69.62 24.78 -14.39
CA GLU F 56 -70.94 24.40 -13.87
C GLU F 56 -70.93 24.36 -12.35
N ALA F 57 -69.83 23.87 -11.78
CA ALA F 57 -69.74 23.78 -10.32
C ALA F 57 -69.59 25.15 -9.69
N GLN F 58 -69.15 26.15 -10.47
CA GLN F 58 -69.01 27.49 -9.92
C GLN F 58 -70.22 28.34 -10.24
N SER F 59 -71.07 27.90 -11.17
CA SER F 59 -72.27 28.67 -11.48
C SER F 59 -73.33 28.52 -10.39
N LYS F 60 -73.26 27.43 -9.62
CA LYS F 60 -74.23 27.22 -8.55
C LYS F 60 -73.83 27.98 -7.29
N ARG F 61 -72.55 28.30 -7.16
CA ARG F 61 -72.00 29.06 -6.03
C ARG F 61 -72.09 28.28 -4.72
N GLY F 62 -73.06 28.62 -3.87
CA GLY F 62 -73.01 28.20 -2.48
C GLY F 62 -73.86 26.99 -2.14
N ILE F 63 -74.63 26.47 -3.09
CA ILE F 63 -75.46 25.31 -2.79
C ILE F 63 -74.60 24.06 -2.63
N LEU F 64 -73.53 23.95 -3.41
CA LEU F 64 -72.73 22.74 -3.47
C LEU F 64 -71.37 22.94 -2.80
N THR F 65 -70.77 21.83 -2.40
CA THR F 65 -69.41 21.82 -1.86
C THR F 65 -68.44 21.37 -2.95
N LEU F 66 -67.31 22.07 -3.05
CA LEU F 66 -66.36 21.85 -4.13
C LEU F 66 -65.16 21.05 -3.65
N LYS F 67 -64.69 20.15 -4.50
CA LYS F 67 -63.53 19.31 -4.20
C LYS F 67 -62.54 19.39 -5.35
N TYR F 68 -61.25 19.51 -5.01
CA TYR F 68 -60.20 19.46 -6.01
C TYR F 68 -59.66 18.03 -6.07
N PRO F 69 -59.89 17.30 -7.16
CA PRO F 69 -59.35 15.93 -7.24
C PRO F 69 -57.85 15.88 -7.48
N ILE F 70 -57.24 16.97 -7.91
CA ILE F 70 -55.80 17.02 -8.17
C ILE F 70 -55.26 18.27 -7.49
N GLU F 71 -55.56 18.41 -6.20
CA GLU F 71 -55.38 19.66 -5.47
C GLU F 71 -53.94 20.20 -5.45
N HIC F 72 -52.95 19.32 -5.37
CA HIC F 72 -51.56 19.74 -5.32
C HIC F 72 -50.74 19.12 -6.44
O HIC F 72 -49.58 18.76 -6.25
CB HIC F 72 -50.93 19.39 -3.97
CG HIC F 72 -51.60 20.12 -2.85
ND1 HIC F 72 -51.50 21.47 -2.70
CD2 HIC F 72 -52.37 19.61 -1.84
CE1 HIC F 72 -52.19 21.77 -1.64
NE2 HIC F 72 -52.74 20.68 -1.07
CZ HIC F 72 -53.56 20.65 0.11
N GLY F 73 -51.35 19.01 -7.62
CA GLY F 73 -50.67 18.48 -8.78
C GLY F 73 -50.77 16.96 -8.92
N ILE F 74 -50.96 16.28 -7.80
CA ILE F 74 -51.09 14.82 -7.77
C ILE F 74 -52.56 14.47 -7.64
N VAL F 75 -53.04 13.57 -8.51
CA VAL F 75 -54.43 13.13 -8.46
C VAL F 75 -54.65 12.32 -7.18
N THR F 76 -55.60 12.77 -6.37
CA THR F 76 -55.96 12.06 -5.14
C THR F 76 -57.28 11.33 -5.23
N ASN F 77 -58.22 11.80 -6.05
CA ASN F 77 -59.52 11.18 -6.22
C ASN F 77 -59.68 10.82 -7.70
N TRP F 78 -59.50 9.55 -8.02
CA TRP F 78 -59.55 9.11 -9.42
C TRP F 78 -60.96 9.04 -9.97
N ASP F 79 -61.98 8.94 -9.11
CA ASP F 79 -63.35 8.97 -9.61
C ASP F 79 -63.73 10.36 -10.09
N ASP F 80 -63.35 11.40 -9.35
CA ASP F 80 -63.60 12.77 -9.77
C ASP F 80 -62.69 13.19 -10.90
N MET F 81 -61.49 12.61 -11.00
CA MET F 81 -60.60 12.93 -12.10
C MET F 81 -61.14 12.43 -13.42
N GLU F 82 -61.86 11.30 -13.41
CA GLU F 82 -62.51 10.83 -14.63
C GLU F 82 -63.68 11.71 -15.03
N LYS F 83 -64.35 12.32 -14.05
CA LYS F 83 -65.43 13.25 -14.39
C LYS F 83 -64.89 14.50 -15.08
N ILE F 84 -63.70 14.96 -14.67
CA ILE F 84 -63.10 16.13 -15.29
C ILE F 84 -62.63 15.81 -16.69
N TRP F 85 -62.02 14.64 -16.89
CA TRP F 85 -61.58 14.25 -18.22
C TRP F 85 -62.76 14.01 -19.15
N HIS F 86 -63.86 13.45 -18.61
CA HIS F 86 -65.06 13.31 -19.42
C HIS F 86 -65.65 14.65 -19.79
N HIS F 87 -65.66 15.59 -18.84
CA HIS F 87 -66.12 16.94 -19.12
C HIS F 87 -65.21 17.64 -20.12
N THR F 88 -63.90 17.36 -20.03
CA THR F 88 -62.94 17.97 -20.94
C THR F 88 -63.20 17.55 -22.38
N PHE F 89 -63.41 16.26 -22.61
CA PHE F 89 -63.51 15.75 -23.98
C PHE F 89 -64.84 16.14 -24.62
N TYR F 90 -65.94 15.97 -23.90
CA TYR F 90 -67.26 16.09 -24.52
C TYR F 90 -67.86 17.48 -24.41
N ASN F 91 -67.62 18.19 -23.32
CA ASN F 91 -68.22 19.51 -23.12
C ASN F 91 -67.30 20.66 -23.49
N GLU F 92 -66.00 20.51 -23.29
CA GLU F 92 -65.05 21.59 -23.54
C GLU F 92 -64.43 21.49 -24.92
N LEU F 93 -63.76 20.38 -25.21
CA LEU F 93 -63.18 20.18 -26.53
C LEU F 93 -64.22 19.74 -27.56
N ARG F 94 -65.33 19.14 -27.11
CA ARG F 94 -66.44 18.78 -27.98
C ARG F 94 -66.02 17.77 -29.05
N VAL F 95 -65.27 16.76 -28.63
CA VAL F 95 -64.80 15.70 -29.51
C VAL F 95 -65.01 14.37 -28.81
N ALA F 96 -64.94 13.29 -29.59
CA ALA F 96 -64.97 11.95 -29.04
C ALA F 96 -63.53 11.48 -28.80
N PRO F 97 -63.16 11.15 -27.57
CA PRO F 97 -61.75 10.80 -27.29
C PRO F 97 -61.29 9.53 -27.97
N GLU F 98 -62.20 8.69 -28.47
CA GLU F 98 -61.80 7.47 -29.16
C GLU F 98 -61.30 7.72 -30.58
N GLU F 99 -61.31 8.97 -31.04
CA GLU F 99 -60.85 9.32 -32.37
C GLU F 99 -59.55 10.10 -32.38
N HIS F 100 -59.03 10.50 -31.22
CA HIS F 100 -57.85 11.34 -31.17
C HIS F 100 -56.85 10.77 -30.17
N PRO F 101 -55.57 10.75 -30.52
CA PRO F 101 -54.53 10.50 -29.51
C PRO F 101 -54.46 11.67 -28.54
N VAL F 102 -54.17 11.35 -27.28
CA VAL F 102 -54.19 12.33 -26.20
C VAL F 102 -52.81 12.39 -25.56
N LEU F 103 -52.28 13.59 -25.44
CA LEU F 103 -51.06 13.83 -24.69
C LEU F 103 -51.43 14.43 -23.34
N LEU F 104 -51.11 13.70 -22.27
CA LEU F 104 -51.34 14.16 -20.91
C LEU F 104 -50.05 14.71 -20.31
N THR F 105 -50.21 15.55 -19.31
CA THR F 105 -49.08 16.09 -18.56
C THR F 105 -49.20 15.64 -17.10
N GLU F 106 -48.07 15.63 -16.40
CA GLU F 106 -48.03 15.19 -15.02
C GLU F 106 -47.11 16.09 -14.22
N ALA F 107 -47.42 16.23 -12.94
CA ALA F 107 -46.61 17.01 -12.02
C ALA F 107 -45.30 16.29 -11.72
N PRO F 108 -44.28 17.02 -11.28
CA PRO F 108 -43.04 16.36 -10.86
C PRO F 108 -43.26 15.52 -9.62
N LEU F 109 -42.45 14.47 -9.49
CA LEU F 109 -42.54 13.51 -8.38
C LEU F 109 -43.89 12.80 -8.35
N ASN F 110 -44.49 12.61 -9.52
CA ASN F 110 -45.73 11.86 -9.62
C ASN F 110 -45.44 10.37 -9.44
N PRO F 111 -46.06 9.70 -8.48
CA PRO F 111 -45.74 8.28 -8.25
C PRO F 111 -46.08 7.42 -9.46
N LYS F 112 -45.33 6.33 -9.62
CA LYS F 112 -45.48 5.46 -10.78
C LYS F 112 -46.84 4.78 -10.83
N ALA F 113 -47.50 4.59 -9.69
CA ALA F 113 -48.84 4.03 -9.70
C ALA F 113 -49.84 4.98 -10.35
N ASN F 114 -49.61 6.29 -10.24
CA ASN F 114 -50.49 7.26 -10.88
C ASN F 114 -50.29 7.31 -12.39
N ARG F 115 -49.05 7.12 -12.86
CA ARG F 115 -48.82 7.08 -14.30
C ARG F 115 -49.54 5.90 -14.95
N GLU F 116 -49.52 4.74 -14.30
CA GLU F 116 -50.21 3.58 -14.83
C GLU F 116 -51.72 3.73 -14.72
N LYS F 117 -52.20 4.39 -13.67
CA LYS F 117 -53.63 4.62 -13.53
C LYS F 117 -54.14 5.55 -14.62
N MET F 118 -53.37 6.56 -14.99
CA MET F 118 -53.75 7.43 -16.09
C MET F 118 -53.80 6.66 -17.41
N THR F 119 -52.83 5.80 -17.65
CA THR F 119 -52.79 5.03 -18.89
C THR F 119 -53.95 4.05 -18.96
N GLN F 120 -54.32 3.46 -17.83
CA GLN F 120 -55.44 2.52 -17.81
C GLN F 120 -56.76 3.23 -18.06
N ILE F 121 -56.95 4.42 -17.48
CA ILE F 121 -58.20 5.14 -17.65
C ILE F 121 -58.34 5.62 -19.09
N MET F 122 -57.24 6.04 -19.71
CA MET F 122 -57.33 6.57 -21.07
C MET F 122 -57.63 5.48 -22.09
N PHE F 123 -57.12 4.27 -21.89
CA PHE F 123 -57.32 3.21 -22.86
C PHE F 123 -58.59 2.40 -22.61
N GLU F 124 -59.03 2.30 -21.35
CA GLU F 124 -60.18 1.48 -21.01
C GLU F 124 -61.46 2.28 -20.82
N THR F 125 -61.38 3.45 -20.20
CA THR F 125 -62.59 4.25 -20.00
C THR F 125 -62.92 5.09 -21.23
N PHE F 126 -61.92 5.72 -21.84
CA PHE F 126 -62.14 6.60 -22.97
C PHE F 126 -61.76 6.00 -24.31
N ASN F 127 -61.01 4.88 -24.31
CA ASN F 127 -60.68 4.15 -25.52
C ASN F 127 -59.92 5.03 -26.53
N THR F 128 -58.91 5.74 -26.03
CA THR F 128 -58.10 6.55 -26.91
C THR F 128 -57.25 5.65 -27.81
N PRO F 129 -57.09 6.01 -29.09
CA PRO F 129 -56.25 5.16 -29.97
C PRO F 129 -54.78 5.20 -29.58
N ALA F 130 -54.29 6.34 -29.11
CA ALA F 130 -52.91 6.48 -28.68
C ALA F 130 -52.86 7.42 -27.48
N MET F 131 -51.71 7.44 -26.81
CA MET F 131 -51.61 8.15 -25.55
C MET F 131 -50.14 8.43 -25.26
N TYR F 132 -49.90 9.49 -24.49
CA TYR F 132 -48.54 9.88 -24.11
C TYR F 132 -48.60 10.73 -22.87
N VAL F 133 -47.62 10.56 -21.99
CA VAL F 133 -47.50 11.31 -20.75
C VAL F 133 -46.18 12.07 -20.77
N ALA F 134 -46.23 13.36 -20.44
CA ALA F 134 -45.05 14.19 -20.39
C ALA F 134 -45.00 14.91 -19.05
N ILE F 135 -43.78 15.25 -18.61
CA ILE F 135 -43.60 16.02 -17.39
C ILE F 135 -43.78 17.49 -17.70
N GLN F 136 -44.52 18.19 -16.85
CA GLN F 136 -44.87 19.59 -17.11
C GLN F 136 -43.64 20.48 -17.14
N ALA F 137 -42.73 20.30 -16.17
CA ALA F 137 -41.58 21.19 -16.08
C ALA F 137 -40.63 21.01 -17.25
N VAL F 138 -40.50 19.79 -17.77
CA VAL F 138 -39.61 19.56 -18.91
C VAL F 138 -40.16 20.22 -20.16
N LEU F 139 -41.48 20.24 -20.33
CA LEU F 139 -42.08 20.92 -21.47
C LEU F 139 -41.84 22.43 -21.40
N SER F 140 -41.87 23.01 -20.19
CA SER F 140 -41.62 24.43 -20.05
C SER F 140 -40.17 24.78 -20.35
N LEU F 141 -39.23 23.91 -19.95
CA LEU F 141 -37.83 24.19 -20.23
C LEU F 141 -37.53 24.05 -21.72
N TYR F 142 -38.11 23.04 -22.37
CA TYR F 142 -37.93 22.91 -23.81
C TYR F 142 -38.54 24.09 -24.55
N ALA F 143 -39.67 24.60 -24.08
CA ALA F 143 -40.32 25.72 -24.75
C ALA F 143 -39.47 26.98 -24.70
N SER F 144 -38.62 27.12 -23.69
CA SER F 144 -37.70 28.24 -23.61
C SER F 144 -36.42 28.01 -24.40
N GLY F 145 -36.28 26.86 -25.06
CA GLY F 145 -35.08 26.58 -25.82
C GLY F 145 -33.93 26.05 -25.00
N ARG F 146 -34.20 25.29 -23.95
CA ARG F 146 -33.18 24.77 -23.06
C ARG F 146 -33.42 23.30 -22.79
N THR F 147 -32.32 22.57 -22.54
CA THR F 147 -32.39 21.22 -22.02
C THR F 147 -31.83 21.12 -20.61
N THR F 148 -31.13 22.15 -20.14
CA THR F 148 -30.60 22.21 -18.79
C THR F 148 -31.08 23.50 -18.13
N GLY F 149 -31.52 23.40 -16.89
CA GLY F 149 -31.99 24.55 -16.16
C GLY F 149 -32.88 24.11 -15.02
N ILE F 150 -33.35 25.10 -14.27
CA ILE F 150 -34.27 24.86 -13.17
C ILE F 150 -35.55 25.64 -13.45
N VAL F 151 -36.69 24.94 -13.40
CA VAL F 151 -37.98 25.53 -13.68
C VAL F 151 -38.67 25.82 -12.35
N MET F 152 -39.07 27.07 -12.17
CA MET F 152 -39.88 27.47 -11.02
C MET F 152 -41.32 27.57 -11.52
N ASP F 153 -42.08 26.50 -11.30
CA ASP F 153 -43.45 26.39 -11.79
C ASP F 153 -44.40 26.69 -10.63
N SER F 154 -45.00 27.87 -10.65
CA SER F 154 -45.96 28.28 -9.64
C SER F 154 -47.34 28.36 -10.29
N GLY F 155 -48.25 27.48 -9.86
CA GLY F 155 -49.56 27.43 -10.45
C GLY F 155 -50.67 27.90 -9.52
N ASP F 156 -51.68 27.05 -9.32
CA ASP F 156 -52.80 27.39 -8.47
C ASP F 156 -52.70 26.76 -7.09
N GLY F 157 -52.43 25.46 -7.02
CA GLY F 157 -52.38 24.78 -5.75
C GLY F 157 -50.99 24.49 -5.23
N VAL F 158 -49.99 24.50 -6.11
CA VAL F 158 -48.65 24.03 -5.73
C VAL F 158 -47.61 24.82 -6.51
N THR F 159 -46.44 24.97 -5.90
CA THR F 159 -45.26 25.54 -6.55
C THR F 159 -44.15 24.50 -6.52
N HIS F 160 -43.50 24.28 -7.66
CA HIS F 160 -42.39 23.35 -7.77
C HIS F 160 -41.17 24.05 -8.31
N THR F 161 -40.01 23.71 -7.74
CA THR F 161 -38.72 24.07 -8.32
C THR F 161 -38.08 22.78 -8.81
N VAL F 162 -37.94 22.66 -10.13
CA VAL F 162 -37.55 21.41 -10.77
C VAL F 162 -36.25 21.65 -11.52
N PRO F 163 -35.11 21.25 -10.95
CA PRO F 163 -33.85 21.32 -11.70
C PRO F 163 -33.78 20.19 -12.72
N ILE F 164 -33.41 20.54 -13.94
CA ILE F 164 -33.40 19.60 -15.06
C ILE F 164 -32.01 19.63 -15.70
N TYR F 165 -31.44 18.46 -15.91
CA TYR F 165 -30.13 18.34 -16.54
C TYR F 165 -30.25 17.43 -17.76
N GLU F 166 -29.99 17.98 -18.94
CA GLU F 166 -30.02 17.24 -20.21
C GLU F 166 -31.38 16.58 -20.43
N GLY F 167 -32.44 17.30 -20.12
CA GLY F 167 -33.79 16.82 -20.37
C GLY F 167 -34.38 15.91 -19.32
N TYR F 168 -33.67 15.67 -18.22
CA TYR F 168 -34.16 14.79 -17.15
C TYR F 168 -34.23 15.57 -15.85
N ALA F 169 -35.41 15.55 -15.23
CA ALA F 169 -35.57 16.18 -13.92
C ALA F 169 -34.82 15.39 -12.86
N LEU F 170 -34.13 16.12 -11.98
CA LEU F 170 -33.39 15.51 -10.89
C LEU F 170 -34.32 15.33 -9.70
N PRO F 171 -34.82 14.11 -9.46
CA PRO F 171 -35.93 13.96 -8.50
C PRO F 171 -35.53 14.21 -7.06
N HIS F 172 -34.28 13.98 -6.68
CA HIS F 172 -33.87 14.21 -5.31
C HIS F 172 -33.75 15.70 -4.99
N ALA F 173 -33.67 16.55 -6.01
CA ALA F 173 -33.53 17.99 -5.80
C ALA F 173 -34.82 18.76 -6.06
N ILE F 174 -35.90 18.08 -6.45
CA ILE F 174 -37.17 18.74 -6.67
C ILE F 174 -37.79 19.13 -5.33
N LEU F 175 -38.13 20.41 -5.18
CA LEU F 175 -38.77 20.91 -3.97
C LEU F 175 -40.19 21.33 -4.28
N ARG F 176 -41.08 21.09 -3.33
CA ARG F 176 -42.50 21.41 -3.47
C ARG F 176 -42.89 22.43 -2.41
N LEU F 177 -43.68 23.42 -2.82
CA LEU F 177 -44.15 24.47 -1.94
C LEU F 177 -45.66 24.57 -2.10
N ASP F 178 -46.40 24.28 -1.02
CA ASP F 178 -47.86 24.37 -1.04
C ASP F 178 -48.30 25.82 -0.84
N LEU F 179 -47.86 26.66 -1.76
CA LEU F 179 -48.13 28.09 -1.72
C LEU F 179 -48.15 28.59 -3.15
N ALA F 180 -49.33 28.87 -3.68
CA ALA F 180 -49.46 29.35 -5.04
C ALA F 180 -50.60 30.35 -5.16
N GLY F 181 -51.25 30.39 -6.32
CA GLY F 181 -52.24 31.43 -6.58
C GLY F 181 -53.49 31.28 -5.74
N ARG F 182 -53.85 30.04 -5.39
CA ARG F 182 -55.02 29.82 -4.56
C ARG F 182 -54.86 30.44 -3.17
N ASP F 183 -53.65 30.32 -2.60
CA ASP F 183 -53.39 30.92 -1.30
C ASP F 183 -53.29 32.44 -1.39
N LEU F 184 -52.84 32.96 -2.53
CA LEU F 184 -52.77 34.40 -2.72
C LEU F 184 -54.15 35.02 -2.91
N THR F 185 -55.07 34.28 -3.54
CA THR F 185 -56.44 34.77 -3.66
C THR F 185 -57.11 34.85 -2.29
N ASP F 186 -56.92 33.83 -1.45
CA ASP F 186 -57.50 33.84 -0.12
C ASP F 186 -56.89 34.94 0.74
N TYR F 187 -55.60 35.23 0.54
CA TYR F 187 -54.96 36.27 1.31
C TYR F 187 -55.40 37.66 0.86
N LEU F 188 -55.67 37.83 -0.43
CA LEU F 188 -56.18 39.11 -0.91
C LEU F 188 -57.60 39.36 -0.42
N MET F 189 -58.43 38.30 -0.36
CA MET F 189 -59.74 38.43 0.24
C MET F 189 -59.64 38.88 1.69
N LYS F 190 -58.63 38.38 2.40
CA LYS F 190 -58.48 38.68 3.82
C LYS F 190 -58.05 40.11 4.05
N ILE F 191 -57.10 40.61 3.26
CA ILE F 191 -56.60 41.96 3.48
C ILE F 191 -57.46 43.02 2.82
N LEU F 192 -58.36 42.64 1.91
CA LEU F 192 -59.32 43.60 1.38
C LEU F 192 -60.42 43.92 2.38
N THR F 193 -60.61 43.07 3.39
CA THR F 193 -61.56 43.39 4.45
C THR F 193 -61.03 44.45 5.41
N GLU F 194 -59.71 44.70 5.40
CA GLU F 194 -59.17 45.78 6.20
C GLU F 194 -59.52 47.16 5.63
N ARG F 195 -59.93 47.22 4.37
CA ARG F 195 -60.41 48.46 3.77
C ARG F 195 -61.91 48.62 3.86
N GLY F 196 -62.61 47.68 4.49
CA GLY F 196 -64.05 47.75 4.63
C GLY F 196 -64.84 46.96 3.63
N TYR F 197 -64.20 46.29 2.69
CA TYR F 197 -64.90 45.45 1.73
C TYR F 197 -65.11 44.07 2.31
N SER F 198 -66.10 43.35 1.77
CA SER F 198 -66.45 42.03 2.27
C SER F 198 -66.51 41.06 1.09
N PHE F 199 -65.51 40.21 0.98
CA PHE F 199 -65.47 39.13 -0.01
C PHE F 199 -65.36 37.83 0.76
N THR F 200 -66.45 37.06 0.81
CA THR F 200 -66.45 35.83 1.58
C THR F 200 -67.03 34.68 0.77
N THR F 201 -68.00 34.96 -0.09
CA THR F 201 -68.70 33.91 -0.81
C THR F 201 -67.85 33.38 -1.96
N THR F 202 -68.35 32.33 -2.60
CA THR F 202 -67.64 31.72 -3.72
C THR F 202 -67.65 32.63 -4.94
N ALA F 203 -68.76 33.33 -5.17
CA ALA F 203 -68.83 34.26 -6.29
C ALA F 203 -67.92 35.46 -6.08
N GLU F 204 -67.77 35.91 -4.83
CA GLU F 204 -66.87 37.01 -4.53
C GLU F 204 -65.41 36.60 -4.57
N ARG F 205 -65.12 35.30 -4.43
CA ARG F 205 -63.75 34.83 -4.58
C ARG F 205 -63.31 34.91 -6.03
N GLU F 206 -64.23 34.69 -6.98
CA GLU F 206 -63.88 34.83 -8.38
C GLU F 206 -63.65 36.28 -8.76
N ILE F 207 -64.30 37.21 -8.05
CA ILE F 207 -64.05 38.63 -8.27
C ILE F 207 -62.66 39.00 -7.76
N VAL F 208 -62.28 38.49 -6.58
CA VAL F 208 -60.98 38.81 -6.02
C VAL F 208 -59.87 38.20 -6.86
N ARG F 209 -60.09 37.01 -7.42
CA ARG F 209 -59.10 36.43 -8.32
C ARG F 209 -58.91 37.29 -9.56
N ASP F 210 -59.98 37.94 -10.03
CA ASP F 210 -59.85 38.83 -11.18
C ASP F 210 -59.15 40.12 -10.80
N ILE F 211 -59.36 40.61 -9.58
CA ILE F 211 -58.62 41.77 -9.08
C ILE F 211 -57.14 41.44 -8.98
N LYS F 212 -56.83 40.23 -8.51
CA LYS F 212 -55.44 39.82 -8.34
C LYS F 212 -54.70 39.75 -9.67
N GLU F 213 -55.35 39.21 -10.70
CA GLU F 213 -54.71 39.03 -11.99
C GLU F 213 -54.62 40.32 -12.80
N LYS F 214 -55.25 41.40 -12.36
CA LYS F 214 -55.24 42.65 -13.11
C LYS F 214 -54.49 43.78 -12.42
N LEU F 215 -54.48 43.82 -11.10
CA LEU F 215 -53.94 44.97 -10.38
C LEU F 215 -52.76 44.64 -9.46
N CYS F 216 -52.52 43.37 -9.17
CA CYS F 216 -51.43 43.03 -8.26
C CYS F 216 -50.10 42.97 -9.01
N TYR F 217 -49.03 43.30 -8.28
CA TYR F 217 -47.68 43.29 -8.84
C TYR F 217 -46.69 43.06 -7.71
N VAL F 218 -45.49 42.64 -8.07
CA VAL F 218 -44.43 42.37 -7.11
C VAL F 218 -43.57 43.62 -6.99
N ALA F 219 -43.41 44.12 -5.76
CA ALA F 219 -42.57 45.26 -5.51
C ALA F 219 -41.10 44.83 -5.44
N LEU F 220 -40.23 45.63 -6.05
CA LEU F 220 -38.80 45.32 -6.00
C LEU F 220 -38.25 45.48 -4.59
N ASP F 221 -38.64 46.55 -3.90
CA ASP F 221 -38.30 46.76 -2.50
C ASP F 221 -39.62 46.94 -1.75
N PHE F 222 -39.94 45.96 -0.89
CA PHE F 222 -41.27 45.95 -0.27
C PHE F 222 -41.43 47.07 0.75
N GLU F 223 -40.45 47.25 1.63
CA GLU F 223 -40.55 48.28 2.65
C GLU F 223 -40.52 49.67 2.05
N GLN F 224 -39.76 49.88 0.97
CA GLN F 224 -39.78 51.15 0.27
C GLN F 224 -41.11 51.37 -0.42
N GLU F 225 -41.72 50.31 -0.94
CA GLU F 225 -43.02 50.44 -1.59
C GLU F 225 -44.13 50.69 -0.59
N MET F 226 -44.01 50.13 0.62
CA MET F 226 -44.99 50.41 1.66
C MET F 226 -44.94 51.86 2.12
N ALA F 227 -43.76 52.47 2.08
CA ALA F 227 -43.64 53.89 2.42
C ALA F 227 -44.19 54.78 1.31
N THR F 228 -44.00 54.39 0.06
CA THR F 228 -44.56 55.16 -1.06
C THR F 228 -46.08 55.13 -1.04
N ALA F 229 -46.67 53.98 -0.71
CA ALA F 229 -48.12 53.87 -0.68
C ALA F 229 -48.74 54.59 0.50
N ALA F 230 -47.98 54.80 1.57
CA ALA F 230 -48.50 55.46 2.77
C ALA F 230 -48.36 56.97 2.72
N SER F 231 -47.69 57.52 1.71
CA SER F 231 -47.46 58.95 1.62
C SER F 231 -48.19 59.63 0.48
N SER F 232 -48.86 58.86 -0.38
CA SER F 232 -49.57 59.44 -1.51
C SER F 232 -50.65 58.46 -1.95
N SER F 233 -51.20 58.67 -3.16
CA SER F 233 -52.19 57.78 -3.73
C SER F 233 -51.85 57.43 -5.18
N SER F 234 -50.58 57.52 -5.55
CA SER F 234 -50.18 57.19 -6.92
C SER F 234 -50.23 55.70 -7.21
N LEU F 235 -50.33 54.87 -6.17
CA LEU F 235 -50.40 53.42 -6.33
C LEU F 235 -51.83 52.90 -6.23
N GLU F 236 -52.81 53.77 -6.02
CA GLU F 236 -54.19 53.32 -5.86
C GLU F 236 -54.85 53.12 -7.21
N LYS F 237 -55.59 52.03 -7.34
CA LYS F 237 -56.31 51.69 -8.55
C LYS F 237 -57.79 51.45 -8.21
N SER F 238 -58.65 51.76 -9.17
CA SER F 238 -60.06 51.49 -9.03
C SER F 238 -60.43 50.22 -9.80
N TYR F 239 -61.44 49.52 -9.30
CA TYR F 239 -61.91 48.29 -9.91
C TYR F 239 -63.43 48.27 -9.84
N GLU F 240 -64.07 47.96 -10.96
CA GLU F 240 -65.53 47.93 -11.05
C GLU F 240 -66.02 46.51 -10.84
N LEU F 241 -66.92 46.33 -9.88
CA LEU F 241 -67.50 45.03 -9.58
C LEU F 241 -68.55 44.69 -10.64
N PRO F 242 -68.98 43.42 -10.71
CA PRO F 242 -69.98 43.04 -11.72
C PRO F 242 -71.29 43.81 -11.63
N ASP F 243 -71.64 44.32 -10.45
CA ASP F 243 -72.87 45.08 -10.29
C ASP F 243 -72.68 46.58 -10.41
N GLY F 244 -71.53 47.02 -10.93
CA GLY F 244 -71.28 48.42 -11.17
C GLY F 244 -70.62 49.17 -10.04
N GLN F 245 -70.51 48.56 -8.86
CA GLN F 245 -69.86 49.25 -7.74
C GLN F 245 -68.35 49.28 -7.94
N VAL F 246 -67.74 50.40 -7.55
CA VAL F 246 -66.32 50.64 -7.76
C VAL F 246 -65.61 50.59 -6.41
N ILE F 247 -64.59 49.76 -6.31
CA ILE F 247 -63.74 49.70 -5.13
C ILE F 247 -62.36 50.22 -5.51
N THR F 248 -61.62 50.67 -4.51
CA THR F 248 -60.26 51.16 -4.69
C THR F 248 -59.30 50.29 -3.87
N ILE F 249 -58.16 49.98 -4.46
CA ILE F 249 -57.17 49.12 -3.83
C ILE F 249 -55.83 49.85 -3.83
N GLY F 250 -55.14 49.82 -2.70
CA GLY F 250 -53.90 50.55 -2.55
C GLY F 250 -52.68 49.68 -2.41
N ASN F 251 -52.18 49.54 -1.18
CA ASN F 251 -50.98 48.72 -0.97
C ASN F 251 -51.27 47.22 -1.02
N GLU F 252 -52.55 46.83 -1.06
CA GLU F 252 -52.89 45.43 -1.24
C GLU F 252 -52.42 44.91 -2.60
N ARG F 253 -52.11 45.80 -3.54
CA ARG F 253 -51.67 45.38 -4.86
C ARG F 253 -50.34 44.63 -4.79
N PHE F 254 -49.42 45.09 -3.96
CA PHE F 254 -48.13 44.42 -3.83
C PHE F 254 -47.98 43.64 -2.53
N ARG F 255 -48.91 43.78 -1.58
CA ARG F 255 -48.86 42.97 -0.37
C ARG F 255 -49.34 41.55 -0.63
N CYS F 256 -50.22 41.34 -1.61
CA CYS F 256 -50.70 39.99 -1.88
C CYS F 256 -49.63 39.11 -2.50
N PRO F 257 -48.96 39.49 -3.60
CA PRO F 257 -47.89 38.64 -4.12
C PRO F 257 -46.62 38.67 -3.29
N GLU F 258 -46.51 39.56 -2.31
CA GLU F 258 -45.37 39.55 -1.40
C GLU F 258 -45.34 38.30 -0.55
N ALA F 259 -46.48 37.64 -0.36
CA ALA F 259 -46.52 36.38 0.39
C ALA F 259 -45.79 35.26 -0.33
N LEU F 260 -45.50 35.41 -1.62
CA LEU F 260 -44.67 34.44 -2.32
C LEU F 260 -43.24 34.45 -1.82
N PHE F 261 -42.76 35.63 -1.41
CA PHE F 261 -41.40 35.78 -0.91
C PHE F 261 -41.33 35.78 0.61
N GLN F 262 -42.43 36.12 1.29
CA GLN F 262 -42.52 36.08 2.75
C GLN F 262 -43.75 35.26 3.13
N PRO F 263 -43.65 33.93 3.11
CA PRO F 263 -44.80 33.11 3.47
C PRO F 263 -45.28 33.28 4.89
N SER F 264 -44.53 33.99 5.74
CA SER F 264 -44.99 34.27 7.10
C SER F 264 -46.21 35.20 7.11
N PHE F 265 -46.45 35.94 6.02
CA PHE F 265 -47.69 36.69 5.89
C PHE F 265 -48.92 35.80 5.95
N LEU F 266 -48.77 34.53 5.63
CA LEU F 266 -49.84 33.55 5.65
C LEU F 266 -49.77 32.64 6.86
N GLY F 267 -48.84 32.87 7.77
CA GLY F 267 -48.64 31.97 8.88
C GLY F 267 -47.90 30.71 8.55
N MET F 268 -47.18 30.67 7.43
CA MET F 268 -46.44 29.49 7.02
C MET F 268 -44.99 29.60 7.50
N GLU F 269 -44.43 28.46 7.89
CA GLU F 269 -43.02 28.39 8.29
C GLU F 269 -42.09 28.20 7.11
N SER F 270 -42.63 27.95 5.92
CA SER F 270 -41.79 27.58 4.78
C SER F 270 -41.01 28.80 4.27
N ALA F 271 -40.09 28.52 3.37
CA ALA F 271 -39.29 29.54 2.70
C ALA F 271 -40.04 30.09 1.50
N GLY F 272 -39.65 31.28 1.07
CA GLY F 272 -40.22 31.88 -0.11
C GLY F 272 -39.80 31.14 -1.37
N ILE F 273 -40.35 31.60 -2.51
CA ILE F 273 -40.05 30.95 -3.77
C ILE F 273 -38.60 31.18 -4.17
N HIS F 274 -37.99 32.26 -3.70
CA HIS F 274 -36.59 32.52 -4.02
C HIS F 274 -35.66 31.60 -3.24
N GLU F 275 -35.95 31.37 -1.96
CA GLU F 275 -35.14 30.46 -1.16
C GLU F 275 -35.39 29.00 -1.54
N THR F 276 -36.62 28.67 -1.96
CA THR F 276 -36.89 27.32 -2.44
C THR F 276 -36.13 27.04 -3.72
N THR F 277 -36.06 28.01 -4.62
CA THR F 277 -35.26 27.86 -5.83
C THR F 277 -33.78 27.70 -5.49
N PHE F 278 -33.28 28.49 -4.54
CA PHE F 278 -31.90 28.39 -4.14
C PHE F 278 -31.62 27.06 -3.45
N ASN F 279 -32.54 26.59 -2.61
CA ASN F 279 -32.32 25.34 -1.89
C ASN F 279 -32.29 24.13 -2.82
N SER F 280 -33.06 24.17 -3.91
CA SER F 280 -33.06 23.05 -4.84
C SER F 280 -31.84 23.07 -5.75
N ILE F 281 -31.27 24.25 -6.00
CA ILE F 281 -30.01 24.33 -6.73
C ILE F 281 -28.88 23.76 -5.86
N MET F 282 -28.93 24.02 -4.55
CA MET F 282 -27.90 23.53 -3.64
C MET F 282 -28.03 22.03 -3.37
N LYS F 283 -29.11 21.39 -3.78
CA LYS F 283 -29.25 19.96 -3.70
C LYS F 283 -28.75 19.24 -4.94
N CYS F 284 -28.30 19.97 -5.95
CA CYS F 284 -27.74 19.39 -7.16
C CYS F 284 -26.23 19.30 -7.05
N ASP F 285 -25.63 18.59 -8.00
CA ASP F 285 -24.18 18.47 -8.05
C ASP F 285 -23.55 19.85 -8.18
N VAL F 286 -22.43 20.05 -7.48
CA VAL F 286 -21.76 21.33 -7.45
C VAL F 286 -21.31 21.74 -8.85
N ASP F 287 -21.06 20.76 -9.73
CA ASP F 287 -20.55 21.07 -11.06
C ASP F 287 -21.62 21.64 -11.98
N ILE F 288 -22.92 21.44 -11.68
CA ILE F 288 -23.98 21.95 -12.54
C ILE F 288 -24.70 23.14 -11.94
N ARG F 289 -24.31 23.60 -10.74
CA ARG F 289 -25.03 24.69 -10.10
C ARG F 289 -24.83 26.00 -10.85
N LYS F 290 -23.68 26.19 -11.46
CA LYS F 290 -23.43 27.41 -12.22
C LYS F 290 -24.36 27.51 -13.42
N ASP F 291 -24.67 26.37 -14.05
CA ASP F 291 -25.59 26.38 -15.18
C ASP F 291 -27.03 26.62 -14.72
N LEU F 292 -27.38 26.13 -13.52
CA LEU F 292 -28.73 26.33 -13.02
C LEU F 292 -28.97 27.77 -12.58
N TYR F 293 -27.93 28.44 -12.08
CA TYR F 293 -28.07 29.84 -11.70
C TYR F 293 -28.37 30.73 -12.89
N ALA F 294 -27.84 30.37 -14.06
CA ALA F 294 -28.01 31.17 -15.27
C ALA F 294 -29.20 30.74 -16.12
N ASN F 295 -29.91 29.70 -15.72
CA ASN F 295 -31.02 29.16 -16.50
C ASN F 295 -32.22 28.88 -15.59
N THR F 296 -32.61 29.88 -14.81
CA THR F 296 -33.81 29.78 -13.97
C THR F 296 -34.99 30.29 -14.77
N VAL F 297 -35.93 29.39 -15.07
CA VAL F 297 -37.06 29.69 -15.95
C VAL F 297 -38.33 29.69 -15.13
N LEU F 298 -39.13 30.75 -15.28
CA LEU F 298 -40.41 30.85 -14.59
C LEU F 298 -41.52 30.26 -15.45
N SER F 299 -42.51 29.67 -14.79
CA SER F 299 -43.60 28.99 -15.48
C SER F 299 -44.83 29.00 -14.59
N GLY F 300 -45.99 29.12 -15.22
CA GLY F 300 -47.26 29.06 -14.52
C GLY F 300 -47.94 30.42 -14.41
N GLY F 301 -49.20 30.36 -13.96
CA GLY F 301 -50.00 31.57 -13.87
C GLY F 301 -49.57 32.49 -12.74
N THR F 302 -49.06 31.93 -11.65
CA THR F 302 -48.65 32.73 -10.50
C THR F 302 -47.33 33.44 -10.72
N THR F 303 -46.60 33.13 -11.79
CA THR F 303 -45.40 33.86 -12.15
C THR F 303 -45.69 35.02 -13.12
N MET F 304 -46.96 35.36 -13.31
CA MET F 304 -47.34 36.39 -14.27
C MET F 304 -47.43 37.78 -13.66
N TYR F 305 -47.10 37.95 -12.39
CA TYR F 305 -47.11 39.27 -11.78
C TYR F 305 -46.02 40.13 -12.40
N PRO F 306 -46.31 41.37 -12.77
CA PRO F 306 -45.25 42.27 -13.22
C PRO F 306 -44.26 42.54 -12.10
N GLY F 307 -42.98 42.45 -12.44
CA GLY F 307 -41.92 42.67 -11.47
C GLY F 307 -41.45 41.45 -10.71
N ILE F 308 -41.93 40.26 -11.07
CA ILE F 308 -41.53 39.07 -10.31
C ILE F 308 -40.17 38.56 -10.74
N ALA F 309 -39.80 38.76 -12.00
CA ALA F 309 -38.49 38.30 -12.46
C ALA F 309 -37.37 39.17 -11.92
N ASP F 310 -37.60 40.48 -11.83
CA ASP F 310 -36.60 41.37 -11.25
C ASP F 310 -36.48 41.15 -9.74
N ARG F 311 -37.57 40.78 -9.08
CA ARG F 311 -37.50 40.49 -7.66
C ARG F 311 -36.80 39.16 -7.40
N MET F 312 -37.11 38.12 -8.18
CA MET F 312 -36.41 36.85 -8.07
C MET F 312 -34.92 37.02 -8.35
N GLN F 313 -34.59 37.85 -9.35
CA GLN F 313 -33.19 38.12 -9.67
C GLN F 313 -32.46 38.74 -8.49
N LYS F 314 -33.10 39.70 -7.82
CA LYS F 314 -32.46 40.38 -6.69
C LYS F 314 -32.37 39.47 -5.47
N GLU F 315 -33.39 38.65 -5.23
CA GLU F 315 -33.41 37.82 -4.04
C GLU F 315 -32.41 36.66 -4.15
N ILE F 316 -32.31 36.03 -5.32
CA ILE F 316 -31.38 34.92 -5.48
C ILE F 316 -29.94 35.42 -5.54
N THR F 317 -29.72 36.62 -6.06
CA THR F 317 -28.39 37.21 -6.05
C THR F 317 -27.89 37.38 -4.62
N ALA F 318 -28.77 37.74 -3.69
CA ALA F 318 -28.38 37.90 -2.29
C ALA F 318 -28.10 36.57 -1.60
N LEU F 319 -28.64 35.46 -2.12
CA LEU F 319 -28.41 34.15 -1.54
C LEU F 319 -27.20 33.45 -2.15
N ALA F 320 -26.99 33.61 -3.44
CA ALA F 320 -25.92 32.93 -4.15
C ALA F 320 -24.59 33.66 -3.95
N PRO F 321 -23.47 32.97 -4.17
CA PRO F 321 -22.18 33.66 -4.13
C PRO F 321 -22.11 34.76 -5.18
N SER F 322 -21.32 35.80 -4.86
CA SER F 322 -21.25 36.97 -5.73
C SER F 322 -20.60 36.68 -7.06
N THR F 323 -19.86 35.58 -7.19
CA THR F 323 -19.22 35.24 -8.45
C THR F 323 -20.15 34.49 -9.40
N MET F 324 -21.34 34.12 -8.96
CA MET F 324 -22.30 33.43 -9.82
C MET F 324 -23.13 34.44 -10.59
N LYS F 325 -23.40 34.13 -11.86
CA LYS F 325 -24.26 34.95 -12.69
C LYS F 325 -25.69 34.45 -12.57
N ILE F 326 -26.57 35.27 -11.99
CA ILE F 326 -27.96 34.92 -11.79
C ILE F 326 -28.77 35.49 -12.95
N LYS F 327 -29.48 34.61 -13.66
CA LYS F 327 -30.31 35.01 -14.80
C LYS F 327 -31.66 34.35 -14.66
N ILE F 328 -32.70 35.17 -14.47
CA ILE F 328 -34.07 34.68 -14.36
C ILE F 328 -34.74 34.84 -15.72
N ILE F 329 -35.23 33.73 -16.26
CA ILE F 329 -35.89 33.72 -17.56
C ILE F 329 -37.40 33.72 -17.33
N ALA F 330 -38.07 34.76 -17.82
CA ALA F 330 -39.52 34.91 -17.71
C ALA F 330 -40.07 35.12 -19.12
N PRO F 331 -40.29 34.05 -19.89
CA PRO F 331 -40.81 34.21 -21.24
C PRO F 331 -42.21 34.79 -21.23
N PRO F 332 -42.58 35.59 -22.23
CA PRO F 332 -43.89 36.23 -22.21
C PRO F 332 -45.06 35.28 -22.30
N GLU F 333 -44.86 34.06 -22.81
CA GLU F 333 -45.89 33.05 -22.91
C GLU F 333 -45.72 31.95 -21.87
N ARG F 334 -45.24 32.30 -20.67
CA ARG F 334 -44.92 31.29 -19.67
C ARG F 334 -46.15 30.83 -18.90
N LYS F 335 -47.29 31.49 -19.06
CA LYS F 335 -48.49 31.07 -18.34
C LYS F 335 -48.97 29.71 -18.83
N TYR F 336 -48.94 29.49 -20.14
CA TYR F 336 -49.36 28.24 -20.76
C TYR F 336 -48.21 27.56 -21.49
N SER F 337 -46.98 27.73 -21.00
CA SER F 337 -45.83 27.15 -21.68
C SER F 337 -45.84 25.62 -21.61
N VAL F 338 -46.47 25.05 -20.58
CA VAL F 338 -46.61 23.60 -20.52
C VAL F 338 -47.52 23.11 -21.64
N TRP F 339 -48.68 23.75 -21.80
CA TRP F 339 -49.60 23.32 -22.83
C TRP F 339 -49.05 23.61 -24.22
N ILE F 340 -48.46 24.79 -24.42
CA ILE F 340 -47.94 25.15 -25.73
C ILE F 340 -46.79 24.25 -26.13
N GLY F 341 -45.93 23.90 -25.17
CA GLY F 341 -44.86 22.96 -25.46
C GLY F 341 -45.40 21.59 -25.83
N GLY F 342 -46.50 21.19 -25.20
CA GLY F 342 -47.08 19.89 -25.51
C GLY F 342 -47.79 19.86 -26.85
N SER F 343 -48.37 20.99 -27.26
CA SER F 343 -49.10 21.02 -28.52
C SER F 343 -48.14 21.09 -29.70
N ILE F 344 -47.00 21.75 -29.53
CA ILE F 344 -45.97 21.74 -30.57
C ILE F 344 -45.40 20.34 -30.73
N LEU F 345 -45.15 19.66 -29.61
CA LEU F 345 -44.57 18.33 -29.65
C LEU F 345 -45.54 17.32 -30.25
N ALA F 346 -46.81 17.37 -29.85
CA ALA F 346 -47.78 16.38 -30.29
C ALA F 346 -48.18 16.57 -31.75
N SER F 347 -47.90 17.73 -32.34
CA SER F 347 -48.26 17.99 -33.72
C SER F 347 -47.16 17.63 -34.71
N LEU F 348 -46.01 17.18 -34.24
CA LEU F 348 -44.91 16.83 -35.12
C LEU F 348 -45.16 15.48 -35.78
N SER F 349 -44.87 15.40 -37.08
CA SER F 349 -45.02 14.13 -37.78
C SER F 349 -44.01 13.10 -37.29
N THR F 350 -42.85 13.56 -36.83
CA THR F 350 -41.85 12.63 -36.28
C THR F 350 -42.25 12.12 -34.91
N PHE F 351 -43.17 12.79 -34.23
CA PHE F 351 -43.62 12.38 -32.91
C PHE F 351 -44.65 11.25 -32.96
N GLN F 352 -45.22 10.98 -34.14
CA GLN F 352 -46.27 9.97 -34.24
C GLN F 352 -45.76 8.56 -33.98
N GLN F 353 -44.44 8.37 -33.92
CA GLN F 353 -43.86 7.09 -33.52
C GLN F 353 -43.68 6.97 -32.02
N MET F 354 -43.87 8.06 -31.27
CA MET F 354 -43.66 8.06 -29.84
C MET F 354 -44.91 7.72 -29.05
N TRP F 355 -46.09 7.77 -29.67
CA TRP F 355 -47.33 7.46 -28.97
C TRP F 355 -47.33 6.03 -28.45
N ILE F 356 -48.04 5.83 -27.34
CA ILE F 356 -48.35 4.49 -26.86
C ILE F 356 -49.64 4.06 -27.54
N SER F 357 -49.55 3.11 -28.46
CA SER F 357 -50.74 2.65 -29.17
C SER F 357 -51.58 1.74 -28.28
N LYS F 358 -52.84 1.57 -28.68
CA LYS F 358 -53.69 0.62 -27.98
C LYS F 358 -53.23 -0.81 -28.20
N GLN F 359 -52.61 -1.09 -29.34
CA GLN F 359 -52.01 -2.40 -29.57
C GLN F 359 -50.89 -2.68 -28.57
N GLU F 360 -50.00 -1.70 -28.36
CA GLU F 360 -48.93 -1.87 -27.39
C GLU F 360 -49.47 -1.98 -25.97
N TYR F 361 -50.61 -1.34 -25.69
CA TYR F 361 -51.19 -1.42 -24.35
C TYR F 361 -51.82 -2.77 -24.09
N ASP F 362 -52.45 -3.37 -25.09
CA ASP F 362 -53.05 -4.69 -24.91
C ASP F 362 -52.01 -5.78 -24.64
N GLU F 363 -50.77 -5.57 -25.07
CA GLU F 363 -49.71 -6.55 -24.87
C GLU F 363 -49.00 -6.36 -23.54
N SER F 364 -48.55 -5.13 -23.25
CA SER F 364 -47.74 -4.85 -22.07
C SER F 364 -48.55 -4.41 -20.86
N GLY F 365 -49.80 -3.99 -21.05
CA GLY F 365 -50.59 -3.47 -19.96
C GLY F 365 -50.23 -2.03 -19.63
N PRO F 366 -50.72 -1.53 -18.51
CA PRO F 366 -50.44 -0.12 -18.15
C PRO F 366 -48.99 0.17 -17.82
N SER F 367 -48.15 -0.85 -17.62
CA SER F 367 -46.74 -0.63 -17.33
C SER F 367 -45.94 -0.23 -18.56
N ILE F 368 -46.56 -0.20 -19.75
CA ILE F 368 -45.89 0.25 -20.96
C ILE F 368 -45.49 1.72 -20.87
N VAL F 369 -46.15 2.48 -19.99
CA VAL F 369 -45.89 3.91 -19.91
C VAL F 369 -44.51 4.21 -19.34
N HIS F 370 -43.95 3.28 -18.55
CA HIS F 370 -42.66 3.54 -17.93
C HIS F 370 -41.50 3.46 -18.91
N ARG F 371 -41.63 2.67 -19.99
CA ARG F 371 -40.56 2.52 -20.95
C ARG F 371 -40.75 3.37 -22.20
N LYS F 372 -41.97 3.82 -22.48
CA LYS F 372 -42.22 4.66 -23.64
C LYS F 372 -42.25 6.14 -23.31
N CYS F 373 -42.63 6.50 -22.09
CA CYS F 373 -42.67 7.89 -21.67
C CYS F 373 -41.70 8.19 -20.55
N PHE F 374 -40.96 7.20 -20.08
CA PHE F 374 -40.00 7.35 -18.98
C PHE F 374 -40.70 7.89 -17.73
N ALA G 5 -20.16 10.71 42.84
CA ALA G 5 -21.24 10.68 41.87
C ALA G 5 -20.84 11.40 40.59
N ALA G 6 -20.37 10.63 39.61
CA ALA G 6 -19.89 11.18 38.36
C ALA G 6 -21.03 11.36 37.36
N LEU G 7 -20.83 12.27 36.42
CA LEU G 7 -21.77 12.53 35.35
C LEU G 7 -21.24 11.91 34.06
N VAL G 8 -22.15 11.35 33.27
CA VAL G 8 -21.81 10.76 31.98
C VAL G 8 -22.62 11.48 30.91
N VAL G 9 -21.92 12.12 29.98
CA VAL G 9 -22.55 12.90 28.91
C VAL G 9 -22.12 12.30 27.59
N ASP G 10 -23.09 11.78 26.83
CA ASP G 10 -22.85 11.27 25.48
C ASP G 10 -23.35 12.32 24.49
N ASN G 11 -22.41 13.05 23.90
CA ASN G 11 -22.74 14.13 22.97
C ASN G 11 -22.96 13.55 21.58
N GLY G 12 -24.21 13.31 21.23
CA GLY G 12 -24.54 12.79 19.94
C GLY G 12 -24.72 13.86 18.89
N SER G 13 -24.66 13.44 17.63
CA SER G 13 -24.80 14.38 16.52
C SER G 13 -26.17 15.03 16.50
N GLY G 14 -27.17 14.39 17.09
CA GLY G 14 -28.50 14.95 17.09
C GLY G 14 -29.20 14.89 18.43
N MET G 15 -28.71 14.02 19.32
CA MET G 15 -29.35 13.80 20.61
C MET G 15 -28.28 13.76 21.69
N CYS G 16 -28.50 14.48 22.79
CA CYS G 16 -27.59 14.50 23.92
C CYS G 16 -28.11 13.56 25.00
N LYS G 17 -27.32 12.57 25.36
CA LYS G 17 -27.65 11.63 26.43
C LYS G 17 -26.80 11.97 27.65
N ALA G 18 -27.46 12.22 28.78
CA ALA G 18 -26.76 12.62 29.99
C ALA G 18 -27.42 11.93 31.20
N GLY G 19 -26.60 11.65 32.19
CA GLY G 19 -27.10 11.01 33.39
C GLY G 19 -26.00 10.85 34.40
N PHE G 20 -26.25 9.99 35.38
CA PHE G 20 -25.34 9.77 36.49
C PHE G 20 -24.72 8.39 36.40
N ALA G 21 -23.43 8.32 36.69
CA ALA G 21 -22.73 7.04 36.67
C ALA G 21 -23.31 6.09 37.71
N GLY G 22 -23.60 4.87 37.30
CA GLY G 22 -24.24 3.89 38.14
C GLY G 22 -25.70 3.64 37.81
N ASP G 23 -26.34 4.52 37.06
CA ASP G 23 -27.71 4.33 36.63
C ASP G 23 -27.76 3.48 35.38
N ASP G 24 -28.91 2.83 35.18
CA ASP G 24 -29.08 1.94 34.03
C ASP G 24 -29.39 2.70 32.75
N ALA G 25 -29.98 3.88 32.85
CA ALA G 25 -30.39 4.65 31.69
C ALA G 25 -30.03 6.11 31.91
N PRO G 26 -29.82 6.87 30.84
CA PRO G 26 -29.56 8.31 31.01
C PRO G 26 -30.79 9.03 31.53
N ARG G 27 -30.57 10.03 32.37
CA ARG G 27 -31.68 10.79 32.92
C ARG G 27 -32.30 11.73 31.89
N ALA G 28 -31.48 12.34 31.05
CA ALA G 28 -31.93 13.35 30.10
C ALA G 28 -31.51 12.95 28.70
N VAL G 29 -32.47 12.97 27.77
CA VAL G 29 -32.22 12.75 26.35
C VAL G 29 -32.98 13.85 25.61
N PHE G 30 -32.25 14.81 25.09
CA PHE G 30 -32.84 15.98 24.45
C PHE G 30 -32.09 16.30 23.17
N PRO G 31 -32.72 17.03 22.25
CA PRO G 31 -32.04 17.36 20.99
C PRO G 31 -30.89 18.34 21.22
N SER G 32 -29.76 18.08 20.56
CA SER G 32 -28.59 18.95 20.68
C SER G 32 -28.67 20.05 19.62
N ILE G 33 -29.60 20.97 19.85
CA ILE G 33 -29.85 22.08 18.94
C ILE G 33 -29.85 23.38 19.72
N VAL G 34 -29.44 24.45 19.04
CA VAL G 34 -29.52 25.80 19.58
C VAL G 34 -30.36 26.61 18.60
N GLY G 35 -31.43 27.22 19.10
CA GLY G 35 -32.34 27.98 18.27
C GLY G 35 -32.22 29.48 18.54
N ARG G 36 -32.19 30.25 17.47
CA ARG G 36 -32.15 31.71 17.52
C ARG G 36 -33.23 32.27 16.61
N PRO G 37 -33.79 33.42 16.95
CA PRO G 37 -34.93 33.96 16.18
C PRO G 37 -34.56 34.22 14.72
N ARG G 38 -35.52 33.98 13.83
CA ARG G 38 -35.31 34.11 12.39
C ARG G 38 -34.95 35.54 12.00
N ASP G 50 -33.57 34.86 23.07
CA ASP G 50 -32.68 35.06 21.93
C ASP G 50 -31.89 33.81 21.62
N SER G 51 -31.90 32.85 22.54
CA SER G 51 -31.14 31.60 22.38
C SER G 51 -31.86 30.51 23.15
N TYR G 52 -32.32 29.49 22.43
CA TYR G 52 -33.05 28.37 23.02
C TYR G 52 -32.29 27.08 22.75
N VAL G 53 -32.23 26.21 23.75
CA VAL G 53 -31.46 24.98 23.69
C VAL G 53 -32.38 23.80 23.95
N GLY G 54 -32.23 22.76 23.14
CA GLY G 54 -32.89 21.49 23.44
C GLY G 54 -34.35 21.49 23.06
N ASP G 55 -35.20 21.03 23.98
CA ASP G 55 -36.63 20.99 23.73
C ASP G 55 -37.23 22.40 23.72
N GLU G 56 -36.57 23.36 24.35
CA GLU G 56 -37.02 24.74 24.29
C GLU G 56 -36.94 25.26 22.85
N ALA G 57 -35.90 24.86 22.13
CA ALA G 57 -35.74 25.32 20.75
C ALA G 57 -36.76 24.66 19.83
N GLN G 58 -37.34 23.53 20.26
CA GLN G 58 -38.33 22.87 19.43
C GLN G 58 -39.75 23.23 19.86
N SER G 59 -39.90 23.83 21.04
CA SER G 59 -41.22 24.24 21.49
C SER G 59 -41.69 25.49 20.76
N LYS G 60 -40.75 26.28 20.24
CA LYS G 60 -41.12 27.49 19.52
C LYS G 60 -41.48 27.18 18.07
N ARG G 61 -41.00 26.05 17.55
CA ARG G 61 -41.28 25.59 16.19
C ARG G 61 -40.67 26.50 15.13
N GLY G 62 -41.50 27.35 14.51
CA GLY G 62 -41.09 28.00 13.27
C GLY G 62 -40.61 29.42 13.41
N ILE G 63 -40.64 29.99 14.61
CA ILE G 63 -40.17 31.37 14.78
C ILE G 63 -38.66 31.43 14.66
N LEU G 64 -37.96 30.42 15.14
CA LEU G 64 -36.51 30.43 15.24
C LEU G 64 -35.87 29.49 14.22
N THR G 65 -34.60 29.76 13.92
CA THR G 65 -33.81 28.89 13.06
C THR G 65 -32.90 28.03 13.94
N LEU G 66 -32.80 26.74 13.60
CA LEU G 66 -32.10 25.77 14.42
C LEU G 66 -30.75 25.44 13.83
N LYS G 67 -29.75 25.28 14.70
CA LYS G 67 -28.40 24.95 14.29
C LYS G 67 -27.90 23.76 15.10
N TYR G 68 -27.25 22.80 14.44
CA TYR G 68 -26.61 21.69 15.11
C TYR G 68 -25.14 22.03 15.33
N PRO G 69 -24.69 22.26 16.57
CA PRO G 69 -23.27 22.56 16.79
C PRO G 69 -22.36 21.36 16.64
N ILE G 70 -22.90 20.14 16.66
CA ILE G 70 -22.11 18.93 16.53
C ILE G 70 -22.80 18.05 15.50
N GLU G 71 -23.07 18.62 14.33
CA GLU G 71 -23.96 18.04 13.33
C GLU G 71 -23.57 16.64 12.83
N HIC G 72 -22.28 16.38 12.69
CA HIC G 72 -21.81 15.09 12.20
C HIC G 72 -20.86 14.43 13.19
O HIC G 72 -19.88 13.79 12.79
CB HIC G 72 -21.14 15.24 10.84
CG HIC G 72 -22.09 15.71 9.80
ND1 HIC G 72 -23.13 14.94 9.36
CD2 HIC G 72 -22.10 16.91 9.15
CE1 HIC G 72 -23.76 15.67 8.47
NE2 HIC G 72 -23.17 16.87 8.30
CZ HIC G 72 -23.61 17.91 7.40
N GLY G 73 -21.13 14.58 14.47
CA GLY G 73 -20.32 13.96 15.50
C GLY G 73 -19.16 14.82 15.98
N ILE G 74 -18.69 15.70 15.11
CA ILE G 74 -17.59 16.60 15.41
C ILE G 74 -18.15 17.98 15.72
N VAL G 75 -17.70 18.56 16.85
CA VAL G 75 -18.16 19.88 17.24
C VAL G 75 -17.60 20.91 16.26
N THR G 76 -18.50 21.67 15.64
CA THR G 76 -18.11 22.73 14.72
C THR G 76 -18.28 24.12 15.29
N ASN G 77 -19.22 24.32 16.21
CA ASN G 77 -19.48 25.62 16.84
C ASN G 77 -19.31 25.45 18.34
N TRP G 78 -18.18 25.90 18.86
CA TRP G 78 -17.87 25.72 20.27
C TRP G 78 -18.65 26.67 21.18
N ASP G 79 -19.14 27.79 20.64
CA ASP G 79 -19.97 28.67 21.46
C ASP G 79 -21.33 28.05 21.73
N ASP G 80 -21.94 27.44 20.71
CA ASP G 80 -23.21 26.74 20.90
C ASP G 80 -23.05 25.44 21.65
N MET G 81 -21.87 24.80 21.55
CA MET G 81 -21.64 23.57 22.30
C MET G 81 -21.57 23.85 23.79
N GLU G 82 -21.08 25.02 24.20
CA GLU G 82 -21.08 25.37 25.62
C GLU G 82 -22.49 25.68 26.11
N LYS G 83 -23.37 26.17 25.24
CA LYS G 83 -24.75 26.39 25.63
C LYS G 83 -25.46 25.07 25.89
N ILE G 84 -25.14 24.04 25.11
CA ILE G 84 -25.76 22.73 25.31
C ILE G 84 -25.24 22.08 26.57
N TRP G 85 -23.95 22.18 26.84
CA TRP G 85 -23.40 21.62 28.07
C TRP G 85 -23.90 22.37 29.29
N HIS G 86 -24.09 23.68 29.18
CA HIS G 86 -24.67 24.43 30.29
C HIS G 86 -26.13 24.04 30.51
N HIS G 87 -26.87 23.85 29.42
CA HIS G 87 -28.25 23.38 29.53
C HIS G 87 -28.29 21.97 30.11
N THR G 88 -27.32 21.14 29.74
CA THR G 88 -27.27 19.76 30.23
C THR G 88 -27.11 19.72 31.75
N PHE G 89 -26.18 20.51 32.28
CA PHE G 89 -25.85 20.43 33.70
C PHE G 89 -26.95 21.03 34.56
N TYR G 90 -27.44 22.21 34.20
CA TYR G 90 -28.32 22.96 35.10
C TYR G 90 -29.79 22.70 34.87
N ASN G 91 -30.21 22.49 33.62
CA ASN G 91 -31.63 22.31 33.32
C ASN G 91 -32.03 20.85 33.20
N GLU G 92 -31.15 19.98 32.71
CA GLU G 92 -31.49 18.59 32.48
C GLU G 92 -31.07 17.70 33.66
N LEU G 93 -29.78 17.70 33.99
CA LEU G 93 -29.31 16.93 35.14
C LEU G 93 -29.57 17.64 36.45
N ARG G 94 -29.73 18.96 36.44
CA ARG G 94 -30.09 19.75 37.61
C ARG G 94 -29.05 19.61 38.72
N VAL G 95 -27.78 19.71 38.34
CA VAL G 95 -26.66 19.65 39.26
C VAL G 95 -25.68 20.77 38.93
N ALA G 96 -24.79 21.04 39.87
CA ALA G 96 -23.69 21.97 39.63
C ALA G 96 -22.48 21.20 39.14
N PRO G 97 -21.97 21.48 37.94
CA PRO G 97 -20.87 20.68 37.39
C PRO G 97 -19.56 20.80 38.17
N GLU G 98 -19.42 21.79 39.05
CA GLU G 98 -18.21 21.92 39.86
C GLU G 98 -18.17 20.93 41.02
N GLU G 99 -19.20 20.11 41.20
CA GLU G 99 -19.23 19.13 42.27
C GLU G 99 -19.10 17.70 41.79
N HIS G 100 -19.11 17.46 40.47
CA HIS G 100 -19.11 16.11 39.96
C HIS G 100 -18.05 15.97 38.87
N PRO G 101 -17.29 14.88 38.88
CA PRO G 101 -16.47 14.54 37.72
C PRO G 101 -17.36 14.17 36.54
N VAL G 102 -16.91 14.52 35.34
CA VAL G 102 -17.70 14.36 34.13
C VAL G 102 -16.93 13.47 33.16
N LEU G 103 -17.60 12.44 32.65
CA LEU G 103 -17.07 11.61 31.59
C LEU G 103 -17.74 12.02 30.28
N LEU G 104 -16.95 12.50 29.34
CA LEU G 104 -17.43 12.88 28.02
C LEU G 104 -17.12 11.79 27.01
N THR G 105 -17.88 11.76 25.93
CA THR G 105 -17.64 10.85 24.83
C THR G 105 -17.32 11.66 23.58
N GLU G 106 -16.64 11.02 22.63
CA GLU G 106 -16.24 11.68 21.40
C GLU G 106 -16.41 10.74 20.22
N ALA G 107 -16.70 11.32 19.06
CA ALA G 107 -16.84 10.57 17.84
C ALA G 107 -15.49 10.05 17.36
N PRO G 108 -15.48 9.00 16.55
CA PRO G 108 -14.21 8.54 15.96
C PRO G 108 -13.64 9.57 15.01
N LEU G 109 -12.31 9.55 14.89
CA LEU G 109 -11.55 10.51 14.07
C LEU G 109 -11.76 11.95 14.53
N ASN G 110 -11.97 12.14 15.82
CA ASN G 110 -12.09 13.47 16.39
C ASN G 110 -10.70 14.11 16.44
N PRO G 111 -10.50 15.28 15.83
CA PRO G 111 -9.16 15.87 15.82
C PRO G 111 -8.68 16.22 17.22
N LYS G 112 -7.36 16.17 17.40
CA LYS G 112 -6.76 16.39 18.72
C LYS G 112 -7.00 17.79 19.25
N ALA G 113 -7.20 18.77 18.38
CA ALA G 113 -7.52 20.11 18.85
C ALA G 113 -8.89 20.15 19.53
N ASN G 114 -9.82 19.30 19.10
CA ASN G 114 -11.13 19.24 19.72
C ASN G 114 -11.08 18.57 21.09
N ARG G 115 -10.22 17.57 21.27
CA ARG G 115 -10.09 16.94 22.57
C ARG G 115 -9.56 17.92 23.61
N GLU G 116 -8.58 18.74 23.22
CA GLU G 116 -8.05 19.74 24.14
C GLU G 116 -9.04 20.86 24.39
N LYS G 117 -9.84 21.21 23.38
CA LYS G 117 -10.85 22.25 23.57
C LYS G 117 -11.94 21.79 24.54
N MET G 118 -12.31 20.51 24.49
CA MET G 118 -13.27 19.98 25.46
C MET G 118 -12.69 20.01 26.86
N THR G 119 -11.43 19.64 27.02
CA THR G 119 -10.80 19.62 28.34
C THR G 119 -10.68 21.04 28.90
N GLN G 120 -10.40 22.02 28.04
CA GLN G 120 -10.28 23.39 28.50
C GLN G 120 -11.63 23.96 28.93
N ILE G 121 -12.69 23.63 28.19
CA ILE G 121 -14.01 24.14 28.52
C ILE G 121 -14.52 23.53 29.82
N MET G 122 -14.23 22.25 30.05
CA MET G 122 -14.73 21.58 31.25
C MET G 122 -14.04 22.08 32.51
N PHE G 123 -12.76 22.40 32.44
CA PHE G 123 -12.03 22.83 33.62
C PHE G 123 -12.10 24.33 33.87
N GLU G 124 -12.25 25.14 32.82
CA GLU G 124 -12.25 26.59 32.96
C GLU G 124 -13.64 27.20 32.94
N THR G 125 -14.53 26.70 32.10
CA THR G 125 -15.88 27.27 32.05
C THR G 125 -16.78 26.67 33.11
N PHE G 126 -16.71 25.35 33.31
CA PHE G 126 -17.59 24.67 34.25
C PHE G 126 -16.89 24.27 35.55
N ASN G 127 -15.57 24.30 35.59
CA ASN G 127 -14.79 24.05 36.81
C ASN G 127 -15.09 22.66 37.38
N THR G 128 -15.07 21.66 36.51
CA THR G 128 -15.28 20.29 36.97
C THR G 128 -14.06 19.83 37.79
N PRO G 129 -14.28 19.10 38.88
CA PRO G 129 -13.14 18.62 39.66
C PRO G 129 -12.30 17.60 38.92
N ALA G 130 -12.94 16.75 38.11
CA ALA G 130 -12.24 15.74 37.33
C ALA G 130 -12.95 15.59 35.99
N MET G 131 -12.29 14.90 35.06
CA MET G 131 -12.79 14.84 33.70
C MET G 131 -12.16 13.65 32.99
N TYR G 132 -12.86 13.14 31.98
CA TYR G 132 -12.38 12.00 31.21
C TYR G 132 -13.09 11.99 29.87
N VAL G 133 -12.35 11.61 28.83
CA VAL G 133 -12.88 11.51 27.47
C VAL G 133 -12.72 10.08 27.00
N ALA G 134 -13.80 9.51 26.44
CA ALA G 134 -13.79 8.17 25.92
C ALA G 134 -14.33 8.18 24.49
N ILE G 135 -13.89 7.19 23.71
CA ILE G 135 -14.39 7.03 22.34
C ILE G 135 -15.70 6.26 22.39
N GLN G 136 -16.68 6.74 21.63
CA GLN G 136 -18.02 6.16 21.68
C GLN G 136 -18.03 4.71 21.21
N ALA G 137 -17.34 4.42 20.09
CA ALA G 137 -17.39 3.08 19.54
C ALA G 137 -16.72 2.06 20.44
N VAL G 138 -15.66 2.46 21.15
CA VAL G 138 -14.98 1.52 22.04
C VAL G 138 -15.85 1.19 23.23
N LEU G 139 -16.65 2.15 23.72
CA LEU G 139 -17.57 1.86 24.81
C LEU G 139 -18.66 0.88 24.38
N SER G 140 -19.12 0.98 23.14
CA SER G 140 -20.13 0.05 22.64
C SER G 140 -19.57 -1.35 22.48
N LEU G 141 -18.33 -1.47 22.04
CA LEU G 141 -17.73 -2.81 21.90
C LEU G 141 -17.48 -3.44 23.24
N TYR G 142 -17.00 -2.66 24.22
CA TYR G 142 -16.82 -3.19 25.56
C TYR G 142 -18.14 -3.61 26.18
N ALA G 143 -19.22 -2.86 25.92
CA ALA G 143 -20.51 -3.18 26.49
C ALA G 143 -21.05 -4.50 25.97
N SER G 144 -20.64 -4.90 24.77
CA SER G 144 -21.01 -6.21 24.23
C SER G 144 -20.10 -7.33 24.69
N GLY G 145 -19.10 -7.03 25.52
CA GLY G 145 -18.19 -8.05 25.99
C GLY G 145 -17.08 -8.39 25.04
N ARG G 146 -16.59 -7.41 24.26
CA ARG G 146 -15.57 -7.64 23.27
C ARG G 146 -14.49 -6.56 23.36
N THR G 147 -13.27 -6.94 23.00
CA THR G 147 -12.20 -5.99 22.80
C THR G 147 -11.77 -5.90 21.34
N THR G 148 -12.19 -6.85 20.51
CA THR G 148 -11.91 -6.84 19.09
C THR G 148 -13.22 -6.97 18.33
N GLY G 149 -13.37 -6.16 17.30
CA GLY G 149 -14.56 -6.19 16.49
C GLY G 149 -14.70 -4.89 15.73
N ILE G 150 -15.77 -4.82 14.93
CA ILE G 150 -16.09 -3.63 14.18
C ILE G 150 -17.46 -3.15 14.61
N VAL G 151 -17.55 -1.87 15.00
CA VAL G 151 -18.79 -1.27 15.47
C VAL G 151 -19.40 -0.48 14.33
N MET G 152 -20.65 -0.79 14.00
CA MET G 152 -21.42 -0.01 13.05
C MET G 152 -22.35 0.90 13.86
N ASP G 153 -21.92 2.13 14.07
CA ASP G 153 -22.64 3.09 14.90
C ASP G 153 -23.40 4.04 13.99
N SER G 154 -24.71 3.86 13.92
CA SER G 154 -25.60 4.71 13.12
C SER G 154 -26.47 5.52 14.07
N GLY G 155 -26.27 6.83 14.07
CA GLY G 155 -27.00 7.69 14.98
C GLY G 155 -28.01 8.58 14.29
N ASP G 156 -27.91 9.89 14.52
CA ASP G 156 -28.82 10.87 13.94
C ASP G 156 -28.21 11.58 12.74
N GLY G 157 -27.00 12.10 12.87
CA GLY G 157 -26.39 12.84 11.79
C GLY G 157 -25.34 12.09 11.00
N VAL G 158 -24.78 11.03 11.58
CA VAL G 158 -23.62 10.37 10.98
C VAL G 158 -23.67 8.88 11.28
N THR G 159 -23.11 8.09 10.38
CA THR G 159 -22.90 6.67 10.58
C THR G 159 -21.40 6.38 10.48
N HIS G 160 -20.88 5.62 11.44
CA HIS G 160 -19.47 5.25 11.45
C HIS G 160 -19.33 3.74 11.50
N THR G 161 -18.38 3.21 10.74
CA THR G 161 -17.93 1.83 10.88
C THR G 161 -16.52 1.88 11.44
N VAL G 162 -16.37 1.42 12.68
CA VAL G 162 -15.13 1.58 13.44
C VAL G 162 -14.59 0.19 13.78
N PRO G 163 -13.60 -0.29 13.03
CA PRO G 163 -12.93 -1.54 13.40
C PRO G 163 -11.98 -1.32 14.58
N ILE G 164 -12.08 -2.19 15.57
CA ILE G 164 -11.33 -2.05 16.81
C ILE G 164 -10.57 -3.34 17.06
N TYR G 165 -9.28 -3.22 17.36
CA TYR G 165 -8.43 -4.37 17.64
C TYR G 165 -7.79 -4.17 19.00
N GLU G 166 -8.10 -5.07 19.93
CA GLU G 166 -7.55 -5.05 21.30
C GLU G 166 -7.80 -3.72 21.99
N GLY G 167 -9.00 -3.18 21.82
CA GLY G 167 -9.40 -1.97 22.49
C GLY G 167 -8.98 -0.67 21.84
N TYR G 168 -8.35 -0.73 20.66
CA TYR G 168 -7.91 0.47 19.96
C TYR G 168 -8.55 0.53 18.59
N ALA G 169 -9.21 1.65 18.31
CA ALA G 169 -9.79 1.86 16.99
C ALA G 169 -8.69 2.05 15.95
N LEU G 170 -8.87 1.42 14.80
CA LEU G 170 -7.92 1.53 13.70
C LEU G 170 -8.29 2.73 12.84
N PRO G 171 -7.58 3.86 13.00
CA PRO G 171 -8.08 5.12 12.40
C PRO G 171 -8.04 5.14 10.89
N HIS G 172 -7.11 4.42 10.26
CA HIS G 172 -7.04 4.42 8.80
C HIS G 172 -8.18 3.63 8.18
N ALA G 173 -8.84 2.77 8.94
CA ALA G 173 -9.93 1.95 8.43
C ALA G 173 -11.30 2.45 8.84
N ILE G 174 -11.38 3.52 9.61
CA ILE G 174 -12.67 4.07 10.02
C ILE G 174 -13.31 4.77 8.83
N LEU G 175 -14.55 4.38 8.51
CA LEU G 175 -15.30 5.00 7.43
C LEU G 175 -16.48 5.77 8.00
N ARG G 176 -16.79 6.91 7.38
CA ARG G 176 -17.87 7.78 7.81
C ARG G 176 -18.91 7.88 6.70
N LEU G 177 -20.18 7.81 7.09
CA LEU G 177 -21.30 7.89 6.16
C LEU G 177 -22.25 8.95 6.67
N ASP G 178 -22.43 10.03 5.90
CA ASP G 178 -23.35 11.11 6.28
C ASP G 178 -24.78 10.72 5.90
N LEU G 179 -25.23 9.62 6.49
CA LEU G 179 -26.55 9.06 6.23
C LEU G 179 -26.99 8.34 7.49
N ALA G 180 -27.92 8.93 8.22
CA ALA G 180 -28.41 8.32 9.45
C ALA G 180 -29.89 8.62 9.65
N GLY G 181 -30.31 8.73 10.91
CA GLY G 181 -31.74 8.84 11.19
C GLY G 181 -32.33 10.16 10.75
N ARG G 182 -31.53 11.23 10.76
CA ARG G 182 -32.01 12.54 10.31
C ARG G 182 -32.39 12.51 8.84
N ASP G 183 -31.59 11.84 8.02
CA ASP G 183 -31.89 11.73 6.60
C ASP G 183 -33.07 10.80 6.35
N LEU G 184 -33.25 9.79 7.21
CA LEU G 184 -34.40 8.89 7.07
C LEU G 184 -35.70 9.56 7.48
N THR G 185 -35.65 10.47 8.46
CA THR G 185 -36.85 11.22 8.82
C THR G 185 -37.28 12.14 7.68
N ASP G 186 -36.31 12.82 7.06
CA ASP G 186 -36.64 13.71 5.93
C ASP G 186 -37.16 12.90 4.75
N TYR G 187 -36.65 11.69 4.55
CA TYR G 187 -37.12 10.87 3.43
C TYR G 187 -38.51 10.32 3.69
N LEU G 188 -38.83 10.02 4.95
CA LEU G 188 -40.17 9.56 5.28
C LEU G 188 -41.19 10.68 5.11
N MET G 189 -40.81 11.91 5.49
CA MET G 189 -41.67 13.06 5.23
C MET G 189 -41.94 13.21 3.74
N LYS G 190 -40.94 12.92 2.91
CA LYS G 190 -41.07 13.12 1.47
C LYS G 190 -41.99 12.07 0.86
N ILE G 191 -41.86 10.81 1.25
CA ILE G 191 -42.66 9.76 0.65
C ILE G 191 -44.04 9.64 1.27
N LEU G 192 -44.26 10.23 2.45
CA LEU G 192 -45.61 10.29 3.00
C LEU G 192 -46.49 11.28 2.26
N THR G 193 -45.90 12.23 1.53
CA THR G 193 -46.68 13.13 0.70
C THR G 193 -47.21 12.46 -0.55
N GLU G 194 -46.66 11.31 -0.93
CA GLU G 194 -47.21 10.55 -2.04
C GLU G 194 -48.54 9.89 -1.70
N ARG G 195 -48.86 9.76 -0.41
CA ARG G 195 -50.16 9.26 0.02
C ARG G 195 -51.15 10.37 0.29
N GLY G 196 -50.78 11.63 0.07
CA GLY G 196 -51.68 12.74 0.28
C GLY G 196 -51.51 13.47 1.59
N TYR G 197 -50.61 13.02 2.45
CA TYR G 197 -50.35 13.70 3.71
C TYR G 197 -49.33 14.81 3.49
N SER G 198 -49.33 15.79 4.40
CA SER G 198 -48.46 16.94 4.29
C SER G 198 -47.74 17.14 5.61
N PHE G 199 -46.45 16.79 5.63
CA PHE G 199 -45.58 17.03 6.79
C PHE G 199 -44.43 17.89 6.30
N THR G 200 -44.44 19.17 6.68
CA THR G 200 -43.42 20.09 6.21
C THR G 200 -42.83 20.91 7.35
N THR G 201 -43.65 21.22 8.35
CA THR G 201 -43.22 22.09 9.42
C THR G 201 -42.31 21.35 10.40
N THR G 202 -41.75 22.11 11.35
CA THR G 202 -40.87 21.52 12.35
C THR G 202 -41.64 20.64 13.32
N ALA G 203 -42.86 21.05 13.68
CA ALA G 203 -43.68 20.22 14.57
C ALA G 203 -44.11 18.94 13.89
N GLU G 204 -44.38 18.98 12.59
CA GLU G 204 -44.75 17.79 11.85
C GLU G 204 -43.56 16.88 11.59
N ARG G 205 -42.34 17.40 11.65
CA ARG G 205 -41.16 16.55 11.54
C ARG G 205 -40.98 15.68 12.79
N GLU G 206 -41.36 16.21 13.96
CA GLU G 206 -41.31 15.40 15.18
C GLU G 206 -42.36 14.32 15.17
N ILE G 207 -43.48 14.55 14.48
CA ILE G 207 -44.49 13.51 14.33
C ILE G 207 -43.98 12.40 13.42
N VAL G 208 -43.32 12.77 12.32
CA VAL G 208 -42.81 11.78 11.39
C VAL G 208 -41.69 10.97 12.02
N ARG G 209 -40.86 11.61 12.85
CA ARG G 209 -39.83 10.86 13.56
C ARG G 209 -40.44 9.84 14.51
N ASP G 210 -41.60 10.16 15.10
CA ASP G 210 -42.28 9.20 15.97
C ASP G 210 -42.90 8.07 15.16
N ILE G 211 -43.41 8.38 13.97
CA ILE G 211 -43.91 7.33 13.08
C ILE G 211 -42.78 6.41 12.67
N LYS G 212 -41.60 6.98 12.39
CA LYS G 212 -40.46 6.18 11.96
C LYS G 212 -40.01 5.21 13.04
N GLU G 213 -39.96 5.68 14.29
CA GLU G 213 -39.47 4.85 15.39
C GLU G 213 -40.48 3.82 15.87
N LYS G 214 -41.71 3.86 15.39
CA LYS G 214 -42.74 2.93 15.84
C LYS G 214 -43.21 1.96 14.77
N LEU G 215 -43.21 2.35 13.51
CA LEU G 215 -43.82 1.55 12.46
C LEU G 215 -42.85 1.12 11.36
N CYS G 216 -41.67 1.72 11.27
CA CYS G 216 -40.75 1.35 10.21
C CYS G 216 -39.93 0.12 10.58
N TYR G 217 -39.58 -0.66 9.57
CA TYR G 217 -38.79 -1.87 9.75
C TYR G 217 -38.01 -2.15 8.48
N VAL G 218 -36.97 -2.96 8.61
CA VAL G 218 -36.13 -3.32 7.47
C VAL G 218 -36.63 -4.63 6.89
N ALA G 219 -36.93 -4.62 5.59
CA ALA G 219 -37.36 -5.82 4.89
C ALA G 219 -36.17 -6.68 4.54
N LEU G 220 -36.31 -8.00 4.74
CA LEU G 220 -35.24 -8.92 4.39
C LEU G 220 -35.02 -8.97 2.89
N ASP G 221 -36.09 -9.03 2.11
CA ASP G 221 -36.05 -8.95 0.66
C ASP G 221 -36.94 -7.78 0.24
N PHE G 222 -36.33 -6.72 -0.28
CA PHE G 222 -37.06 -5.48 -0.52
C PHE G 222 -38.06 -5.64 -1.67
N GLU G 223 -37.62 -6.21 -2.79
CA GLU G 223 -38.50 -6.36 -3.94
C GLU G 223 -39.62 -7.34 -3.67
N GLN G 224 -39.36 -8.39 -2.89
CA GLN G 224 -40.43 -9.29 -2.48
C GLN G 224 -41.40 -8.60 -1.53
N GLU G 225 -40.90 -7.73 -0.66
CA GLU G 225 -41.76 -7.01 0.26
C GLU G 225 -42.60 -5.96 -0.46
N MET G 226 -42.05 -5.36 -1.52
CA MET G 226 -42.82 -4.40 -2.31
C MET G 226 -43.97 -5.08 -3.05
N ALA G 227 -43.78 -6.35 -3.44
CA ALA G 227 -44.85 -7.09 -4.08
C ALA G 227 -45.92 -7.51 -3.08
N THR G 228 -45.52 -7.86 -1.86
CA THR G 228 -46.49 -8.21 -0.82
C THR G 228 -47.35 -7.02 -0.45
N ALA G 229 -46.75 -5.82 -0.38
CA ALA G 229 -47.50 -4.63 0.00
C ALA G 229 -48.42 -4.16 -1.11
N ALA G 230 -48.14 -4.51 -2.36
CA ALA G 230 -48.95 -4.08 -3.49
C ALA G 230 -50.11 -5.03 -3.79
N SER G 231 -50.17 -6.18 -3.12
CA SER G 231 -51.21 -7.16 -3.39
C SER G 231 -52.21 -7.33 -2.25
N SER G 232 -51.99 -6.68 -1.11
CA SER G 232 -52.89 -6.82 0.01
C SER G 232 -52.73 -5.58 0.91
N SER G 233 -53.24 -5.67 2.14
CA SER G 233 -53.11 -4.61 3.13
C SER G 233 -52.65 -5.14 4.47
N SER G 234 -51.99 -6.30 4.48
CA SER G 234 -51.52 -6.89 5.74
C SER G 234 -50.34 -6.12 6.32
N LEU G 235 -49.70 -5.26 5.54
CA LEU G 235 -48.57 -4.47 6.01
C LEU G 235 -48.97 -3.04 6.38
N GLU G 236 -50.24 -2.69 6.26
CA GLU G 236 -50.68 -1.33 6.55
C GLU G 236 -50.92 -1.15 8.04
N LYS G 237 -50.46 -0.01 8.56
CA LYS G 237 -50.64 0.33 9.96
C LYS G 237 -51.29 1.70 10.07
N SER G 238 -52.05 1.89 11.12
CA SER G 238 -52.66 3.18 11.43
C SER G 238 -51.86 3.90 12.50
N TYR G 239 -51.87 5.22 12.42
CA TYR G 239 -51.16 6.06 13.38
C TYR G 239 -52.02 7.27 13.70
N GLU G 240 -52.16 7.57 14.98
CA GLU G 240 -52.98 8.69 15.43
C GLU G 240 -52.09 9.91 15.66
N LEU G 241 -52.46 11.00 15.01
CA LEU G 241 -51.74 12.26 15.16
C LEU G 241 -52.08 12.91 16.49
N PRO G 242 -51.30 13.91 16.92
CA PRO G 242 -51.58 14.57 18.20
C PRO G 242 -52.97 15.19 18.30
N ASP G 243 -53.58 15.57 17.18
CA ASP G 243 -54.91 16.17 17.18
C ASP G 243 -56.01 15.15 16.94
N GLY G 244 -55.71 13.87 17.05
CA GLY G 244 -56.71 12.83 16.92
C GLY G 244 -56.91 12.28 15.53
N GLN G 245 -56.34 12.89 14.51
CA GLN G 245 -56.50 12.39 13.16
C GLN G 245 -55.66 11.14 12.96
N VAL G 246 -56.20 10.19 12.20
CA VAL G 246 -55.58 8.89 11.98
C VAL G 246 -55.11 8.82 10.54
N ILE G 247 -53.83 8.50 10.35
CA ILE G 247 -53.27 8.26 9.03
C ILE G 247 -52.89 6.79 8.94
N THR G 248 -52.81 6.30 7.71
CA THR G 248 -52.42 4.92 7.43
C THR G 248 -51.15 4.92 6.60
N ILE G 249 -50.24 4.02 6.92
CA ILE G 249 -48.94 3.92 6.25
C ILE G 249 -48.77 2.49 5.76
N GLY G 250 -48.33 2.34 4.52
CA GLY G 250 -48.20 1.03 3.91
C GLY G 250 -46.77 0.61 3.65
N ASN G 251 -46.34 0.69 2.39
CA ASN G 251 -44.98 0.29 2.05
C ASN G 251 -43.94 1.31 2.48
N GLU G 252 -44.36 2.51 2.91
CA GLU G 252 -43.41 3.46 3.46
C GLU G 252 -42.75 2.95 4.73
N ARG G 253 -43.31 1.91 5.35
CA ARG G 253 -42.73 1.37 6.57
C ARG G 253 -41.35 0.79 6.32
N PHE G 254 -41.17 0.08 5.21
CA PHE G 254 -39.88 -0.51 4.90
C PHE G 254 -39.14 0.23 3.79
N ARG G 255 -39.77 1.17 3.10
CA ARG G 255 -39.06 1.97 2.12
C ARG G 255 -38.18 3.03 2.77
N CYS G 256 -38.55 3.51 3.95
CA CYS G 256 -37.74 4.53 4.61
C CYS G 256 -36.41 3.97 5.10
N PRO G 257 -36.35 2.90 5.90
CA PRO G 257 -35.03 2.36 6.29
C PRO G 257 -34.31 1.63 5.17
N GLU G 258 -34.96 1.38 4.04
CA GLU G 258 -34.27 0.80 2.89
C GLU G 258 -33.21 1.73 2.33
N ALA G 259 -33.33 3.03 2.58
CA ALA G 259 -32.32 3.99 2.13
C ALA G 259 -30.99 3.81 2.86
N LEU G 260 -30.97 3.08 3.98
CA LEU G 260 -29.72 2.75 4.62
C LEU G 260 -28.89 1.79 3.78
N PHE G 261 -29.55 0.91 3.03
CA PHE G 261 -28.87 -0.05 2.18
C PHE G 261 -28.82 0.38 0.72
N GLN G 262 -29.71 1.27 0.30
CA GLN G 262 -29.70 1.83 -1.05
C GLN G 262 -29.76 3.35 -0.93
N PRO G 263 -28.60 3.99 -0.67
CA PRO G 263 -28.60 5.45 -0.54
C PRO G 263 -29.00 6.19 -1.81
N SER G 264 -29.13 5.50 -2.95
CA SER G 264 -29.59 6.15 -4.16
C SER G 264 -31.05 6.59 -4.05
N PHE G 265 -31.81 6.03 -3.11
CA PHE G 265 -33.15 6.52 -2.82
C PHE G 265 -33.14 7.98 -2.40
N LEU G 266 -32.01 8.45 -1.87
CA LEU G 266 -31.85 9.82 -1.42
C LEU G 266 -31.04 10.66 -2.38
N GLY G 267 -30.67 10.11 -3.53
CA GLY G 267 -29.80 10.80 -4.46
C GLY G 267 -28.35 10.81 -4.08
N MET G 268 -27.92 9.91 -3.18
CA MET G 268 -26.54 9.84 -2.75
C MET G 268 -25.77 8.82 -3.59
N GLU G 269 -24.52 9.13 -3.88
CA GLU G 269 -23.64 8.22 -4.60
C GLU G 269 -22.96 7.21 -3.68
N SER G 270 -23.09 7.37 -2.37
CA SER G 270 -22.35 6.56 -1.43
C SER G 270 -22.88 5.13 -1.39
N ALA G 271 -22.13 4.27 -0.72
CA ALA G 271 -22.52 2.88 -0.50
C ALA G 271 -23.41 2.78 0.72
N GLY G 272 -24.17 1.68 0.78
CA GLY G 272 -25.01 1.41 1.92
C GLY G 272 -24.19 1.08 3.16
N ILE G 273 -24.90 0.88 4.27
CA ILE G 273 -24.23 0.60 5.52
C ILE G 273 -23.58 -0.78 5.49
N HIS G 274 -24.09 -1.68 4.66
CA HIS G 274 -23.49 -3.02 4.56
C HIS G 274 -22.19 -2.98 3.77
N GLU G 275 -22.14 -2.22 2.69
CA GLU G 275 -20.92 -2.07 1.91
C GLU G 275 -19.89 -1.21 2.63
N THR G 276 -20.34 -0.22 3.40
CA THR G 276 -19.41 0.56 4.20
C THR G 276 -18.76 -0.29 5.28
N THR G 277 -19.53 -1.17 5.92
CA THR G 277 -18.96 -2.10 6.88
C THR G 277 -17.97 -3.04 6.21
N PHE G 278 -18.31 -3.55 5.03
CA PHE G 278 -17.40 -4.44 4.32
C PHE G 278 -16.14 -3.71 3.86
N ASN G 279 -16.29 -2.46 3.41
CA ASN G 279 -15.13 -1.72 2.92
C ASN G 279 -14.15 -1.39 4.03
N SER G 280 -14.64 -1.16 5.25
CA SER G 280 -13.74 -0.86 6.36
C SER G 280 -13.07 -2.11 6.91
N ILE G 281 -13.71 -3.27 6.77
CA ILE G 281 -13.06 -4.53 7.11
C ILE G 281 -11.93 -4.81 6.12
N MET G 282 -12.14 -4.49 4.84
CA MET G 282 -11.13 -4.71 3.82
C MET G 282 -9.97 -3.72 3.90
N LYS G 283 -10.10 -2.67 4.70
CA LYS G 283 -9.00 -1.75 4.94
C LYS G 283 -8.15 -2.15 6.14
N CYS G 284 -8.50 -3.23 6.82
CA CYS G 284 -7.73 -3.74 7.95
C CYS G 284 -6.77 -4.82 7.47
N ASP G 285 -5.87 -5.20 8.36
CA ASP G 285 -4.93 -6.28 8.06
C ASP G 285 -5.68 -7.56 7.75
N VAL G 286 -5.18 -8.29 6.75
CA VAL G 286 -5.84 -9.52 6.30
C VAL G 286 -5.93 -10.54 7.42
N ASP G 287 -5.01 -10.49 8.39
CA ASP G 287 -4.99 -11.47 9.47
C ASP G 287 -6.10 -11.26 10.49
N ILE G 288 -6.67 -10.06 10.58
CA ILE G 288 -7.73 -9.78 11.55
C ILE G 288 -9.10 -9.69 10.92
N ARG G 289 -9.23 -9.84 9.60
CA ARG G 289 -10.52 -9.67 8.95
C ARG G 289 -11.49 -10.78 9.34
N LYS G 290 -10.98 -11.99 9.59
CA LYS G 290 -11.84 -13.08 10.00
C LYS G 290 -12.49 -12.81 11.35
N ASP G 291 -11.75 -12.15 12.26
CA ASP G 291 -12.32 -11.80 13.55
C ASP G 291 -13.34 -10.68 13.44
N LEU G 292 -13.12 -9.75 12.50
CA LEU G 292 -14.07 -8.65 12.32
C LEU G 292 -15.36 -9.12 11.68
N TYR G 293 -15.30 -10.11 10.80
CA TYR G 293 -16.51 -10.65 10.19
C TYR G 293 -17.42 -11.29 11.22
N ALA G 294 -16.85 -11.89 12.26
CA ALA G 294 -17.63 -12.58 13.28
C ALA G 294 -17.98 -11.70 14.47
N ASN G 295 -17.54 -10.45 14.48
CA ASN G 295 -17.76 -9.56 15.61
C ASN G 295 -18.21 -8.18 15.13
N THR G 296 -19.24 -8.16 14.28
CA THR G 296 -19.83 -6.92 13.81
C THR G 296 -20.95 -6.54 14.77
N VAL G 297 -20.77 -5.43 15.48
CA VAL G 297 -21.68 -5.00 16.54
C VAL G 297 -22.41 -3.75 16.09
N LEU G 298 -23.74 -3.75 16.22
CA LEU G 298 -24.55 -2.60 15.87
C LEU G 298 -24.73 -1.70 17.09
N SER G 299 -24.80 -0.39 16.83
CA SER G 299 -24.90 0.59 17.89
C SER G 299 -25.62 1.83 17.37
N GLY G 300 -26.40 2.46 18.23
CA GLY G 300 -27.06 3.70 17.91
C GLY G 300 -28.56 3.52 17.70
N GLY G 301 -29.24 4.67 17.62
CA GLY G 301 -30.69 4.66 17.48
C GLY G 301 -31.17 4.19 16.11
N THR G 302 -30.40 4.47 15.07
CA THR G 302 -30.78 4.09 13.72
C THR G 302 -30.61 2.60 13.45
N THR G 303 -29.95 1.87 14.33
CA THR G 303 -29.86 0.41 14.22
C THR G 303 -30.98 -0.29 14.97
N MET G 304 -32.00 0.43 15.40
CA MET G 304 -33.08 -0.14 16.20
C MET G 304 -34.24 -0.64 15.37
N TYR G 305 -34.17 -0.57 14.04
CA TYR G 305 -35.24 -1.08 13.21
C TYR G 305 -35.33 -2.60 13.34
N PRO G 306 -36.51 -3.17 13.52
CA PRO G 306 -36.63 -4.63 13.49
C PRO G 306 -36.26 -5.18 12.12
N GLY G 307 -35.44 -6.22 12.12
CA GLY G 307 -34.99 -6.84 10.90
C GLY G 307 -33.71 -6.31 10.31
N ILE G 308 -33.03 -5.40 11.00
CA ILE G 308 -31.81 -4.80 10.43
C ILE G 308 -30.61 -5.72 10.60
N ALA G 309 -30.58 -6.53 11.66
CA ALA G 309 -29.46 -7.44 11.85
C ALA G 309 -29.50 -8.60 10.87
N ASP G 310 -30.70 -9.11 10.58
CA ASP G 310 -30.84 -10.17 9.59
C ASP G 310 -30.56 -9.67 8.18
N ARG G 311 -30.87 -8.41 7.91
CA ARG G 311 -30.57 -7.83 6.60
C ARG G 311 -29.07 -7.57 6.45
N MET G 312 -28.44 -7.02 7.49
CA MET G 312 -26.99 -6.84 7.45
C MET G 312 -26.27 -8.18 7.32
N GLN G 313 -26.77 -9.20 8.00
CA GLN G 313 -26.19 -10.54 7.90
C GLN G 313 -26.24 -11.06 6.47
N LYS G 314 -27.38 -10.87 5.80
CA LYS G 314 -27.54 -11.35 4.44
C LYS G 314 -26.72 -10.54 3.45
N GLU G 315 -26.64 -9.22 3.65
CA GLU G 315 -25.95 -8.36 2.69
C GLU G 315 -24.44 -8.54 2.77
N ILE G 316 -23.89 -8.66 3.98
CA ILE G 316 -22.45 -8.82 4.12
C ILE G 316 -22.03 -10.23 3.70
N THR G 317 -22.89 -11.22 3.92
CA THR G 317 -22.58 -12.57 3.43
C THR G 317 -22.41 -12.59 1.92
N ALA G 318 -23.19 -11.79 1.19
CA ALA G 318 -23.07 -11.74 -0.26
C ALA G 318 -21.80 -10.99 -0.71
N LEU G 319 -21.23 -10.14 0.14
CA LEU G 319 -20.01 -9.42 -0.21
C LEU G 319 -18.75 -10.17 0.21
N ALA G 320 -18.79 -10.84 1.35
CA ALA G 320 -17.64 -11.54 1.88
C ALA G 320 -17.46 -12.89 1.20
N PRO G 321 -16.25 -13.46 1.26
CA PRO G 321 -16.05 -14.82 0.76
C PRO G 321 -16.93 -15.81 1.51
N SER G 322 -17.31 -16.88 0.80
CA SER G 322 -18.24 -17.85 1.36
C SER G 322 -17.65 -18.63 2.53
N THR G 323 -16.33 -18.65 2.67
CA THR G 323 -15.70 -19.36 3.78
C THR G 323 -15.65 -18.56 5.06
N MET G 324 -16.03 -17.29 5.02
CA MET G 324 -16.05 -16.45 6.21
C MET G 324 -17.37 -16.61 6.95
N LYS G 325 -17.29 -16.63 8.27
CA LYS G 325 -18.48 -16.70 9.12
C LYS G 325 -18.89 -15.28 9.47
N ILE G 326 -20.06 -14.86 8.98
CA ILE G 326 -20.59 -13.52 9.22
C ILE G 326 -21.52 -13.59 10.41
N LYS G 327 -21.24 -12.80 11.44
CA LYS G 327 -22.07 -12.73 12.63
C LYS G 327 -22.32 -11.28 12.99
N ILE G 328 -23.58 -10.86 12.91
CA ILE G 328 -23.99 -9.51 13.25
C ILE G 328 -24.53 -9.52 14.68
N ILE G 329 -23.93 -8.71 15.54
CA ILE G 329 -24.32 -8.62 16.93
C ILE G 329 -25.20 -7.38 17.11
N ALA G 330 -26.45 -7.59 17.52
CA ALA G 330 -27.39 -6.51 17.77
C ALA G 330 -27.92 -6.65 19.19
N PRO G 331 -27.19 -6.16 20.19
CA PRO G 331 -27.64 -6.28 21.57
C PRO G 331 -28.92 -5.50 21.80
N PRO G 332 -29.80 -5.99 22.68
CA PRO G 332 -31.10 -5.32 22.86
C PRO G 332 -31.00 -3.92 23.44
N GLU G 333 -29.89 -3.59 24.11
CA GLU G 333 -29.69 -2.27 24.68
C GLU G 333 -28.66 -1.46 23.87
N ARG G 334 -28.65 -1.64 22.55
CA ARG G 334 -27.63 -1.01 21.73
C ARG G 334 -27.95 0.45 21.40
N LYS G 335 -29.15 0.92 21.71
CA LYS G 335 -29.48 2.31 21.42
C LYS G 335 -28.67 3.26 22.30
N TYR G 336 -28.50 2.92 23.57
CA TYR G 336 -27.73 3.73 24.50
C TYR G 336 -26.52 2.98 25.05
N SER G 337 -25.95 2.10 24.23
CA SER G 337 -24.81 1.30 24.70
C SER G 337 -23.58 2.16 24.94
N VAL G 338 -23.46 3.30 24.25
CA VAL G 338 -22.36 4.21 24.52
C VAL G 338 -22.52 4.81 25.91
N TRP G 339 -23.71 5.32 26.23
CA TRP G 339 -23.92 5.92 27.54
C TRP G 339 -23.86 4.89 28.65
N ILE G 340 -24.48 3.72 28.44
CA ILE G 340 -24.50 2.70 29.49
C ILE G 340 -23.09 2.17 29.74
N GLY G 341 -22.30 2.00 28.69
CA GLY G 341 -20.91 1.60 28.88
C GLY G 341 -20.12 2.63 29.64
N GLY G 342 -20.42 3.92 29.42
CA GLY G 342 -19.71 4.97 30.11
C GLY G 342 -20.13 5.10 31.57
N SER G 343 -21.40 4.80 31.87
CA SER G 343 -21.87 4.94 33.24
C SER G 343 -21.38 3.78 34.11
N ILE G 344 -21.25 2.59 33.52
CA ILE G 344 -20.66 1.46 34.24
C ILE G 344 -19.20 1.72 34.53
N LEU G 345 -18.48 2.27 33.55
CA LEU G 345 -17.06 2.53 33.71
C LEU G 345 -16.81 3.63 34.73
N ALA G 346 -17.58 4.72 34.66
CA ALA G 346 -17.34 5.86 35.54
C ALA G 346 -17.76 5.60 36.97
N SER G 347 -18.55 4.56 37.22
CA SER G 347 -19.00 4.24 38.58
C SER G 347 -18.09 3.26 39.30
N LEU G 348 -17.04 2.78 38.65
CA LEU G 348 -16.14 1.82 39.27
C LEU G 348 -15.20 2.54 40.23
N SER G 349 -14.99 1.93 41.41
CA SER G 349 -14.06 2.51 42.36
C SER G 349 -12.62 2.46 41.86
N THR G 350 -12.30 1.46 41.03
CA THR G 350 -10.97 1.36 40.45
C THR G 350 -10.76 2.40 39.36
N PHE G 351 -11.82 2.97 38.81
CA PHE G 351 -11.72 3.98 37.76
C PHE G 351 -11.40 5.37 38.30
N GLN G 352 -11.53 5.58 39.61
CA GLN G 352 -11.32 6.90 40.19
C GLN G 352 -9.87 7.36 40.08
N GLN G 353 -8.95 6.45 39.74
CA GLN G 353 -7.57 6.84 39.49
C GLN G 353 -7.34 7.26 38.04
N MET G 354 -8.32 7.05 37.16
CA MET G 354 -8.17 7.36 35.75
C MET G 354 -8.61 8.77 35.38
N TRP G 355 -9.34 9.45 36.27
CA TRP G 355 -9.81 10.79 35.98
C TRP G 355 -8.63 11.74 35.78
N ILE G 356 -8.86 12.76 34.96
CA ILE G 356 -7.94 13.89 34.85
C ILE G 356 -8.35 14.90 35.92
N SER G 357 -7.54 15.05 36.95
CA SER G 357 -7.86 15.99 38.02
C SER G 357 -7.61 17.42 37.58
N LYS G 358 -8.20 18.36 38.31
CA LYS G 358 -7.91 19.77 38.06
C LYS G 358 -6.48 20.11 38.44
N GLN G 359 -5.92 19.41 39.42
CA GLN G 359 -4.51 19.59 39.75
C GLN G 359 -3.62 19.20 38.58
N GLU G 360 -3.89 18.05 37.96
CA GLU G 360 -3.10 17.62 36.80
C GLU G 360 -3.31 18.56 35.61
N TYR G 361 -4.48 19.19 35.50
CA TYR G 361 -4.73 20.11 34.41
C TYR G 361 -3.99 21.43 34.59
N ASP G 362 -3.88 21.92 35.83
CA ASP G 362 -3.15 23.15 36.08
C ASP G 362 -1.67 23.03 35.78
N GLU G 363 -1.12 21.82 35.82
CA GLU G 363 0.29 21.60 35.56
C GLU G 363 0.58 21.38 34.08
N SER G 364 -0.15 20.46 33.45
CA SER G 364 0.11 20.07 32.08
C SER G 364 -0.70 20.84 31.04
N GLY G 365 -1.77 21.52 31.45
CA GLY G 365 -2.63 22.20 30.52
C GLY G 365 -3.58 21.25 29.83
N PRO G 366 -4.26 21.72 28.79
CA PRO G 366 -5.24 20.86 28.09
C PRO G 366 -4.63 19.69 27.35
N SER G 367 -3.31 19.65 27.16
CA SER G 367 -2.66 18.53 26.48
C SER G 367 -2.55 17.29 27.35
N ILE G 368 -2.95 17.37 28.62
CA ILE G 368 -2.94 16.22 29.51
C ILE G 368 -3.91 15.14 29.02
N VAL G 369 -4.89 15.52 28.20
CA VAL G 369 -5.91 14.57 27.78
C VAL G 369 -5.34 13.53 26.83
N HIS G 370 -4.24 13.85 26.12
CA HIS G 370 -3.70 12.92 25.16
C HIS G 370 -2.96 11.75 25.81
N ARG G 371 -2.42 11.93 27.01
CA ARG G 371 -1.70 10.86 27.68
C ARG G 371 -2.53 10.15 28.73
N LYS G 372 -3.61 10.75 29.22
CA LYS G 372 -4.46 10.11 30.22
C LYS G 372 -5.67 9.43 29.61
N CYS G 373 -6.17 9.93 28.48
CA CYS G 373 -7.32 9.35 27.81
C CYS G 373 -6.97 8.79 26.43
N PHE G 374 -5.71 8.91 26.00
CA PHE G 374 -5.27 8.46 24.69
C PHE G 374 -6.08 9.11 23.58
N ALA H 5 4.67 11.37 -39.51
CA ALA H 5 4.04 11.92 -38.31
C ALA H 5 3.67 10.79 -37.35
N ALA H 6 4.55 10.54 -36.38
CA ALA H 6 4.35 9.45 -35.43
C ALA H 6 3.53 9.92 -34.24
N LEU H 7 2.89 8.96 -33.58
CA LEU H 7 2.11 9.20 -32.37
C LEU H 7 2.90 8.70 -31.17
N VAL H 8 2.81 9.45 -30.07
CA VAL H 8 3.46 9.10 -28.82
C VAL H 8 2.39 8.98 -27.76
N VAL H 9 2.26 7.79 -27.18
CA VAL H 9 1.24 7.51 -26.17
C VAL H 9 1.95 7.07 -24.90
N ASP H 10 1.79 7.85 -23.84
CA ASP H 10 2.32 7.52 -22.52
C ASP H 10 1.16 7.00 -21.68
N ASN H 11 1.10 5.69 -21.49
CA ASN H 11 0.01 5.05 -20.76
C ASN H 11 0.33 5.09 -19.27
N GLY H 12 -0.21 6.07 -18.57
CA GLY H 12 0.01 6.18 -17.16
C GLY H 12 -0.99 5.40 -16.34
N SER H 13 -0.64 5.17 -15.08
CA SER H 13 -1.51 4.41 -14.19
C SER H 13 -2.84 5.11 -13.95
N GLY H 14 -2.88 6.43 -14.11
CA GLY H 14 -4.11 7.16 -13.89
C GLY H 14 -4.43 8.16 -14.98
N MET H 15 -3.44 8.54 -15.77
CA MET H 15 -3.59 9.58 -16.78
C MET H 15 -2.92 9.13 -18.06
N CYS H 16 -3.62 9.26 -19.19
CA CYS H 16 -3.08 8.91 -20.49
C CYS H 16 -2.61 10.18 -21.19
N LYS H 17 -1.33 10.22 -21.55
CA LYS H 17 -0.74 11.34 -22.28
C LYS H 17 -0.50 10.89 -23.70
N ALA H 18 -1.06 11.63 -24.66
CA ALA H 18 -0.97 11.28 -26.06
C ALA H 18 -0.76 12.54 -26.90
N GLY H 19 -0.03 12.38 -27.99
CA GLY H 19 0.22 13.50 -28.87
C GLY H 19 1.01 13.07 -30.07
N PHE H 20 1.58 14.05 -30.76
CA PHE H 20 2.31 13.83 -32.00
C PHE H 20 3.79 14.08 -31.79
N ALA H 21 4.61 13.21 -32.37
CA ALA H 21 6.05 13.35 -32.27
C ALA H 21 6.49 14.67 -32.91
N GLY H 22 7.32 15.41 -32.19
CA GLY H 22 7.76 16.71 -32.63
C GLY H 22 7.12 17.87 -31.91
N ASP H 23 6.02 17.64 -31.21
CA ASP H 23 5.36 18.67 -30.42
C ASP H 23 6.00 18.77 -29.05
N ASP H 24 5.86 19.94 -28.43
CA ASP H 24 6.47 20.19 -27.13
C ASP H 24 5.64 19.60 -25.98
N ALA H 25 4.34 19.45 -26.17
CA ALA H 25 3.45 18.96 -25.13
C ALA H 25 2.48 17.96 -25.73
N PRO H 26 1.96 17.03 -24.93
CA PRO H 26 0.94 16.11 -25.44
C PRO H 26 -0.35 16.85 -25.76
N ARG H 27 -1.03 16.39 -26.81
CA ARG H 27 -2.27 17.03 -27.21
C ARG H 27 -3.41 16.65 -26.28
N ALA H 28 -3.45 15.41 -25.82
CA ALA H 28 -4.55 14.90 -25.00
C ALA H 28 -4.02 14.34 -23.70
N VAL H 29 -4.60 14.77 -22.58
CA VAL H 29 -4.31 14.24 -21.26
C VAL H 29 -5.64 13.98 -20.59
N PHE H 30 -6.03 12.72 -20.47
CA PHE H 30 -7.33 12.33 -19.96
C PHE H 30 -7.18 11.17 -19.00
N PRO H 31 -8.15 10.95 -18.12
CA PRO H 31 -8.06 9.83 -17.17
C PRO H 31 -8.18 8.50 -17.88
N SER H 32 -7.33 7.56 -17.50
CA SER H 32 -7.36 6.22 -18.09
C SER H 32 -8.31 5.33 -17.28
N ILE H 33 -9.60 5.62 -17.44
CA ILE H 33 -10.67 4.92 -16.75
C ILE H 33 -11.71 4.47 -17.76
N VAL H 34 -12.35 3.34 -17.44
CA VAL H 34 -13.49 2.84 -18.19
C VAL H 34 -14.66 2.74 -17.22
N GLY H 35 -15.77 3.40 -17.55
CA GLY H 35 -16.93 3.42 -16.69
C GLY H 35 -18.07 2.59 -17.28
N ARG H 36 -18.71 1.80 -16.42
CA ARG H 36 -19.86 0.99 -16.78
C ARG H 36 -20.97 1.23 -15.75
N PRO H 37 -22.23 1.15 -16.18
CA PRO H 37 -23.33 1.48 -15.26
C PRO H 37 -23.36 0.58 -14.03
N ARG H 38 -23.74 1.16 -12.90
CA ARG H 38 -23.75 0.47 -11.62
C ARG H 38 -24.72 -0.71 -11.63
N ASP H 50 -23.15 2.18 -22.30
CA ASP H 50 -22.83 1.02 -21.49
C ASP H 50 -21.35 0.98 -21.14
N SER H 51 -20.55 1.81 -21.82
CA SER H 51 -19.11 1.86 -21.62
C SER H 51 -18.61 3.25 -21.93
N TYR H 52 -18.06 3.93 -20.93
CA TYR H 52 -17.56 5.29 -21.08
C TYR H 52 -16.08 5.32 -20.75
N VAL H 53 -15.32 6.07 -21.54
CA VAL H 53 -13.87 6.13 -21.42
C VAL H 53 -13.43 7.57 -21.19
N GLY H 54 -12.52 7.77 -20.26
CA GLY H 54 -11.86 9.05 -20.11
C GLY H 54 -12.72 10.05 -19.38
N ASP H 55 -12.82 11.26 -19.94
CA ASP H 55 -13.62 12.31 -19.33
C ASP H 55 -15.12 12.01 -19.47
N GLU H 56 -15.50 11.18 -20.43
CA GLU H 56 -16.90 10.75 -20.52
C GLU H 56 -17.29 9.95 -19.30
N ALA H 57 -16.39 9.11 -18.79
CA ALA H 57 -16.69 8.30 -17.62
C ALA H 57 -16.76 9.15 -16.36
N GLN H 58 -16.16 10.35 -16.38
CA GLN H 58 -16.23 11.21 -15.21
C GLN H 58 -17.33 12.25 -15.34
N SER H 59 -17.88 12.41 -16.54
CA SER H 59 -18.98 13.37 -16.71
C SER H 59 -20.28 12.81 -16.15
N LYS H 60 -20.39 11.48 -16.06
CA LYS H 60 -21.60 10.87 -15.53
C LYS H 60 -21.59 10.85 -14.01
N ARG H 61 -20.39 10.93 -13.40
CA ARG H 61 -20.20 10.95 -11.96
C ARG H 61 -20.62 9.64 -11.29
N GLY H 62 -21.80 9.62 -10.67
CA GLY H 62 -22.12 8.56 -9.73
C GLY H 62 -23.00 7.44 -10.27
N ILE H 63 -23.44 7.55 -11.52
CA ILE H 63 -24.29 6.50 -12.08
C ILE H 63 -23.47 5.24 -12.37
N LEU H 64 -22.23 5.43 -12.79
CA LEU H 64 -21.39 4.31 -13.25
C LEU H 64 -20.28 4.01 -12.26
N THR H 65 -19.77 2.78 -12.35
CA THR H 65 -18.61 2.37 -11.57
C THR H 65 -17.37 2.42 -12.46
N LEU H 66 -16.28 2.93 -11.90
CA LEU H 66 -15.06 3.18 -12.66
C LEU H 66 -14.02 2.12 -12.37
N LYS H 67 -13.29 1.72 -13.41
CA LYS H 67 -12.24 0.72 -13.30
C LYS H 67 -10.97 1.25 -13.96
N TYR H 68 -9.84 1.05 -13.31
CA TYR H 68 -8.54 1.37 -13.88
C TYR H 68 -7.96 0.12 -14.53
N PRO H 69 -7.86 0.05 -15.86
CA PRO H 69 -7.27 -1.14 -16.49
C PRO H 69 -5.77 -1.23 -16.33
N ILE H 70 -5.11 -0.14 -15.97
CA ILE H 70 -3.66 -0.14 -15.80
C ILE H 70 -3.36 0.54 -14.47
N GLU H 71 -3.99 0.06 -13.42
CA GLU H 71 -4.06 0.74 -12.12
C GLU H 71 -2.70 1.04 -11.47
N HIC H 72 -1.74 0.12 -11.61
CA HIC H 72 -0.44 0.31 -11.01
C HIC H 72 0.68 0.25 -12.05
O HIC H 72 1.75 -0.29 -11.78
CB HIC H 72 -0.19 -0.74 -9.92
CG HIC H 72 -1.15 -0.59 -8.79
ND1 HIC H 72 -1.14 0.49 -7.96
CD2 HIC H 72 -2.15 -1.45 -8.41
CE1 HIC H 72 -2.11 0.29 -7.10
NE2 HIC H 72 -2.75 -0.87 -7.33
CZ HIC H 72 -3.86 -1.40 -6.58
N GLY H 73 0.41 0.80 -13.23
CA GLY H 73 1.41 0.84 -14.28
C GLY H 73 1.40 -0.36 -15.20
N ILE H 74 0.93 -1.49 -14.67
CA ILE H 74 0.85 -2.74 -15.42
C ILE H 74 -0.59 -2.95 -15.86
N VAL H 75 -0.78 -3.24 -17.15
CA VAL H 75 -2.12 -3.49 -17.68
C VAL H 75 -2.65 -4.78 -17.10
N THR H 76 -3.80 -4.71 -16.44
CA THR H 76 -4.46 -5.88 -15.89
C THR H 76 -5.69 -6.33 -16.66
N ASN H 77 -6.37 -5.41 -17.33
CA ASN H 77 -7.56 -5.71 -18.11
C ASN H 77 -7.30 -5.26 -19.55
N TRP H 78 -7.00 -6.22 -20.43
CA TRP H 78 -6.65 -5.88 -21.80
C TRP H 78 -7.86 -5.51 -22.65
N ASP H 79 -9.06 -5.92 -22.25
CA ASP H 79 -10.24 -5.49 -22.99
C ASP H 79 -10.53 -4.01 -22.77
N ASP H 80 -10.40 -3.54 -21.53
CA ASP H 80 -10.58 -2.12 -21.24
C ASP H 80 -9.39 -1.29 -21.73
N MET H 81 -8.21 -1.88 -21.80
CA MET H 81 -7.05 -1.15 -22.32
C MET H 81 -7.20 -0.87 -23.81
N GLU H 82 -7.86 -1.75 -24.55
CA GLU H 82 -8.13 -1.49 -25.96
C GLU H 82 -9.18 -0.40 -26.14
N LYS H 83 -10.11 -0.27 -25.18
CA LYS H 83 -11.09 0.80 -25.25
C LYS H 83 -10.43 2.16 -25.05
N ILE H 84 -9.41 2.21 -24.19
CA ILE H 84 -8.70 3.47 -23.94
C ILE H 84 -7.85 3.84 -25.15
N TRP H 85 -7.17 2.86 -25.74
CA TRP H 85 -6.37 3.14 -26.93
C TRP H 85 -7.25 3.53 -28.11
N HIS H 86 -8.43 2.92 -28.23
CA HIS H 86 -9.36 3.32 -29.28
C HIS H 86 -9.88 4.73 -29.04
N HIS H 87 -10.19 5.05 -27.78
CA HIS H 87 -10.59 6.41 -27.44
C HIS H 87 -9.46 7.41 -27.68
N THR H 88 -8.22 6.98 -27.42
CA THR H 88 -7.07 7.86 -27.62
C THR H 88 -6.91 8.24 -29.08
N PHE H 89 -7.01 7.27 -29.98
CA PHE H 89 -6.73 7.53 -31.38
C PHE H 89 -7.83 8.32 -32.05
N TYR H 90 -9.09 7.95 -31.82
CA TYR H 90 -10.18 8.50 -32.60
C TYR H 90 -10.84 9.72 -31.96
N ASN H 91 -10.93 9.75 -30.63
CA ASN H 91 -11.60 10.84 -29.95
C ASN H 91 -10.66 11.91 -29.43
N GLU H 92 -9.45 11.54 -29.02
CA GLU H 92 -8.52 12.49 -28.43
C GLU H 92 -7.53 13.03 -29.46
N LEU H 93 -6.78 12.14 -30.11
CA LEU H 93 -5.86 12.56 -31.15
C LEU H 93 -6.56 12.81 -32.48
N ARG H 94 -7.73 12.21 -32.69
CA ARG H 94 -8.56 12.45 -33.87
C ARG H 94 -7.81 12.07 -35.15
N VAL H 95 -7.17 10.91 -35.14
CA VAL H 95 -6.45 10.38 -36.29
C VAL H 95 -6.80 8.90 -36.44
N ALA H 96 -6.49 8.37 -37.62
CA ALA H 96 -6.61 6.94 -37.86
C ALA H 96 -5.29 6.26 -37.54
N PRO H 97 -5.25 5.32 -36.60
CA PRO H 97 -3.96 4.73 -36.21
C PRO H 97 -3.29 3.91 -37.29
N GLU H 98 -3.99 3.55 -38.36
CA GLU H 98 -3.38 2.80 -39.46
C GLU H 98 -2.54 3.67 -40.37
N GLU H 99 -2.46 4.99 -40.11
CA GLU H 99 -1.66 5.89 -40.91
C GLU H 99 -0.43 6.42 -40.20
N HIS H 100 -0.27 6.14 -38.91
CA HIS H 100 0.83 6.69 -38.14
C HIS H 100 1.54 5.59 -37.36
N PRO H 101 2.87 5.60 -37.34
CA PRO H 101 3.60 4.78 -36.38
C PRO H 101 3.36 5.28 -34.96
N VAL H 102 3.31 4.34 -34.02
CA VAL H 102 2.96 4.65 -32.63
C VAL H 102 4.10 4.23 -31.73
N LEU H 103 4.55 5.14 -30.88
CA LEU H 103 5.52 4.85 -29.83
C LEU H 103 4.77 4.71 -28.51
N LEU H 104 4.81 3.53 -27.92
CA LEU H 104 4.21 3.28 -26.63
C LEU H 104 5.26 3.30 -25.54
N THR H 105 4.82 3.54 -24.31
CA THR H 105 5.67 3.49 -23.14
C THR H 105 5.18 2.40 -22.20
N GLU H 106 6.08 1.92 -21.36
CA GLU H 106 5.74 0.85 -20.42
C GLU H 106 6.39 1.11 -19.07
N ALA H 107 5.73 0.63 -18.03
CA ALA H 107 6.24 0.76 -16.68
C ALA H 107 7.43 -0.16 -16.46
N PRO H 108 8.28 0.14 -15.48
CA PRO H 108 9.38 -0.77 -15.16
C PRO H 108 8.86 -2.10 -14.62
N LEU H 109 9.64 -3.16 -14.84
CA LEU H 109 9.28 -4.52 -14.45
C LEU H 109 8.00 -5.00 -15.13
N ASN H 110 7.75 -4.52 -16.34
CA ASN H 110 6.61 -4.97 -17.12
C ASN H 110 6.89 -6.37 -17.65
N PRO H 111 6.05 -7.37 -17.36
CA PRO H 111 6.34 -8.73 -17.80
C PRO H 111 6.36 -8.83 -19.33
N LYS H 112 7.17 -9.77 -19.83
CA LYS H 112 7.37 -9.92 -21.26
C LYS H 112 6.10 -10.31 -21.99
N ALA H 113 5.16 -10.99 -21.32
CA ALA H 113 3.89 -11.31 -21.95
C ALA H 113 3.08 -10.06 -22.24
N ASN H 114 3.23 -9.01 -21.43
CA ASN H 114 2.53 -7.77 -21.68
C ASN H 114 3.12 -6.99 -22.85
N ARG H 115 4.45 -7.06 -23.04
CA ARG H 115 5.07 -6.39 -24.17
C ARG H 115 4.59 -7.00 -25.49
N GLU H 116 4.48 -8.34 -25.54
CA GLU H 116 3.99 -8.98 -26.74
C GLU H 116 2.51 -8.75 -26.96
N LYS H 117 1.74 -8.65 -25.87
CA LYS H 117 0.31 -8.36 -26.00
C LYS H 117 0.08 -6.96 -26.55
N MET H 118 0.90 -5.99 -26.14
CA MET H 118 0.80 -4.65 -26.70
C MET H 118 1.12 -4.65 -28.19
N THR H 119 2.17 -5.38 -28.58
CA THR H 119 2.57 -5.43 -29.99
C THR H 119 1.50 -6.10 -30.84
N GLN H 120 0.85 -7.14 -30.29
CA GLN H 120 -0.20 -7.82 -31.04
C GLN H 120 -1.43 -6.95 -31.22
N ILE H 121 -1.80 -6.20 -30.18
CA ILE H 121 -2.97 -5.34 -30.26
C ILE H 121 -2.74 -4.19 -31.24
N MET H 122 -1.52 -3.65 -31.26
CA MET H 122 -1.26 -2.51 -32.13
C MET H 122 -1.24 -2.90 -33.60
N PHE H 123 -0.75 -4.10 -33.93
CA PHE H 123 -0.65 -4.50 -35.32
C PHE H 123 -1.91 -5.18 -35.84
N GLU H 124 -2.68 -5.85 -34.98
CA GLU H 124 -3.85 -6.59 -35.40
C GLU H 124 -5.15 -5.86 -35.15
N THR H 125 -5.29 -5.17 -34.02
CA THR H 125 -6.53 -4.45 -33.75
C THR H 125 -6.55 -3.08 -34.42
N PHE H 126 -5.43 -2.35 -34.35
CA PHE H 126 -5.37 -1.00 -34.88
C PHE H 126 -4.61 -0.89 -36.20
N ASN H 127 -3.87 -1.93 -36.58
CA ASN H 127 -3.19 -1.99 -37.87
C ASN H 127 -2.22 -0.82 -38.06
N THR H 128 -1.41 -0.57 -37.04
CA THR H 128 -0.41 0.48 -37.15
C THR H 128 0.68 0.05 -38.13
N PRO H 129 1.17 0.98 -38.96
CA PRO H 129 2.24 0.61 -39.90
C PRO H 129 3.56 0.28 -39.19
N ALA H 130 3.86 0.97 -38.10
CA ALA H 130 5.06 0.72 -37.33
C ALA H 130 4.75 0.92 -35.86
N MET H 131 5.67 0.49 -35.01
CA MET H 131 5.41 0.45 -33.58
C MET H 131 6.73 0.38 -32.82
N TYR H 132 6.72 0.88 -31.59
CA TYR H 132 7.91 0.88 -30.75
C TYR H 132 7.48 1.00 -29.30
N VAL H 133 8.20 0.29 -28.43
CA VAL H 133 7.95 0.31 -26.99
C VAL H 133 9.20 0.82 -26.29
N ALA H 134 9.02 1.77 -25.38
CA ALA H 134 10.12 2.33 -24.60
C ALA H 134 9.77 2.28 -23.12
N ILE H 135 10.81 2.22 -22.30
CA ILE H 135 10.63 2.24 -20.85
C ILE H 135 10.50 3.69 -20.40
N GLN H 136 9.52 3.95 -19.52
CA GLN H 136 9.21 5.31 -19.12
C GLN H 136 10.38 5.96 -18.37
N ALA H 137 10.99 5.22 -17.44
CA ALA H 137 12.05 5.81 -16.62
C ALA H 137 13.28 6.14 -17.44
N VAL H 138 13.59 5.33 -18.46
CA VAL H 138 14.76 5.60 -19.28
C VAL H 138 14.55 6.85 -20.13
N LEU H 139 13.33 7.11 -20.58
CA LEU H 139 13.04 8.32 -21.32
C LEU H 139 13.20 9.56 -20.44
N SER H 140 12.82 9.45 -19.16
CA SER H 140 12.98 10.58 -18.24
C SER H 140 14.44 10.87 -17.96
N LEU H 141 15.26 9.82 -17.82
CA LEU H 141 16.68 10.04 -17.57
C LEU H 141 17.38 10.64 -18.79
N TYR H 142 17.03 10.16 -19.98
CA TYR H 142 17.60 10.74 -21.20
C TYR H 142 17.18 12.20 -21.36
N ALA H 143 15.94 12.52 -20.99
CA ALA H 143 15.46 13.88 -21.14
C ALA H 143 16.22 14.86 -20.24
N SER H 144 16.76 14.37 -19.12
CA SER H 144 17.59 15.18 -18.25
C SER H 144 19.04 15.25 -18.70
N GLY H 145 19.39 14.58 -19.80
CA GLY H 145 20.76 14.58 -20.26
C GLY H 145 21.67 13.59 -19.57
N ARG H 146 21.14 12.44 -19.16
CA ARG H 146 21.91 11.44 -18.44
C ARG H 146 21.65 10.05 -19.02
N THR H 147 22.66 9.20 -18.92
CA THR H 147 22.51 7.78 -19.19
C THR H 147 22.66 6.93 -17.94
N THR H 148 23.16 7.50 -16.86
CA THR H 148 23.30 6.82 -15.58
C THR H 148 22.62 7.65 -14.51
N GLY H 149 21.87 6.99 -13.64
CA GLY H 149 21.18 7.67 -12.57
C GLY H 149 20.02 6.82 -12.09
N ILE H 150 19.34 7.35 -11.08
CA ILE H 150 18.16 6.70 -10.53
C ILE H 150 16.98 7.65 -10.69
N VAL H 151 15.90 7.15 -11.28
CA VAL H 151 14.70 7.94 -11.54
C VAL H 151 13.68 7.60 -10.47
N MET H 152 13.20 8.63 -9.78
CA MET H 152 12.10 8.50 -8.83
C MET H 152 10.84 8.99 -9.55
N ASP H 153 10.08 8.05 -10.11
CA ASP H 153 8.90 8.35 -10.91
C ASP H 153 7.66 8.13 -10.05
N SER H 154 7.05 9.23 -9.60
CA SER H 154 5.84 9.18 -8.81
C SER H 154 4.69 9.72 -9.65
N GLY H 155 3.73 8.86 -9.96
CA GLY H 155 2.63 9.25 -10.81
C GLY H 155 1.30 9.32 -10.08
N ASP H 156 0.30 8.61 -10.60
CA ASP H 156 -1.04 8.60 -10.01
C ASP H 156 -1.29 7.35 -9.17
N GLY H 157 -0.99 6.17 -9.71
CA GLY H 157 -1.27 4.94 -9.00
C GLY H 157 -0.06 4.28 -8.37
N VAL H 158 1.14 4.62 -8.83
CA VAL H 158 2.33 3.88 -8.43
C VAL H 158 3.51 4.83 -8.40
N THR H 159 4.48 4.53 -7.53
CA THR H 159 5.77 5.20 -7.48
C THR H 159 6.86 4.17 -7.71
N HIS H 160 7.80 4.48 -8.60
CA HIS H 160 8.92 3.61 -8.89
C HIS H 160 10.23 4.35 -8.67
N THR H 161 11.20 3.64 -8.09
CA THR H 161 12.58 4.09 -8.05
C THR H 161 13.38 3.16 -8.95
N VAL H 162 13.87 3.69 -10.06
CA VAL H 162 14.46 2.90 -11.13
C VAL H 162 15.92 3.34 -11.30
N PRO H 163 16.87 2.59 -10.75
CA PRO H 163 18.28 2.87 -11.02
C PRO H 163 18.67 2.40 -12.41
N ILE H 164 19.34 3.27 -13.16
CA ILE H 164 19.69 3.03 -14.55
C ILE H 164 21.19 3.22 -14.71
N TYR H 165 21.84 2.25 -15.34
CA TYR H 165 23.27 2.31 -15.60
C TYR H 165 23.51 2.15 -17.09
N GLU H 166 24.08 3.20 -17.71
CA GLU H 166 24.41 3.19 -19.13
C GLU H 166 23.20 2.89 -20.01
N GLY H 167 22.05 3.46 -19.64
CA GLY H 167 20.85 3.33 -20.43
C GLY H 167 20.03 2.09 -20.18
N TYR H 168 20.41 1.25 -19.21
CA TYR H 168 19.69 0.03 -18.92
C TYR H 168 19.23 0.04 -17.46
N ALA H 169 17.93 -0.15 -17.25
CA ALA H 169 17.40 -0.24 -15.90
C ALA H 169 17.87 -1.52 -15.24
N LEU H 170 18.26 -1.42 -13.98
CA LEU H 170 18.69 -2.57 -13.21
C LEU H 170 17.48 -3.22 -12.55
N PRO H 171 16.98 -4.33 -13.10
CA PRO H 171 15.66 -4.81 -12.66
C PRO H 171 15.63 -5.36 -11.24
N HIS H 172 16.75 -5.89 -10.74
CA HIS H 172 16.76 -6.41 -9.39
C HIS H 172 16.74 -5.31 -8.33
N ALA H 173 17.06 -4.08 -8.72
CA ALA H 173 17.09 -2.96 -7.79
C ALA H 173 15.89 -2.03 -7.93
N ILE H 174 14.99 -2.31 -8.86
CA ILE H 174 13.80 -1.47 -9.02
C ILE H 174 12.83 -1.75 -7.88
N LEU H 175 12.43 -0.68 -7.19
CA LEU H 175 11.46 -0.79 -6.09
C LEU H 175 10.16 -0.11 -6.49
N ARG H 176 9.05 -0.69 -6.06
CA ARG H 176 7.72 -0.19 -6.36
C ARG H 176 7.02 0.20 -5.08
N LEU H 177 6.34 1.34 -5.11
CA LEU H 177 5.62 1.86 -3.96
C LEU H 177 4.20 2.19 -4.41
N ASP H 178 3.21 1.49 -3.86
CA ASP H 178 1.81 1.74 -4.20
C ASP H 178 1.28 2.93 -3.41
N LEU H 179 1.94 4.07 -3.62
CA LEU H 179 1.60 5.32 -2.93
C LEU H 179 1.97 6.46 -3.86
N ALA H 180 0.96 7.09 -4.44
CA ALA H 180 1.19 8.20 -5.35
C ALA H 180 0.10 9.24 -5.23
N GLY H 181 -0.22 9.94 -6.33
CA GLY H 181 -1.13 11.06 -6.26
C GLY H 181 -2.56 10.65 -5.95
N ARG H 182 -2.95 9.45 -6.38
CA ARG H 182 -4.31 8.98 -6.10
C ARG H 182 -4.54 8.80 -4.61
N ASP H 183 -3.54 8.28 -3.90
CA ASP H 183 -3.66 8.12 -2.46
C ASP H 183 -3.59 9.45 -1.73
N LEU H 184 -2.86 10.43 -2.29
CA LEU H 184 -2.79 11.75 -1.70
C LEU H 184 -4.09 12.52 -1.89
N THR H 185 -4.78 12.31 -3.01
CA THR H 185 -6.08 12.94 -3.20
C THR H 185 -7.10 12.41 -2.20
N ASP H 186 -7.11 11.09 -1.99
CA ASP H 186 -8.02 10.50 -1.02
C ASP H 186 -7.71 10.94 0.40
N TYR H 187 -6.43 11.15 0.70
CA TYR H 187 -6.05 11.59 2.04
C TYR H 187 -6.41 13.05 2.25
N LEU H 188 -6.32 13.88 1.21
CA LEU H 188 -6.72 15.27 1.34
C LEU H 188 -8.23 15.40 1.51
N MET H 189 -9.00 14.56 0.82
CA MET H 189 -10.44 14.51 1.05
C MET H 189 -10.75 14.16 2.50
N LYS H 190 -9.95 13.26 3.08
CA LYS H 190 -10.21 12.80 4.43
C LYS H 190 -9.90 13.87 5.48
N ILE H 191 -8.79 14.59 5.31
CA ILE H 191 -8.41 15.58 6.31
C ILE H 191 -9.10 16.92 6.08
N LEU H 192 -9.70 17.15 4.92
CA LEU H 192 -10.51 18.34 4.73
C LEU H 192 -11.85 18.24 5.45
N THR H 193 -12.28 17.02 5.80
CA THR H 193 -13.49 16.88 6.59
C THR H 193 -13.27 17.24 8.05
N GLU H 194 -12.02 17.32 8.50
CA GLU H 194 -11.74 17.79 9.84
C GLU H 194 -11.97 19.29 9.99
N ARG H 195 -12.03 20.03 8.89
CA ARG H 195 -12.37 21.44 8.91
C ARG H 195 -13.85 21.70 8.68
N GLY H 196 -14.66 20.66 8.54
CA GLY H 196 -16.08 20.81 8.35
C GLY H 196 -16.55 20.72 6.91
N TYR H 197 -15.65 20.55 5.96
CA TYR H 197 -16.04 20.38 4.57
C TYR H 197 -16.34 18.92 4.29
N SER H 198 -17.13 18.69 3.24
CA SER H 198 -17.56 17.34 2.88
C SER H 198 -17.27 17.10 1.41
N PHE H 199 -16.24 16.31 1.12
CA PHE H 199 -15.91 15.89 -0.23
C PHE H 199 -15.95 14.36 -0.24
N THR H 200 -16.99 13.80 -0.86
CA THR H 200 -17.16 12.36 -0.85
C THR H 200 -17.47 11.83 -2.25
N THR H 201 -18.17 12.62 -3.05
CA THR H 201 -18.62 12.15 -4.37
C THR H 201 -17.46 12.17 -5.36
N THR H 202 -17.74 11.65 -6.56
CA THR H 202 -16.73 11.60 -7.61
C THR H 202 -16.44 13.00 -8.15
N ALA H 203 -17.47 13.84 -8.26
CA ALA H 203 -17.26 15.20 -8.72
C ALA H 203 -16.48 16.03 -7.71
N GLU H 204 -16.70 15.77 -6.42
CA GLU H 204 -15.95 16.48 -5.38
C GLU H 204 -14.52 15.96 -5.26
N ARG H 205 -14.23 14.75 -5.72
CA ARG H 205 -12.86 14.27 -5.75
C ARG H 205 -12.04 15.01 -6.81
N GLU H 206 -12.66 15.39 -7.92
CA GLU H 206 -11.95 16.18 -8.92
C GLU H 206 -11.67 17.59 -8.43
N ILE H 207 -12.52 18.11 -7.53
CA ILE H 207 -12.27 19.41 -6.93
C ILE H 207 -11.09 19.32 -5.97
N VAL H 208 -11.03 18.25 -5.18
CA VAL H 208 -9.94 18.09 -4.21
C VAL H 208 -8.62 17.87 -4.94
N ARG H 209 -8.64 17.15 -6.07
CA ARG H 209 -7.43 17.00 -6.86
C ARG H 209 -6.93 18.33 -7.38
N ASP H 210 -7.86 19.24 -7.72
CA ASP H 210 -7.45 20.57 -8.16
C ASP H 210 -6.91 21.40 -7.02
N ILE H 211 -7.47 21.25 -5.82
CA ILE H 211 -6.92 21.91 -4.64
C ILE H 211 -5.53 21.41 -4.35
N LYS H 212 -5.31 20.10 -4.50
CA LYS H 212 -4.01 19.50 -4.21
C LYS H 212 -2.94 20.03 -5.16
N GLU H 213 -3.26 20.16 -6.45
CA GLU H 213 -2.29 20.58 -7.44
C GLU H 213 -2.02 22.07 -7.43
N LYS H 214 -2.79 22.86 -6.68
CA LYS H 214 -2.61 24.30 -6.65
C LYS H 214 -2.12 24.84 -5.33
N LEU H 215 -2.47 24.22 -4.20
CA LEU H 215 -2.18 24.78 -2.90
C LEU H 215 -1.29 23.92 -2.02
N CYS H 216 -1.10 22.65 -2.35
CA CYS H 216 -0.28 21.78 -1.51
C CYS H 216 1.20 21.95 -1.82
N TYR H 217 2.03 21.76 -0.79
CA TYR H 217 3.48 21.87 -0.92
C TYR H 217 4.12 21.00 0.14
N VAL H 218 5.40 20.69 -0.07
CA VAL H 218 6.16 19.87 0.85
C VAL H 218 6.92 20.77 1.80
N ALA H 219 6.71 20.57 3.10
CA ALA H 219 7.43 21.33 4.11
C ALA H 219 8.82 20.77 4.32
N LEU H 220 9.80 21.67 4.44
CA LEU H 220 11.17 21.21 4.67
C LEU H 220 11.32 20.58 6.05
N ASP H 221 10.72 21.19 7.07
CA ASP H 221 10.65 20.65 8.42
C ASP H 221 9.18 20.56 8.79
N PHE H 222 8.66 19.34 8.92
CA PHE H 222 7.22 19.17 9.09
C PHE H 222 6.76 19.64 10.46
N GLU H 223 7.46 19.24 11.52
CA GLU H 223 7.03 19.63 12.87
C GLU H 223 7.19 21.13 13.10
N GLN H 224 8.21 21.75 12.50
CA GLN H 224 8.33 23.20 12.57
C GLN H 224 7.23 23.89 11.78
N GLU H 225 6.82 23.30 10.65
CA GLU H 225 5.75 23.88 9.85
C GLU H 225 4.40 23.72 10.54
N MET H 226 4.20 22.62 11.27
CA MET H 226 2.96 22.45 12.02
C MET H 226 2.85 23.46 13.15
N ALA H 227 3.97 23.88 13.73
CA ALA H 227 3.95 24.91 14.76
C ALA H 227 3.69 26.29 14.17
N THR H 228 4.23 26.56 12.98
CA THR H 228 3.97 27.85 12.32
C THR H 228 2.50 27.98 11.94
N ALA H 229 1.88 26.90 11.48
CA ALA H 229 0.48 26.95 11.08
C ALA H 229 -0.46 27.04 12.27
N ALA H 230 -0.03 26.61 13.45
CA ALA H 230 -0.87 26.63 14.64
C ALA H 230 -0.78 27.94 15.40
N SER H 231 0.12 28.84 15.02
CA SER H 231 0.33 30.09 15.74
C SER H 231 -0.09 31.31 14.95
N SER H 232 -0.47 31.17 13.68
CA SER H 232 -0.88 32.32 12.87
C SER H 232 -1.76 31.80 11.74
N SER H 233 -1.97 32.64 10.73
CA SER H 233 -2.74 32.28 9.55
C SER H 233 -2.01 32.66 8.26
N SER H 234 -0.68 32.78 8.32
CA SER H 234 0.09 33.15 7.14
C SER H 234 0.17 32.01 6.13
N LEU H 235 -0.18 30.79 6.52
CA LEU H 235 -0.17 29.64 5.63
C LEU H 235 -1.54 29.29 5.09
N GLU H 236 -2.58 30.04 5.47
CA GLU H 236 -3.93 29.73 5.02
C GLU H 236 -4.18 30.31 3.64
N LYS H 237 -4.83 29.51 2.79
CA LYS H 237 -5.20 29.90 1.44
C LYS H 237 -6.68 29.70 1.23
N SER H 238 -7.26 30.54 0.39
CA SER H 238 -8.66 30.41 0.00
C SER H 238 -8.76 29.74 -1.36
N TYR H 239 -9.85 29.00 -1.57
CA TYR H 239 -10.09 28.30 -2.81
C TYR H 239 -11.57 28.42 -3.15
N GLU H 240 -11.87 28.78 -4.39
CA GLU H 240 -13.24 28.96 -4.83
C GLU H 240 -13.73 27.68 -5.52
N LEU H 241 -14.84 27.15 -5.04
CA LEU H 241 -15.45 25.95 -5.61
C LEU H 241 -16.15 26.30 -6.91
N PRO H 242 -16.51 25.29 -7.72
CA PRO H 242 -17.17 25.58 -9.00
C PRO H 242 -18.49 26.34 -8.86
N ASP H 243 -19.16 26.24 -7.72
CA ASP H 243 -20.42 26.94 -7.51
C ASP H 243 -20.25 28.26 -6.79
N GLY H 244 -19.02 28.78 -6.72
CA GLY H 244 -18.76 30.07 -6.14
C GLY H 244 -18.45 30.08 -4.66
N GLN H 245 -18.64 28.96 -3.96
CA GLN H 245 -18.35 28.92 -2.53
C GLN H 245 -16.85 28.88 -2.30
N VAL H 246 -16.41 29.58 -1.25
CA VAL H 246 -14.99 29.73 -0.95
C VAL H 246 -14.68 28.94 0.31
N ILE H 247 -13.69 28.06 0.23
CA ILE H 247 -13.19 27.33 1.38
C ILE H 247 -11.77 27.81 1.68
N THR H 248 -11.36 27.61 2.93
CA THR H 248 -10.01 27.96 3.36
C THR H 248 -9.29 26.72 3.84
N ILE H 249 -8.02 26.61 3.47
CA ILE H 249 -7.20 25.44 3.80
C ILE H 249 -5.95 25.92 4.51
N GLY H 250 -5.59 25.26 5.60
CA GLY H 250 -4.46 25.68 6.40
C GLY H 250 -3.29 24.71 6.37
N ASN H 251 -3.13 23.92 7.44
CA ASN H 251 -2.02 22.98 7.50
C ASN H 251 -2.24 21.76 6.63
N GLU H 252 -3.44 21.57 6.08
CA GLU H 252 -3.67 20.50 5.12
C GLU H 252 -2.84 20.68 3.85
N ARG H 253 -2.32 21.88 3.62
CA ARG H 253 -1.52 22.12 2.43
C ARG H 253 -0.24 21.30 2.43
N PHE H 254 0.42 21.18 3.58
CA PHE H 254 1.63 20.39 3.67
C PHE H 254 1.45 19.06 4.38
N ARG H 255 0.30 18.82 4.99
CA ARG H 255 0.04 17.51 5.58
C ARG H 255 -0.30 16.47 4.54
N CYS H 256 -0.88 16.87 3.40
CA CYS H 256 -1.22 15.91 2.37
C CYS H 256 0.02 15.34 1.68
N PRO H 257 0.94 16.14 1.13
CA PRO H 257 2.14 15.54 0.53
C PRO H 257 3.14 15.02 1.56
N GLU H 258 2.94 15.28 2.84
CA GLU H 258 3.79 14.70 3.87
C GLU H 258 3.63 13.18 3.94
N ALA H 259 2.51 12.64 3.48
CA ALA H 259 2.31 11.21 3.44
C ALA H 259 3.25 10.52 2.46
N LEU H 260 3.87 11.26 1.55
CA LEU H 260 4.88 10.68 0.68
C LEU H 260 6.13 10.28 1.46
N PHE H 261 6.44 11.03 2.51
CA PHE H 261 7.60 10.75 3.35
C PHE H 261 7.25 10.00 4.62
N GLN H 262 6.00 10.07 5.06
CA GLN H 262 5.52 9.32 6.23
C GLN H 262 4.27 8.57 5.82
N PRO H 263 4.41 7.42 5.15
CA PRO H 263 3.23 6.65 4.73
C PRO H 263 2.38 6.15 5.87
N SER H 264 2.84 6.26 7.13
CA SER H 264 2.02 5.88 8.26
C SER H 264 0.82 6.80 8.44
N PHE H 265 0.86 8.00 7.86
CA PHE H 265 -0.32 8.86 7.84
C PHE H 265 -1.49 8.20 7.13
N LEU H 266 -1.22 7.25 6.24
CA LEU H 266 -2.23 6.52 5.49
C LEU H 266 -2.46 5.12 6.03
N GLY H 267 -1.81 4.76 7.14
CA GLY H 267 -1.89 3.41 7.65
C GLY H 267 -1.05 2.40 6.91
N MET H 268 -0.06 2.85 6.15
CA MET H 268 0.81 1.96 5.41
C MET H 268 2.07 1.65 6.21
N GLU H 269 2.54 0.42 6.10
CA GLU H 269 3.78 0.00 6.74
C GLU H 269 5.01 0.32 5.90
N SER H 270 4.83 0.76 4.67
CA SER H 270 5.96 0.93 3.75
C SER H 270 6.80 2.14 4.14
N ALA H 271 7.95 2.25 3.49
CA ALA H 271 8.86 3.36 3.67
C ALA H 271 8.44 4.51 2.76
N GLY H 272 8.90 5.71 3.11
CA GLY H 272 8.66 6.89 2.30
C GLY H 272 9.42 6.83 0.99
N ILE H 273 9.18 7.85 0.17
CA ILE H 273 9.84 7.90 -1.13
C ILE H 273 11.34 8.13 -0.99
N HIS H 274 11.76 8.75 0.11
CA HIS H 274 13.19 8.98 0.33
C HIS H 274 13.90 7.68 0.73
N GLU H 275 13.27 6.89 1.59
CA GLU H 275 13.87 5.62 1.99
C GLU H 275 13.77 4.58 0.88
N THR H 276 12.73 4.64 0.06
CA THR H 276 12.64 3.75 -1.10
C THR H 276 13.73 4.06 -2.11
N THR H 277 14.01 5.34 -2.34
CA THR H 277 15.11 5.72 -3.21
C THR H 277 16.44 5.24 -2.64
N PHE H 278 16.64 5.41 -1.33
CA PHE H 278 17.88 4.96 -0.70
C PHE H 278 17.99 3.44 -0.75
N ASN H 279 16.89 2.73 -0.53
CA ASN H 279 16.95 1.26 -0.52
C ASN H 279 17.27 0.69 -1.88
N SER H 280 16.83 1.34 -2.96
CA SER H 280 17.12 0.84 -4.29
C SER H 280 18.54 1.19 -4.73
N ILE H 281 19.11 2.26 -4.20
CA ILE H 281 20.52 2.55 -4.43
C ILE H 281 21.39 1.51 -3.72
N MET H 282 20.98 1.08 -2.52
CA MET H 282 21.73 0.09 -1.78
C MET H 282 21.59 -1.32 -2.34
N LYS H 283 20.68 -1.54 -3.28
CA LYS H 283 20.57 -2.81 -3.98
C LYS H 283 21.42 -2.86 -5.24
N CYS H 284 22.10 -1.77 -5.58
CA CYS H 284 22.98 -1.72 -6.73
C CYS H 284 24.42 -2.03 -6.31
N ASP H 285 25.27 -2.24 -7.31
CA ASP H 285 26.68 -2.47 -7.05
C ASP H 285 27.28 -1.29 -6.29
N VAL H 286 28.15 -1.60 -5.33
CA VAL H 286 28.75 -0.57 -4.49
C VAL H 286 29.55 0.42 -5.32
N ASP H 287 30.06 -0.01 -6.48
CA ASP H 287 30.90 0.86 -7.30
C ASP H 287 30.10 1.93 -8.03
N ILE H 288 28.79 1.74 -8.20
CA ILE H 288 27.98 2.73 -8.91
C ILE H 288 27.08 3.54 -7.99
N ARG H 289 27.12 3.30 -6.68
CA ARG H 289 26.22 3.99 -5.78
C ARG H 289 26.56 5.47 -5.67
N LYS H 290 27.85 5.81 -5.79
CA LYS H 290 28.24 7.22 -5.73
C LYS H 290 27.66 8.00 -6.91
N ASP H 291 27.59 7.37 -8.08
CA ASP H 291 27.00 8.04 -9.24
C ASP H 291 25.49 8.18 -9.10
N LEU H 292 24.84 7.20 -8.45
CA LEU H 292 23.39 7.27 -8.27
C LEU H 292 23.01 8.32 -7.24
N TYR H 293 23.83 8.52 -6.21
CA TYR H 293 23.56 9.56 -5.22
C TYR H 293 23.56 10.95 -5.83
N ALA H 294 24.40 11.17 -6.85
CA ALA H 294 24.54 12.47 -7.47
C ALA H 294 23.64 12.66 -8.68
N ASN H 295 22.88 11.63 -9.07
CA ASN H 295 22.05 11.69 -10.26
C ASN H 295 20.66 11.14 -9.96
N THR H 296 20.03 11.64 -8.90
CA THR H 296 18.67 11.27 -8.56
C THR H 296 17.72 12.24 -9.26
N VAL H 297 16.94 11.73 -10.20
CA VAL H 297 16.08 12.55 -11.06
C VAL H 297 14.62 12.28 -10.69
N LEU H 298 13.86 13.35 -10.49
CA LEU H 298 12.44 13.24 -10.18
C LEU H 298 11.64 13.28 -11.47
N SER H 299 10.52 12.56 -11.47
CA SER H 299 9.68 12.44 -12.66
C SER H 299 8.25 12.15 -12.22
N GLY H 300 7.30 12.70 -12.97
CA GLY H 300 5.89 12.43 -12.76
C GLY H 300 5.17 13.62 -12.14
N GLY H 301 3.84 13.48 -12.12
CA GLY H 301 3.01 14.56 -11.61
C GLY H 301 3.08 14.74 -10.12
N THR H 302 3.28 13.66 -9.38
CA THR H 302 3.34 13.73 -7.92
C THR H 302 4.66 14.32 -7.40
N THR H 303 5.66 14.48 -8.26
CA THR H 303 6.88 15.18 -7.88
C THR H 303 6.82 16.68 -8.16
N MET H 304 5.64 17.21 -8.47
CA MET H 304 5.50 18.61 -8.83
C MET H 304 5.21 19.51 -7.63
N TYR H 305 5.18 18.98 -6.42
CA TYR H 305 4.96 19.82 -5.26
C TYR H 305 6.15 20.75 -5.05
N PRO H 306 5.92 22.03 -4.80
CA PRO H 306 7.03 22.92 -4.44
C PRO H 306 7.67 22.48 -3.13
N GLY H 307 9.01 22.41 -3.14
CA GLY H 307 9.75 22.01 -1.96
C GLY H 307 10.04 20.54 -1.85
N ILE H 308 9.72 19.73 -2.86
CA ILE H 308 9.92 18.30 -2.74
C ILE H 308 11.37 17.92 -3.02
N ALA H 309 12.07 18.68 -3.86
CA ALA H 309 13.46 18.37 -4.15
C ALA H 309 14.36 18.72 -2.98
N ASP H 310 14.08 19.83 -2.29
CA ASP H 310 14.84 20.19 -1.11
C ASP H 310 14.57 19.24 0.04
N ARG H 311 13.35 18.70 0.14
CA ARG H 311 13.04 17.74 1.18
C ARG H 311 13.69 16.39 0.89
N MET H 312 13.63 15.93 -0.36
CA MET H 312 14.32 14.71 -0.74
C MET H 312 15.82 14.83 -0.53
N GLN H 313 16.38 16.00 -0.83
CA GLN H 313 17.80 16.22 -0.61
C GLN H 313 18.16 16.09 0.86
N LYS H 314 17.35 16.65 1.74
CA LYS H 314 17.62 16.60 3.17
C LYS H 314 17.42 15.20 3.73
N GLU H 315 16.39 14.49 3.25
CA GLU H 315 16.08 13.18 3.81
C GLU H 315 17.10 12.14 3.39
N ILE H 316 17.54 12.16 2.13
CA ILE H 316 18.51 11.19 1.65
C ILE H 316 19.89 11.48 2.22
N THR H 317 20.21 12.76 2.45
CA THR H 317 21.47 13.10 3.10
C THR H 317 21.57 12.48 4.50
N ALA H 318 20.45 12.42 5.22
CA ALA H 318 20.44 11.81 6.54
C ALA H 318 20.56 10.31 6.51
N LEU H 319 20.22 9.67 5.38
CA LEU H 319 20.33 8.22 5.25
C LEU H 319 21.68 7.79 4.69
N ALA H 320 22.23 8.56 3.76
CA ALA H 320 23.47 8.21 3.10
C ALA H 320 24.66 8.58 3.97
N PRO H 321 25.83 7.98 3.72
CA PRO H 321 27.04 8.40 4.42
C PRO H 321 27.36 9.86 4.15
N SER H 322 27.99 10.51 5.13
CA SER H 322 28.25 11.94 5.03
C SER H 322 29.26 12.29 3.95
N THR H 323 30.04 11.32 3.47
CA THR H 323 31.01 11.59 2.42
C THR H 323 30.40 11.52 1.02
N MET H 324 29.14 11.11 0.89
CA MET H 324 28.48 11.06 -0.40
C MET H 324 27.85 12.41 -0.73
N LYS H 325 27.94 12.80 -1.99
CA LYS H 325 27.32 14.03 -2.48
C LYS H 325 25.93 13.68 -3.00
N ILE H 326 24.91 14.20 -2.32
CA ILE H 326 23.52 13.96 -2.68
C ILE H 326 23.05 15.11 -3.56
N LYS H 327 22.59 14.79 -4.76
CA LYS H 327 22.08 15.79 -5.69
C LYS H 327 20.75 15.31 -6.26
N ILE H 328 19.68 16.03 -5.95
CA ILE H 328 18.34 15.71 -6.45
C ILE H 328 18.07 16.60 -7.66
N ILE H 329 17.78 15.98 -8.79
CA ILE H 329 17.50 16.69 -10.02
C ILE H 329 15.99 16.74 -10.22
N ALA H 330 15.44 17.96 -10.25
CA ALA H 330 14.02 18.18 -10.46
C ALA H 330 13.86 19.14 -11.64
N PRO H 331 13.89 18.62 -12.86
CA PRO H 331 13.75 19.49 -14.03
C PRO H 331 12.38 20.13 -14.08
N PRO H 332 12.29 21.36 -14.60
CA PRO H 332 10.99 22.07 -14.57
C PRO H 332 9.92 21.41 -15.43
N GLU H 333 10.31 20.60 -16.42
CA GLU H 333 9.35 19.89 -17.27
C GLU H 333 9.28 18.41 -16.93
N ARG H 334 9.41 18.06 -15.65
CA ARG H 334 9.47 16.66 -15.26
C ARG H 334 8.11 16.01 -15.17
N LYS H 335 7.02 16.78 -15.25
CA LYS H 335 5.68 16.20 -15.18
C LYS H 335 5.40 15.33 -16.39
N TYR H 336 5.80 15.80 -17.58
CA TYR H 336 5.61 15.07 -18.82
C TYR H 336 6.93 14.72 -19.49
N SER H 337 7.97 14.49 -18.69
CA SER H 337 9.28 14.20 -19.25
C SER H 337 9.31 12.86 -19.97
N VAL H 338 8.44 11.93 -19.58
CA VAL H 338 8.33 10.66 -20.31
C VAL H 338 7.78 10.90 -21.70
N TRP H 339 6.68 11.66 -21.81
CA TRP H 339 6.09 11.91 -23.11
C TRP H 339 6.99 12.79 -23.96
N ILE H 340 7.58 13.84 -23.37
CA ILE H 340 8.42 14.75 -24.14
C ILE H 340 9.67 14.03 -24.64
N GLY H 341 10.24 13.17 -23.81
CA GLY H 341 11.38 12.38 -24.26
C GLY H 341 11.02 11.45 -25.39
N GLY H 342 9.79 10.91 -25.36
CA GLY H 342 9.36 10.02 -26.42
C GLY H 342 9.05 10.74 -27.71
N SER H 343 8.56 11.98 -27.62
CA SER H 343 8.20 12.71 -28.83
C SER H 343 9.44 13.26 -29.53
N ILE H 344 10.48 13.61 -28.76
CA ILE H 344 11.74 14.00 -29.37
C ILE H 344 12.38 12.81 -30.07
N LEU H 345 12.34 11.64 -29.43
CA LEU H 345 12.96 10.46 -29.99
C LEU H 345 12.22 10.00 -31.25
N ALA H 346 10.89 9.98 -31.20
CA ALA H 346 10.11 9.46 -32.32
C ALA H 346 10.12 10.40 -33.53
N SER H 347 10.51 11.65 -33.35
CA SER H 347 10.52 12.60 -34.45
C SER H 347 11.87 12.67 -35.17
N LEU H 348 12.85 11.92 -34.72
CA LEU H 348 14.17 11.94 -35.34
C LEU H 348 14.15 11.13 -36.64
N SER H 349 14.78 11.68 -37.68
CA SER H 349 14.88 10.96 -38.95
C SER H 349 15.74 9.72 -38.82
N THR H 350 16.73 9.75 -37.92
CA THR H 350 17.56 8.57 -37.68
C THR H 350 16.82 7.49 -36.91
N PHE H 351 15.73 7.82 -36.24
CA PHE H 351 14.95 6.86 -35.49
C PHE H 351 14.01 6.03 -36.36
N GLN H 352 13.80 6.45 -37.61
CA GLN H 352 12.85 5.75 -38.46
C GLN H 352 13.32 4.35 -38.84
N GLN H 353 14.57 4.01 -38.56
CA GLN H 353 15.06 2.66 -38.74
C GLN H 353 14.83 1.78 -37.52
N MET H 354 14.41 2.36 -36.40
CA MET H 354 14.22 1.63 -35.16
C MET H 354 12.81 1.07 -35.00
N TRP H 355 11.86 1.56 -35.78
CA TRP H 355 10.48 1.09 -35.67
C TRP H 355 10.39 -0.40 -35.97
N ILE H 356 9.41 -1.05 -35.35
CA ILE H 356 9.02 -2.41 -35.71
C ILE H 356 7.98 -2.29 -36.81
N SER H 357 8.35 -2.66 -38.04
CA SER H 357 7.42 -2.57 -39.15
C SER H 357 6.39 -3.70 -39.08
N LYS H 358 5.30 -3.51 -39.81
CA LYS H 358 4.31 -4.57 -39.95
C LYS H 358 4.87 -5.75 -40.74
N GLN H 359 5.79 -5.48 -41.66
CA GLN H 359 6.47 -6.56 -42.37
C GLN H 359 7.28 -7.42 -41.41
N GLU H 360 8.04 -6.79 -40.51
CA GLU H 360 8.82 -7.54 -39.53
C GLU H 360 7.92 -8.29 -38.55
N TYR H 361 6.73 -7.75 -38.28
CA TYR H 361 5.81 -8.41 -37.37
C TYR H 361 5.17 -9.64 -38.00
N ASP H 362 4.87 -9.59 -39.29
CA ASP H 362 4.27 -10.74 -39.97
C ASP H 362 5.23 -11.93 -40.04
N GLU H 363 6.54 -11.68 -39.98
CA GLU H 363 7.54 -12.74 -40.04
C GLU H 363 7.86 -13.31 -38.67
N SER H 364 8.16 -12.45 -37.70
CA SER H 364 8.61 -12.90 -36.38
C SER H 364 7.49 -13.03 -35.37
N GLY H 365 6.33 -12.43 -35.61
CA GLY H 365 5.25 -12.45 -34.65
C GLY H 365 5.47 -11.41 -33.56
N PRO H 366 4.66 -11.48 -32.49
CA PRO H 366 4.78 -10.48 -31.42
C PRO H 366 6.09 -10.57 -30.63
N SER H 367 6.87 -11.62 -30.78
CA SER H 367 8.14 -11.74 -30.08
C SER H 367 9.24 -10.87 -30.68
N ILE H 368 8.96 -10.19 -31.80
CA ILE H 368 9.93 -9.28 -32.40
C ILE H 368 10.23 -8.10 -31.48
N VAL H 369 9.34 -7.82 -30.52
CA VAL H 369 9.50 -6.65 -29.67
C VAL H 369 10.68 -6.83 -28.71
N HIS H 370 11.03 -8.07 -28.39
CA HIS H 370 12.10 -8.31 -27.42
C HIS H 370 13.48 -8.03 -27.99
N ARG H 371 13.66 -8.14 -29.30
CA ARG H 371 14.97 -7.92 -29.89
C ARG H 371 15.10 -6.54 -30.54
N LYS H 372 13.98 -5.88 -30.84
CA LYS H 372 14.04 -4.56 -31.44
C LYS H 372 13.87 -3.43 -30.42
N CYS H 373 13.15 -3.70 -29.33
CA CYS H 373 12.96 -2.71 -28.28
C CYS H 373 13.58 -3.12 -26.96
N PHE H 374 14.19 -4.30 -26.90
CA PHE H 374 14.81 -4.82 -25.67
C PHE H 374 13.78 -4.90 -24.54
N ALA I 5 17.02 -35.01 31.88
CA ALA I 5 16.24 -34.42 30.80
C ALA I 5 16.96 -33.21 30.20
N ALA I 6 17.69 -33.43 29.13
CA ALA I 6 18.48 -32.39 28.50
C ALA I 6 17.64 -31.61 27.48
N LEU I 7 18.07 -30.38 27.22
CA LEU I 7 17.45 -29.51 26.23
C LEU I 7 18.33 -29.46 24.99
N VAL I 8 17.68 -29.44 23.83
CA VAL I 8 18.37 -29.35 22.55
C VAL I 8 17.86 -28.10 21.84
N VAL I 9 18.77 -27.16 21.57
CA VAL I 9 18.43 -25.90 20.94
C VAL I 9 19.22 -25.79 19.64
N ASP I 10 18.51 -25.75 18.52
CA ASP I 10 19.12 -25.55 17.21
C ASP I 10 18.88 -24.09 16.81
N ASN I 11 19.91 -23.28 16.92
CA ASN I 11 19.82 -21.85 16.63
C ASN I 11 20.00 -21.63 15.14
N GLY I 12 18.89 -21.52 14.42
CA GLY I 12 18.96 -21.28 13.00
C GLY I 12 19.03 -19.81 12.65
N SER I 13 19.45 -19.56 11.41
CA SER I 13 19.58 -18.18 10.94
C SER I 13 18.24 -17.46 10.91
N GLY I 14 17.14 -18.20 10.82
CA GLY I 14 15.84 -17.57 10.77
C GLY I 14 14.82 -18.21 11.68
N MET I 15 15.07 -19.45 12.09
CA MET I 15 14.12 -20.22 12.88
C MET I 15 14.85 -20.92 14.00
N CYS I 16 14.31 -20.81 15.21
CA CYS I 16 14.89 -21.46 16.39
C CYS I 16 14.11 -22.74 16.67
N LYS I 17 14.81 -23.87 16.66
CA LYS I 17 14.24 -25.18 16.98
C LYS I 17 14.71 -25.58 18.37
N ALA I 18 13.76 -25.87 19.26
CA ALA I 18 14.09 -26.21 20.63
C ALA I 18 13.16 -27.32 21.11
N GLY I 19 13.69 -28.15 21.99
CA GLY I 19 12.91 -29.25 22.52
C GLY I 19 13.70 -30.02 23.55
N PHE I 20 13.21 -31.22 23.85
CA PHE I 20 13.79 -32.06 24.88
C PHE I 20 14.46 -33.27 24.26
N ALA I 21 15.63 -33.62 24.78
CA ALA I 21 16.35 -34.79 24.29
C ALA I 21 15.53 -36.05 24.51
N GLY I 22 15.40 -36.87 23.47
CA GLY I 22 14.60 -38.06 23.50
C GLY I 22 13.29 -37.95 22.74
N ASP I 23 12.86 -36.74 22.41
CA ASP I 23 11.66 -36.54 21.63
C ASP I 23 11.97 -36.64 20.14
N ASP I 24 10.94 -36.96 19.35
CA ASP I 24 11.12 -37.15 17.93
C ASP I 24 11.14 -35.81 17.18
N ALA I 25 10.51 -34.79 17.71
CA ALA I 25 10.40 -33.49 17.05
C ALA I 25 10.64 -32.39 18.07
N PRO I 26 11.11 -31.23 17.63
CA PRO I 26 11.27 -30.10 18.57
C PRO I 26 9.91 -29.61 19.05
N ARG I 27 9.87 -29.19 20.32
CA ARG I 27 8.62 -28.69 20.87
C ARG I 27 8.27 -27.31 20.36
N ALA I 28 9.28 -26.45 20.19
CA ALA I 28 9.06 -25.06 19.80
C ALA I 28 9.87 -24.74 18.55
N VAL I 29 9.19 -24.15 17.56
CA VAL I 29 9.82 -23.67 16.34
C VAL I 29 9.26 -22.28 16.10
N PHE I 30 10.08 -21.25 16.35
CA PHE I 30 9.64 -19.87 16.28
C PHE I 30 10.70 -19.04 15.57
N PRO I 31 10.32 -17.89 15.03
CA PRO I 31 11.31 -17.04 14.33
C PRO I 31 12.31 -16.45 15.31
N SER I 32 13.58 -16.46 14.92
CA SER I 32 14.64 -15.91 15.76
C SER I 32 14.82 -14.42 15.41
N ILE I 33 13.83 -13.65 15.85
CA ILE I 33 13.80 -12.21 15.60
C ILE I 33 13.55 -11.49 16.91
N VAL I 34 14.10 -10.27 17.01
CA VAL I 34 13.83 -9.37 18.11
C VAL I 34 13.26 -8.10 17.51
N GLY I 35 12.08 -7.70 17.97
CA GLY I 35 11.39 -6.52 17.46
C GLY I 35 11.39 -5.39 18.47
N ARG I 36 11.68 -4.19 17.98
CA ARG I 36 11.66 -2.98 18.77
C ARG I 36 10.85 -1.92 18.04
N PRO I 37 10.18 -1.02 18.78
CA PRO I 37 9.28 -0.06 18.13
C PRO I 37 10.03 0.85 17.16
N ARG I 38 9.35 1.20 16.07
CA ARG I 38 9.93 2.01 15.00
C ARG I 38 10.33 3.39 15.50
N ASP I 50 8.68 -2.88 24.60
CA ASP I 50 9.84 -2.23 23.99
C ASP I 50 10.74 -3.25 23.29
N SER I 51 10.50 -4.53 23.55
CA SER I 51 11.31 -5.61 22.98
C SER I 51 10.45 -6.84 22.87
N TYR I 52 10.24 -7.32 21.65
CA TYR I 52 9.42 -8.49 21.37
C TYR I 52 10.27 -9.55 20.68
N VAL I 53 10.08 -10.81 21.08
CA VAL I 53 10.87 -11.92 20.59
C VAL I 53 9.96 -12.96 19.97
N GLY I 54 10.35 -13.47 18.80
CA GLY I 54 9.68 -14.63 18.24
C GLY I 54 8.38 -14.27 17.56
N ASP I 55 7.33 -15.03 17.87
CA ASP I 55 6.02 -14.78 17.29
C ASP I 55 5.39 -13.51 17.85
N GLU I 56 5.83 -13.08 19.04
CA GLU I 56 5.37 -11.80 19.57
C GLU I 56 5.82 -10.64 18.67
N ALA I 57 7.03 -10.73 18.14
CA ALA I 57 7.54 -9.67 17.28
C ALA I 57 6.83 -9.66 15.93
N GLN I 58 6.20 -10.78 15.57
CA GLN I 58 5.48 -10.84 14.29
C GLN I 58 3.99 -10.58 14.48
N SER I 59 3.52 -10.64 15.72
CA SER I 59 2.10 -10.36 15.97
C SER I 59 1.82 -8.87 15.89
N LYS I 60 2.83 -8.04 16.09
CA LYS I 60 2.62 -6.59 16.03
C LYS I 60 2.69 -6.10 14.59
N ARG I 61 3.33 -6.87 13.71
CA ARG I 61 3.45 -6.55 12.28
C ARG I 61 4.28 -5.30 12.03
N GLY I 62 3.63 -4.17 11.75
CA GLY I 62 4.33 -3.05 11.15
C GLY I 62 4.72 -1.94 12.12
N ILE I 63 4.34 -2.05 13.39
CA ILE I 63 4.70 -1.00 14.35
C ILE I 63 6.19 -1.05 14.66
N LEU I 64 6.77 -2.25 14.71
CA LEU I 64 8.13 -2.45 15.16
C LEU I 64 9.05 -2.82 14.00
N THR I 65 10.34 -2.58 14.21
CA THR I 65 11.37 -2.99 13.26
C THR I 65 12.03 -4.27 13.77
N LEU I 66 12.26 -5.21 12.86
CA LEU I 66 12.74 -6.53 13.21
C LEU I 66 14.23 -6.67 12.89
N LYS I 67 14.95 -7.35 13.77
CA LYS I 67 16.38 -7.59 13.60
C LYS I 67 16.67 -9.07 13.79
N TYR I 68 17.51 -9.63 12.92
CA TYR I 68 17.99 -10.99 13.07
C TYR I 68 19.32 -10.97 13.79
N PRO I 69 19.40 -11.44 15.04
CA PRO I 69 20.70 -11.45 15.72
C PRO I 69 21.66 -12.52 15.21
N ILE I 70 21.17 -13.51 14.48
CA ILE I 70 22.01 -14.58 13.95
C ILE I 70 21.65 -14.75 12.47
N GLU I 71 21.69 -13.63 11.74
CA GLU I 71 21.13 -13.54 10.39
C GLU I 71 21.69 -14.54 9.36
N HIC I 72 22.98 -14.83 9.45
CA HIC I 72 23.60 -15.75 8.49
C HIC I 72 24.27 -16.91 9.20
O HIC I 72 25.34 -17.37 8.79
CB HIC I 72 24.61 -15.01 7.62
CG HIC I 72 23.96 -13.97 6.77
ND1 HIC I 72 23.10 -14.30 5.75
CD2 HIC I 72 24.08 -12.62 6.85
CE1 HIC I 72 22.72 -13.17 5.23
NE2 HIC I 72 23.28 -12.11 5.86
CZ HIC I 72 23.09 -10.72 5.54
N GLY I 73 23.65 -17.40 10.27
CA GLY I 73 24.17 -18.53 11.01
C GLY I 73 25.14 -18.16 12.12
N ILE I 74 25.79 -17.01 11.98
CA ILE I 74 26.74 -16.52 12.96
C ILE I 74 26.08 -15.43 13.79
N VAL I 75 26.18 -15.55 15.11
CA VAL I 75 25.59 -14.56 16.00
C VAL I 75 26.36 -13.25 15.86
N THR I 76 25.64 -12.18 15.52
CA THR I 76 26.23 -10.85 15.40
C THR I 76 25.86 -9.93 16.53
N ASN I 77 24.70 -10.11 17.16
CA ASN I 77 24.24 -9.28 18.26
C ASN I 77 23.99 -10.19 19.46
N TRP I 78 24.93 -10.19 20.41
CA TRP I 78 24.84 -11.09 21.55
C TRP I 78 23.83 -10.63 22.59
N ASP I 79 23.45 -9.35 22.60
CA ASP I 79 22.41 -8.91 23.51
C ASP I 79 21.04 -9.43 23.07
N ASP I 80 20.76 -9.38 21.77
CA ASP I 80 19.51 -9.92 21.26
C ASP I 80 19.50 -11.44 21.24
N MET I 81 20.68 -12.07 21.13
CA MET I 81 20.75 -13.52 21.19
C MET I 81 20.40 -14.05 22.57
N GLU I 82 20.72 -13.29 23.62
CA GLU I 82 20.32 -13.70 24.96
C GLU I 82 18.82 -13.53 25.17
N LYS I 83 18.20 -12.56 24.49
CA LYS I 83 16.76 -12.42 24.58
C LYS I 83 16.04 -13.60 23.94
N ILE I 84 16.60 -14.14 22.86
CA ILE I 84 15.99 -15.29 22.20
C ILE I 84 16.16 -16.54 23.03
N TRP I 85 17.34 -16.73 23.63
CA TRP I 85 17.56 -17.88 24.49
C TRP I 85 16.71 -17.79 25.75
N HIS I 86 16.52 -16.59 26.29
CA HIS I 86 15.63 -16.43 27.43
C HIS I 86 14.19 -16.72 27.06
N HIS I 87 13.77 -16.25 25.87
CA HIS I 87 12.44 -16.57 25.38
C HIS I 87 12.27 -18.06 25.11
N THR I 88 13.35 -18.70 24.63
CA THR I 88 13.30 -20.13 24.36
C THR I 88 13.05 -20.94 25.62
N PHE I 89 13.77 -20.63 26.69
CA PHE I 89 13.70 -21.45 27.90
C PHE I 89 12.39 -21.24 28.64
N TYR I 90 11.98 -19.99 28.83
CA TYR I 90 10.87 -19.69 29.73
C TYR I 90 9.52 -19.65 29.04
N ASN I 91 9.46 -19.16 27.80
CA ASN I 91 8.19 -19.01 27.11
C ASN I 91 7.88 -20.15 26.16
N GLU I 92 8.89 -20.75 25.53
CA GLU I 92 8.67 -21.80 24.55
C GLU I 92 8.78 -23.19 25.17
N LEU I 93 9.94 -23.50 25.76
CA LEU I 93 10.10 -24.78 26.43
C LEU I 93 9.47 -24.81 27.81
N ARG I 94 9.28 -23.65 28.43
CA ARG I 94 8.58 -23.52 29.71
C ARG I 94 9.29 -24.31 30.81
N VAL I 95 10.62 -24.17 30.87
CA VAL I 95 11.44 -24.81 31.88
C VAL I 95 12.43 -23.79 32.42
N ALA I 96 13.03 -24.13 33.55
CA ALA I 96 14.12 -23.33 34.10
C ALA I 96 15.45 -23.88 33.60
N PRO I 97 16.25 -23.09 32.89
CA PRO I 97 17.49 -23.64 32.32
C PRO I 97 18.52 -24.07 33.34
N GLU I 98 18.39 -23.68 34.60
CA GLU I 98 19.33 -24.10 35.62
C GLU I 98 19.10 -25.52 36.09
N GLU I 99 18.09 -26.21 35.57
CA GLU I 99 17.79 -27.59 35.94
C GLU I 99 18.09 -28.60 34.85
N HIS I 100 18.44 -28.14 33.64
CA HIS I 100 18.64 -29.04 32.52
C HIS I 100 19.96 -28.74 31.81
N PRO I 101 20.72 -29.77 31.46
CA PRO I 101 21.83 -29.55 30.53
C PRO I 101 21.31 -29.20 29.16
N VAL I 102 22.06 -28.34 28.47
CA VAL I 102 21.63 -27.78 27.18
C VAL I 102 22.66 -28.14 26.13
N LEU I 103 22.18 -28.71 25.02
CA LEU I 103 23.02 -28.95 23.85
C LEU I 103 22.71 -27.87 22.81
N LEU I 104 23.71 -27.06 22.49
CA LEU I 104 23.59 -26.03 21.47
C LEU I 104 24.21 -26.51 20.17
N THR I 105 23.77 -25.90 19.07
CA THR I 105 24.32 -26.16 17.76
C THR I 105 24.94 -24.88 17.22
N GLU I 106 25.88 -25.03 16.28
CA GLU I 106 26.57 -23.89 15.72
C GLU I 106 26.76 -24.09 14.22
N ALA I 107 26.79 -22.98 13.49
CA ALA I 107 27.00 -22.99 12.06
C ALA I 107 28.45 -23.35 11.74
N PRO I 108 28.72 -23.85 10.54
CA PRO I 108 30.10 -24.10 10.14
C PRO I 108 30.88 -22.80 10.03
N LEU I 109 32.20 -22.90 10.25
CA LEU I 109 33.11 -21.76 10.25
C LEU I 109 32.74 -20.73 11.31
N ASN I 110 32.17 -21.19 12.42
CA ASN I 110 31.87 -20.31 13.54
C ASN I 110 33.16 -19.94 14.27
N PRO I 111 33.50 -18.66 14.40
CA PRO I 111 34.76 -18.29 15.03
C PRO I 111 34.83 -18.75 16.48
N LYS I 112 36.06 -19.02 16.94
CA LYS I 112 36.26 -19.56 18.28
C LYS I 112 35.84 -18.60 19.37
N ALA I 113 35.85 -17.30 19.11
CA ALA I 113 35.37 -16.34 20.10
C ALA I 113 33.87 -16.49 20.33
N ASN I 114 33.12 -16.91 19.31
CA ASN I 114 31.69 -17.13 19.47
C ASN I 114 31.39 -18.40 20.26
N ARG I 115 32.21 -19.43 20.11
CA ARG I 115 32.01 -20.65 20.90
C ARG I 115 32.21 -20.38 22.38
N GLU I 116 33.21 -19.58 22.74
CA GLU I 116 33.45 -19.25 24.14
C GLU I 116 32.38 -18.30 24.67
N LYS I 117 31.87 -17.40 23.81
CA LYS I 117 30.81 -16.50 24.23
C LYS I 117 29.53 -17.25 24.53
N MET I 118 29.23 -18.29 23.74
CA MET I 118 28.06 -19.12 24.03
C MET I 118 28.22 -19.87 25.35
N THR I 119 29.42 -20.39 25.61
CA THR I 119 29.67 -21.13 26.84
C THR I 119 29.58 -20.22 28.05
N GLN I 120 30.05 -18.98 27.92
CA GLN I 120 29.99 -18.04 29.02
C GLN I 120 28.56 -17.62 29.33
N ILE I 121 27.76 -17.41 28.29
CA ILE I 121 26.37 -16.99 28.50
C ILE I 121 25.56 -18.11 29.13
N MET I 122 25.82 -19.35 28.73
CA MET I 122 25.03 -20.47 29.25
C MET I 122 25.33 -20.75 30.71
N PHE I 123 26.58 -20.58 31.14
CA PHE I 123 26.95 -20.89 32.51
C PHE I 123 26.76 -19.72 33.47
N GLU I 124 26.87 -18.48 32.97
CA GLU I 124 26.79 -17.31 33.84
C GLU I 124 25.44 -16.62 33.79
N THR I 125 24.81 -16.52 32.61
CA THR I 125 23.52 -15.86 32.52
C THR I 125 22.38 -16.81 32.87
N PHE I 126 22.43 -18.05 32.37
CA PHE I 126 21.36 -19.00 32.58
C PHE I 126 21.69 -20.07 33.62
N ASN I 127 22.95 -20.21 34.00
CA ASN I 127 23.38 -21.13 35.06
C ASN I 127 22.99 -22.57 34.75
N THR I 128 23.28 -23.00 33.53
CA THR I 128 22.99 -24.39 33.17
C THR I 128 23.95 -25.32 33.90
N PRO I 129 23.47 -26.47 34.37
CA PRO I 129 24.38 -27.40 35.05
C PRO I 129 25.42 -28.01 34.12
N ALA I 130 25.05 -28.27 32.88
CA ALA I 130 25.97 -28.81 31.89
C ALA I 130 25.66 -28.19 30.53
N MET I 131 26.56 -28.39 29.58
CA MET I 131 26.46 -27.70 28.30
C MET I 131 27.29 -28.44 27.28
N TYR I 132 26.91 -28.31 26.01
CA TYR I 132 27.61 -28.95 24.91
C TYR I 132 27.30 -28.21 23.62
N VAL I 133 28.30 -28.09 22.75
CA VAL I 133 28.16 -27.44 21.46
C VAL I 133 28.49 -28.46 20.38
N ALA I 134 27.63 -28.54 19.37
CA ALA I 134 27.82 -29.44 18.25
C ALA I 134 27.69 -28.66 16.94
N ILE I 135 28.36 -29.16 15.90
CA ILE I 135 28.26 -28.56 14.58
C ILE I 135 27.01 -29.10 13.89
N GLN I 136 26.26 -28.20 13.26
CA GLN I 136 24.97 -28.58 12.68
C GLN I 136 25.13 -29.58 11.55
N ALA I 137 26.11 -29.35 10.66
CA ALA I 137 26.26 -30.21 9.50
C ALA I 137 26.70 -31.63 9.89
N VAL I 138 27.51 -31.75 10.93
CA VAL I 138 27.96 -33.07 11.36
C VAL I 138 26.79 -33.86 11.95
N LEU I 139 25.87 -33.20 12.64
CA LEU I 139 24.70 -33.88 13.16
C LEU I 139 23.80 -34.39 12.04
N SER I 140 23.70 -33.63 10.95
CA SER I 140 22.88 -34.06 9.82
C SER I 140 23.51 -35.25 9.11
N LEU I 141 24.83 -35.29 8.99
CA LEU I 141 25.49 -36.41 8.34
C LEU I 141 25.39 -37.67 9.20
N TYR I 142 25.55 -37.53 10.51
CA TYR I 142 25.38 -38.68 11.40
C TYR I 142 23.95 -39.20 11.36
N ALA I 143 22.97 -38.30 11.26
CA ALA I 143 21.58 -38.72 11.24
C ALA I 143 21.25 -39.54 10.00
N SER I 144 21.98 -39.34 8.92
CA SER I 144 21.81 -40.13 7.71
C SER I 144 22.59 -41.43 7.75
N GLY I 145 23.32 -41.70 8.83
CA GLY I 145 24.11 -42.91 8.92
C GLY I 145 25.45 -42.85 8.24
N ARG I 146 26.09 -41.68 8.22
CA ARG I 146 27.36 -41.49 7.55
C ARG I 146 28.32 -40.74 8.44
N THR I 147 29.61 -41.02 8.26
CA THR I 147 30.67 -40.21 8.85
C THR I 147 31.48 -39.46 7.80
N THR I 148 31.33 -39.81 6.53
CA THR I 148 31.98 -39.13 5.42
C THR I 148 30.93 -38.71 4.42
N GLY I 149 31.05 -37.48 3.94
CA GLY I 149 30.11 -36.97 2.95
C GLY I 149 30.15 -35.46 2.96
N ILE I 150 29.34 -34.88 2.08
CA ILE I 150 29.19 -33.44 1.99
C ILE I 150 27.73 -33.10 2.25
N VAL I 151 27.50 -32.19 3.19
CA VAL I 151 26.16 -31.77 3.58
C VAL I 151 25.85 -30.45 2.90
N MET I 152 24.76 -30.41 2.16
CA MET I 152 24.24 -29.17 1.57
C MET I 152 23.11 -28.71 2.47
N ASP I 153 23.42 -27.79 3.39
CA ASP I 153 22.47 -27.30 4.38
C ASP I 153 21.95 -25.95 3.93
N SER I 154 20.71 -25.92 3.45
CA SER I 154 20.05 -24.70 3.01
C SER I 154 18.93 -24.38 3.98
N GLY I 155 19.07 -23.28 4.71
CA GLY I 155 18.10 -22.91 5.71
C GLY I 155 17.29 -21.68 5.35
N ASP I 156 17.28 -20.69 6.23
CA ASP I 156 16.52 -19.46 6.02
C ASP I 156 17.41 -18.31 5.55
N GLY I 157 18.53 -18.08 6.22
CA GLY I 157 19.37 -16.96 5.86
C GLY I 157 20.63 -17.33 5.10
N VAL I 158 21.05 -18.59 5.17
CA VAL I 158 22.35 -18.99 4.63
C VAL I 158 22.26 -20.41 4.11
N THR I 159 23.08 -20.70 3.10
CA THR I 159 23.28 -22.05 2.59
C THR I 159 24.75 -22.42 2.74
N HIS I 160 25.03 -23.60 3.26
CA HIS I 160 26.38 -24.09 3.43
C HIS I 160 26.55 -25.43 2.74
N THR I 161 27.69 -25.61 2.08
CA THR I 161 28.13 -26.91 1.60
C THR I 161 29.33 -27.31 2.45
N VAL I 162 29.16 -28.34 3.26
CA VAL I 162 30.13 -28.72 4.28
C VAL I 162 30.62 -30.13 3.99
N PRO I 163 31.79 -30.28 3.37
CA PRO I 163 32.37 -31.62 3.20
C PRO I 163 32.95 -32.11 4.52
N ILE I 164 32.62 -33.35 4.87
CA ILE I 164 33.00 -33.94 6.15
C ILE I 164 33.71 -35.25 5.88
N TYR I 165 34.87 -35.44 6.51
CA TYR I 165 35.65 -36.66 6.37
C TYR I 165 35.88 -37.25 7.75
N GLU I 166 35.35 -38.46 7.98
CA GLU I 166 35.52 -39.17 9.24
C GLU I 166 35.04 -38.35 10.43
N GLY I 167 33.92 -37.67 10.27
CA GLY I 167 33.31 -36.92 11.35
C GLY I 167 33.86 -35.53 11.57
N TYR I 168 34.77 -35.05 10.74
CA TYR I 168 35.36 -33.73 10.88
C TYR I 168 35.11 -32.91 9.62
N ALA I 169 34.51 -31.74 9.79
CA ALA I 169 34.30 -30.84 8.68
C ALA I 169 35.63 -30.29 8.20
N LEU I 170 35.80 -30.23 6.88
CA LEU I 170 37.00 -29.69 6.27
C LEU I 170 36.84 -28.19 6.09
N PRO I 171 37.44 -27.36 6.97
CA PRO I 171 37.08 -25.94 7.00
C PRO I 171 37.53 -25.17 5.78
N HIS I 172 38.62 -25.58 5.12
CA HIS I 172 39.09 -24.86 3.94
C HIS I 172 38.19 -25.10 2.73
N ALA I 173 37.37 -26.13 2.76
CA ALA I 173 36.49 -26.48 1.65
C ALA I 173 35.04 -26.10 1.89
N ILE I 174 34.71 -25.54 3.06
CA ILE I 174 33.34 -25.14 3.35
C ILE I 174 33.03 -23.86 2.57
N LEU I 175 31.95 -23.90 1.80
CA LEU I 175 31.49 -22.75 1.04
C LEU I 175 30.17 -22.24 1.61
N ARG I 176 30.01 -20.93 1.60
CA ARG I 176 28.83 -20.26 2.13
C ARG I 176 28.13 -19.52 1.01
N LEU I 177 26.81 -19.62 0.98
CA LEU I 177 25.98 -18.96 -0.02
C LEU I 177 24.88 -18.20 0.70
N ASP I 178 24.88 -16.87 0.58
CA ASP I 178 23.86 -16.04 1.20
C ASP I 178 22.60 -16.02 0.34
N LEU I 179 22.05 -17.21 0.15
CA LEU I 179 20.86 -17.41 -0.68
C LEU I 179 20.12 -18.61 -0.13
N ALA I 180 19.00 -18.37 0.56
CA ALA I 180 18.23 -19.45 1.13
C ALA I 180 16.74 -19.13 1.08
N GLY I 181 15.98 -19.61 2.07
CA GLY I 181 14.53 -19.50 2.00
C GLY I 181 14.04 -18.08 2.16
N ARG I 182 14.77 -17.26 2.91
CA ARG I 182 14.38 -15.86 3.10
C ARG I 182 14.42 -15.10 1.78
N ASP I 183 15.44 -15.37 0.95
CA ASP I 183 15.53 -14.70 -0.35
C ASP I 183 14.50 -15.26 -1.32
N LEU I 184 14.13 -16.52 -1.17
CA LEU I 184 13.09 -17.11 -2.03
C LEU I 184 11.71 -16.59 -1.68
N THR I 185 11.45 -16.30 -0.40
CA THR I 185 10.18 -15.70 -0.02
C THR I 185 10.05 -14.30 -0.58
N ASP I 186 11.12 -13.50 -0.51
CA ASP I 186 11.08 -12.16 -1.07
C ASP I 186 10.93 -12.18 -2.58
N TYR I 187 11.51 -13.18 -3.25
CA TYR I 187 11.40 -13.28 -4.69
C TYR I 187 10.00 -13.72 -5.11
N LEU I 188 9.37 -14.58 -4.31
CA LEU I 188 8.01 -14.99 -4.61
C LEU I 188 7.03 -13.84 -4.42
N MET I 189 7.25 -13.01 -3.39
CA MET I 189 6.45 -11.79 -3.23
C MET I 189 6.59 -10.89 -4.45
N LYS I 190 7.79 -10.83 -5.03
CA LYS I 190 8.05 -9.93 -6.14
C LYS I 190 7.37 -10.42 -7.42
N ILE I 191 7.43 -11.72 -7.70
CA ILE I 191 6.85 -12.23 -8.94
C ILE I 191 5.36 -12.49 -8.83
N LEU I 192 4.81 -12.54 -7.61
CA LEU I 192 3.37 -12.62 -7.48
C LEU I 192 2.68 -11.30 -7.79
N THR I 193 3.42 -10.19 -7.76
CA THR I 193 2.87 -8.90 -8.17
C THR I 193 2.71 -8.81 -9.68
N GLU I 194 3.38 -9.67 -10.44
CA GLU I 194 3.19 -9.70 -11.89
C GLU I 194 1.83 -10.29 -12.26
N ARG I 195 1.18 -11.01 -11.36
CA ARG I 195 -0.16 -11.50 -11.58
C ARG I 195 -1.24 -10.57 -11.03
N GLY I 196 -0.85 -9.43 -10.49
CA GLY I 196 -1.81 -8.48 -9.97
C GLY I 196 -2.04 -8.53 -8.48
N TYR I 197 -1.39 -9.44 -7.77
CA TYR I 197 -1.50 -9.51 -6.32
C TYR I 197 -0.50 -8.57 -5.68
N SER I 198 -0.78 -8.18 -4.44
CA SER I 198 0.06 -7.23 -3.72
C SER I 198 0.39 -7.80 -2.35
N PHE I 199 1.62 -8.26 -2.19
CA PHE I 199 2.14 -8.73 -0.91
C PHE I 199 3.36 -7.87 -0.57
N THR I 200 3.20 -6.97 0.39
CA THR I 200 4.28 -6.04 0.72
C THR I 200 4.50 -5.99 2.23
N THR I 201 3.43 -6.13 3.00
CA THR I 201 3.53 -5.95 4.45
C THR I 201 4.17 -7.19 5.10
N THR I 202 4.41 -7.07 6.40
CA THR I 202 5.02 -8.17 7.15
C THR I 202 4.03 -9.33 7.30
N ALA I 203 2.75 -9.03 7.50
CA ALA I 203 1.76 -10.08 7.60
C ALA I 203 1.55 -10.80 6.28
N GLU I 204 1.66 -10.08 5.17
CA GLU I 204 1.55 -10.70 3.85
C GLU I 204 2.79 -11.49 3.47
N ARG I 205 3.93 -11.20 4.10
CA ARG I 205 5.11 -12.01 3.86
C ARG I 205 4.98 -13.38 4.50
N GLU I 206 4.28 -13.48 5.63
CA GLU I 206 4.04 -14.79 6.23
C GLU I 206 3.05 -15.61 5.41
N ILE I 207 2.16 -14.94 4.68
CA ILE I 207 1.26 -15.64 3.78
C ILE I 207 2.03 -16.19 2.59
N VAL I 208 2.95 -15.40 2.04
CA VAL I 208 3.73 -15.85 0.89
C VAL I 208 4.66 -16.99 1.28
N ARG I 209 5.22 -16.94 2.50
CA ARG I 209 6.03 -18.05 2.96
C ARG I 209 5.22 -19.33 3.06
N ASP I 210 3.94 -19.22 3.43
CA ASP I 210 3.08 -20.40 3.48
C ASP I 210 2.74 -20.90 2.08
N ILE I 211 2.56 -19.99 1.13
CA ILE I 211 2.37 -20.38 -0.26
C ILE I 211 3.59 -21.10 -0.79
N LYS I 212 4.78 -20.60 -0.43
CA LYS I 212 6.03 -21.20 -0.92
C LYS I 212 6.20 -22.62 -0.40
N GLU I 213 5.88 -22.86 0.87
CA GLU I 213 6.09 -24.17 1.48
C GLU I 213 5.03 -25.18 1.09
N LYS I 214 3.96 -24.77 0.41
CA LYS I 214 2.89 -25.68 0.05
C LYS I 214 2.76 -25.93 -1.44
N LEU I 215 3.08 -24.95 -2.28
CA LEU I 215 2.81 -25.05 -3.70
C LEU I 215 4.05 -24.98 -4.58
N CYS I 216 5.19 -24.56 -4.06
CA CYS I 216 6.39 -24.44 -4.89
C CYS I 216 7.09 -25.78 -5.01
N TYR I 217 7.75 -25.98 -6.15
CA TYR I 217 8.50 -27.20 -6.42
C TYR I 217 9.60 -26.88 -7.42
N VAL I 218 10.59 -27.77 -7.47
CA VAL I 218 11.73 -27.61 -8.37
C VAL I 218 11.44 -28.38 -9.65
N ALA I 219 11.50 -27.68 -10.78
CA ALA I 219 11.32 -28.32 -12.08
C ALA I 219 12.59 -29.02 -12.51
N LEU I 220 12.45 -30.23 -13.07
CA LEU I 220 13.60 -30.97 -13.54
C LEU I 220 14.22 -30.29 -14.76
N ASP I 221 13.40 -29.83 -15.69
CA ASP I 221 13.83 -29.03 -16.83
C ASP I 221 13.05 -27.73 -16.80
N PHE I 222 13.75 -26.62 -16.54
CA PHE I 222 13.06 -25.36 -16.29
C PHE I 222 12.43 -24.82 -17.57
N GLU I 223 13.18 -24.79 -18.67
CA GLU I 223 12.64 -24.24 -19.90
C GLU I 223 11.52 -25.09 -20.47
N GLN I 224 11.59 -26.42 -20.29
CA GLN I 224 10.48 -27.28 -20.69
C GLN I 224 9.27 -27.06 -19.80
N GLU I 225 9.49 -26.79 -18.51
CA GLU I 225 8.37 -26.54 -17.59
C GLU I 225 7.74 -25.18 -17.86
N MET I 226 8.53 -24.19 -18.29
CA MET I 226 7.97 -22.90 -18.64
C MET I 226 7.09 -22.98 -19.88
N ALA I 227 7.42 -23.90 -20.81
CA ALA I 227 6.58 -24.10 -21.98
C ALA I 227 5.30 -24.85 -21.64
N THR I 228 5.37 -25.80 -20.71
CA THR I 228 4.16 -26.51 -20.28
C THR I 228 3.19 -25.57 -19.57
N ALA I 229 3.71 -24.65 -18.76
CA ALA I 229 2.85 -23.73 -18.04
C ALA I 229 2.25 -22.66 -18.93
N ALA I 230 2.88 -22.37 -20.07
CA ALA I 230 2.39 -21.35 -20.98
C ALA I 230 1.39 -21.88 -22.00
N SER I 231 1.17 -23.20 -22.05
CA SER I 231 0.29 -23.79 -23.04
C SER I 231 -0.97 -24.40 -22.43
N SER I 232 -1.09 -24.43 -21.11
CA SER I 232 -2.27 -25.01 -20.48
C SER I 232 -2.40 -24.42 -19.07
N SER I 233 -3.22 -25.05 -18.23
CA SER I 233 -3.39 -24.65 -16.84
C SER I 233 -3.30 -25.83 -15.90
N SER I 234 -2.63 -26.90 -16.32
CA SER I 234 -2.50 -28.08 -15.46
C SER I 234 -1.55 -27.86 -14.30
N LEU I 235 -0.75 -26.79 -14.34
CA LEU I 235 0.18 -26.47 -13.27
C LEU I 235 -0.34 -25.39 -12.33
N GLU I 236 -1.54 -24.88 -12.58
CA GLU I 236 -2.09 -23.81 -11.75
C GLU I 236 -2.74 -24.38 -10.49
N LYS I 237 -2.48 -23.71 -9.36
CA LYS I 237 -3.03 -24.09 -8.08
C LYS I 237 -3.73 -22.90 -7.46
N SER I 238 -4.77 -23.18 -6.68
CA SER I 238 -5.48 -22.15 -5.93
C SER I 238 -5.01 -22.16 -4.48
N TYR I 239 -5.04 -20.99 -3.86
CA TYR I 239 -4.64 -20.81 -2.48
C TYR I 239 -5.60 -19.85 -1.81
N GLU I 240 -6.10 -20.21 -0.64
CA GLU I 240 -7.04 -19.40 0.11
C GLU I 240 -6.30 -18.56 1.13
N LEU I 241 -6.50 -17.24 1.08
CA LEU I 241 -5.90 -16.32 2.01
C LEU I 241 -6.61 -16.39 3.36
N PRO I 242 -6.01 -15.82 4.41
CA PRO I 242 -6.66 -15.88 5.74
C PRO I 242 -8.03 -15.24 5.78
N ASP I 243 -8.32 -14.29 4.90
CA ASP I 243 -9.62 -13.62 4.89
C ASP I 243 -10.58 -14.25 3.88
N GLY I 244 -10.28 -15.45 3.39
CA GLY I 244 -11.18 -16.16 2.51
C GLY I 244 -10.98 -15.92 1.03
N GLN I 245 -10.16 -14.94 0.65
CA GLN I 245 -9.93 -14.67 -0.76
C GLN I 245 -9.03 -15.74 -1.35
N VAL I 246 -9.31 -16.12 -2.60
CA VAL I 246 -8.61 -17.20 -3.28
C VAL I 246 -7.77 -16.60 -4.40
N ILE I 247 -6.47 -16.92 -4.39
CA ILE I 247 -5.57 -16.53 -5.46
C ILE I 247 -5.13 -17.78 -6.19
N THR I 248 -4.71 -17.60 -7.43
CA THR I 248 -4.21 -18.68 -8.26
C THR I 248 -2.76 -18.41 -8.64
N ILE I 249 -1.94 -19.46 -8.60
CA ILE I 249 -0.51 -19.34 -8.87
C ILE I 249 -0.17 -20.35 -9.97
N GLY I 250 0.61 -19.90 -10.96
CA GLY I 250 0.93 -20.75 -12.10
C GLY I 250 2.39 -21.13 -12.17
N ASN I 251 3.15 -20.48 -13.06
CA ASN I 251 4.56 -20.80 -13.20
C ASN I 251 5.41 -20.26 -12.07
N GLU I 252 4.85 -19.40 -11.21
CA GLU I 252 5.58 -18.96 -10.03
C GLU I 252 5.89 -20.11 -9.08
N ARG I 253 5.21 -21.25 -9.24
CA ARG I 253 5.46 -22.39 -8.37
C ARG I 253 6.87 -22.93 -8.53
N PHE I 254 7.37 -22.99 -9.76
CA PHE I 254 8.72 -23.48 -9.99
C PHE I 254 9.71 -22.38 -10.35
N ARG I 255 9.25 -21.15 -10.58
CA ARG I 255 10.18 -20.05 -10.81
C ARG I 255 10.81 -19.56 -9.51
N CYS I 256 10.12 -19.71 -8.39
CA CYS I 256 10.70 -19.25 -7.12
C CYS I 256 11.86 -20.12 -6.66
N PRO I 257 11.73 -21.45 -6.55
CA PRO I 257 12.91 -22.25 -6.17
C PRO I 257 13.93 -22.41 -7.29
N GLU I 258 13.63 -21.97 -8.50
CA GLU I 258 14.61 -21.98 -9.57
C GLU I 258 15.76 -21.01 -9.29
N ALA I 259 15.53 -20.01 -8.46
CA ALA I 259 16.59 -19.07 -8.08
C ALA I 259 17.68 -19.75 -7.24
N LEU I 260 17.41 -20.93 -6.69
CA LEU I 260 18.46 -21.68 -6.01
C LEU I 260 19.51 -22.17 -7.00
N PHE I 261 19.11 -22.48 -8.22
CA PHE I 261 20.02 -22.96 -9.25
C PHE I 261 20.46 -21.87 -10.21
N GLN I 262 19.69 -20.79 -10.32
CA GLN I 262 20.04 -19.63 -11.15
C GLN I 262 19.91 -18.39 -10.29
N PRO I 263 20.93 -18.09 -9.46
CA PRO I 263 20.85 -16.89 -8.61
C PRO I 263 20.78 -15.59 -9.37
N SER I 264 20.99 -15.59 -10.69
CA SER I 264 20.85 -14.38 -11.47
C SER I 264 19.41 -13.90 -11.52
N PHE I 265 18.44 -14.77 -11.23
CA PHE I 265 17.06 -14.33 -11.08
C PHE I 265 16.90 -13.30 -9.97
N LEU I 266 17.83 -13.28 -9.02
CA LEU I 266 17.81 -12.35 -7.90
C LEU I 266 18.83 -11.23 -8.08
N GLY I 267 19.51 -11.18 -9.21
CA GLY I 267 20.57 -10.22 -9.40
C GLY I 267 21.87 -10.56 -8.70
N MET I 268 22.07 -11.82 -8.34
CA MET I 268 23.29 -12.25 -7.67
C MET I 268 24.28 -12.80 -8.69
N GLU I 269 25.56 -12.52 -8.45
CA GLU I 269 26.63 -13.05 -9.29
C GLU I 269 27.07 -14.45 -8.88
N SER I 270 26.58 -14.95 -7.75
CA SER I 270 27.07 -16.21 -7.20
C SER I 270 26.59 -17.39 -8.04
N ALA I 271 27.16 -18.55 -7.75
CA ALA I 271 26.77 -19.80 -8.37
C ALA I 271 25.58 -20.41 -7.64
N GLY I 272 24.87 -21.30 -8.33
CA GLY I 272 23.77 -22.01 -7.75
C GLY I 272 24.23 -22.99 -6.69
N ILE I 273 23.25 -23.64 -6.06
CA ILE I 273 23.57 -24.59 -5.00
C ILE I 273 24.25 -25.83 -5.57
N HIS I 274 24.02 -26.13 -6.84
CA HIS I 274 24.66 -27.29 -7.46
C HIS I 274 26.12 -27.01 -7.76
N GLU I 275 26.43 -25.82 -8.25
CA GLU I 275 27.82 -25.45 -8.52
C GLU I 275 28.59 -25.18 -7.24
N THR I 276 27.92 -24.67 -6.20
CA THR I 276 28.56 -24.49 -4.91
C THR I 276 28.93 -25.83 -4.29
N THR I 277 28.05 -26.82 -4.41
CA THR I 277 28.36 -28.17 -3.95
C THR I 277 29.53 -28.76 -4.73
N PHE I 278 29.53 -28.57 -6.05
CA PHE I 278 30.62 -29.07 -6.87
C PHE I 278 31.93 -28.35 -6.55
N ASN I 279 31.88 -27.04 -6.32
CA ASN I 279 33.10 -26.29 -6.06
C ASN I 279 33.73 -26.67 -4.73
N SER I 280 32.91 -27.03 -3.73
CA SER I 280 33.48 -27.42 -2.45
C SER I 280 34.01 -28.84 -2.47
N ILE I 281 33.47 -29.70 -3.33
CA ILE I 281 34.06 -31.02 -3.53
C ILE I 281 35.42 -30.90 -4.21
N MET I 282 35.55 -29.96 -5.15
CA MET I 282 36.81 -29.75 -5.85
C MET I 282 37.86 -29.08 -4.99
N LYS I 283 37.49 -28.55 -3.82
CA LYS I 283 38.46 -28.00 -2.88
C LYS I 283 38.96 -29.04 -1.89
N CYS I 284 38.47 -30.27 -1.96
CA CYS I 284 38.92 -31.36 -1.11
C CYS I 284 40.01 -32.16 -1.82
N ASP I 285 40.65 -33.04 -1.04
CA ASP I 285 41.67 -33.91 -1.60
C ASP I 285 41.07 -34.78 -2.71
N VAL I 286 41.85 -34.96 -3.78
CA VAL I 286 41.37 -35.71 -4.94
C VAL I 286 41.01 -37.15 -4.56
N ASP I 287 41.64 -37.68 -3.51
CA ASP I 287 41.40 -39.07 -3.13
C ASP I 287 40.05 -39.27 -2.46
N ILE I 288 39.44 -38.21 -1.91
CA ILE I 288 38.15 -38.36 -1.24
C ILE I 288 36.99 -37.80 -2.05
N ARG I 289 37.24 -37.26 -3.25
CA ARG I 289 36.16 -36.65 -4.02
C ARG I 289 35.16 -37.69 -4.50
N LYS I 290 35.62 -38.91 -4.78
CA LYS I 290 34.72 -39.96 -5.22
C LYS I 290 33.72 -40.32 -4.12
N ASP I 291 34.16 -40.29 -2.87
CA ASP I 291 33.25 -40.58 -1.76
C ASP I 291 32.27 -39.44 -1.54
N LEU I 292 32.70 -38.20 -1.79
CA LEU I 292 31.81 -37.06 -1.60
C LEU I 292 30.74 -37.00 -2.69
N TYR I 293 31.08 -37.42 -3.91
CA TYR I 293 30.10 -37.44 -4.99
C TYR I 293 28.96 -38.40 -4.69
N ALA I 294 29.25 -39.50 -4.00
CA ALA I 294 28.25 -40.52 -3.71
C ALA I 294 27.56 -40.32 -2.37
N ASN I 295 27.93 -39.30 -1.61
CA ASN I 295 27.39 -39.07 -0.27
C ASN I 295 27.04 -37.60 -0.09
N THR I 296 26.29 -37.04 -1.03
CA THR I 296 25.80 -35.68 -0.93
C THR I 296 24.44 -35.70 -0.23
N VAL I 297 24.39 -35.12 0.97
CA VAL I 297 23.22 -35.19 1.83
C VAL I 297 22.60 -33.80 1.92
N LEU I 298 21.29 -33.72 1.69
CA LEU I 298 20.56 -32.47 1.80
C LEU I 298 20.03 -32.28 3.21
N SER I 299 19.97 -31.02 3.64
CA SER I 299 19.56 -30.69 5.00
C SER I 299 18.98 -29.29 5.02
N GLY I 300 17.97 -29.10 5.86
CA GLY I 300 17.37 -27.79 6.06
C GLY I 300 16.00 -27.68 5.43
N GLY I 301 15.34 -26.58 5.77
CA GLY I 301 13.98 -26.36 5.29
C GLY I 301 13.90 -26.02 3.82
N THR I 302 14.92 -25.34 3.29
CA THR I 302 14.92 -24.95 1.89
C THR I 302 15.21 -26.12 0.94
N THR I 303 15.64 -27.27 1.46
CA THR I 303 15.80 -28.47 0.65
C THR I 303 14.55 -29.32 0.62
N MET I 304 13.42 -28.80 1.11
CA MET I 304 12.19 -29.58 1.19
C MET I 304 11.30 -29.45 -0.04
N TYR I 305 11.74 -28.74 -1.07
CA TYR I 305 10.95 -28.64 -2.29
C TYR I 305 10.88 -30.00 -2.97
N PRO I 306 9.70 -30.44 -3.42
CA PRO I 306 9.65 -31.67 -4.23
C PRO I 306 10.40 -31.50 -5.53
N GLY I 307 11.22 -32.49 -5.86
CA GLY I 307 12.01 -32.47 -7.07
C GLY I 307 13.37 -31.85 -6.96
N ILE I 308 13.82 -31.49 -5.76
CA ILE I 308 15.11 -30.83 -5.62
C ILE I 308 16.26 -31.84 -5.66
N ALA I 309 16.03 -33.07 -5.19
CA ALA I 309 17.09 -34.08 -5.21
C ALA I 309 17.34 -34.57 -6.62
N ASP I 310 16.28 -34.73 -7.42
CA ASP I 310 16.46 -35.13 -8.81
C ASP I 310 17.10 -34.03 -9.64
N ARG I 311 16.82 -32.78 -9.30
CA ARG I 311 17.45 -31.67 -10.01
C ARG I 311 18.92 -31.53 -9.63
N MET I 312 19.24 -31.64 -8.34
CA MET I 312 20.63 -31.63 -7.90
C MET I 312 21.40 -32.79 -8.52
N GLN I 313 20.78 -33.97 -8.61
CA GLN I 313 21.42 -35.12 -9.23
C GLN I 313 21.76 -34.84 -10.68
N LYS I 314 20.84 -34.22 -11.42
CA LYS I 314 21.07 -33.94 -12.83
C LYS I 314 22.10 -32.84 -13.03
N GLU I 315 22.08 -31.81 -12.17
CA GLU I 315 22.98 -30.68 -12.35
C GLU I 315 24.41 -31.04 -11.99
N ILE I 316 24.61 -31.81 -10.92
CA ILE I 316 25.97 -32.18 -10.53
C ILE I 316 26.54 -33.22 -11.48
N THR I 317 25.69 -34.09 -12.03
CA THR I 317 26.16 -35.03 -13.04
C THR I 317 26.74 -34.32 -14.25
N ALA I 318 26.16 -33.18 -14.64
CA ALA I 318 26.67 -32.42 -15.77
C ALA I 318 27.97 -31.70 -15.45
N LEU I 319 28.27 -31.46 -14.18
CA LEU I 319 29.50 -30.80 -13.78
C LEU I 319 30.62 -31.79 -13.51
N ALA I 320 30.31 -32.94 -12.93
CA ALA I 320 31.30 -33.92 -12.56
C ALA I 320 31.71 -34.76 -13.76
N PRO I 321 32.87 -35.42 -13.70
CA PRO I 321 33.24 -36.36 -14.76
C PRO I 321 32.23 -37.49 -14.87
N SER I 322 32.08 -38.00 -16.09
CA SER I 322 31.07 -39.02 -16.36
C SER I 322 31.35 -40.33 -15.66
N THR I 323 32.58 -40.57 -15.21
CA THR I 323 32.91 -41.81 -14.52
C THR I 323 32.58 -41.76 -13.03
N MET I 324 32.18 -40.61 -12.51
CA MET I 324 31.81 -40.49 -11.10
C MET I 324 30.35 -40.84 -10.91
N LYS I 325 30.06 -41.54 -9.82
CA LYS I 325 28.70 -41.88 -9.44
C LYS I 325 28.15 -40.79 -8.54
N ILE I 326 27.15 -40.06 -9.01
CA ILE I 326 26.54 -38.97 -8.28
C ILE I 326 25.31 -39.52 -7.56
N LYS I 327 25.28 -39.38 -6.23
CA LYS I 327 24.16 -39.83 -5.43
C LYS I 327 23.76 -38.73 -4.45
N ILE I 328 22.56 -38.19 -4.62
CA ILE I 328 22.04 -37.15 -3.75
C ILE I 328 21.13 -37.81 -2.72
N ILE I 329 21.45 -37.62 -1.45
CA ILE I 329 20.69 -38.20 -0.35
C ILE I 329 19.77 -37.12 0.21
N ALA I 330 18.46 -37.36 0.13
CA ALA I 330 17.43 -36.46 0.64
C ALA I 330 16.55 -37.24 1.61
N PRO I 331 16.96 -37.39 2.86
CA PRO I 331 16.16 -38.13 3.83
C PRO I 331 14.83 -37.44 4.09
N PRO I 332 13.77 -38.20 4.35
CA PRO I 332 12.45 -37.57 4.52
C PRO I 332 12.34 -36.67 5.74
N GLU I 333 13.21 -36.84 6.74
CA GLU I 333 13.22 -36.00 7.92
C GLU I 333 14.39 -35.03 7.93
N ARG I 334 14.77 -34.52 6.76
CA ARG I 334 15.96 -33.68 6.65
C ARG I 334 15.69 -32.23 7.05
N LYS I 335 14.44 -31.85 7.25
CA LYS I 335 14.14 -30.47 7.64
C LYS I 335 14.66 -30.19 9.04
N TYR I 336 14.49 -31.13 9.96
CA TYR I 336 14.94 -30.99 11.34
C TYR I 336 15.98 -32.03 11.69
N SER I 337 16.79 -32.46 10.72
CA SER I 337 17.78 -33.50 10.98
C SER I 337 18.87 -33.02 11.93
N VAL I 338 19.14 -31.72 11.97
CA VAL I 338 20.08 -31.19 12.94
C VAL I 338 19.55 -31.34 14.35
N TRP I 339 18.29 -30.94 14.57
CA TRP I 339 17.72 -31.05 15.91
C TRP I 339 17.51 -32.50 16.30
N ILE I 340 17.01 -33.33 15.38
CA ILE I 340 16.74 -34.73 15.71
C ILE I 340 18.03 -35.46 16.01
N GLY I 341 19.09 -35.17 15.25
CA GLY I 341 20.39 -35.77 15.55
C GLY I 341 20.91 -35.35 16.90
N GLY I 342 20.64 -34.10 17.29
CA GLY I 342 21.10 -33.62 18.58
C GLY I 342 20.30 -34.20 19.74
N SER I 343 19.01 -34.46 19.52
CA SER I 343 18.18 -34.98 20.60
C SER I 343 18.45 -36.46 20.85
N ILE I 344 18.77 -37.20 19.78
CA ILE I 344 19.17 -38.60 19.95
C ILE I 344 20.50 -38.66 20.69
N LEU I 345 21.44 -37.80 20.33
CA LEU I 345 22.76 -37.81 20.96
C LEU I 345 22.68 -37.40 22.42
N ALA I 346 21.93 -36.34 22.72
CA ALA I 346 21.87 -35.83 24.09
C ALA I 346 21.09 -36.73 25.04
N SER I 347 20.30 -37.66 24.51
CA SER I 347 19.51 -38.55 25.35
C SER I 347 20.22 -39.86 25.67
N LEU I 348 21.43 -40.07 25.15
CA LEU I 348 22.15 -41.29 25.40
C LEU I 348 22.77 -41.27 26.79
N SER I 349 22.67 -42.40 27.50
CA SER I 349 23.29 -42.49 28.82
C SER I 349 24.81 -42.44 28.73
N THR I 350 25.38 -42.92 27.62
CA THR I 350 26.82 -42.86 27.43
C THR I 350 27.29 -41.44 27.11
N PHE I 351 26.39 -40.56 26.69
CA PHE I 351 26.74 -39.18 26.37
C PHE I 351 26.85 -38.31 27.60
N GLN I 352 26.37 -38.76 28.75
CA GLN I 352 26.37 -37.93 29.95
C GLN I 352 27.77 -37.65 30.46
N GLN I 353 28.78 -38.35 29.95
CA GLN I 353 30.17 -38.05 30.28
C GLN I 353 30.77 -36.99 29.36
N MET I 354 30.07 -36.62 28.29
CA MET I 354 30.59 -35.67 27.32
C MET I 354 30.22 -34.23 27.63
N TRP I 355 29.25 -34.01 28.51
CA TRP I 355 28.85 -32.65 28.86
C TRP I 355 29.99 -31.87 29.47
N ILE I 356 29.97 -30.56 29.27
CA ILE I 356 30.84 -29.63 29.98
C ILE I 356 30.12 -29.25 31.27
N SER I 357 30.61 -29.73 32.40
CA SER I 357 29.98 -29.43 33.67
C SER I 357 30.30 -28.00 34.11
N LYS I 358 29.50 -27.50 35.04
CA LYS I 358 29.80 -26.19 35.63
C LYS I 358 31.06 -26.24 36.47
N GLN I 359 31.36 -27.41 37.06
CA GLN I 359 32.63 -27.57 37.77
C GLN I 359 33.81 -27.42 36.84
N GLU I 360 33.75 -28.07 35.66
CA GLU I 360 34.83 -27.94 34.70
C GLU I 360 34.94 -26.52 34.15
N TYR I 361 33.81 -25.80 34.09
CA TYR I 361 33.84 -24.43 33.59
C TYR I 361 34.46 -23.47 34.60
N ASP I 362 34.21 -23.68 35.89
CA ASP I 362 34.80 -22.83 36.92
C ASP I 362 36.31 -22.95 36.98
N GLU I 363 36.87 -24.07 36.53
CA GLU I 363 38.31 -24.28 36.56
C GLU I 363 39.00 -23.77 35.29
N SER I 364 38.48 -24.15 34.13
CA SER I 364 39.14 -23.84 32.86
C SER I 364 38.61 -22.56 32.21
N GLY I 365 37.45 -22.07 32.62
CA GLY I 365 36.85 -20.92 31.99
C GLY I 365 36.16 -21.29 30.69
N PRO I 366 35.76 -20.28 29.91
CA PRO I 366 35.04 -20.57 28.65
C PRO I 366 35.87 -21.27 27.59
N SER I 367 37.19 -21.36 27.75
CA SER I 367 38.04 -22.05 26.78
C SER I 367 37.95 -23.57 26.90
N ILE I 368 37.21 -24.09 27.88
CA ILE I 368 37.02 -25.53 28.02
C ILE I 368 36.26 -26.10 26.83
N VAL I 369 35.52 -25.25 26.10
CA VAL I 369 34.68 -25.74 25.01
C VAL I 369 35.53 -26.23 23.84
N HIS I 370 36.75 -25.72 23.70
CA HIS I 370 37.59 -26.10 22.57
C HIS I 370 38.14 -27.51 22.68
N ARG I 371 38.33 -28.02 23.90
CA ARG I 371 38.88 -29.35 24.09
C ARG I 371 37.83 -30.40 24.38
N LYS I 372 36.63 -30.00 24.82
CA LYS I 372 35.57 -30.96 25.10
C LYS I 372 34.59 -31.10 23.95
N CYS I 373 34.40 -30.05 23.15
CA CYS I 373 33.50 -30.10 22.02
C CYS I 373 34.22 -29.92 20.69
N PHE I 374 35.54 -29.74 20.71
CA PHE I 374 36.34 -29.53 19.51
C PHE I 374 35.84 -28.32 18.72
N ALA J 5 63.26 3.93 -29.31
CA ALA J 5 62.31 3.87 -28.20
C ALA J 5 61.72 2.47 -28.07
N ALA J 6 62.32 1.67 -27.19
CA ALA J 6 61.90 0.28 -27.01
C ALA J 6 60.77 0.18 -26.00
N LEU J 7 60.02 -0.91 -26.11
CA LEU J 7 58.93 -1.22 -25.19
C LEU J 7 59.37 -2.33 -24.25
N VAL J 8 58.96 -2.23 -22.99
CA VAL J 8 59.26 -3.23 -21.98
C VAL J 8 57.94 -3.74 -21.43
N VAL J 9 57.69 -5.03 -21.60
CA VAL J 9 56.45 -5.67 -21.17
C VAL J 9 56.80 -6.76 -20.18
N ASP J 10 56.32 -6.60 -18.94
CA ASP J 10 56.50 -7.60 -17.89
C ASP J 10 55.17 -8.34 -17.75
N ASN J 11 55.10 -9.56 -18.29
CA ASN J 11 53.87 -10.34 -18.28
C ASN J 11 53.78 -11.09 -16.96
N GLY J 12 53.03 -10.54 -16.02
CA GLY J 12 52.85 -11.17 -14.74
C GLY J 12 51.69 -12.14 -14.72
N SER J 13 51.69 -13.01 -13.72
CA SER J 13 50.65 -14.01 -13.59
C SER J 13 49.28 -13.37 -13.36
N GLY J 14 49.23 -12.15 -12.85
CA GLY J 14 47.97 -11.50 -12.60
C GLY J 14 47.92 -10.06 -13.07
N MET J 15 49.08 -9.45 -13.26
CA MET J 15 49.17 -8.04 -13.61
C MET J 15 50.18 -7.86 -14.72
N CYS J 16 49.81 -7.11 -15.75
CA CYS J 16 50.69 -6.82 -16.86
C CYS J 16 51.30 -5.43 -16.68
N LYS J 17 52.63 -5.37 -16.62
CA LYS J 17 53.35 -4.11 -16.51
C LYS J 17 53.99 -3.80 -17.86
N ALA J 18 53.69 -2.64 -18.41
CA ALA J 18 54.18 -2.24 -19.71
C ALA J 18 54.55 -0.77 -19.71
N GLY J 19 55.56 -0.43 -20.50
CA GLY J 19 56.01 0.94 -20.58
C GLY J 19 57.11 1.08 -21.60
N PHE J 20 57.81 2.21 -21.52
CA PHE J 20 58.85 2.56 -22.47
C PHE J 20 60.21 2.49 -21.80
N ALA J 21 61.19 1.95 -22.51
CA ALA J 21 62.55 1.86 -21.99
C ALA J 21 63.10 3.26 -21.74
N GLY J 22 63.68 3.46 -20.56
CA GLY J 22 64.18 4.74 -20.15
C GLY J 22 63.31 5.44 -19.12
N ASP J 23 62.07 5.02 -18.95
CA ASP J 23 61.20 5.58 -17.93
C ASP J 23 61.44 4.91 -16.59
N ASP J 24 61.08 5.63 -15.52
CA ASP J 24 61.30 5.12 -14.18
C ASP J 24 60.23 4.13 -13.74
N ALA J 25 59.02 4.24 -14.29
CA ALA J 25 57.90 3.41 -13.92
C ALA J 25 57.16 2.96 -15.16
N PRO J 26 56.47 1.82 -15.10
CA PRO J 26 55.67 1.40 -16.25
C PRO J 26 54.50 2.32 -16.46
N ARG J 27 54.15 2.53 -17.74
CA ARG J 27 53.04 3.42 -18.05
C ARG J 27 51.69 2.76 -17.75
N ALA J 28 51.57 1.46 -18.02
CA ALA J 28 50.32 0.75 -17.89
C ALA J 28 50.49 -0.45 -16.97
N VAL J 29 49.61 -0.57 -15.98
CA VAL J 29 49.55 -1.72 -15.09
C VAL J 29 48.09 -2.12 -15.00
N PHE J 30 47.74 -3.23 -15.65
CA PHE J 30 46.35 -3.66 -15.76
C PHE J 30 46.28 -5.16 -15.52
N PRO J 31 45.11 -5.68 -15.15
CA PRO J 31 44.97 -7.13 -14.92
C PRO J 31 45.10 -7.91 -16.21
N SER J 32 45.85 -9.00 -16.17
CA SER J 32 46.03 -9.86 -17.34
C SER J 32 44.91 -10.91 -17.37
N ILE J 33 43.71 -10.44 -17.68
CA ILE J 33 42.52 -11.27 -17.73
C ILE J 33 41.81 -11.05 -19.05
N VAL J 34 41.14 -12.09 -19.54
CA VAL J 34 40.27 -12.02 -20.69
C VAL J 34 38.89 -12.46 -20.24
N GLY J 35 37.89 -11.61 -20.46
CA GLY J 35 36.53 -11.90 -20.03
C GLY J 35 35.63 -12.18 -21.22
N ARG J 36 34.81 -13.22 -21.08
CA ARG J 36 33.82 -13.60 -22.07
C ARG J 36 32.47 -13.78 -21.39
N PRO J 37 31.37 -13.51 -22.10
CA PRO J 37 30.06 -13.56 -21.45
C PRO J 37 29.72 -14.94 -20.91
N ARG J 38 29.03 -14.96 -19.77
CA ARG J 38 28.69 -16.20 -19.08
C ARG J 38 27.81 -17.10 -19.94
N ASP J 50 32.13 -9.46 -26.84
CA ASP J 50 32.26 -10.90 -26.69
C ASP J 50 33.59 -11.28 -26.04
N SER J 51 34.51 -10.31 -25.98
CA SER J 51 35.84 -10.53 -25.43
C SER J 51 36.35 -9.23 -24.85
N TYR J 52 36.58 -9.21 -23.54
CA TYR J 52 37.06 -8.03 -22.84
C TYR J 52 38.40 -8.33 -22.18
N VAL J 53 39.31 -7.37 -22.26
CA VAL J 53 40.67 -7.54 -21.76
C VAL J 53 40.98 -6.47 -20.73
N GLY J 54 41.60 -6.88 -19.63
CA GLY J 54 42.15 -5.91 -18.69
C GLY J 54 41.09 -5.31 -17.80
N ASP J 55 41.12 -3.99 -17.67
CA ASP J 55 40.13 -3.30 -16.83
C ASP J 55 38.74 -3.32 -17.46
N GLU J 56 38.67 -3.52 -18.78
CA GLU J 56 37.37 -3.68 -19.43
C GLU J 56 36.68 -4.94 -18.93
N ALA J 57 37.44 -6.01 -18.71
CA ALA J 57 36.85 -7.26 -18.24
C ALA J 57 36.41 -7.15 -16.78
N GLN J 58 36.95 -6.18 -16.05
CA GLN J 58 36.55 -6.01 -14.66
C GLN J 58 35.48 -4.94 -14.51
N SER J 59 35.27 -4.12 -15.55
CA SER J 59 34.24 -3.10 -15.48
C SER J 59 32.85 -3.72 -15.63
N LYS J 60 32.76 -4.90 -16.26
CA LYS J 60 31.47 -5.54 -16.44
C LYS J 60 31.07 -6.32 -15.20
N ARG J 61 32.05 -6.69 -14.37
CA ARG J 61 31.84 -7.41 -13.12
C ARG J 61 31.30 -8.83 -13.35
N GLY J 62 29.99 -9.03 -13.14
CA GLY J 62 29.48 -10.38 -12.98
C GLY J 62 28.82 -10.96 -14.22
N ILE J 63 28.71 -10.20 -15.31
CA ILE J 63 28.09 -10.74 -16.52
C ILE J 63 29.01 -11.75 -17.18
N LEU J 64 30.31 -11.53 -17.13
CA LEU J 64 31.27 -12.33 -17.86
C LEU J 64 32.08 -13.22 -16.92
N THR J 65 32.65 -14.29 -17.49
CA THR J 65 33.56 -15.17 -16.78
C THR J 65 34.99 -14.82 -17.17
N LEU J 66 35.87 -14.78 -16.18
CA LEU J 66 37.23 -14.32 -16.36
C LEU J 66 38.20 -15.49 -16.41
N LYS J 67 39.20 -15.40 -17.28
CA LYS J 67 40.22 -16.42 -17.44
C LYS J 67 41.59 -15.78 -17.39
N TYR J 68 42.51 -16.41 -16.67
CA TYR J 68 43.91 -15.99 -16.66
C TYR J 68 44.67 -16.80 -17.68
N PRO J 69 45.14 -16.21 -18.78
CA PRO J 69 45.92 -16.98 -19.76
C PRO J 69 47.32 -17.31 -19.30
N ILE J 70 47.83 -16.63 -18.28
CA ILE J 70 49.18 -16.88 -17.77
C ILE J 70 49.08 -16.98 -16.26
N GLU J 71 48.19 -17.86 -15.80
CA GLU J 71 47.76 -17.91 -14.40
C GLU J 71 48.87 -18.13 -13.38
N HIC J 72 49.86 -18.95 -13.71
CA HIC J 72 50.96 -19.24 -12.79
C HIC J 72 52.31 -18.89 -13.40
O HIC J 72 53.28 -19.61 -13.18
CB HIC J 72 50.93 -20.71 -12.37
CG HIC J 72 49.69 -21.04 -11.62
ND1 HIC J 72 49.43 -20.53 -10.37
CD2 HIC J 72 48.65 -21.85 -11.99
CE1 HIC J 72 48.28 -21.02 -10.01
NE2 HIC J 72 47.76 -21.83 -10.96
CZ HIC J 72 46.51 -22.53 -10.89
N GLY J 73 52.36 -17.81 -14.15
CA GLY J 73 53.59 -17.35 -14.75
C GLY J 73 53.87 -17.93 -16.13
N ILE J 74 53.32 -19.11 -16.39
CA ILE J 74 53.49 -19.80 -17.66
C ILE J 74 52.23 -19.60 -18.49
N VAL J 75 52.41 -19.19 -19.74
CA VAL J 75 51.27 -18.98 -20.64
C VAL J 75 50.65 -20.32 -20.96
N THR J 76 49.36 -20.46 -20.68
CA THR J 76 48.62 -21.68 -20.98
C THR J 76 47.67 -21.53 -22.15
N ASN J 77 47.16 -20.33 -22.41
CA ASN J 77 46.24 -20.07 -23.51
C ASN J 77 46.87 -19.00 -24.39
N TRP J 78 47.42 -19.41 -25.52
CA TRP J 78 48.13 -18.49 -26.40
C TRP J 78 47.19 -17.61 -27.20
N ASP J 79 45.93 -18.01 -27.38
CA ASP J 79 44.98 -17.15 -28.07
C ASP J 79 44.60 -15.95 -27.21
N ASP J 80 44.37 -16.18 -25.92
CA ASP J 80 44.08 -15.09 -25.01
C ASP J 80 45.31 -14.26 -24.69
N MET J 81 46.49 -14.87 -24.75
CA MET J 81 47.72 -14.11 -24.51
C MET J 81 47.97 -13.10 -25.63
N GLU J 82 47.58 -13.42 -26.85
CA GLU J 82 47.69 -12.45 -27.94
C GLU J 82 46.69 -11.32 -27.79
N LYS J 83 45.53 -11.59 -27.19
CA LYS J 83 44.57 -10.52 -26.92
C LYS J 83 45.12 -9.53 -25.91
N ILE J 84 45.85 -10.02 -24.92
CA ILE J 84 46.42 -9.15 -23.90
C ILE J 84 47.56 -8.32 -24.49
N TRP J 85 48.41 -8.93 -25.31
CA TRP J 85 49.49 -8.19 -25.94
C TRP J 85 48.95 -7.18 -26.93
N HIS J 86 47.87 -7.51 -27.64
CA HIS J 86 47.25 -6.54 -28.53
C HIS J 86 46.64 -5.39 -27.74
N HIS J 87 46.00 -5.70 -26.61
CA HIS J 87 45.46 -4.66 -25.75
C HIS J 87 46.58 -3.82 -25.16
N THR J 88 47.72 -4.45 -24.84
CA THR J 88 48.85 -3.72 -24.27
C THR J 88 49.38 -2.67 -25.24
N PHE J 89 49.57 -3.06 -26.50
CA PHE J 89 50.22 -2.17 -27.45
C PHE J 89 49.30 -1.02 -27.87
N TYR J 90 48.05 -1.32 -28.19
CA TYR J 90 47.19 -0.34 -28.83
C TYR J 90 46.35 0.46 -27.83
N ASN J 91 45.89 -0.17 -26.75
CA ASN J 91 45.02 0.52 -25.80
C ASN J 91 45.75 1.07 -24.59
N GLU J 92 46.81 0.41 -24.14
CA GLU J 92 47.52 0.82 -22.94
C GLU J 92 48.73 1.70 -23.26
N LEU J 93 49.66 1.17 -24.06
CA LEU J 93 50.82 1.95 -24.47
C LEU J 93 50.51 2.91 -25.61
N ARG J 94 49.45 2.62 -26.38
CA ARG J 94 48.97 3.51 -27.45
C ARG J 94 50.04 3.75 -28.51
N VAL J 95 50.70 2.66 -28.92
CA VAL J 95 51.73 2.71 -29.96
C VAL J 95 51.47 1.56 -30.92
N ALA J 96 52.12 1.64 -32.08
CA ALA J 96 52.11 0.55 -33.04
C ALA J 96 53.32 -0.33 -32.80
N PRO J 97 53.14 -1.62 -32.49
CA PRO J 97 54.28 -2.47 -32.15
C PRO J 97 55.26 -2.71 -33.29
N GLU J 98 54.88 -2.40 -34.53
CA GLU J 98 55.79 -2.57 -35.66
C GLU J 98 56.82 -1.45 -35.75
N GLU J 99 56.78 -0.47 -34.85
CA GLU J 99 57.74 0.62 -34.85
C GLU J 99 58.72 0.58 -33.68
N HIS J 100 58.52 -0.32 -32.73
CA HIS J 100 59.35 -0.36 -31.53
C HIS J 100 59.86 -1.76 -31.27
N PRO J 101 61.14 -1.91 -30.91
CA PRO J 101 61.59 -3.19 -30.36
C PRO J 101 60.96 -3.43 -29.00
N VAL J 102 60.69 -4.70 -28.71
CA VAL J 102 59.97 -5.09 -27.51
C VAL J 102 60.84 -6.03 -26.69
N LEU J 103 61.00 -5.72 -25.42
CA LEU J 103 61.65 -6.60 -24.46
C LEU J 103 60.58 -7.30 -23.64
N LEU J 104 60.50 -8.61 -23.74
CA LEU J 104 59.57 -9.41 -22.96
C LEU J 104 60.29 -10.06 -21.79
N THR J 105 59.52 -10.40 -20.77
CA THR J 105 60.02 -11.13 -19.62
C THR J 105 59.32 -12.47 -19.52
N GLU J 106 59.97 -13.42 -18.85
CA GLU J 106 59.44 -14.76 -18.72
C GLU J 106 59.69 -15.28 -17.31
N ALA J 107 58.79 -16.14 -16.85
CA ALA J 107 58.90 -16.76 -15.55
C ALA J 107 60.02 -17.79 -15.55
N PRO J 108 60.55 -18.12 -14.37
CA PRO J 108 61.56 -19.18 -14.30
C PRO J 108 60.95 -20.54 -14.66
N LEU J 109 61.80 -21.42 -15.18
CA LEU J 109 61.39 -22.75 -15.65
C LEU J 109 60.36 -22.68 -16.76
N ASN J 110 60.43 -21.64 -17.58
CA ASN J 110 59.56 -21.51 -18.74
C ASN J 110 60.02 -22.48 -19.82
N PRO J 111 59.18 -23.38 -20.29
CA PRO J 111 59.62 -24.36 -21.30
C PRO J 111 60.06 -23.69 -22.59
N LYS J 112 61.00 -24.34 -23.27
CA LYS J 112 61.60 -23.78 -24.49
C LYS J 112 60.59 -23.62 -25.61
N ALA J 113 59.53 -24.43 -25.63
CA ALA J 113 58.49 -24.24 -26.64
C ALA J 113 57.74 -22.93 -26.45
N ASN J 114 57.64 -22.45 -25.21
CA ASN J 114 56.98 -21.18 -24.95
C ASN J 114 57.85 -19.99 -25.36
N ARG J 115 59.17 -20.11 -25.21
CA ARG J 115 60.06 -19.03 -25.66
C ARG J 115 59.98 -18.85 -27.17
N GLU J 116 59.92 -19.96 -27.92
CA GLU J 116 59.81 -19.86 -29.37
C GLU J 116 58.43 -19.38 -29.79
N LYS J 117 57.39 -19.75 -29.04
CA LYS J 117 56.05 -19.29 -29.36
C LYS J 117 55.93 -17.78 -29.15
N MET J 118 56.57 -17.25 -28.12
CA MET J 118 56.58 -15.80 -27.92
C MET J 118 57.31 -15.10 -29.07
N THR J 119 58.43 -15.65 -29.50
CA THR J 119 59.20 -15.02 -30.57
C THR J 119 58.43 -15.05 -31.89
N GLN J 120 57.70 -16.15 -32.14
CA GLN J 120 56.92 -16.26 -33.36
C GLN J 120 55.76 -15.27 -33.36
N ILE J 121 55.10 -15.11 -32.23
CA ILE J 121 53.95 -14.19 -32.16
C ILE J 121 54.40 -12.75 -32.31
N MET J 122 55.56 -12.40 -31.75
CA MET J 122 56.02 -11.02 -31.82
C MET J 122 56.46 -10.63 -33.22
N PHE J 123 57.05 -11.55 -33.97
CA PHE J 123 57.54 -11.21 -35.30
C PHE J 123 56.49 -11.39 -36.39
N GLU J 124 55.54 -12.32 -36.21
CA GLU J 124 54.56 -12.61 -37.24
C GLU J 124 53.21 -11.96 -36.99
N THR J 125 52.74 -11.91 -35.74
CA THR J 125 51.46 -11.30 -35.46
C THR J 125 51.57 -9.78 -35.31
N PHE J 126 52.61 -9.31 -34.60
CA PHE J 126 52.76 -7.90 -34.33
C PHE J 126 53.84 -7.23 -35.18
N ASN J 127 54.70 -8.02 -35.84
CA ASN J 127 55.72 -7.50 -36.75
C ASN J 127 56.65 -6.51 -36.06
N THR J 128 57.14 -6.89 -34.90
CA THR J 128 58.10 -6.05 -34.20
C THR J 128 59.43 -6.04 -34.95
N PRO J 129 60.10 -4.88 -35.04
CA PRO J 129 61.40 -4.85 -35.73
C PRO J 129 62.47 -5.63 -34.99
N ALA J 130 62.44 -5.63 -33.66
CA ALA J 130 63.41 -6.35 -32.85
C ALA J 130 62.69 -6.89 -31.62
N MET J 131 63.36 -7.79 -30.91
CA MET J 131 62.72 -8.50 -29.82
C MET J 131 63.79 -9.08 -28.90
N TYR J 132 63.43 -9.27 -27.63
CA TYR J 132 64.34 -9.83 -26.65
C TYR J 132 63.54 -10.40 -25.50
N VAL J 133 64.00 -11.52 -24.95
CA VAL J 133 63.37 -12.19 -23.83
C VAL J 133 64.37 -12.24 -22.68
N ALA J 134 63.91 -11.86 -21.50
CA ALA J 134 64.73 -11.88 -20.29
C ALA J 134 64.01 -12.63 -19.19
N ILE J 135 64.77 -13.21 -18.27
CA ILE J 135 64.20 -13.89 -17.12
C ILE J 135 63.90 -12.86 -16.05
N GLN J 136 62.72 -12.97 -15.44
CA GLN J 136 62.27 -11.96 -14.48
C GLN J 136 63.16 -11.91 -13.25
N ALA J 137 63.52 -13.07 -12.70
CA ALA J 137 64.29 -13.10 -11.46
C ALA J 137 65.69 -12.54 -11.66
N VAL J 138 66.30 -12.77 -12.83
CA VAL J 138 67.64 -12.24 -13.09
C VAL J 138 67.62 -10.73 -13.18
N LEU J 139 66.56 -10.15 -13.74
CA LEU J 139 66.45 -8.70 -13.80
C LEU J 139 66.31 -8.10 -12.40
N SER J 140 65.61 -8.78 -11.49
CA SER J 140 65.47 -8.29 -10.13
C SER J 140 66.79 -8.35 -9.38
N LEU J 141 67.58 -9.40 -9.60
CA LEU J 141 68.87 -9.51 -8.92
C LEU J 141 69.85 -8.47 -9.44
N TYR J 142 69.85 -8.24 -10.76
CA TYR J 142 70.71 -7.20 -11.32
C TYR J 142 70.30 -5.82 -10.81
N ALA J 143 69.00 -5.59 -10.65
CA ALA J 143 68.54 -4.28 -10.20
C ALA J 143 68.99 -3.98 -8.78
N SER J 144 69.22 -5.02 -7.97
CA SER J 144 69.75 -4.85 -6.63
C SER J 144 71.27 -4.73 -6.59
N GLY J 145 71.92 -4.80 -7.75
CA GLY J 145 73.37 -4.72 -7.79
C GLY J 145 74.08 -6.01 -7.50
N ARG J 146 73.51 -7.15 -7.89
CA ARG J 146 74.07 -8.45 -7.61
C ARG J 146 74.04 -9.32 -8.86
N THR J 147 75.02 -10.22 -8.95
CA THR J 147 74.97 -11.29 -9.94
C THR J 147 74.82 -12.66 -9.31
N THR J 148 74.99 -12.77 -8.00
CA THR J 148 74.79 -14.00 -7.26
C THR J 148 73.82 -13.75 -6.13
N GLY J 149 72.88 -14.66 -5.95
CA GLY J 149 71.91 -14.54 -4.89
C GLY J 149 70.69 -15.38 -5.21
N ILE J 150 69.74 -15.35 -4.29
CA ILE J 150 68.47 -16.05 -4.46
C ILE J 150 67.35 -15.03 -4.40
N VAL J 151 66.49 -15.04 -5.42
CA VAL J 151 65.39 -14.11 -5.53
C VAL J 151 64.12 -14.81 -5.08
N MET J 152 63.44 -14.22 -4.10
CA MET J 152 62.12 -14.68 -3.68
C MET J 152 61.10 -13.76 -4.34
N ASP J 153 60.56 -14.21 -5.46
CA ASP J 153 59.63 -13.42 -6.26
C ASP J 153 58.21 -13.90 -5.97
N SER J 154 57.46 -13.11 -5.21
CA SER J 154 56.07 -13.41 -4.88
C SER J 154 55.18 -12.41 -5.58
N GLY J 155 54.38 -12.88 -6.53
CA GLY J 155 53.53 -11.99 -7.29
C GLY J 155 52.06 -12.15 -7.00
N ASP J 156 51.26 -12.40 -8.03
CA ASP J 156 49.82 -12.55 -7.89
C ASP J 156 49.39 -14.01 -7.90
N GLY J 157 49.86 -14.79 -8.88
CA GLY J 157 49.44 -16.17 -8.98
C GLY J 157 50.45 -17.19 -8.50
N VAL J 158 51.72 -16.80 -8.41
CA VAL J 158 52.79 -17.76 -8.16
C VAL J 158 53.89 -17.09 -7.36
N THR J 159 54.58 -17.90 -6.55
CA THR J 159 55.79 -17.48 -5.84
C THR J 159 56.94 -18.38 -6.28
N HIS J 160 58.07 -17.77 -6.61
CA HIS J 160 59.25 -18.50 -7.02
C HIS J 160 60.43 -18.13 -6.13
N THR J 161 61.23 -19.12 -5.76
CA THR J 161 62.53 -18.92 -5.15
C THR J 161 63.57 -19.35 -6.18
N VAL J 162 64.33 -18.40 -6.69
CA VAL J 162 65.22 -18.61 -7.83
C VAL J 162 66.65 -18.31 -7.39
N PRO J 163 67.44 -19.34 -7.07
CA PRO J 163 68.86 -19.11 -6.78
C PRO J 163 69.63 -18.86 -8.08
N ILE J 164 70.45 -17.82 -8.08
CA ILE J 164 71.17 -17.37 -9.26
C ILE J 164 72.65 -17.30 -8.92
N TYR J 165 73.48 -17.89 -9.77
CA TYR J 165 74.92 -17.87 -9.59
C TYR J 165 75.57 -17.28 -10.84
N GLU J 166 76.24 -16.14 -10.67
CA GLU J 166 76.96 -15.47 -11.76
C GLU J 166 76.03 -15.17 -12.93
N GLY J 167 74.82 -14.72 -12.63
CA GLY J 167 73.88 -14.31 -13.66
C GLY J 167 73.07 -15.41 -14.28
N TYR J 168 73.20 -16.65 -13.83
CA TYR J 168 72.46 -17.77 -14.38
C TYR J 168 71.63 -18.43 -13.30
N ALA J 169 70.33 -18.56 -13.54
CA ALA J 169 69.45 -19.25 -12.62
C ALA J 169 69.76 -20.74 -12.61
N LEU J 170 69.79 -21.32 -11.42
CA LEU J 170 70.04 -22.75 -11.26
C LEU J 170 68.72 -23.50 -11.36
N PRO J 171 68.41 -24.13 -12.50
CA PRO J 171 67.04 -24.61 -12.72
C PRO J 171 66.65 -25.78 -11.85
N HIS J 172 67.60 -26.61 -11.42
CA HIS J 172 67.27 -27.74 -10.57
C HIS J 172 66.92 -27.31 -9.15
N ALA J 173 67.30 -26.10 -8.76
CA ALA J 173 67.04 -25.61 -7.42
C ALA J 173 65.89 -24.61 -7.35
N ILE J 174 65.27 -24.27 -8.49
CA ILE J 174 64.15 -23.34 -8.49
C ILE J 174 62.92 -24.04 -7.94
N LEU J 175 62.30 -23.44 -6.92
CA LEU J 175 61.09 -23.96 -6.32
C LEU J 175 59.92 -23.03 -6.64
N ARG J 176 58.76 -23.63 -6.85
CA ARG J 176 57.54 -22.90 -7.18
C ARG J 176 56.50 -23.13 -6.10
N LEU J 177 55.82 -22.05 -5.71
CA LEU J 177 54.78 -22.10 -4.68
C LEU J 177 53.54 -21.43 -5.25
N ASP J 178 52.47 -22.20 -5.40
CA ASP J 178 51.21 -21.65 -5.90
C ASP J 178 50.43 -20.97 -4.77
N LEU J 179 51.08 -19.95 -4.21
CA LEU J 179 50.54 -19.20 -3.08
C LEU J 179 51.10 -17.80 -3.17
N ALA J 180 50.27 -16.84 -3.58
CA ALA J 180 50.71 -15.47 -3.70
C ALA J 180 49.58 -14.50 -3.35
N GLY J 181 49.56 -13.33 -3.98
CA GLY J 181 48.62 -12.30 -3.58
C GLY J 181 47.18 -12.64 -3.89
N ARG J 182 46.95 -13.41 -4.96
CA ARG J 182 45.59 -13.80 -5.32
C ARG J 182 44.97 -14.68 -4.23
N ASP J 183 45.76 -15.59 -3.67
CA ASP J 183 45.25 -16.43 -2.59
C ASP J 183 45.08 -15.66 -1.29
N LEU J 184 45.90 -14.63 -1.08
CA LEU J 184 45.76 -13.80 0.11
C LEU J 184 44.54 -12.90 0.02
N THR J 185 44.19 -12.44 -1.18
CA THR J 185 42.97 -11.65 -1.34
C THR J 185 41.73 -12.49 -1.05
N ASP J 186 41.70 -13.74 -1.55
CA ASP J 186 40.57 -14.62 -1.29
C ASP J 186 40.48 -14.98 0.18
N TYR J 187 41.62 -15.10 0.86
CA TYR J 187 41.60 -15.43 2.27
C TYR J 187 41.16 -14.24 3.12
N LEU J 188 41.49 -13.03 2.70
CA LEU J 188 41.03 -11.85 3.42
C LEU J 188 39.53 -11.67 3.24
N MET J 189 39.00 -11.95 2.05
CA MET J 189 37.56 -11.94 1.86
C MET J 189 36.87 -12.94 2.79
N LYS J 190 37.52 -14.08 3.01
CA LYS J 190 36.91 -15.13 3.82
C LYS J 190 36.89 -14.76 5.30
N ILE J 191 37.98 -14.19 5.81
CA ILE J 191 38.04 -13.87 7.23
C ILE J 191 37.39 -12.54 7.56
N LEU J 192 37.12 -11.70 6.57
CA LEU J 192 36.35 -10.49 6.82
C LEU J 192 34.88 -10.78 7.03
N THR J 193 34.41 -11.94 6.58
CA THR J 193 33.03 -12.34 6.85
C THR J 193 32.82 -12.77 8.29
N GLU J 194 33.91 -13.07 9.02
CA GLU J 194 33.79 -13.37 10.44
C GLU J 194 33.48 -12.12 11.26
N ARG J 195 33.70 -10.94 10.71
CA ARG J 195 33.32 -9.69 11.37
C ARG J 195 31.95 -9.19 10.95
N GLY J 196 31.25 -9.93 10.09
CA GLY J 196 29.93 -9.55 9.65
C GLY J 196 29.87 -8.86 8.31
N TYR J 197 31.00 -8.63 7.66
CA TYR J 197 31.02 -8.04 6.34
C TYR J 197 30.85 -9.12 5.28
N SER J 198 30.39 -8.71 4.10
CA SER J 198 30.12 -9.64 3.01
C SER J 198 30.81 -9.13 1.75
N PHE J 199 31.90 -9.79 1.38
CA PHE J 199 32.60 -9.52 0.13
C PHE J 199 32.62 -10.81 -0.66
N THR J 200 31.80 -10.88 -1.72
CA THR J 200 31.69 -12.09 -2.50
C THR J 200 31.80 -11.81 -4.00
N THR J 201 31.30 -10.65 -4.43
CA THR J 201 31.26 -10.36 -5.85
C THR J 201 32.63 -9.97 -6.38
N THR J 202 32.71 -9.80 -7.70
CA THR J 202 33.97 -9.42 -8.33
C THR J 202 34.35 -7.98 -7.99
N ALA J 203 33.36 -7.09 -7.92
CA ALA J 203 33.64 -5.71 -7.55
C ALA J 203 34.09 -5.60 -6.09
N GLU J 204 33.54 -6.43 -5.21
CA GLU J 204 33.95 -6.43 -3.82
C GLU J 204 35.31 -7.09 -3.62
N ARG J 205 35.74 -7.92 -4.56
CA ARG J 205 37.09 -8.48 -4.48
C ARG J 205 38.15 -7.42 -4.76
N GLU J 206 37.84 -6.45 -5.63
CA GLU J 206 38.77 -5.36 -5.87
C GLU J 206 38.85 -4.42 -4.68
N ILE J 207 37.78 -4.33 -3.90
CA ILE J 207 37.81 -3.55 -2.67
C ILE J 207 38.69 -4.23 -1.63
N VAL J 208 38.56 -5.55 -1.50
CA VAL J 208 39.35 -6.29 -0.52
C VAL J 208 40.83 -6.27 -0.90
N ARG J 209 41.14 -6.32 -2.19
CA ARG J 209 42.52 -6.19 -2.62
C ARG J 209 43.10 -4.83 -2.25
N ASP J 210 42.28 -3.79 -2.29
CA ASP J 210 42.74 -2.47 -1.89
C ASP J 210 42.92 -2.38 -0.38
N ILE J 211 42.05 -3.05 0.39
CA ILE J 211 42.23 -3.14 1.83
C ILE J 211 43.52 -3.87 2.17
N LYS J 212 43.81 -4.94 1.43
CA LYS J 212 45.01 -5.74 1.69
C LYS J 212 46.27 -4.94 1.44
N GLU J 213 46.30 -4.15 0.37
CA GLU J 213 47.51 -3.41 0.01
C GLU J 213 47.71 -2.15 0.85
N LYS J 214 46.75 -1.77 1.68
CA LYS J 214 46.85 -0.56 2.48
C LYS J 214 46.95 -0.81 3.97
N LEU J 215 46.33 -1.86 4.49
CA LEU J 215 46.22 -2.06 5.93
C LEU J 215 46.87 -3.34 6.43
N CYS J 216 47.20 -4.29 5.56
CA CYS J 216 47.78 -5.54 6.01
C CYS J 216 49.28 -5.41 6.22
N TYR J 217 49.80 -6.18 7.18
CA TYR J 217 51.22 -6.18 7.49
C TYR J 217 51.59 -7.53 8.08
N VAL J 218 52.88 -7.83 8.06
CA VAL J 218 53.39 -9.09 8.60
C VAL J 218 53.83 -8.87 10.03
N ALA J 219 53.28 -9.66 10.95
CA ALA J 219 53.66 -9.60 12.34
C ALA J 219 54.97 -10.34 12.58
N LEU J 220 55.85 -9.75 13.38
CA LEU J 220 57.12 -10.40 13.69
C LEU J 220 56.90 -11.65 14.54
N ASP J 221 56.03 -11.56 15.54
CA ASP J 221 55.62 -12.70 16.35
C ASP J 221 54.10 -12.79 16.25
N PHE J 222 53.61 -13.84 15.60
CA PHE J 222 52.19 -13.92 15.28
C PHE J 222 51.35 -14.14 16.54
N GLU J 223 51.75 -15.10 17.38
CA GLU J 223 50.96 -15.38 18.57
C GLU J 223 50.99 -14.22 19.57
N GLN J 224 52.12 -13.52 19.65
CA GLN J 224 52.17 -12.32 20.48
C GLN J 224 51.30 -11.21 19.90
N GLU J 225 51.23 -11.10 18.58
CA GLU J 225 50.40 -10.09 17.95
C GLU J 225 48.92 -10.42 18.08
N MET J 226 48.57 -11.71 18.08
CA MET J 226 47.18 -12.09 18.30
C MET J 226 46.72 -11.78 19.71
N ALA J 227 47.63 -11.83 20.69
CA ALA J 227 47.29 -11.45 22.05
C ALA J 227 47.16 -9.94 22.21
N THR J 228 47.99 -9.17 21.51
CA THR J 228 47.88 -7.72 21.55
C THR J 228 46.57 -7.24 20.94
N ALA J 229 46.14 -7.88 19.85
CA ALA J 229 44.90 -7.48 19.19
C ALA J 229 43.66 -7.89 19.98
N ALA J 230 43.77 -8.90 20.84
CA ALA J 230 42.63 -9.37 21.61
C ALA J 230 42.47 -8.65 22.94
N SER J 231 43.42 -7.78 23.31
CA SER J 231 43.36 -7.09 24.59
C SER J 231 43.14 -5.59 24.47
N SER J 232 43.12 -5.05 23.26
CA SER J 232 42.92 -3.62 23.07
C SER J 232 42.39 -3.38 21.66
N SER J 233 42.45 -2.13 21.20
CA SER J 233 42.04 -1.77 19.84
C SER J 233 43.08 -0.89 19.17
N SER J 234 44.34 -0.95 19.61
CA SER J 234 45.38 -0.14 19.01
C SER J 234 45.77 -0.62 17.63
N LEU J 235 45.37 -1.83 17.24
CA LEU J 235 45.67 -2.37 15.92
C LEU J 235 44.51 -2.25 14.96
N GLU J 236 43.38 -1.68 15.39
CA GLU J 236 42.22 -1.57 14.52
C GLU J 236 42.33 -0.35 13.61
N LYS J 237 41.96 -0.55 12.35
CA LYS J 237 41.97 0.51 11.36
C LYS J 237 40.60 0.60 10.71
N SER J 238 40.24 1.80 10.29
CA SER J 238 39.02 2.03 9.55
C SER J 238 39.32 2.16 8.06
N TYR J 239 38.35 1.75 7.25
CA TYR J 239 38.48 1.80 5.80
C TYR J 239 37.14 2.22 5.22
N GLU J 240 37.18 3.19 4.31
CA GLU J 240 35.97 3.72 3.69
C GLU J 240 35.74 3.03 2.35
N LEU J 241 34.56 2.45 2.19
CA LEU J 241 34.17 1.78 0.96
C LEU J 241 33.84 2.80 -0.12
N PRO J 242 33.75 2.38 -1.38
CA PRO J 242 33.45 3.33 -2.45
C PRO J 242 32.13 4.07 -2.28
N ASP J 243 31.16 3.49 -1.57
CA ASP J 243 29.87 4.12 -1.35
C ASP J 243 29.80 4.89 -0.04
N GLY J 244 30.94 5.15 0.60
CA GLY J 244 30.99 5.95 1.80
C GLY J 244 30.88 5.18 3.09
N GLN J 245 30.55 3.89 3.05
CA GLN J 245 30.44 3.11 4.27
C GLN J 245 31.82 2.80 4.83
N VAL J 246 31.94 2.82 6.15
CA VAL J 246 33.21 2.63 6.83
C VAL J 246 33.20 1.29 7.55
N ILE J 247 34.20 0.47 7.27
CA ILE J 247 34.39 -0.79 7.98
C ILE J 247 35.65 -0.68 8.82
N THR J 248 35.72 -1.52 9.85
CA THR J 248 36.88 -1.57 10.73
C THR J 248 37.48 -2.97 10.66
N ILE J 249 38.82 -3.03 10.62
CA ILE J 249 39.55 -4.28 10.51
C ILE J 249 40.54 -4.36 11.65
N GLY J 250 40.61 -5.52 12.30
CA GLY J 250 41.46 -5.69 13.46
C GLY J 250 42.62 -6.63 13.24
N ASN J 251 42.52 -7.86 13.75
CA ASN J 251 43.60 -8.82 13.60
C ASN J 251 43.67 -9.41 12.20
N GLU J 252 42.67 -9.16 11.35
CA GLU J 252 42.75 -9.58 9.96
C GLU J 252 43.89 -8.89 9.22
N ARG J 253 44.42 -7.80 9.77
CA ARG J 253 45.51 -7.08 9.11
C ARG J 253 46.76 -7.93 9.02
N PHE J 254 47.08 -8.68 10.07
CA PHE J 254 48.26 -9.54 10.05
C PHE J 254 47.93 -11.02 9.91
N ARG J 255 46.65 -11.40 9.99
CA ARG J 255 46.29 -12.79 9.75
C ARG J 255 46.29 -13.13 8.27
N CYS J 256 46.03 -12.16 7.40
CA CYS J 256 46.02 -12.43 5.97
C CYS J 256 47.41 -12.72 5.42
N PRO J 257 48.42 -11.85 5.61
CA PRO J 257 49.76 -12.20 5.12
C PRO J 257 50.46 -13.27 5.94
N GLU J 258 49.90 -13.66 7.09
CA GLU J 258 50.46 -14.78 7.84
C GLU J 258 50.35 -16.10 7.10
N ALA J 259 49.41 -16.20 6.16
CA ALA J 259 49.28 -17.40 5.34
C ALA J 259 50.46 -17.60 4.41
N LEU J 260 51.29 -16.57 4.19
CA LEU J 260 52.52 -16.75 3.44
C LEU J 260 53.52 -17.63 4.20
N PHE J 261 53.51 -17.54 5.53
CA PHE J 261 54.41 -18.32 6.36
C PHE J 261 53.75 -19.57 6.94
N GLN J 262 52.42 -19.60 7.02
CA GLN J 262 51.67 -20.76 7.48
C GLN J 262 50.60 -21.06 6.44
N PRO J 263 50.96 -21.74 5.34
CA PRO J 263 49.96 -22.05 4.30
C PRO J 263 48.85 -22.97 4.78
N SER J 264 48.95 -23.55 5.98
CA SER J 264 47.86 -24.34 6.51
C SER J 264 46.63 -23.52 6.83
N PHE J 265 46.79 -22.19 6.97
CA PHE J 265 45.63 -21.31 7.09
C PHE J 265 44.72 -21.40 5.88
N LEU J 266 45.25 -21.81 4.73
CA LEU J 266 44.51 -21.95 3.49
C LEU J 266 44.19 -23.39 3.16
N GLY J 267 44.52 -24.32 4.05
CA GLY J 267 44.35 -25.72 3.77
C GLY J 267 45.39 -26.31 2.86
N MET J 268 46.54 -25.67 2.71
CA MET J 268 47.61 -26.15 1.86
C MET J 268 48.61 -26.96 2.68
N GLU J 269 49.13 -28.02 2.08
CA GLU J 269 50.17 -28.83 2.70
C GLU J 269 51.57 -28.28 2.48
N SER J 270 51.72 -27.26 1.64
CA SER J 270 53.04 -26.78 1.26
C SER J 270 53.71 -26.04 2.41
N ALA J 271 54.98 -25.75 2.22
CA ALA J 271 55.77 -24.97 3.17
C ALA J 271 55.59 -23.48 2.91
N GLY J 272 55.89 -22.69 3.93
CA GLY J 272 55.83 -21.25 3.80
C GLY J 272 56.93 -20.72 2.89
N ILE J 273 56.89 -19.41 2.67
CA ILE J 273 57.87 -18.80 1.78
C ILE J 273 59.27 -18.83 2.40
N HIS J 274 59.36 -18.90 3.72
CA HIS J 274 60.66 -18.97 4.38
C HIS J 274 61.27 -20.35 4.23
N GLU J 275 60.47 -21.40 4.37
CA GLU J 275 60.97 -22.76 4.19
C GLU J 275 61.22 -23.08 2.73
N THR J 276 60.44 -22.51 1.82
CA THR J 276 60.69 -22.69 0.40
C THR J 276 62.00 -22.04 0.00
N THR J 277 62.30 -20.85 0.54
CA THR J 277 63.59 -20.22 0.29
C THR J 277 64.73 -21.05 0.86
N PHE J 278 64.55 -21.58 2.06
CA PHE J 278 65.58 -22.43 2.66
C PHE J 278 65.77 -23.73 1.88
N ASN J 279 64.66 -24.33 1.41
CA ASN J 279 64.77 -25.59 0.70
C ASN J 279 65.47 -25.43 -0.64
N SER J 280 65.31 -24.29 -1.31
CA SER J 280 65.98 -24.09 -2.58
C SER J 280 67.45 -23.73 -2.41
N ILE J 281 67.82 -23.13 -1.28
CA ILE J 281 69.23 -22.94 -0.97
C ILE J 281 69.90 -24.27 -0.70
N MET J 282 69.20 -25.19 -0.04
CA MET J 282 69.75 -26.51 0.26
C MET J 282 69.83 -27.41 -0.97
N LYS J 283 69.20 -27.03 -2.07
CA LYS J 283 69.34 -27.77 -3.32
C LYS J 283 70.49 -27.27 -4.18
N CYS J 284 71.21 -26.25 -3.73
CA CYS J 284 72.36 -25.73 -4.43
C CYS J 284 73.63 -26.36 -3.88
N ASP J 285 74.74 -26.13 -4.59
CA ASP J 285 76.03 -26.62 -4.14
C ASP J 285 76.37 -26.06 -2.76
N VAL J 286 76.95 -26.90 -1.92
CA VAL J 286 77.27 -26.51 -0.55
C VAL J 286 78.23 -25.32 -0.52
N ASP J 287 79.05 -25.18 -1.57
CA ASP J 287 80.04 -24.11 -1.59
C ASP J 287 79.44 -22.73 -1.84
N ILE J 288 78.24 -22.65 -2.41
CA ILE J 288 77.62 -21.37 -2.70
C ILE J 288 76.48 -21.03 -1.75
N ARG J 289 76.17 -21.91 -0.78
CA ARG J 289 75.02 -21.66 0.09
C ARG J 289 75.27 -20.48 1.02
N LYS J 290 76.53 -20.26 1.41
CA LYS J 290 76.84 -19.14 2.27
C LYS J 290 76.58 -17.81 1.57
N ASP J 291 76.85 -17.75 0.26
CA ASP J 291 76.58 -16.54 -0.50
C ASP J 291 75.08 -16.32 -0.69
N LEU J 292 74.31 -17.41 -0.82
CA LEU J 292 72.88 -17.28 -1.00
C LEU J 292 72.18 -16.85 0.29
N TYR J 293 72.70 -17.27 1.44
CA TYR J 293 72.12 -16.85 2.72
C TYR J 293 72.25 -15.35 2.92
N ALA J 294 73.32 -14.75 2.42
CA ALA J 294 73.58 -13.34 2.61
C ALA J 294 73.04 -12.47 1.47
N ASN J 295 72.45 -13.07 0.45
CA ASN J 295 71.97 -12.34 -0.72
C ASN J 295 70.58 -12.81 -1.10
N THR J 296 69.66 -12.83 -0.14
CA THR J 296 68.27 -13.17 -0.38
C THR J 296 67.51 -11.88 -0.70
N VAL J 297 67.04 -11.76 -1.93
CA VAL J 297 66.43 -10.54 -2.43
C VAL J 297 64.94 -10.78 -2.64
N LEU J 298 64.11 -9.89 -2.11
CA LEU J 298 62.67 -9.97 -2.28
C LEU J 298 62.24 -9.21 -3.52
N SER J 299 61.19 -9.70 -4.17
CA SER J 299 60.71 -9.12 -5.42
C SER J 299 59.24 -9.42 -5.57
N GLY J 300 58.51 -8.48 -6.14
CA GLY J 300 57.10 -8.66 -6.45
C GLY J 300 56.20 -7.86 -5.52
N GLY J 301 54.91 -7.84 -5.90
CA GLY J 301 53.94 -7.07 -5.15
C GLY J 301 53.59 -7.67 -3.81
N THR J 302 53.62 -9.00 -3.70
CA THR J 302 53.28 -9.67 -2.46
C THR J 302 54.39 -9.57 -1.41
N THR J 303 55.58 -9.10 -1.77
CA THR J 303 56.63 -8.84 -0.80
C THR J 303 56.60 -7.41 -0.27
N MET J 304 55.53 -6.66 -0.55
CA MET J 304 55.44 -5.26 -0.16
C MET J 304 54.81 -5.05 1.20
N TYR J 305 54.46 -6.11 1.92
CA TYR J 305 53.90 -5.95 3.25
C TYR J 305 54.96 -5.38 4.19
N PRO J 306 54.62 -4.38 5.00
CA PRO J 306 55.57 -3.92 6.02
C PRO J 306 55.85 -5.02 7.03
N GLY J 307 57.12 -5.23 7.33
CA GLY J 307 57.54 -6.24 8.28
C GLY J 307 57.84 -7.60 7.70
N ILE J 308 57.82 -7.74 6.37
CA ILE J 308 58.04 -9.07 5.79
C ILE J 308 59.52 -9.41 5.73
N ALA J 309 60.39 -8.41 5.60
CA ALA J 309 61.82 -8.69 5.55
C ALA J 309 62.36 -9.09 6.93
N ASP J 310 61.86 -8.44 7.98
CA ASP J 310 62.26 -8.80 9.33
C ASP J 310 61.71 -10.16 9.73
N ARG J 311 60.54 -10.52 9.22
CA ARG J 311 59.99 -11.85 9.51
C ARG J 311 60.74 -12.93 8.74
N MET J 312 61.04 -12.69 7.47
CA MET J 312 61.85 -13.64 6.70
C MET J 312 63.23 -13.81 7.32
N GLN J 313 63.81 -12.72 7.81
CA GLN J 313 65.11 -12.78 8.46
C GLN J 313 65.06 -13.67 9.70
N LYS J 314 64.01 -13.54 10.51
CA LYS J 314 63.89 -14.32 11.72
C LYS J 314 63.58 -15.79 11.41
N GLU J 315 62.75 -16.05 10.41
CA GLU J 315 62.34 -17.42 10.11
C GLU J 315 63.48 -18.22 9.49
N ILE J 316 64.24 -17.61 8.58
CA ILE J 316 65.34 -18.33 7.93
C ILE J 316 66.50 -18.51 8.90
N THR J 317 66.71 -17.56 9.82
CA THR J 317 67.72 -17.74 10.85
C THR J 317 67.45 -18.97 11.70
N ALA J 318 66.18 -19.26 11.98
CA ALA J 318 65.84 -20.44 12.76
C ALA J 318 66.02 -21.74 11.98
N LEU J 319 66.01 -21.68 10.65
CA LEU J 319 66.20 -22.87 9.83
C LEU J 319 67.67 -23.11 9.48
N ALA J 320 68.42 -22.05 9.25
CA ALA J 320 69.81 -22.16 8.85
C ALA J 320 70.72 -22.41 10.06
N PRO J 321 71.92 -22.93 9.83
CA PRO J 321 72.88 -23.05 10.94
C PRO J 321 73.21 -21.69 11.53
N SER J 322 73.53 -21.69 12.82
CA SER J 322 73.76 -20.45 13.55
C SER J 322 75.01 -19.71 13.07
N THR J 323 75.92 -20.40 12.39
CA THR J 323 77.13 -19.75 11.90
C THR J 323 76.93 -19.04 10.57
N MET J 324 75.77 -19.18 9.94
CA MET J 324 75.49 -18.52 8.69
C MET J 324 74.93 -17.13 8.95
N LYS J 325 75.36 -16.17 8.13
CA LYS J 325 74.84 -14.81 8.20
C LYS J 325 73.65 -14.68 7.25
N ILE J 326 72.47 -14.46 7.81
CA ILE J 326 71.24 -14.34 7.04
C ILE J 326 70.98 -12.86 6.79
N LYS J 327 70.89 -12.48 5.52
CA LYS J 327 70.62 -11.10 5.14
C LYS J 327 69.51 -11.09 4.10
N ILE J 328 68.38 -10.50 4.44
CA ILE J 328 67.23 -10.37 3.54
C ILE J 328 67.27 -8.98 2.93
N ILE J 329 67.32 -8.92 1.60
CA ILE J 329 67.37 -7.65 0.88
C ILE J 329 65.96 -7.35 0.38
N ALA J 330 65.40 -6.22 0.83
CA ALA J 330 64.08 -5.76 0.42
C ALA J 330 64.22 -4.33 -0.11
N PRO J 331 64.61 -4.17 -1.37
CA PRO J 331 64.77 -2.82 -1.93
C PRO J 331 63.44 -2.10 -1.98
N PRO J 332 63.44 -0.78 -1.79
CA PRO J 332 62.17 -0.03 -1.75
C PRO J 332 61.40 -0.06 -3.06
N GLU J 333 62.05 -0.30 -4.19
CA GLU J 333 61.41 -0.38 -5.49
C GLU J 333 61.29 -1.81 -5.99
N ARG J 334 61.07 -2.76 -5.08
CA ARG J 334 61.08 -4.17 -5.45
C ARG J 334 59.75 -4.62 -6.06
N LYS J 335 58.72 -3.80 -6.00
CA LYS J 335 57.44 -4.18 -6.57
C LYS J 335 57.52 -4.29 -8.09
N TYR J 336 58.21 -3.34 -8.73
CA TYR J 336 58.39 -3.33 -10.17
C TYR J 336 59.85 -3.45 -10.57
N SER J 337 60.64 -4.16 -9.76
CA SER J 337 62.07 -4.26 -10.05
C SER J 337 62.33 -5.07 -11.32
N VAL J 338 61.42 -5.96 -11.69
CA VAL J 338 61.56 -6.68 -12.95
C VAL J 338 61.41 -5.71 -14.12
N TRP J 339 60.36 -4.90 -14.09
CA TRP J 339 60.13 -3.95 -15.18
C TRP J 339 61.21 -2.87 -15.21
N ILE J 340 61.56 -2.33 -14.05
CA ILE J 340 62.55 -1.26 -14.00
C ILE J 340 63.91 -1.76 -14.46
N GLY J 341 64.27 -2.98 -14.08
CA GLY J 341 65.51 -3.56 -14.57
C GLY J 341 65.51 -3.77 -16.07
N GLY J 342 64.34 -4.10 -16.62
CA GLY J 342 64.24 -4.30 -18.05
C GLY J 342 64.27 -2.99 -18.83
N SER J 343 63.73 -1.93 -18.24
CA SER J 343 63.70 -0.64 -18.94
C SER J 343 65.05 0.03 -18.93
N ILE J 344 65.83 -0.16 -17.86
CA ILE J 344 67.20 0.34 -17.84
C ILE J 344 68.05 -0.41 -18.87
N LEU J 345 67.88 -1.73 -18.94
CA LEU J 345 68.66 -2.53 -19.87
C LEU J 345 68.31 -2.21 -21.32
N ALA J 346 67.02 -2.11 -21.63
CA ALA J 346 66.59 -1.90 -23.01
C ALA J 346 66.89 -0.50 -23.51
N SER J 347 67.18 0.45 -22.63
CA SER J 347 67.46 1.82 -23.04
C SER J 347 68.95 2.07 -23.27
N LEU J 348 69.80 1.09 -23.02
CA LEU J 348 71.23 1.27 -23.20
C LEU J 348 71.60 1.24 -24.68
N SER J 349 72.47 2.16 -25.10
CA SER J 349 72.93 2.16 -26.48
C SER J 349 73.77 0.93 -26.80
N THR J 350 74.47 0.39 -25.80
CA THR J 350 75.25 -0.83 -25.99
C THR J 350 74.37 -2.06 -26.09
N PHE J 351 73.12 -1.98 -25.65
CA PHE J 351 72.19 -3.11 -25.71
C PHE J 351 71.57 -3.28 -27.09
N GLN J 352 71.68 -2.27 -27.96
CA GLN J 352 71.03 -2.33 -29.26
C GLN J 352 71.63 -3.41 -30.17
N GLN J 353 72.77 -3.97 -29.79
CA GLN J 353 73.34 -5.10 -30.52
C GLN J 353 72.81 -6.44 -30.01
N MET J 354 72.08 -6.45 -28.90
CA MET J 354 71.59 -7.68 -28.31
C MET J 354 70.20 -8.08 -28.81
N TRP J 355 69.48 -7.16 -29.44
CA TRP J 355 68.14 -7.47 -29.93
C TRP J 355 68.18 -8.59 -30.97
N ILE J 356 67.11 -9.35 -31.03
CA ILE J 356 66.87 -10.29 -32.12
C ILE J 356 66.16 -9.53 -33.23
N SER J 357 66.87 -9.28 -34.33
CA SER J 357 66.27 -8.54 -35.43
C SER J 357 65.31 -9.42 -36.21
N LYS J 358 64.45 -8.77 -36.99
CA LYS J 358 63.57 -9.52 -37.89
C LYS J 358 64.36 -10.20 -39.00
N GLN J 359 65.50 -9.60 -39.40
CA GLN J 359 66.37 -10.25 -40.36
C GLN J 359 66.92 -11.56 -39.80
N GLU J 360 67.39 -11.56 -38.55
CA GLU J 360 67.89 -12.78 -37.94
C GLU J 360 66.79 -13.80 -37.74
N TYR J 361 65.55 -13.35 -37.54
CA TYR J 361 64.45 -14.27 -37.35
C TYR J 361 64.04 -14.94 -38.66
N ASP J 362 64.09 -14.22 -39.78
CA ASP J 362 63.76 -14.80 -41.07
C ASP J 362 64.73 -15.89 -41.49
N GLU J 363 65.97 -15.85 -40.98
CA GLU J 363 66.97 -16.84 -41.33
C GLU J 363 66.93 -18.06 -40.41
N SER J 364 66.92 -17.84 -39.10
CA SER J 364 67.02 -18.92 -38.13
C SER J 364 65.66 -19.42 -37.64
N GLY J 365 64.60 -18.66 -37.84
CA GLY J 365 63.30 -19.03 -37.31
C GLY J 365 63.18 -18.71 -35.85
N PRO J 366 62.11 -19.21 -35.20
CA PRO J 366 61.91 -18.90 -33.78
C PRO J 366 62.94 -19.51 -32.84
N SER J 367 63.78 -20.44 -33.31
CA SER J 367 64.81 -21.02 -32.47
C SER J 367 66.00 -20.09 -32.24
N ILE J 368 66.01 -18.92 -32.89
CA ILE J 368 67.08 -17.95 -32.67
C ILE J 368 67.07 -17.43 -31.24
N VAL J 369 65.95 -17.57 -30.54
CA VAL J 369 65.84 -17.00 -29.19
C VAL J 369 66.70 -17.77 -28.20
N HIS J 370 67.01 -19.04 -28.49
CA HIS J 370 67.77 -19.84 -27.55
C HIS J 370 69.24 -19.47 -27.51
N ARG J 371 69.79 -18.95 -28.60
CA ARG J 371 71.20 -18.59 -28.65
C ARG J 371 71.44 -17.10 -28.44
N LYS J 372 70.43 -16.26 -28.64
CA LYS J 372 70.60 -14.82 -28.44
C LYS J 372 70.12 -14.36 -27.08
N CYS J 373 69.15 -15.04 -26.49
CA CYS J 373 68.64 -14.70 -25.17
C CYS J 373 68.89 -15.78 -24.14
N PHE J 374 69.51 -16.88 -24.53
CA PHE J 374 69.78 -18.02 -23.64
C PHE J 374 68.49 -18.54 -23.02
PB ADP K . -52.30 25.10 -12.36
O1B ADP K . -53.78 24.82 -12.48
O2B ADP K . -51.57 24.52 -13.54
O3B ADP K . -51.78 24.46 -11.10
PA ADP K . -51.99 27.79 -13.50
O1A ADP K . -52.89 27.34 -14.63
O2A ADP K . -50.59 27.89 -14.01
O3A ADP K . -52.05 26.72 -12.26
O5' ADP K . -52.49 29.25 -12.95
C5' ADP K . -53.59 29.29 -12.09
C4' ADP K . -53.36 30.35 -11.03
O4' ADP K . -52.55 31.60 -11.66
C3' ADP K . -54.52 30.80 -10.62
O3' ADP K . -54.54 30.83 -9.13
C2' ADP K . -54.62 32.24 -11.17
O2' ADP K . -55.32 33.02 -10.32
C1' ADP K . -53.15 32.67 -11.23
N9 ADP K . -52.92 33.79 -12.14
C8 ADP K . -53.45 33.43 -13.29
N7 ADP K . -53.23 34.47 -14.10
C5 ADP K . -52.57 35.43 -13.42
C6 ADP K . -52.10 36.67 -13.78
N6 ADP K . -52.30 37.18 -15.12
N1 ADP K . -51.47 37.42 -12.89
C2 ADP K . -51.27 36.96 -11.63
N3 ADP K . -51.73 35.75 -11.28
C4 ADP K . -52.37 35.00 -12.18
MG MG L . -49.45 24.09 -13.70
PB ADP M . -26.73 10.46 17.96
O1B ADP M . -27.36 11.71 18.51
O2B ADP M . -25.86 9.82 19.01
O3B ADP M . -25.89 10.80 16.77
PA ADP M . -28.76 8.38 18.42
O1A ADP M . -28.94 8.95 19.80
O2A ADP M . -28.04 7.07 18.51
O3A ADP M . -27.90 9.41 17.47
O5' ADP M . -30.23 8.15 17.73
C5' ADP M . -30.89 9.26 17.18
C4' ADP M . -31.60 8.85 15.91
O4' ADP M . -32.15 7.34 16.04
C3' ADP M . -32.63 9.63 15.71
O3' ADP M . -32.63 10.12 14.30
C2' ADP M . -33.87 8.76 15.97
O2' ADP M . -34.89 9.14 15.18
C1' ADP M . -33.36 7.37 15.56
N9 ADP M . -34.17 6.28 16.14
C8 ADP M . -34.21 6.51 17.44
N7 ADP M . -34.94 5.50 17.93
C5 ADP M . -35.31 4.69 16.93
C6 ADP M . -36.06 3.54 16.89
N6 ADP M . -36.61 2.98 18.10
N1 ADP M . -36.28 2.93 15.74
C2 ADP M . -35.79 3.43 14.60
N3 ADP M . -35.05 4.57 14.62
C4 ADP M . -34.82 5.18 15.79
MG MG N . -24.28 8.37 18.71
PB ADP O . 0.59 8.51 -14.25
O1B ADP O . -0.78 8.50 -14.86
O2B ADP O . 1.63 8.52 -15.34
O3B ADP O . 0.77 7.28 -13.42
PA ADP O . 1.11 11.35 -13.75
O1A ADP O . 0.57 11.63 -15.13
O2A ADP O . 2.59 11.54 -13.76
O3A ADP O . 0.76 9.82 -13.29
O5' ADP O . 0.43 12.40 -12.67
C5' ADP O . -0.86 12.12 -12.21
C4' ADP O . -0.97 12.48 -10.75
O4' ADP O . -0.06 13.77 -10.43
C3' ADP O . -2.21 12.79 -10.46
O3' ADP O . -2.63 12.07 -9.23
C2' ADP O . -2.20 14.31 -10.21
O2' ADP O . -3.14 14.63 -9.28
C1' ADP O . -0.78 14.55 -9.67
N9 ADP O . -0.35 15.95 -9.79
C8 ADP O . -0.54 16.27 -11.06
N7 ADP O . -0.14 17.54 -11.14
C5 ADP O . 0.28 17.95 -9.93
C6 ADP O . 0.79 19.14 -9.46
N6 ADP O . 0.95 20.27 -10.36
N1 ADP O . 1.13 19.27 -8.20
C2 ADP O . 0.99 18.23 -7.35
N3 ADP O . 0.49 17.06 -7.78
C4 ADP O . 0.15 16.94 -9.08
MG MG P . 3.73 8.00 -15.16
PB ADP Q . 17.46 -22.05 9.63
O1B ADP Q . 16.66 -21.18 10.57
O2B ADP Q . 18.03 -23.22 10.39
O3B ADP Q . 18.58 -21.25 9.05
PA ADP Q . 15.45 -23.83 8.45
O1A ADP Q . 14.88 -24.02 9.83
O2A ADP Q . 16.16 -25.10 8.03
O3A ADP Q . 16.50 -22.58 8.41
O5' ADP Q . 14.23 -23.53 7.39
C5' ADP Q . 13.71 -22.23 7.34
C4' ADP Q . 13.39 -21.86 5.91
O4' ADP Q . 12.87 -23.17 5.11
C3' ADP Q . 12.42 -20.98 5.89
O3' ADP Q . 12.79 -19.85 4.99
C2' ADP Q . 11.19 -21.73 5.35
O2' ADP Q . 10.40 -20.89 4.64
C1' ADP Q . 11.83 -22.78 4.43
N9 ADP Q . 10.94 -23.91 4.15
C8 ADP Q . 10.54 -24.35 5.33
N7 ADP Q . 9.74 -25.38 5.04
C5 ADP Q . 9.68 -25.53 3.70
C6 ADP Q . 9.00 -26.43 2.90
N6 ADP Q . 8.16 -27.45 3.47
N1 ADP Q . 9.12 -26.35 1.59
C2 ADP Q . 9.90 -25.39 1.02
N3 ADP Q . 10.56 -24.52 1.80
C4 ADP Q . 10.44 -24.60 3.13
MG MG R . 19.68 -24.50 9.79
PB ADP S . 52.54 -10.69 -11.03
O1B ADP S . 51.39 -10.24 -11.87
O2B ADP S . 53.84 -10.25 -11.65
O3B ADP S . 52.53 -12.19 -10.91
PA ADP S . 52.81 -8.55 -9.03
O1A ADP S . 52.65 -7.56 -10.15
O2A ADP S . 54.23 -8.55 -8.56
O3A ADP S . 52.40 -10.06 -9.51
O5' ADP S . 51.83 -8.12 -7.78
C5' ADP S . 50.47 -8.44 -7.87
C4' ADP S . 49.95 -8.85 -6.51
O4' ADP S . 50.70 -8.01 -5.35
C3' ADP S . 48.67 -8.59 -6.42
O3' ADP S . 47.95 -9.78 -5.88
C2' ADP S . 48.56 -7.41 -5.45
O2' ADP S . 47.40 -7.49 -4.75
C1' ADP S . 49.77 -7.63 -4.52
N9 ADP S . 50.16 -6.42 -3.79
C8 ADP S . 50.31 -5.48 -4.72
N7 ADP S . 50.68 -4.40 -4.03
C5 ADP S . 50.75 -4.71 -2.72
C6 ADP S . 51.06 -3.96 -1.61
N6 ADP S . 51.42 -2.56 -1.73
N1 ADP S . 51.04 -4.52 -0.41
C2 ADP S . 50.71 -5.82 -0.27
N3 ADP S . 50.39 -6.55 -1.36
C4 ADP S . 50.41 -5.98 -2.57
MG MG T . 55.82 -11.02 -11.25
#